data_2BAF
#
_entry.id   2BAF
#
_entity_poly.entity_id   1
_entity_poly.type   'polypeptide(L)'
_entity_poly.pdbx_seq_one_letter_code
;MGTFREEGSVSSGTKQEFHTGKLVTTKGDKELLIDNEKVTSGHTTTTRRSCSKVITKTVTNADGRTETTKEVVKSEDGSD
CGDADFDWHHTFPSRGNLDDFFHRDKDDFFTRSSHEFDGRTGLAPEFAALGESGSSSSKTSTHSKQFVSSSTTVNRGGSA
IESKHF
;
_entity_poly.pdbx_strand_id   A
#
# COMPACT_ATOMS: atom_id res chain seq x y z
N MET A 1 -59.59 78.05 -11.87
CA MET A 1 -58.58 78.87 -12.59
C MET A 1 -58.21 78.18 -13.91
N GLY A 2 -58.86 78.56 -14.98
CA GLY A 2 -58.54 77.93 -16.30
C GLY A 2 -58.94 76.44 -16.25
N THR A 3 -59.85 76.05 -17.09
CA THR A 3 -60.29 74.62 -17.11
C THR A 3 -59.22 73.77 -17.80
N PHE A 4 -58.59 74.30 -18.82
CA PHE A 4 -57.55 73.53 -19.54
C PHE A 4 -58.08 72.15 -19.91
N ARG A 5 -57.84 71.17 -19.08
CA ARG A 5 -58.34 69.79 -19.39
C ARG A 5 -58.60 69.05 -18.08
N GLU A 6 -58.76 69.77 -17.00
CA GLU A 6 -59.03 69.10 -15.69
C GLU A 6 -60.34 68.33 -15.78
N GLU A 7 -60.36 67.10 -15.33
CA GLU A 7 -61.61 66.29 -15.39
C GLU A 7 -61.59 65.24 -14.28
N GLY A 8 -60.42 64.86 -13.83
CA GLY A 8 -60.33 63.84 -12.75
C GLY A 8 -58.87 63.60 -12.40
N SER A 9 -58.07 63.19 -13.35
CA SER A 9 -56.64 62.94 -13.07
C SER A 9 -55.88 62.73 -14.39
N VAL A 10 -55.95 63.69 -15.27
CA VAL A 10 -55.24 63.54 -16.58
C VAL A 10 -53.72 63.50 -16.33
N SER A 11 -53.24 62.44 -15.74
CA SER A 11 -51.77 62.33 -15.48
C SER A 11 -51.40 60.87 -15.28
N SER A 12 -50.27 60.62 -14.68
CA SER A 12 -49.84 59.20 -14.45
C SER A 12 -48.79 59.15 -13.34
N GLY A 13 -48.68 58.04 -12.67
CA GLY A 13 -47.68 57.93 -11.57
C GLY A 13 -48.07 58.89 -10.44
N THR A 14 -47.75 58.54 -9.22
CA THR A 14 -48.10 59.42 -8.07
C THR A 14 -47.53 60.83 -8.33
N LYS A 15 -46.55 60.93 -9.17
CA LYS A 15 -45.95 62.27 -9.47
C LYS A 15 -45.04 62.16 -10.69
N GLN A 16 -45.28 62.96 -11.69
CA GLN A 16 -44.42 62.90 -12.91
C GLN A 16 -42.98 63.21 -12.53
N GLU A 17 -42.11 62.24 -12.62
CA GLU A 17 -40.68 62.48 -12.26
C GLU A 17 -40.03 63.38 -13.33
N PHE A 18 -40.37 63.18 -14.57
CA PHE A 18 -39.77 64.03 -15.64
C PHE A 18 -40.69 64.00 -16.87
N HIS A 19 -41.95 64.21 -16.68
CA HIS A 19 -42.91 64.20 -17.83
C HIS A 19 -42.75 62.90 -18.62
N THR A 20 -43.53 62.71 -19.64
CA THR A 20 -43.42 61.46 -20.45
C THR A 20 -41.98 61.28 -20.92
N GLY A 21 -41.60 60.09 -21.31
CA GLY A 21 -40.21 59.87 -21.78
C GLY A 21 -40.07 58.44 -22.31
N LYS A 22 -41.15 57.87 -22.79
CA LYS A 22 -41.08 56.48 -23.32
C LYS A 22 -42.31 56.20 -24.18
N LEU A 23 -42.12 55.74 -25.39
CA LEU A 23 -43.28 55.45 -26.28
C LEU A 23 -43.78 54.02 -26.02
N VAL A 24 -42.96 53.03 -26.27
CA VAL A 24 -43.36 51.61 -26.03
C VAL A 24 -42.59 51.04 -24.84
N THR A 25 -43.28 50.64 -23.81
CA THR A 25 -42.60 50.09 -22.62
C THR A 25 -42.31 48.59 -22.84
N THR A 26 -43.07 47.96 -23.70
CA THR A 26 -42.85 46.51 -23.95
C THR A 26 -41.46 46.32 -24.56
N LYS A 27 -41.40 46.15 -25.86
CA LYS A 27 -40.08 45.95 -26.52
C LYS A 27 -39.15 47.12 -26.17
N GLY A 28 -37.89 46.99 -26.48
CA GLY A 28 -36.93 48.09 -26.16
C GLY A 28 -35.50 47.54 -26.18
N ASP A 29 -35.34 46.28 -26.47
CA ASP A 29 -33.98 45.69 -26.50
C ASP A 29 -33.15 46.38 -27.58
N LYS A 30 -31.95 46.81 -27.25
CA LYS A 30 -31.10 47.50 -28.25
C LYS A 30 -29.62 47.29 -27.89
N GLU A 31 -29.36 46.48 -26.90
CA GLU A 31 -27.95 46.23 -26.49
C GLU A 31 -27.90 45.13 -25.43
N LEU A 32 -29.03 44.54 -25.15
CA LEU A 32 -29.06 43.45 -24.13
C LEU A 32 -28.33 42.22 -24.69
N LEU A 33 -28.08 42.21 -25.97
CA LEU A 33 -27.38 41.03 -26.58
C LEU A 33 -25.93 41.01 -26.10
N ILE A 34 -25.58 41.87 -25.18
CA ILE A 34 -24.18 41.89 -24.67
C ILE A 34 -23.74 40.47 -24.31
N ASP A 35 -22.46 40.20 -24.37
CA ASP A 35 -21.97 38.84 -24.04
C ASP A 35 -22.29 38.51 -22.58
N ASN A 36 -23.06 37.47 -22.36
CA ASN A 36 -23.42 37.11 -20.95
C ASN A 36 -22.23 36.38 -20.30
N GLU A 37 -21.73 35.36 -20.94
CA GLU A 37 -20.58 34.61 -20.34
C GLU A 37 -19.38 35.55 -20.21
N LYS A 38 -19.29 36.55 -21.05
CA LYS A 38 -18.14 37.49 -20.97
C LYS A 38 -16.83 36.71 -21.02
N VAL A 39 -15.72 37.39 -21.07
CA VAL A 39 -14.41 36.69 -21.12
C VAL A 39 -14.08 36.12 -19.74
N THR A 40 -14.66 35.01 -19.38
CA THR A 40 -14.39 34.40 -18.05
C THR A 40 -14.79 32.93 -18.07
N SER A 41 -15.61 32.52 -17.13
CA SER A 41 -16.03 31.09 -17.10
C SER A 41 -16.67 30.72 -18.44
N GLY A 42 -16.23 29.66 -19.05
CA GLY A 42 -16.80 29.24 -20.36
C GLY A 42 -16.11 27.97 -20.84
N HIS A 43 -16.68 26.83 -20.54
CA HIS A 43 -16.05 25.55 -20.99
C HIS A 43 -17.13 24.45 -21.03
N THR A 44 -16.82 23.33 -21.63
CA THR A 44 -17.82 22.22 -21.70
C THR A 44 -17.76 21.39 -20.41
N THR A 45 -18.82 20.75 -20.06
CA THR A 45 -18.83 19.92 -18.81
C THR A 45 -19.74 18.71 -19.00
N THR A 46 -20.91 18.92 -19.54
CA THR A 46 -21.84 17.78 -19.76
C THR A 46 -21.25 16.82 -20.79
N THR A 47 -20.53 17.34 -21.74
CA THR A 47 -19.93 16.45 -22.79
C THR A 47 -18.76 15.68 -22.17
N ARG A 48 -17.78 16.38 -21.64
CA ARG A 48 -16.61 15.69 -21.03
C ARG A 48 -16.12 16.50 -19.81
N ARG A 49 -15.68 15.85 -18.78
CA ARG A 49 -15.18 16.58 -17.58
C ARG A 49 -13.67 16.76 -17.67
N SER A 50 -13.19 17.96 -17.53
CA SER A 50 -11.72 18.21 -17.61
C SER A 50 -11.01 17.39 -16.52
N CYS A 51 -9.88 17.87 -16.06
CA CYS A 51 -9.15 17.13 -15.00
C CYS A 51 -8.96 15.67 -15.44
N SER A 52 -9.77 14.78 -14.94
CA SER A 52 -9.65 13.35 -15.34
C SER A 52 -10.15 13.19 -16.78
N LYS A 53 -10.39 11.97 -17.21
CA LYS A 53 -10.89 11.74 -18.60
C LYS A 53 -12.24 11.02 -18.53
N VAL A 54 -13.30 11.73 -18.81
CA VAL A 54 -14.67 11.12 -18.75
C VAL A 54 -15.39 11.34 -20.07
N ILE A 55 -15.72 10.28 -20.77
CA ILE A 55 -16.44 10.40 -22.08
C ILE A 55 -17.75 9.62 -21.99
N THR A 56 -18.86 10.29 -22.17
CA THR A 56 -20.18 9.61 -22.10
C THR A 56 -21.01 10.02 -23.32
N LYS A 57 -21.29 9.09 -24.19
CA LYS A 57 -22.14 9.41 -25.41
C LYS A 57 -23.37 8.51 -25.41
N THR A 58 -24.53 9.07 -25.21
CA THR A 58 -25.80 8.26 -25.19
C THR A 58 -26.72 8.72 -26.31
N VAL A 59 -27.19 7.80 -27.11
CA VAL A 59 -28.14 8.15 -28.22
C VAL A 59 -29.33 7.20 -28.17
N THR A 60 -30.53 7.74 -28.13
CA THR A 60 -31.76 6.87 -28.07
C THR A 60 -32.52 6.97 -29.39
N ASN A 61 -32.95 5.86 -29.96
CA ASN A 61 -33.73 5.92 -31.26
C ASN A 61 -35.10 5.21 -31.06
N ALA A 62 -36.05 5.45 -31.94
CA ALA A 62 -37.41 4.84 -31.76
C ALA A 62 -37.40 3.31 -31.92
N ASP A 63 -36.68 2.77 -32.87
CA ASP A 63 -36.71 1.29 -33.06
C ASP A 63 -36.04 0.59 -31.88
N GLY A 64 -35.73 1.33 -30.85
CA GLY A 64 -35.09 0.69 -29.66
C GLY A 64 -33.58 0.62 -29.86
N ARG A 65 -33.05 1.24 -30.89
CA ARG A 65 -31.58 1.22 -31.10
C ARG A 65 -30.97 2.31 -30.23
N THR A 66 -30.43 1.95 -29.09
CA THR A 66 -29.85 2.98 -28.18
C THR A 66 -28.46 2.55 -27.73
N GLU A 67 -27.45 3.27 -28.14
CA GLU A 67 -26.05 2.90 -27.74
C GLU A 67 -25.64 3.70 -26.50
N THR A 68 -25.31 3.00 -25.44
CA THR A 68 -24.89 3.69 -24.18
C THR A 68 -23.38 3.65 -24.06
N THR A 69 -22.73 4.80 -24.20
CA THR A 69 -21.25 4.85 -24.08
C THR A 69 -20.92 5.62 -22.81
N LYS A 70 -21.80 5.54 -21.83
CA LYS A 70 -21.55 6.25 -20.55
C LYS A 70 -20.32 5.62 -19.87
N GLU A 71 -19.16 5.79 -20.45
CA GLU A 71 -17.93 5.18 -19.85
C GLU A 71 -17.13 6.26 -19.11
N VAL A 72 -16.31 5.85 -18.17
CA VAL A 72 -15.48 6.83 -17.40
C VAL A 72 -14.02 6.35 -17.46
N VAL A 73 -13.11 7.21 -17.81
CA VAL A 73 -11.68 6.80 -17.88
C VAL A 73 -10.89 7.54 -16.81
N LYS A 74 -10.10 6.80 -16.09
CA LYS A 74 -9.27 7.43 -15.01
C LYS A 74 -8.40 8.53 -15.63
N SER A 75 -7.54 9.13 -14.86
CA SER A 75 -6.67 10.21 -15.39
C SER A 75 -5.95 9.71 -16.65
N GLU A 76 -5.42 10.61 -17.43
CA GLU A 76 -4.69 10.18 -18.67
C GLU A 76 -3.24 9.86 -18.32
N ASP A 77 -2.61 10.72 -17.56
CA ASP A 77 -1.20 10.48 -17.17
C ASP A 77 -0.89 11.24 -15.88
N GLY A 78 -1.91 11.56 -15.11
CA GLY A 78 -1.68 12.30 -13.84
C GLY A 78 -1.11 13.68 -14.15
N SER A 79 -1.66 14.35 -15.13
CA SER A 79 -1.15 15.71 -15.48
C SER A 79 -1.44 16.68 -14.33
N ASP A 80 -2.63 16.66 -13.81
CA ASP A 80 -2.97 17.59 -12.69
C ASP A 80 -4.17 17.02 -11.91
N CYS A 81 -4.23 15.73 -11.76
CA CYS A 81 -5.37 15.12 -11.01
C CYS A 81 -4.90 13.82 -10.35
N GLY A 82 -4.65 12.80 -11.12
CA GLY A 82 -4.19 11.51 -10.53
C GLY A 82 -2.74 11.65 -10.07
N ASP A 83 -2.39 12.78 -9.51
CA ASP A 83 -0.99 12.98 -9.03
C ASP A 83 -0.73 12.08 -7.83
N ALA A 84 0.47 12.08 -7.32
CA ALA A 84 0.79 11.23 -6.14
C ALA A 84 0.39 9.78 -6.44
N ASP A 85 1.12 9.13 -7.31
CA ASP A 85 0.78 7.72 -7.64
C ASP A 85 1.92 7.09 -8.44
N PHE A 86 2.27 7.68 -9.55
CA PHE A 86 3.38 7.12 -10.38
C PHE A 86 3.13 5.64 -10.65
N ASP A 87 3.58 4.78 -9.78
CA ASP A 87 3.36 3.32 -9.98
C ASP A 87 3.38 2.61 -8.62
N TRP A 88 2.58 1.59 -8.47
CA TRP A 88 2.56 0.85 -7.17
C TRP A 88 3.87 0.10 -6.98
N HIS A 89 4.35 0.03 -5.77
CA HIS A 89 5.63 -0.69 -5.51
C HIS A 89 5.82 -0.85 -4.01
N HIS A 90 5.37 0.09 -3.24
CA HIS A 90 5.53 -0.01 -1.76
C HIS A 90 6.99 -0.28 -1.41
N THR A 91 7.29 -0.38 -0.14
CA THR A 91 8.71 -0.65 0.27
C THR A 91 8.73 -1.17 1.71
N PHE A 92 9.53 -2.15 1.98
CA PHE A 92 9.59 -2.70 3.36
C PHE A 92 10.22 -1.65 4.30
N PRO A 93 9.83 -1.63 5.56
CA PRO A 93 10.39 -0.66 6.52
C PRO A 93 11.93 -0.82 6.58
N SER A 94 12.39 -1.90 7.15
CA SER A 94 13.87 -2.12 7.24
C SER A 94 14.14 -3.53 7.74
N ARG A 95 14.49 -4.43 6.87
CA ARG A 95 14.77 -5.83 7.30
C ARG A 95 16.01 -5.85 8.20
N GLY A 96 16.35 -6.99 8.72
CA GLY A 96 17.55 -7.08 9.61
C GLY A 96 18.82 -6.87 8.78
N ASN A 97 19.73 -7.81 8.82
CA ASN A 97 20.98 -7.66 8.04
C ASN A 97 21.78 -8.97 8.12
N LEU A 98 22.22 -9.34 9.30
CA LEU A 98 23.01 -10.59 9.44
C LEU A 98 24.26 -10.50 8.57
N ASP A 99 24.75 -11.62 8.09
CA ASP A 99 25.97 -11.60 7.23
C ASP A 99 25.56 -11.34 5.78
N ASP A 100 26.50 -11.30 4.88
CA ASP A 100 26.16 -11.06 3.46
C ASP A 100 25.39 -12.26 2.90
N PHE A 101 24.46 -12.01 2.02
CA PHE A 101 23.67 -13.14 1.44
C PHE A 101 24.56 -13.94 0.49
N PHE A 102 25.50 -13.30 -0.15
CA PHE A 102 26.40 -14.03 -1.09
C PHE A 102 27.59 -13.14 -1.46
N HIS A 103 27.46 -11.86 -1.26
CA HIS A 103 28.59 -10.93 -1.60
C HIS A 103 29.83 -11.35 -0.82
N ARG A 104 29.65 -11.83 0.39
CA ARG A 104 30.83 -12.24 1.20
C ARG A 104 31.81 -11.08 1.31
N ASP A 105 31.43 -10.02 1.97
CA ASP A 105 32.34 -8.85 2.10
C ASP A 105 33.70 -9.34 2.62
N LYS A 106 33.92 -9.25 3.90
CA LYS A 106 35.22 -9.71 4.47
C LYS A 106 35.28 -11.24 4.46
N ASP A 107 36.19 -11.80 3.73
CA ASP A 107 36.30 -13.28 3.68
C ASP A 107 36.85 -13.80 5.01
N ASP A 108 37.17 -15.06 5.08
CA ASP A 108 37.71 -15.63 6.35
C ASP A 108 38.47 -16.92 6.05
N PHE A 109 39.38 -17.30 6.90
CA PHE A 109 40.16 -18.55 6.65
C PHE A 109 39.24 -19.76 6.82
N PHE A 110 38.33 -19.71 7.75
CA PHE A 110 37.41 -20.86 7.97
C PHE A 110 36.52 -21.03 6.73
N THR A 111 36.90 -21.87 5.81
CA THR A 111 36.08 -22.07 4.60
C THR A 111 34.86 -22.92 4.94
N ARG A 112 34.25 -23.53 3.96
CA ARG A 112 33.05 -24.38 4.24
C ARG A 112 33.48 -25.67 4.91
N SER A 113 32.83 -26.06 5.96
CA SER A 113 33.20 -27.32 6.67
C SER A 113 32.71 -28.53 5.86
N SER A 114 33.30 -28.76 4.72
CA SER A 114 32.88 -29.92 3.89
C SER A 114 33.38 -31.22 4.53
N HIS A 115 32.47 -32.07 4.94
CA HIS A 115 32.89 -33.35 5.58
C HIS A 115 33.45 -34.29 4.50
N GLU A 116 34.31 -33.78 3.66
CA GLU A 116 34.89 -34.64 2.59
C GLU A 116 35.76 -35.74 3.23
N PHE A 117 36.79 -36.15 2.54
CA PHE A 117 37.68 -37.21 3.11
C PHE A 117 39.10 -37.03 2.55
N ASP A 118 39.78 -36.00 2.97
CA ASP A 118 41.16 -35.77 2.47
C ASP A 118 42.11 -36.78 3.10
N GLY A 119 41.59 -37.71 3.86
CA GLY A 119 42.47 -38.73 4.50
C GLY A 119 43.17 -39.55 3.43
N ARG A 120 44.28 -40.15 3.77
CA ARG A 120 45.01 -40.97 2.76
C ARG A 120 46.10 -41.79 3.45
N THR A 121 46.48 -41.41 4.64
CA THR A 121 47.53 -42.17 5.37
C THR A 121 46.95 -43.51 5.86
N GLY A 122 47.77 -44.51 5.97
CA GLY A 122 47.26 -45.83 6.43
C GLY A 122 48.43 -46.72 6.84
N LEU A 123 49.15 -46.35 7.87
CA LEU A 123 50.30 -47.18 8.32
C LEU A 123 49.82 -48.62 8.51
N ALA A 124 50.60 -49.57 8.06
CA ALA A 124 50.20 -51.01 8.21
C ALA A 124 50.75 -51.54 9.55
N PRO A 125 50.20 -52.65 10.03
CA PRO A 125 50.67 -53.23 11.30
C PRO A 125 52.16 -53.55 11.20
N GLU A 126 52.57 -54.24 10.16
CA GLU A 126 54.01 -54.58 10.00
C GLU A 126 54.27 -55.05 8.56
N PHE A 127 55.31 -54.56 7.95
CA PHE A 127 55.61 -54.98 6.55
C PHE A 127 55.82 -56.50 6.50
N ALA A 128 54.82 -57.24 6.13
CA ALA A 128 54.97 -58.71 6.07
C ALA A 128 55.70 -59.10 4.78
N ALA A 129 57.01 -59.07 4.81
CA ALA A 129 57.78 -59.42 3.59
C ALA A 129 59.26 -59.60 3.96
N LEU A 130 60.02 -58.55 3.92
CA LEU A 130 61.47 -58.66 4.27
C LEU A 130 61.60 -59.15 5.72
N GLY A 131 61.26 -58.33 6.67
CA GLY A 131 61.37 -58.76 8.09
C GLY A 131 62.85 -58.91 8.46
N GLU A 132 63.71 -58.23 7.77
CA GLU A 132 65.17 -58.33 8.09
C GLU A 132 65.42 -57.75 9.49
N SER A 133 64.40 -57.30 10.15
CA SER A 133 64.57 -56.72 11.51
C SER A 133 65.12 -57.80 12.46
N GLY A 134 64.73 -57.75 13.70
CA GLY A 134 65.22 -58.78 14.66
C GLY A 134 66.69 -58.51 14.99
N SER A 135 67.58 -59.26 14.40
CA SER A 135 69.03 -59.03 14.68
C SER A 135 69.87 -59.84 13.68
N SER A 136 69.53 -59.77 12.42
CA SER A 136 70.31 -60.53 11.40
C SER A 136 70.42 -61.99 11.83
N SER A 137 69.30 -62.66 11.97
CA SER A 137 69.34 -64.10 12.38
C SER A 137 67.97 -64.72 12.16
N SER A 138 67.94 -65.94 11.66
CA SER A 138 66.62 -66.61 11.42
C SER A 138 66.85 -68.10 11.17
N LYS A 139 68.05 -68.47 10.80
CA LYS A 139 68.33 -69.91 10.55
C LYS A 139 68.18 -70.70 11.85
N THR A 140 68.35 -70.06 12.97
CA THR A 140 68.22 -70.77 14.27
C THR A 140 66.78 -71.26 14.44
N SER A 141 66.59 -72.52 14.72
CA SER A 141 65.21 -73.05 14.89
C SER A 141 65.29 -74.51 15.32
N THR A 142 65.22 -75.42 14.38
CA THR A 142 65.28 -76.87 14.73
C THR A 142 66.72 -77.24 15.09
N HIS A 143 67.66 -76.40 14.75
CA HIS A 143 69.08 -76.71 15.06
C HIS A 143 69.44 -78.10 14.54
N SER A 144 69.31 -78.31 13.25
CA SER A 144 69.63 -79.64 12.68
C SER A 144 71.15 -79.86 12.75
N LYS A 145 71.59 -81.08 12.51
CA LYS A 145 73.05 -81.36 12.56
C LYS A 145 73.72 -80.79 11.30
N GLN A 146 73.19 -79.72 10.77
CA GLN A 146 73.80 -79.13 9.53
C GLN A 146 75.22 -78.66 9.84
N PHE A 147 75.43 -78.09 10.99
CA PHE A 147 76.79 -77.61 11.36
C PHE A 147 77.75 -78.81 11.45
N VAL A 148 78.82 -78.77 10.70
CA VAL A 148 79.78 -79.90 10.73
C VAL A 148 80.54 -79.89 12.06
N SER A 149 80.80 -81.03 12.62
CA SER A 149 81.55 -81.08 13.92
C SER A 149 82.00 -82.52 14.20
N SER A 150 83.22 -82.84 13.87
CA SER A 150 83.71 -84.22 14.12
C SER A 150 85.21 -84.28 13.84
N SER A 151 85.75 -83.29 13.17
CA SER A 151 87.20 -83.30 12.87
C SER A 151 87.99 -82.92 14.13
N THR A 152 88.61 -83.88 14.77
CA THR A 152 89.39 -83.58 16.00
C THR A 152 90.21 -84.80 16.40
N THR A 153 89.67 -85.97 16.22
CA THR A 153 90.43 -87.20 16.58
C THR A 153 91.83 -87.15 15.95
N VAL A 154 91.93 -86.60 14.77
CA VAL A 154 93.26 -86.52 14.11
C VAL A 154 94.17 -85.58 14.91
N ASN A 155 93.69 -85.05 15.99
CA ASN A 155 94.53 -84.12 16.80
C ASN A 155 95.75 -84.88 17.33
N ARG A 156 96.43 -84.34 18.30
CA ARG A 156 97.63 -85.03 18.84
C ARG A 156 97.24 -86.42 19.35
N GLY A 157 98.13 -87.37 19.23
CA GLY A 157 97.81 -88.75 19.69
C GLY A 157 97.49 -88.73 21.18
N GLY A 158 96.63 -89.60 21.63
CA GLY A 158 96.27 -89.64 23.07
C GLY A 158 97.45 -90.18 23.88
N SER A 159 98.49 -90.63 23.21
CA SER A 159 99.66 -91.17 23.94
C SER A 159 100.82 -91.37 22.96
N ALA A 160 100.87 -92.48 22.28
CA ALA A 160 101.96 -92.73 21.31
C ALA A 160 101.64 -93.97 20.48
N ILE A 161 102.18 -94.06 19.29
CA ILE A 161 101.90 -95.23 18.43
C ILE A 161 102.58 -96.47 19.01
N GLU A 162 101.96 -97.61 18.90
CA GLU A 162 102.57 -98.85 19.47
C GLU A 162 101.80 -100.08 18.96
N SER A 163 102.20 -100.63 17.85
CA SER A 163 101.49 -101.81 17.31
C SER A 163 101.68 -102.99 18.27
N LYS A 164 100.67 -103.32 19.03
CA LYS A 164 100.80 -104.46 19.98
C LYS A 164 100.90 -105.77 19.19
N HIS A 165 99.80 -106.25 18.68
CA HIS A 165 99.83 -107.51 17.90
C HIS A 165 100.58 -107.29 16.58
N PHE A 166 100.44 -108.18 15.64
CA PHE A 166 101.15 -108.02 14.34
C PHE A 166 100.61 -109.03 13.33
N MET A 1 -81.90 62.21 -9.42
CA MET A 1 -80.51 61.86 -9.03
C MET A 1 -80.07 62.73 -7.83
N GLY A 2 -80.00 62.14 -6.67
CA GLY A 2 -79.60 62.94 -5.47
C GLY A 2 -79.51 62.02 -4.25
N THR A 3 -80.25 62.31 -3.22
CA THR A 3 -80.21 61.45 -2.01
C THR A 3 -80.79 60.07 -2.33
N PHE A 4 -81.05 59.29 -1.32
CA PHE A 4 -81.63 57.92 -1.56
C PHE A 4 -80.69 57.14 -2.50
N ARG A 5 -81.25 56.34 -3.36
CA ARG A 5 -80.39 55.54 -4.30
C ARG A 5 -81.25 54.99 -5.44
N GLU A 6 -81.62 55.83 -6.37
CA GLU A 6 -82.46 55.34 -7.51
C GLU A 6 -81.60 54.49 -8.44
N GLU A 7 -80.31 54.70 -8.43
CA GLU A 7 -79.43 53.89 -9.32
C GLU A 7 -79.34 52.46 -8.79
N GLY A 8 -80.16 51.58 -9.30
CA GLY A 8 -80.11 50.17 -8.83
C GLY A 8 -78.81 49.51 -9.28
N SER A 9 -78.81 48.22 -9.46
CA SER A 9 -77.57 47.52 -9.90
C SER A 9 -77.13 48.08 -11.26
N VAL A 10 -75.94 48.61 -11.32
CA VAL A 10 -75.46 49.17 -12.63
C VAL A 10 -75.24 48.03 -13.62
N SER A 11 -74.07 47.46 -13.64
CA SER A 11 -73.80 46.33 -14.59
C SER A 11 -72.44 45.71 -14.26
N SER A 12 -71.81 45.09 -15.23
CA SER A 12 -70.50 44.46 -14.97
C SER A 12 -69.89 43.99 -16.29
N GLY A 13 -69.96 42.72 -16.57
CA GLY A 13 -69.38 42.20 -17.84
C GLY A 13 -67.90 42.58 -17.93
N THR A 14 -67.05 41.82 -17.31
CA THR A 14 -65.58 42.15 -17.36
C THR A 14 -65.38 43.63 -17.04
N LYS A 15 -64.19 44.13 -17.23
CA LYS A 15 -63.93 45.56 -16.93
C LYS A 15 -62.53 45.94 -17.44
N GLN A 16 -61.62 45.00 -17.47
CA GLN A 16 -60.25 45.30 -17.96
C GLN A 16 -59.66 46.43 -17.11
N GLU A 17 -60.32 46.80 -16.05
CA GLU A 17 -59.79 47.89 -15.18
C GLU A 17 -58.41 47.50 -14.64
N PHE A 18 -58.16 46.21 -14.50
CA PHE A 18 -56.84 45.74 -13.98
C PHE A 18 -56.31 44.62 -14.89
N HIS A 19 -55.14 44.12 -14.59
CA HIS A 19 -54.58 43.02 -15.43
C HIS A 19 -53.42 42.36 -14.69
N THR A 20 -52.38 43.09 -14.41
CA THR A 20 -51.21 42.50 -13.68
C THR A 20 -51.62 42.21 -12.24
N GLY A 21 -52.41 43.08 -11.64
CA GLY A 21 -52.83 42.85 -10.22
C GLY A 21 -53.64 41.55 -10.14
N LYS A 22 -53.78 41.02 -8.96
CA LYS A 22 -54.57 39.77 -8.82
C LYS A 22 -56.05 40.06 -9.05
N LEU A 23 -56.92 39.17 -8.67
CA LEU A 23 -58.38 39.41 -8.87
C LEU A 23 -59.19 38.39 -8.08
N VAL A 24 -60.45 38.26 -8.36
CA VAL A 24 -61.29 37.28 -7.62
C VAL A 24 -60.65 35.89 -7.72
N THR A 25 -60.52 35.37 -8.91
CA THR A 25 -59.91 34.03 -9.08
C THR A 25 -58.41 34.11 -8.82
N THR A 26 -57.63 33.35 -9.54
CA THR A 26 -56.15 33.40 -9.33
C THR A 26 -55.46 32.60 -10.45
N LYS A 27 -55.93 32.72 -11.65
CA LYS A 27 -55.31 31.97 -12.78
C LYS A 27 -53.93 32.57 -13.09
N GLY A 28 -53.74 33.83 -12.78
CA GLY A 28 -52.43 34.47 -13.06
C GLY A 28 -52.27 34.67 -14.56
N ASP A 29 -51.29 35.43 -14.97
CA ASP A 29 -51.08 35.67 -16.43
C ASP A 29 -50.69 34.35 -17.11
N LYS A 30 -49.42 34.06 -17.16
CA LYS A 30 -48.98 32.80 -17.81
C LYS A 30 -47.48 32.58 -17.54
N GLU A 31 -47.14 32.14 -16.36
CA GLU A 31 -45.70 31.90 -16.03
C GLU A 31 -44.93 33.22 -16.21
N LEU A 32 -45.60 34.28 -16.53
CA LEU A 32 -44.90 35.58 -16.72
C LEU A 32 -44.40 36.09 -15.36
N LEU A 33 -44.95 35.58 -14.30
CA LEU A 33 -44.51 36.03 -12.95
C LEU A 33 -43.00 35.82 -12.80
N ILE A 34 -42.24 36.88 -12.76
CA ILE A 34 -40.77 36.75 -12.61
C ILE A 34 -40.41 36.53 -11.15
N ASP A 35 -39.89 37.52 -10.48
CA ASP A 35 -39.53 37.36 -9.05
C ASP A 35 -38.53 36.21 -8.90
N ASN A 36 -38.10 35.65 -9.99
CA ASN A 36 -37.13 34.51 -9.91
C ASN A 36 -35.72 35.06 -9.68
N GLU A 37 -35.10 34.68 -8.60
CA GLU A 37 -33.73 35.18 -8.31
C GLU A 37 -32.72 34.50 -9.24
N LYS A 38 -33.19 33.92 -10.32
CA LYS A 38 -32.27 33.24 -11.28
C LYS A 38 -32.77 33.43 -12.71
N VAL A 39 -31.88 33.52 -13.66
CA VAL A 39 -32.30 33.71 -15.07
C VAL A 39 -31.16 33.32 -16.01
N THR A 40 -29.94 33.61 -15.63
CA THR A 40 -28.79 33.26 -16.50
C THR A 40 -28.59 31.74 -16.49
N SER A 41 -27.70 31.25 -17.30
CA SER A 41 -27.46 29.77 -17.34
C SER A 41 -26.22 29.48 -18.18
N GLY A 42 -25.96 28.22 -18.44
CA GLY A 42 -24.77 27.87 -19.27
C GLY A 42 -24.73 26.36 -19.49
N HIS A 43 -23.77 25.88 -20.24
CA HIS A 43 -23.68 24.42 -20.49
C HIS A 43 -22.34 24.10 -21.16
N THR A 44 -22.24 22.95 -21.78
CA THR A 44 -20.95 22.58 -22.46
C THR A 44 -21.27 21.67 -23.65
N THR A 45 -20.98 22.13 -24.84
CA THR A 45 -21.26 21.29 -26.04
C THR A 45 -20.48 19.97 -25.94
N THR A 46 -19.18 20.04 -26.01
CA THR A 46 -18.37 18.79 -25.91
C THR A 46 -18.55 18.16 -24.53
N THR A 47 -19.32 17.11 -24.44
CA THR A 47 -19.54 16.46 -23.12
C THR A 47 -18.24 15.83 -22.63
N ARG A 48 -17.29 16.64 -22.23
CA ARG A 48 -15.99 16.10 -21.73
C ARG A 48 -15.47 16.98 -20.60
N ARG A 49 -14.87 16.38 -19.60
CA ARG A 49 -14.32 17.17 -18.44
C ARG A 49 -12.82 16.93 -18.32
N SER A 50 -12.05 17.97 -18.14
CA SER A 50 -10.57 17.80 -18.02
C SER A 50 -10.23 16.87 -16.85
N CYS A 51 -9.05 16.98 -16.32
CA CYS A 51 -8.66 16.10 -15.18
C CYS A 51 -9.00 14.64 -15.52
N SER A 52 -9.84 14.02 -14.74
CA SER A 52 -10.21 12.61 -15.04
C SER A 52 -10.86 12.55 -16.42
N LYS A 53 -10.39 11.69 -17.29
CA LYS A 53 -10.99 11.61 -18.65
C LYS A 53 -12.36 10.92 -18.55
N VAL A 54 -13.42 11.68 -18.59
CA VAL A 54 -14.79 11.10 -18.52
C VAL A 54 -15.61 11.59 -19.73
N ILE A 55 -16.00 10.69 -20.58
CA ILE A 55 -16.79 11.05 -21.79
C ILE A 55 -18.05 10.17 -21.84
N THR A 56 -19.21 10.79 -22.00
CA THR A 56 -20.47 10.00 -22.05
C THR A 56 -21.28 10.44 -23.26
N LYS A 57 -21.45 9.54 -24.20
CA LYS A 57 -22.26 9.86 -25.44
C LYS A 57 -23.43 8.88 -25.52
N THR A 58 -24.64 9.37 -25.38
CA THR A 58 -25.84 8.47 -25.44
C THR A 58 -26.72 8.86 -26.63
N VAL A 59 -27.20 7.88 -27.36
CA VAL A 59 -28.09 8.15 -28.53
C VAL A 59 -29.31 7.23 -28.42
N THR A 60 -30.49 7.79 -28.42
CA THR A 60 -31.74 6.97 -28.30
C THR A 60 -32.49 6.95 -29.64
N ASN A 61 -32.92 5.78 -30.08
CA ASN A 61 -33.68 5.69 -31.38
C ASN A 61 -35.03 4.97 -31.13
N ALA A 62 -36.02 5.14 -31.99
CA ALA A 62 -37.36 4.50 -31.75
C ALA A 62 -37.32 2.98 -31.95
N ASP A 63 -36.50 2.48 -32.83
CA ASP A 63 -36.48 1.00 -33.07
C ASP A 63 -35.88 0.31 -31.85
N GLY A 64 -35.65 1.04 -30.80
CA GLY A 64 -35.07 0.43 -29.57
C GLY A 64 -33.54 0.40 -29.67
N ARG A 65 -32.98 0.97 -30.70
CA ARG A 65 -31.50 0.98 -30.83
C ARG A 65 -30.96 2.15 -30.00
N THR A 66 -30.43 1.87 -28.83
CA THR A 66 -29.92 2.96 -27.95
C THR A 66 -28.53 2.59 -27.43
N GLU A 67 -27.50 3.25 -27.92
CA GLU A 67 -26.12 2.93 -27.46
C GLU A 67 -25.71 3.86 -26.32
N THR A 68 -25.20 3.31 -25.25
CA THR A 68 -24.77 4.14 -24.09
C THR A 68 -23.26 4.15 -24.00
N THR A 69 -22.64 5.24 -24.35
CA THR A 69 -21.15 5.33 -24.25
C THR A 69 -20.82 6.02 -22.94
N LYS A 70 -21.65 5.79 -21.95
CA LYS A 70 -21.40 6.40 -20.61
C LYS A 70 -20.13 5.79 -20.03
N GLU A 71 -19.00 6.07 -20.61
CA GLU A 71 -17.71 5.49 -20.11
C GLU A 71 -16.98 6.50 -19.21
N VAL A 72 -16.24 6.01 -18.25
CA VAL A 72 -15.49 6.91 -17.33
C VAL A 72 -14.04 6.43 -17.29
N VAL A 73 -13.11 7.25 -17.73
CA VAL A 73 -11.68 6.83 -17.73
C VAL A 73 -10.90 7.72 -16.76
N LYS A 74 -10.21 7.11 -15.87
CA LYS A 74 -9.41 7.88 -14.88
C LYS A 74 -8.49 8.85 -15.63
N SER A 75 -7.25 8.46 -15.86
CA SER A 75 -6.32 9.34 -16.60
C SER A 75 -5.26 8.49 -17.30
N GLU A 76 -5.64 7.75 -18.30
CA GLU A 76 -4.66 6.89 -19.02
C GLU A 76 -3.65 7.78 -19.74
N ASP A 77 -4.07 8.97 -20.11
CA ASP A 77 -3.15 9.91 -20.81
C ASP A 77 -3.40 11.33 -20.29
N GLY A 78 -4.12 11.44 -19.20
CA GLY A 78 -4.40 12.79 -18.63
C GLY A 78 -3.13 13.33 -17.95
N SER A 79 -3.25 14.41 -17.22
CA SER A 79 -2.06 14.97 -16.52
C SER A 79 -1.93 14.28 -15.17
N ASP A 80 -2.03 12.98 -15.16
CA ASP A 80 -1.92 12.23 -13.87
C ASP A 80 -2.97 12.77 -12.90
N CYS A 81 -4.11 13.15 -13.40
CA CYS A 81 -5.18 13.69 -12.50
C CYS A 81 -5.87 12.52 -11.79
N GLY A 82 -5.28 11.35 -11.83
CA GLY A 82 -5.90 10.18 -11.15
C GLY A 82 -4.90 9.02 -11.12
N ASP A 83 -3.81 9.16 -11.83
CA ASP A 83 -2.79 8.07 -11.84
C ASP A 83 -3.46 6.74 -12.22
N ALA A 84 -3.77 6.57 -13.49
CA ALA A 84 -4.42 5.31 -13.93
C ALA A 84 -3.39 4.18 -13.93
N ASP A 85 -3.81 2.98 -14.22
CA ASP A 85 -2.86 1.83 -14.25
C ASP A 85 -3.56 0.59 -14.80
N PHE A 86 -3.08 0.04 -15.87
CA PHE A 86 -3.72 -1.17 -16.45
C PHE A 86 -3.67 -2.31 -15.43
N ASP A 87 -2.49 -2.75 -15.08
CA ASP A 87 -2.36 -3.85 -14.09
C ASP A 87 -3.23 -5.03 -14.52
N TRP A 88 -3.55 -5.12 -15.79
CA TRP A 88 -4.40 -6.24 -16.30
C TRP A 88 -3.52 -7.20 -17.12
N HIS A 89 -3.10 -6.79 -18.28
CA HIS A 89 -2.26 -7.66 -19.13
C HIS A 89 -1.72 -6.87 -20.32
N HIS A 90 -0.72 -6.06 -20.11
CA HIS A 90 -0.16 -5.26 -21.24
C HIS A 90 1.14 -4.60 -20.78
N THR A 91 1.26 -4.28 -19.52
CA THR A 91 2.50 -3.63 -19.03
C THR A 91 3.67 -4.62 -19.11
N PHE A 92 4.66 -4.30 -19.89
CA PHE A 92 5.82 -5.23 -20.02
C PHE A 92 6.97 -4.52 -20.77
N PRO A 93 7.55 -3.52 -20.15
CA PRO A 93 8.66 -2.76 -20.78
C PRO A 93 9.84 -3.69 -21.03
N SER A 94 10.63 -3.40 -22.04
CA SER A 94 11.79 -4.28 -22.34
C SER A 94 12.68 -3.60 -23.38
N ARG A 95 12.90 -2.32 -23.27
CA ARG A 95 13.74 -1.61 -24.25
C ARG A 95 15.19 -2.07 -24.12
N GLY A 96 15.45 -3.33 -24.35
CA GLY A 96 16.84 -3.84 -24.23
C GLY A 96 16.87 -5.34 -24.51
N ASN A 97 17.97 -5.85 -24.97
CA ASN A 97 18.05 -7.31 -25.26
C ASN A 97 19.51 -7.71 -25.51
N LEU A 98 20.14 -7.11 -26.48
CA LEU A 98 21.56 -7.45 -26.77
C LEU A 98 22.44 -6.92 -25.63
N ASP A 99 22.51 -5.63 -25.46
CA ASP A 99 23.35 -5.08 -24.37
C ASP A 99 22.70 -5.35 -23.02
N ASP A 100 23.09 -4.63 -22.00
CA ASP A 100 22.49 -4.85 -20.66
C ASP A 100 22.56 -6.34 -20.29
N PHE A 101 23.37 -7.09 -21.00
CA PHE A 101 23.49 -8.54 -20.69
C PHE A 101 24.09 -8.72 -19.30
N PHE A 102 25.00 -7.87 -18.92
CA PHE A 102 25.62 -7.99 -17.57
C PHE A 102 24.59 -7.64 -16.50
N HIS A 103 23.37 -7.39 -16.89
CA HIS A 103 22.32 -7.04 -15.91
C HIS A 103 22.02 -8.26 -15.03
N ARG A 104 21.92 -9.42 -15.62
CA ARG A 104 21.63 -10.64 -14.81
C ARG A 104 21.86 -11.88 -15.69
N ASP A 105 23.03 -12.44 -15.64
CA ASP A 105 23.33 -13.64 -16.48
C ASP A 105 22.79 -14.89 -15.78
N LYS A 106 23.40 -15.30 -14.70
CA LYS A 106 22.92 -16.51 -13.98
C LYS A 106 23.19 -16.36 -12.48
N ASP A 107 24.39 -16.03 -12.11
CA ASP A 107 24.72 -15.86 -10.66
C ASP A 107 26.11 -15.24 -10.52
N ASP A 108 26.24 -13.98 -10.84
CA ASP A 108 27.57 -13.31 -10.72
C ASP A 108 28.63 -14.14 -11.45
N PHE A 109 28.97 -13.75 -12.65
CA PHE A 109 29.99 -14.51 -13.41
C PHE A 109 31.31 -14.51 -12.63
N PHE A 110 31.37 -13.79 -11.56
CA PHE A 110 32.63 -13.75 -10.76
C PHE A 110 32.80 -15.08 -10.02
N THR A 111 32.08 -16.09 -10.42
CA THR A 111 32.20 -17.41 -9.75
C THR A 111 31.92 -18.53 -10.76
N ARG A 112 32.93 -18.99 -11.44
CA ARG A 112 32.72 -20.08 -12.44
C ARG A 112 31.96 -21.23 -11.78
N SER A 113 30.99 -21.78 -12.48
CA SER A 113 30.22 -22.92 -11.90
C SER A 113 29.31 -23.51 -12.97
N SER A 114 29.60 -23.26 -14.22
CA SER A 114 28.75 -23.81 -15.32
C SER A 114 28.77 -25.34 -15.25
N HIS A 115 27.65 -25.96 -15.51
CA HIS A 115 27.61 -27.45 -15.45
C HIS A 115 28.35 -28.03 -16.67
N GLU A 116 29.26 -28.94 -16.43
CA GLU A 116 30.02 -29.53 -17.56
C GLU A 116 30.78 -30.77 -17.08
N PHE A 117 30.91 -31.77 -17.91
CA PHE A 117 31.63 -33.00 -17.49
C PHE A 117 33.13 -32.73 -17.46
N ASP A 118 33.62 -32.17 -16.38
CA ASP A 118 35.08 -31.88 -16.29
C ASP A 118 35.52 -31.07 -17.52
N GLY A 119 36.73 -31.26 -17.96
CA GLY A 119 37.21 -30.50 -19.14
C GLY A 119 38.52 -31.14 -19.65
N ARG A 120 39.61 -30.88 -18.97
CA ARG A 120 40.91 -31.46 -19.42
C ARG A 120 41.97 -31.19 -18.36
N THR A 121 41.59 -30.63 -17.25
CA THR A 121 42.58 -30.34 -16.17
C THR A 121 43.03 -31.65 -15.52
N GLY A 122 42.35 -32.74 -15.81
CA GLY A 122 42.74 -34.04 -15.21
C GLY A 122 44.15 -34.41 -15.66
N LEU A 123 44.31 -35.53 -16.30
CA LEU A 123 45.66 -35.95 -16.77
C LEU A 123 46.17 -34.94 -17.80
N ALA A 124 47.37 -34.44 -17.62
CA ALA A 124 47.91 -33.46 -18.60
C ALA A 124 48.39 -34.22 -19.86
N PRO A 125 48.55 -33.52 -20.97
CA PRO A 125 49.00 -34.15 -22.21
C PRO A 125 50.36 -34.85 -21.99
N GLU A 126 51.39 -34.08 -21.80
CA GLU A 126 52.74 -34.69 -21.59
C GLU A 126 52.70 -35.63 -20.37
N PHE A 127 52.29 -36.85 -20.56
CA PHE A 127 52.24 -37.80 -19.42
C PHE A 127 53.60 -37.84 -18.73
N ALA A 128 54.53 -38.60 -19.26
CA ALA A 128 55.87 -38.67 -18.62
C ALA A 128 56.86 -39.32 -19.61
N ALA A 129 57.84 -40.02 -19.10
CA ALA A 129 58.83 -40.66 -20.01
C ALA A 129 59.64 -41.70 -19.22
N LEU A 130 59.50 -42.95 -19.57
CA LEU A 130 60.27 -44.01 -18.84
C LEU A 130 61.74 -43.94 -19.23
N GLY A 131 62.03 -44.02 -20.51
CA GLY A 131 63.45 -43.96 -20.95
C GLY A 131 64.13 -45.30 -20.67
N GLU A 132 64.58 -45.51 -19.47
CA GLU A 132 65.26 -46.80 -19.13
C GLU A 132 65.47 -46.89 -17.62
N SER A 133 65.27 -48.05 -17.05
CA SER A 133 65.46 -48.20 -15.59
C SER A 133 66.95 -48.30 -15.28
N GLY A 134 67.68 -49.07 -16.03
CA GLY A 134 69.14 -49.20 -15.78
C GLY A 134 69.36 -50.09 -14.55
N SER A 135 68.64 -51.18 -14.46
CA SER A 135 68.81 -52.08 -13.28
C SER A 135 70.14 -52.84 -13.42
N SER A 136 70.76 -53.18 -12.31
CA SER A 136 72.04 -53.91 -12.37
C SER A 136 71.79 -55.36 -12.77
N SER A 137 71.59 -55.63 -14.03
CA SER A 137 71.34 -57.03 -14.47
C SER A 137 71.33 -57.08 -16.01
N SER A 138 70.24 -57.48 -16.59
CA SER A 138 70.18 -57.55 -18.08
C SER A 138 71.34 -58.41 -18.59
N LYS A 139 71.67 -58.29 -19.86
CA LYS A 139 72.79 -59.08 -20.42
C LYS A 139 74.10 -58.65 -19.76
N THR A 140 75.01 -59.57 -19.57
CA THR A 140 76.30 -59.21 -18.94
C THR A 140 77.34 -60.31 -19.23
N SER A 141 78.51 -60.20 -18.66
CA SER A 141 79.55 -61.22 -18.91
C SER A 141 79.75 -61.40 -20.42
N THR A 142 79.97 -62.61 -20.86
CA THR A 142 80.17 -62.85 -22.31
C THR A 142 81.28 -61.94 -22.83
N HIS A 143 82.51 -62.38 -22.78
CA HIS A 143 83.63 -61.54 -23.26
C HIS A 143 83.66 -61.56 -24.79
N SER A 144 82.53 -61.81 -25.41
CA SER A 144 82.49 -61.84 -26.90
C SER A 144 81.03 -61.84 -27.36
N LYS A 145 80.49 -60.69 -27.66
CA LYS A 145 79.08 -60.62 -28.11
C LYS A 145 78.98 -61.19 -29.52
N GLN A 146 77.80 -61.59 -29.94
CA GLN A 146 77.63 -62.16 -31.29
C GLN A 146 78.65 -63.29 -31.51
N PHE A 147 79.34 -63.29 -32.61
CA PHE A 147 80.35 -64.35 -32.87
C PHE A 147 81.33 -63.88 -33.94
N VAL A 148 82.59 -63.80 -33.60
CA VAL A 148 83.61 -63.35 -34.59
C VAL A 148 84.95 -64.04 -34.30
N SER A 149 86.04 -63.41 -34.63
CA SER A 149 87.37 -64.02 -34.37
C SER A 149 87.41 -65.43 -34.99
N SER A 150 86.74 -65.61 -36.10
CA SER A 150 86.74 -66.95 -36.75
C SER A 150 88.17 -67.34 -37.12
N SER A 151 88.68 -68.39 -36.54
CA SER A 151 90.07 -68.81 -36.86
C SER A 151 90.29 -70.25 -36.36
N THR A 152 90.18 -71.21 -37.24
CA THR A 152 90.38 -72.63 -36.83
C THR A 152 90.93 -73.43 -38.02
N THR A 153 92.21 -73.38 -38.23
CA THR A 153 92.82 -74.13 -39.36
C THR A 153 94.25 -74.53 -39.02
N VAL A 154 94.49 -74.93 -37.79
CA VAL A 154 95.86 -75.33 -37.38
C VAL A 154 96.34 -76.49 -38.26
N ASN A 155 97.60 -76.52 -38.59
CA ASN A 155 98.13 -77.62 -39.43
C ASN A 155 98.06 -78.94 -38.65
N ARG A 156 97.42 -79.93 -39.21
CA ARG A 156 97.32 -81.24 -38.50
C ARG A 156 98.71 -81.84 -38.34
N GLY A 157 99.35 -82.19 -39.42
CA GLY A 157 100.72 -82.77 -39.33
C GLY A 157 100.65 -84.11 -38.59
N GLY A 158 100.84 -85.20 -39.28
CA GLY A 158 100.78 -86.53 -38.62
C GLY A 158 101.95 -86.67 -37.63
N SER A 159 102.48 -87.84 -37.49
CA SER A 159 103.61 -88.04 -36.53
C SER A 159 103.21 -87.49 -35.16
N ALA A 160 101.95 -87.48 -34.86
CA ALA A 160 101.50 -86.97 -33.53
C ALA A 160 102.06 -87.86 -32.42
N ILE A 161 101.60 -89.07 -32.34
CA ILE A 161 102.11 -90.00 -31.28
C ILE A 161 103.59 -90.28 -31.52
N GLU A 162 103.89 -91.11 -32.48
CA GLU A 162 105.33 -91.42 -32.76
C GLU A 162 106.02 -90.18 -33.33
N SER A 163 107.26 -89.97 -32.97
CA SER A 163 107.99 -88.78 -33.49
C SER A 163 109.46 -88.88 -33.10
N LYS A 164 110.17 -89.83 -33.64
CA LYS A 164 111.62 -89.98 -33.30
C LYS A 164 111.78 -90.03 -31.78
N HIS A 165 112.47 -89.08 -31.21
CA HIS A 165 112.66 -89.08 -29.72
C HIS A 165 113.26 -90.42 -29.28
N PHE A 166 114.53 -90.45 -28.99
CA PHE A 166 115.18 -91.71 -28.56
C PHE A 166 116.47 -91.41 -27.81
N MET A 1 -68.53 44.00 -51.16
CA MET A 1 -68.89 44.95 -52.25
C MET A 1 -68.14 46.27 -52.02
N GLY A 2 -67.92 47.02 -53.06
CA GLY A 2 -67.20 48.32 -52.90
C GLY A 2 -65.72 48.06 -52.65
N THR A 3 -64.85 48.69 -53.39
CA THR A 3 -63.39 48.47 -53.19
C THR A 3 -62.92 49.27 -51.98
N PHE A 4 -62.18 48.65 -51.10
CA PHE A 4 -61.68 49.37 -49.89
C PHE A 4 -60.48 48.62 -49.31
N ARG A 5 -59.67 48.03 -50.14
CA ARG A 5 -58.48 47.29 -49.64
C ARG A 5 -57.57 48.24 -48.86
N GLU A 6 -57.82 49.53 -48.95
CA GLU A 6 -56.98 50.50 -48.22
C GLU A 6 -57.62 51.88 -48.27
N GLU A 7 -57.13 52.81 -47.50
CA GLU A 7 -57.72 54.18 -47.51
C GLU A 7 -56.82 55.14 -46.71
N GLY A 8 -56.72 56.36 -47.13
CA GLY A 8 -55.86 57.34 -46.40
C GLY A 8 -55.80 58.65 -47.17
N SER A 9 -54.99 58.70 -48.20
CA SER A 9 -54.88 59.96 -49.00
C SER A 9 -54.55 61.13 -48.07
N VAL A 10 -54.19 60.84 -46.84
CA VAL A 10 -53.86 61.94 -45.90
C VAL A 10 -52.66 62.73 -46.43
N SER A 11 -52.00 62.22 -47.42
CA SER A 11 -50.82 62.93 -47.98
C SER A 11 -50.56 62.45 -49.41
N SER A 12 -49.93 61.31 -49.56
CA SER A 12 -49.64 60.78 -50.92
C SER A 12 -50.96 60.50 -51.63
N GLY A 13 -51.10 60.97 -52.85
CA GLY A 13 -52.36 60.74 -53.60
C GLY A 13 -52.21 61.24 -55.03
N THR A 14 -51.16 61.98 -55.30
CA THR A 14 -50.94 62.50 -56.68
C THR A 14 -49.44 62.71 -56.91
N LYS A 15 -48.76 61.70 -57.36
CA LYS A 15 -47.29 61.82 -57.60
C LYS A 15 -46.59 62.22 -56.29
N GLN A 16 -45.32 61.90 -56.16
CA GLN A 16 -44.60 62.24 -54.91
C GLN A 16 -44.34 63.76 -54.87
N GLU A 17 -44.91 64.43 -53.92
CA GLU A 17 -44.69 65.91 -53.82
C GLU A 17 -43.21 66.18 -53.57
N PHE A 18 -42.52 65.27 -52.96
CA PHE A 18 -41.06 65.48 -52.71
C PHE A 18 -40.40 64.14 -52.37
N HIS A 19 -39.12 64.12 -52.19
CA HIS A 19 -38.43 62.84 -51.87
C HIS A 19 -37.00 63.12 -51.42
N THR A 20 -36.20 63.75 -52.25
CA THR A 20 -34.81 64.05 -51.87
C THR A 20 -34.15 62.79 -51.30
N GLY A 21 -34.00 62.71 -50.01
CA GLY A 21 -33.36 61.51 -49.39
C GLY A 21 -33.92 61.31 -47.98
N LYS A 22 -35.15 61.68 -47.76
CA LYS A 22 -35.75 61.51 -46.41
C LYS A 22 -36.24 60.06 -46.24
N LEU A 23 -35.46 59.22 -45.63
CA LEU A 23 -35.88 57.80 -45.45
C LEU A 23 -36.84 57.73 -44.26
N VAL A 24 -38.12 57.97 -44.50
CA VAL A 24 -39.10 57.91 -43.38
C VAL A 24 -39.18 56.48 -42.85
N THR A 25 -39.40 56.32 -41.57
CA THR A 25 -39.50 54.96 -40.99
C THR A 25 -40.49 54.12 -41.80
N THR A 26 -40.38 52.82 -41.71
CA THR A 26 -41.32 51.96 -42.49
C THR A 26 -41.12 50.50 -42.08
N LYS A 27 -40.26 50.25 -41.11
CA LYS A 27 -40.03 48.85 -40.67
C LYS A 27 -39.68 47.99 -41.88
N GLY A 28 -39.54 46.70 -41.68
CA GLY A 28 -39.20 45.80 -42.82
C GLY A 28 -38.96 44.38 -42.30
N ASP A 29 -37.90 44.19 -41.56
CA ASP A 29 -37.61 42.83 -41.02
C ASP A 29 -36.45 42.91 -40.02
N LYS A 30 -36.74 43.29 -38.81
CA LYS A 30 -35.66 43.39 -37.79
C LYS A 30 -35.17 41.99 -37.42
N GLU A 31 -34.43 41.36 -38.29
CA GLU A 31 -33.92 39.99 -37.99
C GLU A 31 -32.95 40.06 -36.81
N LEU A 32 -32.63 38.94 -36.22
CA LEU A 32 -31.68 38.95 -35.08
C LEU A 32 -30.37 39.60 -35.50
N LEU A 33 -30.23 39.92 -36.76
CA LEU A 33 -28.98 40.56 -37.24
C LEU A 33 -27.78 39.75 -36.76
N ILE A 34 -27.29 38.84 -37.55
CA ILE A 34 -26.12 38.02 -37.13
C ILE A 34 -24.88 38.92 -37.05
N ASP A 35 -23.91 38.52 -36.27
CA ASP A 35 -22.68 39.35 -36.13
C ASP A 35 -21.60 38.54 -35.41
N ASN A 36 -21.40 38.79 -34.14
CA ASN A 36 -20.35 38.04 -33.40
C ASN A 36 -20.69 38.07 -31.90
N GLU A 37 -21.68 38.82 -31.51
CA GLU A 37 -22.05 38.90 -30.07
C GLU A 37 -20.82 39.31 -29.26
N LYS A 38 -20.48 38.56 -28.25
CA LYS A 38 -19.30 38.94 -27.42
C LYS A 38 -18.08 39.10 -28.33
N VAL A 39 -17.40 38.03 -28.64
CA VAL A 39 -16.20 38.14 -29.52
C VAL A 39 -15.77 36.74 -29.97
N THR A 40 -16.32 36.28 -31.07
CA THR A 40 -15.97 34.92 -31.60
C THR A 40 -15.72 33.92 -30.46
N SER A 41 -14.93 32.91 -30.71
CA SER A 41 -14.65 31.92 -29.64
C SER A 41 -13.46 31.05 -30.06
N GLY A 42 -13.52 29.77 -29.81
CA GLY A 42 -12.40 28.87 -30.18
C GLY A 42 -12.59 27.50 -29.54
N HIS A 43 -11.56 26.93 -28.99
CA HIS A 43 -11.70 25.59 -28.35
C HIS A 43 -12.73 25.67 -27.22
N THR A 44 -12.27 25.71 -25.99
CA THR A 44 -13.21 25.79 -24.84
C THR A 44 -14.16 24.59 -24.86
N THR A 45 -14.12 23.77 -23.84
CA THR A 45 -15.01 22.58 -23.80
C THR A 45 -14.86 21.79 -25.09
N THR A 46 -13.76 21.11 -25.25
CA THR A 46 -13.55 20.31 -26.50
C THR A 46 -14.39 19.02 -26.42
N THR A 47 -15.53 19.08 -25.79
CA THR A 47 -16.39 17.87 -25.68
C THR A 47 -15.61 16.77 -24.96
N ARG A 48 -14.48 17.09 -24.39
CA ARG A 48 -13.66 16.07 -23.66
C ARG A 48 -12.97 16.74 -22.47
N ARG A 49 -12.75 16.01 -21.40
CA ARG A 49 -12.08 16.60 -20.21
C ARG A 49 -10.59 16.26 -20.23
N SER A 50 -9.74 17.19 -19.89
CA SER A 50 -8.28 16.90 -19.89
C SER A 50 -7.97 15.80 -18.88
N CYS A 51 -7.42 16.15 -17.75
CA CYS A 51 -7.12 15.11 -16.71
C CYS A 51 -8.37 14.26 -16.50
N SER A 52 -8.21 12.99 -16.22
CA SER A 52 -9.41 12.13 -16.01
C SER A 52 -10.36 12.34 -17.19
N LYS A 53 -10.18 11.59 -18.25
CA LYS A 53 -11.05 11.77 -19.44
C LYS A 53 -12.43 11.15 -19.19
N VAL A 54 -13.41 11.97 -18.95
CA VAL A 54 -14.80 11.46 -18.71
C VAL A 54 -15.72 11.95 -19.83
N ILE A 55 -16.20 11.03 -20.64
CA ILE A 55 -17.11 11.40 -21.77
C ILE A 55 -18.37 10.52 -21.70
N THR A 56 -19.53 11.14 -21.68
CA THR A 56 -20.80 10.35 -21.61
C THR A 56 -21.75 10.82 -22.71
N LYS A 57 -21.98 9.98 -23.69
CA LYS A 57 -22.92 10.34 -24.82
C LYS A 57 -24.00 9.27 -24.91
N THR A 58 -25.23 9.62 -24.63
CA THR A 58 -26.35 8.64 -24.68
C THR A 58 -27.28 8.98 -25.85
N VAL A 59 -27.59 8.01 -26.67
CA VAL A 59 -28.51 8.25 -27.83
C VAL A 59 -29.57 7.15 -27.87
N THR A 60 -30.82 7.53 -27.77
CA THR A 60 -31.94 6.53 -27.80
C THR A 60 -32.70 6.66 -29.12
N ASN A 61 -33.00 5.55 -29.77
CA ASN A 61 -33.77 5.61 -31.07
C ASN A 61 -34.98 4.64 -31.00
N ALA A 62 -35.97 4.79 -31.86
CA ALA A 62 -37.18 3.91 -31.79
C ALA A 62 -36.88 2.47 -32.24
N ASP A 63 -35.99 2.26 -33.16
CA ASP A 63 -35.73 0.88 -33.63
C ASP A 63 -35.05 0.07 -32.53
N GLY A 64 -34.90 0.65 -31.37
CA GLY A 64 -34.25 -0.08 -30.24
C GLY A 64 -32.75 0.19 -30.24
N ARG A 65 -32.25 1.05 -31.11
CA ARG A 65 -30.79 1.33 -31.10
C ARG A 65 -30.51 2.34 -29.99
N THR A 66 -30.15 1.86 -28.82
CA THR A 66 -29.87 2.76 -27.67
C THR A 66 -28.43 2.54 -27.21
N GLU A 67 -27.50 3.28 -27.77
CA GLU A 67 -26.07 3.10 -27.38
C GLU A 67 -25.69 4.10 -26.29
N THR A 68 -25.23 3.63 -25.17
CA THR A 68 -24.83 4.53 -24.05
C THR A 68 -23.32 4.67 -24.03
N THR A 69 -22.82 5.82 -24.40
CA THR A 69 -21.35 6.04 -24.38
C THR A 69 -21.00 6.52 -22.97
N LYS A 70 -21.74 6.07 -22.01
CA LYS A 70 -21.48 6.47 -20.59
C LYS A 70 -20.12 5.92 -20.15
N GLU A 71 -19.07 6.29 -20.84
CA GLU A 71 -17.71 5.79 -20.47
C GLU A 71 -17.01 6.82 -19.59
N VAL A 72 -16.36 6.37 -18.54
CA VAL A 72 -15.63 7.30 -17.63
C VAL A 72 -14.20 6.80 -17.46
N VAL A 73 -13.23 7.67 -17.64
CA VAL A 73 -11.81 7.24 -17.47
C VAL A 73 -11.11 8.22 -16.54
N LYS A 74 -10.72 7.73 -15.41
CA LYS A 74 -10.01 8.58 -14.41
C LYS A 74 -8.50 8.39 -14.53
N SER A 75 -8.08 7.35 -15.19
CA SER A 75 -6.61 7.11 -15.34
C SER A 75 -6.37 6.20 -16.55
N GLU A 76 -5.64 5.13 -16.35
CA GLU A 76 -5.36 4.20 -17.49
C GLU A 76 -4.81 5.00 -18.67
N ASP A 77 -4.38 6.21 -18.43
CA ASP A 77 -3.83 7.04 -19.54
C ASP A 77 -3.11 8.25 -18.95
N GLY A 78 -2.59 8.12 -17.76
CA GLY A 78 -1.87 9.27 -17.12
C GLY A 78 -0.85 8.73 -16.12
N SER A 79 -1.27 7.89 -15.21
CA SER A 79 -0.33 7.34 -14.20
C SER A 79 0.45 8.49 -13.55
N ASP A 80 0.02 9.70 -13.79
CA ASP A 80 0.74 10.86 -13.19
C ASP A 80 -0.08 12.13 -13.40
N CYS A 81 -1.40 12.01 -13.41
CA CYS A 81 -2.27 13.21 -13.59
C CYS A 81 -3.05 13.46 -12.30
N GLY A 82 -2.48 13.12 -11.18
CA GLY A 82 -3.18 13.34 -9.88
C GLY A 82 -2.27 12.89 -8.73
N ASP A 83 -1.46 11.89 -8.95
CA ASP A 83 -0.55 11.42 -7.87
C ASP A 83 0.51 12.48 -7.60
N ALA A 84 0.13 13.72 -7.55
CA ALA A 84 1.12 14.80 -7.30
C ALA A 84 1.63 14.69 -5.86
N ASP A 85 2.48 15.59 -5.45
CA ASP A 85 3.02 15.54 -4.06
C ASP A 85 3.61 14.15 -3.80
N PHE A 86 4.58 13.75 -4.58
CA PHE A 86 5.20 12.41 -4.38
C PHE A 86 6.43 12.28 -5.26
N ASP A 87 6.48 13.01 -6.35
CA ASP A 87 7.67 12.93 -7.25
C ASP A 87 8.81 13.75 -6.67
N TRP A 88 8.81 13.95 -5.38
CA TRP A 88 9.90 14.75 -4.75
C TRP A 88 11.17 13.90 -4.66
N HIS A 89 11.18 12.75 -5.29
CA HIS A 89 12.38 11.88 -5.24
C HIS A 89 13.45 12.43 -6.19
N HIS A 90 14.59 12.81 -5.66
CA HIS A 90 15.67 13.36 -6.52
C HIS A 90 17.01 13.20 -5.81
N THR A 91 17.07 13.61 -4.56
CA THR A 91 18.35 13.49 -3.80
C THR A 91 19.45 14.25 -4.53
N PHE A 92 19.11 15.25 -5.30
CA PHE A 92 20.15 16.04 -6.02
C PHE A 92 21.05 15.08 -6.82
N PRO A 93 20.56 14.56 -7.92
CA PRO A 93 21.35 13.63 -8.75
C PRO A 93 22.59 14.35 -9.31
N SER A 94 23.31 13.72 -10.19
CA SER A 94 24.52 14.37 -10.76
C SER A 94 24.95 13.62 -12.02
N ARG A 95 26.05 14.02 -12.62
CA ARG A 95 26.53 13.32 -13.85
C ARG A 95 26.93 11.89 -13.50
N GLY A 96 25.96 11.02 -13.32
CA GLY A 96 26.30 9.61 -12.98
C GLY A 96 25.03 8.89 -12.51
N ASN A 97 24.00 8.89 -13.31
CA ASN A 97 22.74 8.21 -12.90
C ASN A 97 22.97 6.69 -12.85
N LEU A 98 23.42 6.12 -13.94
CA LEU A 98 23.66 4.65 -13.95
C LEU A 98 24.86 4.32 -13.06
N ASP A 99 25.17 3.06 -12.90
CA ASP A 99 26.33 2.69 -12.04
C ASP A 99 26.15 3.30 -10.65
N ASP A 100 25.72 2.52 -9.70
CA ASP A 100 25.52 3.05 -8.33
C ASP A 100 25.46 1.90 -7.33
N PHE A 101 25.32 0.69 -7.81
CA PHE A 101 25.25 -0.48 -6.89
C PHE A 101 26.61 -0.67 -6.20
N PHE A 102 27.66 -0.14 -6.79
CA PHE A 102 29.01 -0.29 -6.17
C PHE A 102 29.23 -1.75 -5.75
N HIS A 103 29.27 -2.64 -6.70
CA HIS A 103 29.48 -4.07 -6.35
C HIS A 103 30.95 -4.31 -6.01
N ARG A 104 31.83 -3.47 -6.48
CA ARG A 104 33.27 -3.64 -6.17
C ARG A 104 33.50 -3.38 -4.69
N ASP A 105 32.92 -4.18 -3.84
CA ASP A 105 33.11 -3.98 -2.38
C ASP A 105 34.45 -4.57 -1.96
N LYS A 106 35.27 -4.93 -2.90
CA LYS A 106 36.59 -5.51 -2.56
C LYS A 106 37.51 -4.41 -2.02
N ASP A 107 37.05 -3.67 -1.05
CA ASP A 107 37.89 -2.57 -0.48
C ASP A 107 39.06 -3.18 0.29
N ASP A 108 40.07 -2.40 0.57
CA ASP A 108 41.24 -2.93 1.32
C ASP A 108 42.15 -1.78 1.74
N PHE A 109 41.74 -1.02 2.72
CA PHE A 109 42.58 0.12 3.17
C PHE A 109 43.79 -0.42 3.95
N PHE A 110 43.57 -1.30 4.88
CA PHE A 110 44.72 -1.85 5.66
C PHE A 110 45.54 -2.78 4.77
N THR A 111 46.76 -2.41 4.49
CA THR A 111 47.61 -3.28 3.62
C THR A 111 47.92 -4.59 4.35
N ARG A 112 47.91 -4.56 5.65
CA ARG A 112 48.20 -5.80 6.43
C ARG A 112 47.07 -6.82 6.22
N SER A 113 47.39 -8.08 6.24
CA SER A 113 46.33 -9.12 6.05
C SER A 113 45.46 -9.20 7.30
N SER A 114 45.82 -8.49 8.34
CA SER A 114 45.02 -8.52 9.59
C SER A 114 44.79 -9.97 10.01
N HIS A 115 43.60 -10.47 9.84
CA HIS A 115 43.32 -11.89 10.23
C HIS A 115 41.94 -12.29 9.73
N GLU A 116 41.88 -13.05 8.67
CA GLU A 116 40.55 -13.48 8.13
C GLU A 116 39.99 -14.60 9.02
N PHE A 117 39.35 -14.24 10.10
CA PHE A 117 38.77 -15.29 11.00
C PHE A 117 37.51 -15.86 10.35
N ASP A 118 37.43 -17.16 10.25
CA ASP A 118 36.22 -17.78 9.65
C ASP A 118 36.26 -19.30 9.86
N GLY A 119 35.15 -19.97 9.70
CA GLY A 119 35.13 -21.45 9.90
C GLY A 119 35.85 -22.12 8.74
N ARG A 120 37.15 -22.23 8.82
CA ARG A 120 37.90 -22.88 7.71
C ARG A 120 39.35 -23.12 8.15
N THR A 121 39.62 -24.24 8.77
CA THR A 121 41.02 -24.52 9.22
C THR A 121 41.93 -24.67 8.01
N GLY A 122 43.03 -23.97 7.99
CA GLY A 122 43.96 -24.07 6.84
C GLY A 122 44.60 -25.46 6.82
N LEU A 123 45.91 -25.54 6.76
CA LEU A 123 46.58 -26.87 6.75
C LEU A 123 46.29 -27.59 8.07
N ALA A 124 45.79 -28.79 8.00
CA ALA A 124 45.49 -29.54 9.26
C ALA A 124 46.83 -29.87 9.98
N PRO A 125 46.75 -30.20 11.25
CA PRO A 125 47.96 -30.53 12.02
C PRO A 125 48.69 -31.72 11.38
N GLU A 126 48.03 -32.41 10.49
CA GLU A 126 48.68 -33.58 9.83
C GLU A 126 49.28 -34.51 10.90
N PHE A 127 48.76 -34.47 12.08
CA PHE A 127 49.30 -35.33 13.17
C PHE A 127 50.80 -35.06 13.33
N ALA A 128 51.15 -33.84 13.62
CA ALA A 128 52.59 -33.50 13.80
C ALA A 128 53.10 -34.14 15.10
N ALA A 129 54.21 -33.66 15.60
CA ALA A 129 54.75 -34.24 16.86
C ALA A 129 55.91 -33.37 17.36
N LEU A 130 56.68 -33.87 18.29
CA LEU A 130 57.83 -33.07 18.81
C LEU A 130 58.96 -33.10 17.79
N GLY A 131 59.91 -32.21 17.93
CA GLY A 131 61.06 -32.20 16.97
C GLY A 131 61.88 -33.49 17.12
N GLU A 132 62.54 -33.65 18.23
CA GLU A 132 63.35 -34.88 18.42
C GLU A 132 64.30 -35.07 17.24
N SER A 133 65.49 -34.55 17.34
CA SER A 133 66.46 -34.71 16.21
C SER A 133 66.87 -36.17 16.08
N GLY A 134 66.81 -36.92 17.16
CA GLY A 134 67.19 -38.35 17.10
C GLY A 134 68.69 -38.48 16.86
N SER A 135 69.10 -38.67 15.62
CA SER A 135 70.55 -38.79 15.33
C SER A 135 71.26 -37.50 15.74
N SER A 136 72.52 -37.59 16.08
CA SER A 136 73.27 -36.36 16.48
C SER A 136 74.78 -36.67 16.50
N SER A 137 75.59 -35.66 16.39
CA SER A 137 77.07 -35.89 16.39
C SER A 137 77.49 -36.44 17.76
N SER A 138 77.40 -35.65 18.78
CA SER A 138 77.80 -36.13 20.14
C SER A 138 79.21 -36.72 20.08
N LYS A 139 79.42 -37.86 20.68
CA LYS A 139 80.77 -38.48 20.66
C LYS A 139 80.66 -39.96 21.01
N THR A 140 79.49 -40.40 21.39
CA THR A 140 79.33 -41.84 21.74
C THR A 140 79.57 -42.70 20.50
N SER A 141 80.35 -43.73 20.63
CA SER A 141 80.63 -44.61 19.45
C SER A 141 81.29 -45.90 19.93
N THR A 142 81.29 -46.92 19.10
CA THR A 142 81.92 -48.20 19.51
C THR A 142 81.34 -48.66 20.85
N HIS A 143 80.43 -49.60 20.80
CA HIS A 143 79.81 -50.09 22.07
C HIS A 143 79.18 -51.48 21.83
N SER A 144 79.98 -52.50 21.88
CA SER A 144 79.43 -53.88 21.65
C SER A 144 80.48 -54.92 22.08
N LYS A 145 80.12 -55.80 22.97
CA LYS A 145 81.09 -56.83 23.43
C LYS A 145 81.48 -57.71 22.24
N GLN A 146 82.33 -57.21 21.38
CA GLN A 146 82.75 -58.03 20.21
C GLN A 146 83.28 -59.38 20.67
N PHE A 147 83.48 -59.54 21.96
CA PHE A 147 83.99 -60.84 22.47
C PHE A 147 82.92 -61.92 22.29
N VAL A 148 81.68 -61.56 22.41
CA VAL A 148 80.59 -62.57 22.24
C VAL A 148 80.86 -63.76 23.15
N SER A 149 80.28 -63.77 24.32
CA SER A 149 80.51 -64.92 25.25
C SER A 149 79.86 -66.19 24.67
N SER A 150 78.57 -66.18 24.50
CA SER A 150 77.89 -67.38 23.93
C SER A 150 78.47 -67.70 22.56
N SER A 151 79.11 -68.83 22.43
CA SER A 151 79.71 -69.20 21.11
C SER A 151 80.16 -70.66 21.15
N THR A 152 81.01 -71.00 22.08
CA THR A 152 81.51 -72.40 22.17
C THR A 152 82.34 -72.57 23.43
N THR A 153 82.76 -73.77 23.73
CA THR A 153 83.58 -74.01 24.95
C THR A 153 84.78 -73.06 24.94
N VAL A 154 84.94 -72.27 25.97
CA VAL A 154 86.10 -71.33 26.02
C VAL A 154 87.39 -72.11 26.23
N ASN A 155 88.47 -71.67 25.66
CA ASN A 155 89.77 -72.39 25.83
C ASN A 155 89.57 -73.88 25.52
N ARG A 156 90.61 -74.66 25.63
CA ARG A 156 90.48 -76.11 25.34
C ARG A 156 89.79 -76.81 26.52
N GLY A 157 89.68 -76.14 27.64
CA GLY A 157 89.02 -76.76 28.82
C GLY A 157 89.89 -77.90 29.35
N GLY A 158 91.17 -77.86 29.08
CA GLY A 158 92.07 -78.94 29.57
C GLY A 158 91.73 -80.24 28.86
N SER A 159 91.94 -81.35 29.51
CA SER A 159 91.62 -82.66 28.88
C SER A 159 91.75 -83.77 29.91
N ALA A 160 91.63 -83.44 31.17
CA ALA A 160 91.74 -84.49 32.23
C ALA A 160 90.49 -85.37 32.21
N ILE A 161 89.34 -84.78 32.30
CA ILE A 161 88.09 -85.58 32.29
C ILE A 161 87.81 -86.09 30.88
N GLU A 162 87.79 -87.38 30.71
CA GLU A 162 87.55 -87.94 29.34
C GLU A 162 87.21 -89.44 29.46
N SER A 163 86.02 -89.82 29.11
CA SER A 163 85.63 -91.26 29.21
C SER A 163 84.35 -91.51 28.41
N LYS A 164 83.49 -90.53 28.35
CA LYS A 164 82.22 -90.70 27.59
C LYS A 164 81.53 -91.99 28.04
N HIS A 165 81.79 -93.08 27.38
CA HIS A 165 81.15 -94.37 27.78
C HIS A 165 81.81 -95.52 27.03
N PHE A 166 83.03 -95.83 27.34
CA PHE A 166 83.74 -96.95 26.65
C PHE A 166 83.02 -98.26 26.96
N MET A 1 -73.71 45.17 19.56
CA MET A 1 -72.40 45.80 19.86
C MET A 1 -72.46 47.30 19.53
N GLY A 2 -73.23 47.66 18.53
CA GLY A 2 -73.34 49.10 18.16
C GLY A 2 -73.98 49.22 16.77
N THR A 3 -74.40 50.40 16.40
CA THR A 3 -75.02 50.57 15.06
C THR A 3 -73.97 50.32 13.97
N PHE A 4 -74.38 49.78 12.85
CA PHE A 4 -73.40 49.51 11.76
C PHE A 4 -74.17 49.19 10.48
N ARG A 5 -74.80 50.17 9.88
CA ARG A 5 -75.55 49.92 8.62
C ARG A 5 -75.54 51.18 7.76
N GLU A 6 -75.46 51.02 6.46
CA GLU A 6 -75.43 52.22 5.57
C GLU A 6 -75.56 51.77 4.11
N GLU A 7 -75.10 50.58 3.81
CA GLU A 7 -75.20 50.08 2.41
C GLU A 7 -74.81 48.60 2.37
N GLY A 8 -75.74 47.72 2.64
CA GLY A 8 -75.42 46.26 2.62
C GLY A 8 -76.37 45.52 3.57
N SER A 9 -77.63 45.79 3.48
CA SER A 9 -78.60 45.09 4.38
C SER A 9 -78.44 43.58 4.24
N VAL A 10 -79.35 42.95 3.55
CA VAL A 10 -79.25 41.47 3.37
C VAL A 10 -78.15 41.16 2.35
N SER A 11 -78.42 41.35 1.10
CA SER A 11 -77.38 41.05 0.06
C SER A 11 -76.33 42.16 0.07
N SER A 12 -75.08 41.80 0.21
CA SER A 12 -73.99 42.83 0.23
C SER A 12 -74.00 43.58 -1.10
N GLY A 13 -72.90 44.20 -1.44
CA GLY A 13 -72.84 44.97 -2.72
C GLY A 13 -73.12 44.02 -3.89
N THR A 14 -72.83 44.44 -5.09
CA THR A 14 -73.07 43.57 -6.27
C THR A 14 -72.22 42.30 -6.14
N LYS A 15 -72.82 41.16 -6.36
CA LYS A 15 -72.05 39.89 -6.26
C LYS A 15 -70.87 39.91 -7.24
N GLN A 16 -71.15 39.81 -8.50
CA GLN A 16 -70.06 39.83 -9.52
C GLN A 16 -69.38 41.20 -9.51
N GLU A 17 -68.16 41.28 -9.06
CA GLU A 17 -67.45 42.58 -9.03
C GLU A 17 -67.36 43.14 -10.45
N PHE A 18 -67.05 42.31 -11.41
CA PHE A 18 -66.95 42.79 -12.81
C PHE A 18 -68.33 43.22 -13.32
N HIS A 19 -68.53 43.22 -14.60
CA HIS A 19 -69.85 43.63 -15.16
C HIS A 19 -69.86 43.42 -16.67
N THR A 20 -68.86 42.75 -17.20
CA THR A 20 -68.82 42.53 -18.67
C THR A 20 -67.76 41.46 -18.97
N GLY A 21 -66.52 41.74 -18.72
CA GLY A 21 -65.45 40.75 -18.99
C GLY A 21 -64.08 41.43 -18.95
N LYS A 22 -63.08 40.82 -19.52
CA LYS A 22 -61.73 41.44 -19.51
C LYS A 22 -60.82 40.70 -20.51
N LEU A 23 -60.12 41.44 -21.33
CA LEU A 23 -59.22 40.79 -22.32
C LEU A 23 -60.00 39.71 -23.08
N VAL A 24 -60.83 40.10 -24.00
CA VAL A 24 -61.62 39.09 -24.77
C VAL A 24 -60.66 38.11 -25.44
N THR A 25 -59.65 38.60 -26.09
CA THR A 25 -58.68 37.69 -26.76
C THR A 25 -57.77 37.05 -25.72
N THR A 26 -57.88 35.77 -25.51
CA THR A 26 -57.02 35.10 -24.50
C THR A 26 -57.12 33.59 -24.67
N LYS A 27 -56.01 32.89 -24.61
CA LYS A 27 -56.05 31.41 -24.77
C LYS A 27 -56.47 30.77 -23.43
N GLY A 28 -55.53 30.49 -22.58
CA GLY A 28 -55.87 29.86 -21.27
C GLY A 28 -54.58 29.44 -20.55
N ASP A 29 -53.82 30.40 -20.10
CA ASP A 29 -52.55 30.04 -19.39
C ASP A 29 -51.97 31.30 -18.73
N LYS A 30 -52.51 31.68 -17.61
CA LYS A 30 -51.98 32.90 -16.92
C LYS A 30 -50.65 32.58 -16.23
N GLU A 31 -49.56 32.88 -16.88
CA GLU A 31 -48.23 32.60 -16.28
C GLU A 31 -48.00 33.52 -15.09
N LEU A 32 -48.96 33.62 -14.21
CA LEU A 32 -48.80 34.51 -13.02
C LEU A 32 -47.67 33.96 -12.13
N LEU A 33 -47.55 32.67 -12.04
CA LEU A 33 -46.47 32.07 -11.21
C LEU A 33 -45.11 32.40 -11.83
N ILE A 34 -45.08 33.19 -12.86
CA ILE A 34 -43.79 33.53 -13.51
C ILE A 34 -43.01 32.25 -13.81
N ASP A 35 -43.08 31.77 -15.03
CA ASP A 35 -42.35 30.53 -15.39
C ASP A 35 -40.84 30.76 -15.23
N ASN A 36 -40.09 30.54 -16.27
CA ASN A 36 -38.62 30.75 -16.17
C ASN A 36 -38.07 29.96 -14.98
N GLU A 37 -38.57 28.78 -14.75
CA GLU A 37 -38.09 27.97 -13.61
C GLU A 37 -36.64 27.52 -13.89
N LYS A 38 -35.72 27.96 -13.09
CA LYS A 38 -34.30 27.55 -13.31
C LYS A 38 -34.14 26.07 -13.01
N VAL A 39 -33.01 25.67 -12.49
CA VAL A 39 -32.79 24.24 -12.17
C VAL A 39 -33.89 23.75 -11.23
N THR A 40 -34.27 22.50 -11.34
CA THR A 40 -35.34 21.97 -10.45
C THR A 40 -35.35 20.43 -10.51
N SER A 41 -35.42 19.89 -11.69
CA SER A 41 -35.42 18.40 -11.82
C SER A 41 -34.12 17.84 -11.26
N GLY A 42 -33.01 18.23 -11.83
CA GLY A 42 -31.70 17.72 -11.33
C GLY A 42 -30.56 18.37 -12.11
N HIS A 43 -29.73 19.13 -11.45
CA HIS A 43 -28.60 19.79 -12.17
C HIS A 43 -27.69 18.72 -12.79
N THR A 44 -27.82 18.49 -14.06
CA THR A 44 -26.97 17.46 -14.71
C THR A 44 -27.05 17.62 -16.23
N THR A 45 -26.04 17.21 -16.95
CA THR A 45 -26.06 17.34 -18.43
C THR A 45 -24.86 16.62 -19.03
N THR A 46 -25.04 15.93 -20.12
CA THR A 46 -23.91 15.21 -20.75
C THR A 46 -22.89 16.22 -21.29
N THR A 47 -21.66 16.11 -20.87
CA THR A 47 -20.61 17.06 -21.34
C THR A 47 -19.24 16.36 -21.28
N ARG A 48 -18.24 17.04 -20.81
CA ARG A 48 -16.88 16.42 -20.71
C ARG A 48 -16.15 16.99 -19.49
N ARG A 49 -15.40 16.18 -18.80
CA ARG A 49 -14.67 16.68 -17.59
C ARG A 49 -13.21 16.96 -17.96
N SER A 50 -12.76 18.16 -17.76
CA SER A 50 -11.34 18.50 -18.11
C SER A 50 -10.39 17.99 -17.03
N CYS A 51 -10.79 18.05 -15.79
CA CYS A 51 -9.90 17.57 -14.69
C CYS A 51 -9.51 16.11 -14.95
N SER A 52 -10.04 15.52 -15.98
CA SER A 52 -9.71 14.10 -16.29
C SER A 52 -10.20 13.79 -17.71
N LYS A 53 -10.09 12.56 -18.16
CA LYS A 53 -10.57 12.22 -19.54
C LYS A 53 -11.90 11.49 -19.40
N VAL A 54 -12.99 12.17 -19.63
CA VAL A 54 -14.34 11.52 -19.51
C VAL A 54 -15.15 11.76 -20.79
N ILE A 55 -15.45 10.70 -21.49
CA ILE A 55 -16.25 10.80 -22.75
C ILE A 55 -17.55 10.01 -22.56
N THR A 56 -18.68 10.67 -22.54
CA THR A 56 -19.97 9.95 -22.35
C THR A 56 -20.97 10.39 -23.41
N LYS A 57 -21.33 9.49 -24.30
CA LYS A 57 -22.34 9.82 -25.38
C LYS A 57 -23.50 8.82 -25.29
N THR A 58 -24.67 9.30 -24.96
CA THR A 58 -25.86 8.39 -24.85
C THR A 58 -26.94 8.84 -25.84
N VAL A 59 -27.38 7.95 -26.70
CA VAL A 59 -28.45 8.30 -27.70
C VAL A 59 -29.52 7.22 -27.66
N THR A 60 -30.77 7.60 -27.44
CA THR A 60 -31.88 6.60 -27.39
C THR A 60 -32.78 6.73 -28.62
N ASN A 61 -32.94 5.66 -29.36
CA ASN A 61 -33.82 5.69 -30.59
C ASN A 61 -35.10 4.83 -30.33
N ALA A 62 -36.26 5.20 -30.85
CA ALA A 62 -37.51 4.43 -30.55
C ALA A 62 -37.46 2.99 -31.07
N ASP A 63 -36.82 2.73 -32.18
CA ASP A 63 -36.79 1.34 -32.71
C ASP A 63 -36.00 0.43 -31.77
N GLY A 64 -35.59 0.96 -30.65
CA GLY A 64 -34.83 0.13 -29.66
C GLY A 64 -33.32 0.23 -29.93
N ARG A 65 -32.90 1.06 -30.85
CA ARG A 65 -31.44 1.19 -31.12
C ARG A 65 -30.89 2.30 -30.21
N THR A 66 -30.08 1.95 -29.24
CA THR A 66 -29.54 2.98 -28.31
C THR A 66 -28.07 2.71 -28.04
N GLU A 67 -27.20 3.62 -28.42
CA GLU A 67 -25.73 3.40 -28.21
C GLU A 67 -25.31 4.06 -26.89
N THR A 68 -24.80 3.29 -25.97
CA THR A 68 -24.37 3.85 -24.66
C THR A 68 -22.85 3.94 -24.64
N THR A 69 -22.32 5.14 -24.69
CA THR A 69 -20.84 5.34 -24.65
C THR A 69 -20.51 6.01 -23.33
N LYS A 70 -21.34 5.80 -22.34
CA LYS A 70 -21.11 6.40 -20.99
C LYS A 70 -19.83 5.80 -20.41
N GLU A 71 -18.70 6.06 -21.02
CA GLU A 71 -17.42 5.48 -20.51
C GLU A 71 -16.63 6.54 -19.74
N VAL A 72 -15.76 6.11 -18.86
CA VAL A 72 -14.93 7.06 -18.06
C VAL A 72 -13.46 6.66 -18.22
N VAL A 73 -12.58 7.61 -18.42
CA VAL A 73 -11.12 7.26 -18.58
C VAL A 73 -10.28 8.12 -17.65
N LYS A 74 -9.61 7.46 -16.74
CA LYS A 74 -8.72 8.16 -15.75
C LYS A 74 -8.48 7.19 -14.59
N SER A 75 -9.50 6.90 -13.83
CA SER A 75 -9.34 5.97 -12.68
C SER A 75 -10.72 5.45 -12.26
N GLU A 76 -10.97 5.37 -10.99
CA GLU A 76 -12.29 4.86 -10.52
C GLU A 76 -13.38 5.85 -10.92
N ASP A 77 -13.20 7.10 -10.62
CA ASP A 77 -14.21 8.12 -10.99
C ASP A 77 -13.61 9.52 -10.84
N GLY A 78 -12.43 9.72 -11.37
CA GLY A 78 -11.78 11.06 -11.26
C GLY A 78 -10.93 11.11 -9.99
N SER A 79 -9.72 10.60 -10.04
CA SER A 79 -8.85 10.62 -8.84
C SER A 79 -8.61 12.07 -8.41
N ASP A 80 -9.16 13.01 -9.12
CA ASP A 80 -8.95 14.44 -8.77
C ASP A 80 -10.16 15.25 -9.23
N CYS A 81 -11.35 14.78 -8.98
CA CYS A 81 -12.57 15.53 -9.40
C CYS A 81 -13.71 15.22 -8.44
N GLY A 82 -14.08 13.96 -8.32
CA GLY A 82 -15.19 13.59 -7.39
C GLY A 82 -14.89 12.21 -6.77
N ASP A 83 -13.67 11.99 -6.37
CA ASP A 83 -13.33 10.67 -5.76
C ASP A 83 -11.91 10.73 -5.18
N ALA A 84 -11.37 9.61 -4.77
CA ALA A 84 -10.01 9.61 -4.21
C ALA A 84 -9.43 8.19 -4.27
N ASP A 85 -8.15 8.07 -4.45
CA ASP A 85 -7.53 6.71 -4.53
C ASP A 85 -6.00 6.84 -4.42
N PHE A 86 -5.38 5.97 -3.68
CA PHE A 86 -3.89 6.05 -3.55
C PHE A 86 -3.25 5.88 -4.93
N ASP A 87 -2.98 6.96 -5.60
CA ASP A 87 -2.36 6.87 -6.95
C ASP A 87 -0.92 6.36 -6.82
N TRP A 88 -0.20 6.83 -5.83
CA TRP A 88 1.21 6.38 -5.64
C TRP A 88 1.21 5.09 -4.82
N HIS A 89 0.52 4.09 -5.27
CA HIS A 89 0.49 2.81 -4.51
C HIS A 89 1.86 2.13 -4.58
N HIS A 90 2.15 1.27 -3.66
CA HIS A 90 3.47 0.57 -3.68
C HIS A 90 3.45 -0.59 -2.68
N THR A 91 3.98 -1.72 -3.07
CA THR A 91 3.99 -2.89 -2.15
C THR A 91 5.06 -2.70 -1.07
N PHE A 92 5.44 -3.74 -0.39
CA PHE A 92 6.48 -3.61 0.66
C PHE A 92 6.94 -5.01 1.11
N PRO A 93 7.61 -5.72 0.22
CA PRO A 93 8.09 -7.09 0.53
C PRO A 93 9.07 -7.03 1.71
N SER A 94 8.90 -7.87 2.69
CA SER A 94 9.82 -7.87 3.86
C SER A 94 10.94 -8.89 3.63
N ARG A 95 12.17 -8.49 3.81
CA ARG A 95 13.30 -9.45 3.60
C ARG A 95 13.26 -10.53 4.69
N GLY A 96 13.37 -10.14 5.92
CA GLY A 96 13.35 -11.14 7.03
C GLY A 96 14.68 -11.90 7.05
N ASN A 97 14.68 -13.11 7.56
CA ASN A 97 15.95 -13.90 7.61
C ASN A 97 15.64 -15.32 8.07
N LEU A 98 16.59 -16.22 7.91
CA LEU A 98 16.36 -17.63 8.34
C LEU A 98 17.71 -18.28 8.64
N ASP A 99 17.69 -19.44 9.26
CA ASP A 99 18.97 -20.12 9.60
C ASP A 99 18.68 -21.55 10.04
N ASP A 100 17.63 -22.14 9.53
CA ASP A 100 17.30 -23.54 9.92
C ASP A 100 18.26 -24.50 9.22
N PHE A 101 19.47 -24.09 8.97
CA PHE A 101 20.46 -24.97 8.29
C PHE A 101 20.87 -26.10 9.24
N PHE A 102 20.91 -25.82 10.51
CA PHE A 102 21.31 -26.87 11.49
C PHE A 102 20.31 -28.02 11.43
N HIS A 103 19.05 -27.72 11.23
CA HIS A 103 18.03 -28.80 11.17
C HIS A 103 18.36 -29.75 10.01
N ARG A 104 18.64 -29.21 8.86
CA ARG A 104 18.97 -30.08 7.69
C ARG A 104 20.46 -30.40 7.70
N ASP A 105 20.81 -31.63 7.97
CA ASP A 105 22.25 -32.00 7.99
C ASP A 105 22.76 -32.17 6.56
N LYS A 106 21.92 -31.93 5.59
CA LYS A 106 22.36 -32.08 4.17
C LYS A 106 23.01 -33.44 3.97
N ASP A 107 22.23 -34.49 4.00
CA ASP A 107 22.78 -35.87 3.81
C ASP A 107 24.09 -36.02 4.59
N ASP A 108 24.91 -36.97 4.22
CA ASP A 108 26.20 -37.16 4.93
C ASP A 108 27.09 -38.12 4.13
N PHE A 109 26.50 -39.04 3.43
CA PHE A 109 27.31 -40.01 2.63
C PHE A 109 28.01 -39.25 1.49
N PHE A 110 27.52 -38.09 1.16
CA PHE A 110 28.17 -37.32 0.05
C PHE A 110 29.53 -36.80 0.52
N THR A 111 30.36 -37.67 1.03
CA THR A 111 31.71 -37.22 1.49
C THR A 111 32.61 -38.45 1.69
N ARG A 112 33.19 -38.95 0.62
CA ARG A 112 34.07 -40.14 0.75
C ARG A 112 35.29 -39.78 1.60
N SER A 113 35.61 -40.58 2.57
CA SER A 113 36.78 -40.29 3.44
C SER A 113 38.07 -40.49 2.64
N SER A 114 38.34 -41.69 2.23
CA SER A 114 39.58 -41.94 1.43
C SER A 114 39.52 -41.16 0.12
N HIS A 115 40.65 -40.70 -0.36
CA HIS A 115 40.65 -39.93 -1.63
C HIS A 115 40.26 -40.85 -2.80
N GLU A 116 40.11 -40.31 -3.97
CA GLU A 116 39.74 -41.15 -5.14
C GLU A 116 40.88 -42.11 -5.47
N PHE A 117 41.94 -41.60 -6.04
CA PHE A 117 43.10 -42.47 -6.39
C PHE A 117 43.77 -42.97 -5.10
N ASP A 118 43.16 -43.90 -4.43
CA ASP A 118 43.77 -44.43 -3.17
C ASP A 118 44.97 -45.32 -3.51
N GLY A 119 45.03 -45.82 -4.71
CA GLY A 119 46.17 -46.69 -5.10
C GLY A 119 46.09 -48.02 -4.35
N ARG A 120 45.50 -49.02 -4.96
CA ARG A 120 45.38 -50.34 -4.27
C ARG A 120 46.77 -50.95 -4.11
N THR A 121 47.21 -51.18 -2.90
CA THR A 121 48.55 -51.77 -2.68
C THR A 121 48.55 -53.22 -3.18
N GLY A 122 49.46 -54.02 -2.69
CA GLY A 122 49.52 -55.44 -3.14
C GLY A 122 50.60 -56.19 -2.35
N LEU A 123 51.75 -55.60 -2.21
CA LEU A 123 52.83 -56.27 -1.45
C LEU A 123 52.55 -56.18 0.05
N ALA A 124 52.60 -57.28 0.75
CA ALA A 124 52.33 -57.24 2.22
C ALA A 124 53.49 -56.52 2.92
N PRO A 125 53.27 -56.07 4.14
CA PRO A 125 54.32 -55.37 4.91
C PRO A 125 55.56 -56.26 5.02
N GLU A 126 56.64 -55.84 4.42
CA GLU A 126 57.88 -56.66 4.48
C GLU A 126 58.40 -56.69 5.92
N PHE A 127 59.04 -57.75 6.32
CA PHE A 127 59.57 -57.83 7.71
C PHE A 127 60.91 -57.10 7.79
N ALA A 128 61.26 -56.37 6.77
CA ALA A 128 62.55 -55.62 6.78
C ALA A 128 62.41 -54.38 7.68
N ALA A 129 61.68 -53.40 7.22
CA ALA A 129 61.50 -52.16 8.04
C ALA A 129 60.69 -52.49 9.30
N LEU A 130 60.22 -51.49 9.99
CA LEU A 130 59.41 -51.75 11.22
C LEU A 130 60.21 -52.64 12.16
N GLY A 131 59.63 -53.02 13.28
CA GLY A 131 60.35 -53.88 14.24
C GLY A 131 59.55 -53.98 15.54
N GLU A 132 58.66 -54.93 15.63
CA GLU A 132 57.85 -55.08 16.87
C GLU A 132 57.10 -56.41 16.83
N SER A 133 56.05 -56.49 16.04
CA SER A 133 55.28 -57.76 15.95
C SER A 133 56.09 -58.80 15.19
N GLY A 134 56.08 -60.03 15.63
CA GLY A 134 56.84 -61.09 14.92
C GLY A 134 56.71 -62.41 15.69
N SER A 135 56.54 -63.50 14.98
CA SER A 135 56.41 -64.81 15.66
C SER A 135 56.46 -65.93 14.62
N SER A 136 57.22 -65.75 13.58
CA SER A 136 57.32 -66.81 12.53
C SER A 136 58.08 -68.00 13.09
N SER A 137 57.65 -68.53 14.19
CA SER A 137 58.34 -69.71 14.79
C SER A 137 58.12 -70.94 13.91
N SER A 138 58.46 -70.84 12.65
CA SER A 138 58.26 -72.00 11.74
C SER A 138 59.21 -73.14 12.14
N LYS A 139 58.67 -74.24 12.59
CA LYS A 139 59.53 -75.38 13.01
C LYS A 139 60.19 -76.00 11.77
N THR A 140 60.93 -75.22 11.02
CA THR A 140 61.58 -75.78 9.81
C THR A 140 62.56 -76.88 10.21
N SER A 141 62.91 -77.75 9.30
CA SER A 141 63.86 -78.84 9.63
C SER A 141 65.28 -78.27 9.73
N THR A 142 65.63 -77.36 8.87
CA THR A 142 67.00 -76.77 8.92
C THR A 142 67.03 -75.50 8.07
N HIS A 143 67.11 -75.64 6.78
CA HIS A 143 67.15 -74.45 5.89
C HIS A 143 66.71 -74.84 4.48
N SER A 144 66.12 -73.92 3.76
CA SER A 144 65.65 -74.25 2.38
C SER A 144 66.86 -74.40 1.46
N LYS A 145 67.52 -75.53 1.51
CA LYS A 145 68.71 -75.73 0.64
C LYS A 145 68.27 -75.80 -0.82
N GLN A 146 68.08 -74.67 -1.45
CA GLN A 146 67.64 -74.66 -2.87
C GLN A 146 67.77 -73.25 -3.44
N PHE A 147 67.00 -72.33 -2.94
CA PHE A 147 67.09 -70.93 -3.45
C PHE A 147 68.38 -70.28 -2.96
N VAL A 148 69.30 -71.07 -2.46
CA VAL A 148 70.59 -70.50 -1.96
C VAL A 148 71.71 -71.52 -2.18
N SER A 149 71.76 -72.54 -1.36
CA SER A 149 72.82 -73.58 -1.53
C SER A 149 72.47 -74.49 -2.71
N SER A 150 73.29 -75.47 -2.98
CA SER A 150 73.00 -76.39 -4.11
C SER A 150 72.73 -75.58 -5.37
N SER A 151 73.11 -74.33 -5.38
CA SER A 151 72.88 -73.49 -6.59
C SER A 151 73.81 -73.93 -7.72
N THR A 152 74.88 -73.22 -7.93
CA THR A 152 75.83 -73.61 -9.02
C THR A 152 76.70 -74.76 -8.55
N THR A 153 76.45 -75.94 -9.04
CA THR A 153 77.27 -77.13 -8.62
C THR A 153 77.44 -78.07 -9.81
N VAL A 154 76.69 -77.87 -10.85
CA VAL A 154 76.81 -78.75 -12.05
C VAL A 154 76.72 -80.21 -11.61
N ASN A 155 75.53 -80.71 -11.40
CA ASN A 155 75.38 -82.13 -10.96
C ASN A 155 76.29 -82.40 -9.77
N ARG A 156 76.81 -83.59 -9.66
CA ARG A 156 77.71 -83.92 -8.52
C ARG A 156 78.45 -85.22 -8.81
N GLY A 157 79.64 -85.36 -8.30
CA GLY A 157 80.40 -86.62 -8.54
C GLY A 157 80.92 -86.63 -9.97
N GLY A 158 81.68 -87.64 -10.33
CA GLY A 158 82.21 -87.71 -11.73
C GLY A 158 81.06 -87.99 -12.70
N SER A 159 80.98 -89.18 -13.21
CA SER A 159 79.88 -89.51 -14.17
C SER A 159 79.85 -91.02 -14.41
N ALA A 160 80.73 -91.74 -13.77
CA ALA A 160 80.75 -93.23 -13.95
C ALA A 160 81.46 -93.88 -12.78
N ILE A 161 80.80 -94.02 -11.66
CA ILE A 161 81.44 -94.65 -10.47
C ILE A 161 81.58 -96.15 -10.70
N GLU A 162 80.58 -96.76 -11.28
CA GLU A 162 80.65 -98.23 -11.53
C GLU A 162 81.70 -98.51 -12.62
N SER A 163 82.83 -97.88 -12.54
CA SER A 163 83.89 -98.10 -13.56
C SER A 163 84.50 -99.51 -13.37
N LYS A 164 83.72 -100.52 -13.56
CA LYS A 164 84.25 -101.91 -13.38
C LYS A 164 84.89 -102.04 -12.00
N HIS A 165 85.35 -103.21 -11.65
CA HIS A 165 86.00 -103.39 -10.33
C HIS A 165 87.28 -102.56 -10.26
N PHE A 166 88.20 -102.81 -11.14
CA PHE A 166 89.48 -102.03 -11.13
C PHE A 166 89.17 -100.54 -11.26
N MET A 1 -65.83 77.58 -36.89
CA MET A 1 -67.13 78.09 -37.40
C MET A 1 -66.88 79.25 -38.36
N GLY A 2 -65.65 79.61 -38.56
CA GLY A 2 -65.34 80.73 -39.49
C GLY A 2 -63.83 80.98 -39.51
N THR A 3 -63.05 80.05 -39.03
CA THR A 3 -61.57 80.23 -39.02
C THR A 3 -60.89 78.89 -38.77
N PHE A 4 -60.45 78.23 -39.80
CA PHE A 4 -59.77 76.91 -39.62
C PHE A 4 -58.42 77.13 -38.94
N ARG A 5 -58.32 76.85 -37.67
CA ARG A 5 -57.02 77.03 -36.96
C ARG A 5 -56.14 75.80 -37.17
N GLU A 6 -56.56 74.89 -38.01
CA GLU A 6 -55.75 73.67 -38.25
C GLU A 6 -54.39 74.07 -38.82
N GLU A 7 -53.35 73.38 -38.43
CA GLU A 7 -52.00 73.71 -38.94
C GLU A 7 -51.88 73.29 -40.41
N GLY A 8 -51.21 74.07 -41.21
CA GLY A 8 -51.07 73.71 -42.66
C GLY A 8 -50.22 72.45 -42.78
N SER A 9 -50.55 71.58 -43.70
CA SER A 9 -49.75 70.33 -43.86
C SER A 9 -49.59 69.65 -42.50
N VAL A 10 -50.59 68.91 -42.08
CA VAL A 10 -50.49 68.22 -40.77
C VAL A 10 -49.50 67.07 -40.86
N SER A 11 -48.48 67.08 -40.04
CA SER A 11 -47.47 65.98 -40.09
C SER A 11 -46.68 65.97 -38.77
N SER A 12 -46.62 64.83 -38.12
CA SER A 12 -45.86 64.76 -36.84
C SER A 12 -46.38 65.83 -35.88
N GLY A 13 -45.69 66.06 -34.80
CA GLY A 13 -46.14 67.08 -33.82
C GLY A 13 -45.20 67.09 -32.61
N THR A 14 -45.22 66.04 -31.83
CA THR A 14 -44.33 65.99 -30.64
C THR A 14 -44.37 64.57 -30.05
N LYS A 15 -44.41 63.57 -30.89
CA LYS A 15 -44.43 62.17 -30.38
C LYS A 15 -43.00 61.71 -30.08
N GLN A 16 -42.03 62.30 -30.72
CA GLN A 16 -40.62 61.89 -30.47
C GLN A 16 -40.22 62.27 -29.04
N GLU A 17 -41.15 62.74 -28.26
CA GLU A 17 -40.82 63.11 -26.85
C GLU A 17 -40.38 61.87 -26.09
N PHE A 18 -41.04 60.76 -26.27
CA PHE A 18 -40.64 59.52 -25.56
C PHE A 18 -39.27 59.05 -26.08
N HIS A 19 -38.22 59.63 -25.60
CA HIS A 19 -36.86 59.23 -26.07
C HIS A 19 -36.47 57.90 -25.40
N THR A 20 -35.23 57.51 -25.51
CA THR A 20 -34.80 56.23 -24.88
C THR A 20 -34.76 56.40 -23.36
N GLY A 21 -35.72 55.84 -22.68
CA GLY A 21 -35.75 55.96 -21.19
C GLY A 21 -34.83 54.90 -20.57
N LYS A 22 -34.44 53.92 -21.34
CA LYS A 22 -33.55 52.85 -20.79
C LYS A 22 -32.41 53.48 -19.99
N LEU A 23 -32.02 52.87 -18.92
CA LEU A 23 -30.91 53.44 -18.10
C LEU A 23 -29.58 53.06 -18.72
N VAL A 24 -29.23 53.66 -19.83
CA VAL A 24 -27.93 53.33 -20.49
C VAL A 24 -26.78 53.94 -19.70
N THR A 25 -25.69 53.23 -19.58
CA THR A 25 -24.53 53.77 -18.81
C THR A 25 -23.22 53.21 -19.40
N THR A 26 -22.67 53.88 -20.37
CA THR A 26 -21.41 53.38 -20.99
C THR A 26 -20.22 53.71 -20.07
N LYS A 27 -19.21 52.89 -20.08
CA LYS A 27 -18.01 53.16 -19.21
C LYS A 27 -16.76 52.59 -19.88
N GLY A 28 -15.61 52.98 -19.41
CA GLY A 28 -14.35 52.48 -20.03
C GLY A 28 -13.16 53.31 -19.53
N ASP A 29 -12.35 52.75 -18.68
CA ASP A 29 -11.19 53.51 -18.16
C ASP A 29 -10.07 53.50 -19.20
N LYS A 30 -9.60 54.65 -19.60
CA LYS A 30 -8.50 54.70 -20.63
C LYS A 30 -7.15 54.71 -19.92
N GLU A 31 -6.15 54.15 -20.55
CA GLU A 31 -4.79 54.13 -19.93
C GLU A 31 -4.88 53.53 -18.52
N LEU A 32 -4.81 52.23 -18.40
CA LEU A 32 -4.88 51.59 -17.05
C LEU A 32 -3.49 51.60 -16.43
N LEU A 33 -2.47 51.79 -17.22
CA LEU A 33 -1.08 51.81 -16.66
C LEU A 33 -0.87 50.57 -15.79
N ILE A 34 -1.77 49.62 -15.84
CA ILE A 34 -1.62 48.38 -15.01
C ILE A 34 -1.96 47.17 -15.88
N ASP A 35 -1.00 46.30 -16.10
CA ASP A 35 -1.27 45.10 -16.93
C ASP A 35 -2.10 44.09 -16.14
N ASN A 36 -3.37 44.36 -15.98
CA ASN A 36 -4.24 43.41 -15.22
C ASN A 36 -4.46 42.15 -16.06
N GLU A 37 -5.22 41.22 -15.53
CA GLU A 37 -5.48 39.97 -16.29
C GLU A 37 -6.23 40.30 -17.59
N LYS A 38 -5.54 40.84 -18.56
CA LYS A 38 -6.22 41.19 -19.85
C LYS A 38 -6.61 39.90 -20.59
N VAL A 39 -5.87 38.84 -20.39
CA VAL A 39 -6.20 37.57 -21.08
C VAL A 39 -7.61 37.12 -20.66
N THR A 40 -8.45 36.82 -21.62
CA THR A 40 -9.84 36.38 -21.28
C THR A 40 -10.50 35.80 -22.54
N SER A 41 -10.84 34.54 -22.50
CA SER A 41 -11.49 33.93 -23.69
C SER A 41 -12.11 32.58 -23.30
N GLY A 42 -11.76 32.08 -22.14
CA GLY A 42 -12.32 30.77 -21.70
C GLY A 42 -11.88 29.67 -22.67
N HIS A 43 -12.79 28.83 -23.08
CA HIS A 43 -12.42 27.73 -24.01
C HIS A 43 -13.70 27.03 -24.49
N THR A 44 -14.67 26.91 -23.63
CA THR A 44 -15.94 26.23 -24.02
C THR A 44 -15.61 24.88 -24.65
N THR A 45 -16.35 24.48 -25.65
CA THR A 45 -16.08 23.18 -26.31
C THR A 45 -15.96 22.08 -25.25
N THR A 46 -17.02 21.38 -24.98
CA THR A 46 -16.97 20.30 -23.95
C THR A 46 -16.02 19.19 -24.42
N THR A 47 -14.75 19.46 -24.49
CA THR A 47 -13.78 18.43 -24.95
C THR A 47 -13.71 17.32 -23.89
N ARG A 48 -13.35 17.67 -22.67
CA ARG A 48 -13.25 16.64 -21.60
C ARG A 48 -13.68 17.27 -20.27
N ARG A 49 -14.37 16.53 -19.44
CA ARG A 49 -14.82 17.09 -18.13
C ARG A 49 -13.84 16.70 -17.02
N SER A 50 -13.56 17.59 -16.11
CA SER A 50 -12.63 17.29 -14.99
C SER A 50 -11.29 16.77 -15.54
N CYS A 51 -10.31 16.61 -14.69
CA CYS A 51 -8.99 16.12 -15.16
C CYS A 51 -9.17 14.74 -15.80
N SER A 52 -9.62 13.78 -15.03
CA SER A 52 -9.83 12.41 -15.60
C SER A 52 -10.63 12.55 -16.90
N LYS A 53 -10.37 11.70 -17.87
CA LYS A 53 -11.12 11.80 -19.15
C LYS A 53 -12.45 11.06 -19.03
N VAL A 54 -13.53 11.79 -18.84
CA VAL A 54 -14.88 11.17 -18.72
C VAL A 54 -15.82 11.81 -19.74
N ILE A 55 -16.30 11.01 -20.67
CA ILE A 55 -17.25 11.53 -21.71
C ILE A 55 -18.50 10.64 -21.74
N THR A 56 -19.65 11.22 -21.87
CA THR A 56 -20.92 10.41 -21.91
C THR A 56 -21.74 10.81 -23.13
N LYS A 57 -21.88 9.90 -24.06
CA LYS A 57 -22.71 10.17 -25.30
C LYS A 57 -23.77 9.09 -25.43
N THR A 58 -25.04 9.45 -25.35
CA THR A 58 -26.14 8.45 -25.47
C THR A 58 -26.99 8.75 -26.70
N VAL A 59 -27.42 7.72 -27.41
CA VAL A 59 -28.29 7.93 -28.63
C VAL A 59 -29.49 6.99 -28.55
N THR A 60 -30.68 7.55 -28.56
CA THR A 60 -31.93 6.72 -28.49
C THR A 60 -32.66 6.78 -29.84
N ASN A 61 -33.09 5.65 -30.35
CA ASN A 61 -33.82 5.64 -31.67
C ASN A 61 -35.03 4.68 -31.59
N ALA A 62 -35.88 4.66 -32.60
CA ALA A 62 -37.10 3.79 -32.55
C ALA A 62 -36.77 2.30 -32.49
N ASP A 63 -35.78 1.84 -33.21
CA ASP A 63 -35.46 0.39 -33.19
C ASP A 63 -34.90 0.00 -31.83
N GLY A 64 -34.89 0.91 -30.90
CA GLY A 64 -34.37 0.59 -29.53
C GLY A 64 -32.86 0.87 -29.48
N ARG A 65 -32.30 1.49 -30.48
CA ARG A 65 -30.85 1.78 -30.44
C ARG A 65 -30.60 2.75 -29.28
N THR A 66 -30.55 2.25 -28.08
CA THR A 66 -30.33 3.11 -26.88
C THR A 66 -28.96 2.78 -26.30
N GLU A 67 -27.91 3.17 -26.97
CA GLU A 67 -26.53 2.86 -26.48
C GLU A 67 -26.01 4.05 -25.66
N THR A 68 -25.53 3.78 -24.47
CA THR A 68 -24.99 4.87 -23.60
C THR A 68 -23.47 4.88 -23.68
N THR A 69 -22.91 5.87 -24.30
CA THR A 69 -21.44 5.95 -24.38
C THR A 69 -20.94 6.48 -23.03
N LYS A 70 -21.60 6.08 -21.99
CA LYS A 70 -21.20 6.51 -20.62
C LYS A 70 -19.81 5.94 -20.30
N GLU A 71 -18.81 6.32 -21.04
CA GLU A 71 -17.44 5.79 -20.80
C GLU A 71 -16.73 6.62 -19.73
N VAL A 72 -16.01 5.98 -18.84
CA VAL A 72 -15.28 6.71 -17.77
C VAL A 72 -13.82 6.25 -17.79
N VAL A 73 -12.90 7.16 -17.93
CA VAL A 73 -11.44 6.78 -17.96
C VAL A 73 -10.70 7.57 -16.91
N LYS A 74 -10.15 6.88 -15.96
CA LYS A 74 -9.39 7.54 -14.87
C LYS A 74 -7.93 7.73 -15.30
N SER A 75 -7.72 8.32 -16.45
CA SER A 75 -6.32 8.54 -16.94
C SER A 75 -5.61 7.19 -17.08
N GLU A 76 -4.70 7.09 -18.00
CA GLU A 76 -3.96 5.81 -18.20
C GLU A 76 -2.86 5.69 -17.13
N ASP A 77 -2.86 6.57 -16.17
CA ASP A 77 -1.82 6.50 -15.11
C ASP A 77 -2.23 7.38 -13.92
N GLY A 78 -2.86 8.49 -14.17
CA GLY A 78 -3.27 9.39 -13.05
C GLY A 78 -2.03 10.01 -12.40
N SER A 79 -1.22 10.68 -13.18
CA SER A 79 0.00 11.32 -12.61
C SER A 79 -0.41 12.43 -11.64
N ASP A 80 -1.63 12.88 -11.72
CA ASP A 80 -2.08 13.96 -10.81
C ASP A 80 -3.62 14.02 -10.81
N CYS A 81 -4.26 12.93 -11.14
CA CYS A 81 -5.74 12.91 -11.15
C CYS A 81 -6.24 11.47 -11.14
N GLY A 82 -7.20 11.17 -10.31
CA GLY A 82 -7.72 9.77 -10.24
C GLY A 82 -6.82 8.94 -9.33
N ASP A 83 -5.60 9.33 -9.17
CA ASP A 83 -4.66 8.56 -8.29
C ASP A 83 -4.70 7.08 -8.70
N ALA A 84 -5.12 6.78 -9.90
CA ALA A 84 -5.17 5.36 -10.34
C ALA A 84 -3.75 4.85 -10.57
N ASP A 85 -2.91 4.95 -9.57
CA ASP A 85 -1.51 4.46 -9.71
C ASP A 85 -1.53 2.95 -10.01
N PHE A 86 -0.70 2.52 -10.93
CA PHE A 86 -0.67 1.07 -11.27
C PHE A 86 -0.08 0.28 -10.09
N ASP A 87 -0.32 -1.00 -10.04
CA ASP A 87 0.23 -1.82 -8.92
C ASP A 87 0.03 -3.30 -9.23
N TRP A 88 1.01 -3.92 -9.84
CA TRP A 88 0.89 -5.36 -10.18
C TRP A 88 -0.30 -5.58 -11.13
N HIS A 89 -0.11 -6.40 -12.12
CA HIS A 89 -1.22 -6.65 -13.09
C HIS A 89 -0.87 -7.85 -13.98
N HIS A 90 0.07 -7.68 -14.86
CA HIS A 90 0.47 -8.81 -15.75
C HIS A 90 1.12 -9.91 -14.92
N THR A 91 2.41 -9.93 -14.84
CA THR A 91 3.10 -10.99 -14.04
C THR A 91 4.51 -10.51 -13.68
N PHE A 92 4.63 -9.33 -13.12
CA PHE A 92 5.96 -8.81 -12.74
C PHE A 92 6.44 -9.44 -11.42
N PRO A 93 5.58 -9.52 -10.43
CA PRO A 93 5.96 -10.09 -9.12
C PRO A 93 6.32 -11.57 -9.27
N SER A 94 7.45 -11.97 -8.76
CA SER A 94 7.86 -13.41 -8.87
C SER A 94 9.04 -13.67 -7.92
N ARG A 95 8.96 -14.70 -7.13
CA ARG A 95 10.07 -15.01 -6.18
C ARG A 95 11.36 -15.21 -6.98
N GLY A 96 11.68 -16.42 -7.35
CA GLY A 96 12.92 -16.68 -8.12
C GLY A 96 14.11 -16.04 -7.40
N ASN A 97 14.83 -16.82 -6.63
CA ASN A 97 16.00 -16.26 -5.91
C ASN A 97 16.82 -17.40 -5.28
N LEU A 98 18.07 -17.52 -5.64
CA LEU A 98 18.90 -18.61 -5.06
C LEU A 98 18.17 -19.94 -5.22
N ASP A 99 18.05 -20.43 -6.42
CA ASP A 99 17.33 -21.72 -6.62
C ASP A 99 17.78 -22.34 -7.96
N ASP A 100 18.32 -23.52 -7.93
CA ASP A 100 18.77 -24.18 -9.19
C ASP A 100 17.59 -24.29 -10.15
N PHE A 101 17.75 -23.84 -11.37
CA PHE A 101 16.63 -23.93 -12.35
C PHE A 101 16.27 -25.39 -12.59
N PHE A 102 17.13 -26.29 -12.22
CA PHE A 102 16.84 -27.74 -12.42
C PHE A 102 15.73 -28.17 -11.44
N HIS A 103 14.86 -29.04 -11.86
CA HIS A 103 13.75 -29.47 -10.96
C HIS A 103 14.33 -30.13 -9.71
N ARG A 104 15.25 -31.04 -9.87
CA ARG A 104 15.85 -31.72 -8.69
C ARG A 104 17.07 -32.52 -9.14
N ASP A 105 18.24 -32.09 -8.75
CA ASP A 105 19.48 -32.82 -9.15
C ASP A 105 20.67 -32.27 -8.38
N LYS A 106 20.74 -32.54 -7.10
CA LYS A 106 21.88 -32.03 -6.29
C LYS A 106 23.16 -32.73 -6.73
N ASP A 107 23.49 -33.84 -6.13
CA ASP A 107 24.73 -34.57 -6.51
C ASP A 107 24.72 -35.96 -5.87
N ASP A 108 25.85 -36.42 -5.41
CA ASP A 108 25.90 -37.77 -4.77
C ASP A 108 27.27 -37.97 -4.14
N PHE A 109 27.60 -37.19 -3.15
CA PHE A 109 28.92 -37.34 -2.48
C PHE A 109 28.98 -38.68 -1.76
N PHE A 110 27.99 -38.98 -0.95
CA PHE A 110 27.98 -40.28 -0.22
C PHE A 110 27.44 -41.37 -1.13
N THR A 111 28.31 -42.22 -1.63
CA THR A 111 27.85 -43.32 -2.52
C THR A 111 27.22 -44.42 -1.68
N ARG A 112 25.92 -44.58 -1.77
CA ARG A 112 25.24 -45.65 -0.97
C ARG A 112 25.56 -47.02 -1.59
N SER A 113 26.32 -47.82 -0.90
CA SER A 113 26.66 -49.16 -1.44
C SER A 113 25.40 -50.04 -1.49
N SER A 114 24.82 -50.19 -2.65
CA SER A 114 23.59 -51.02 -2.76
C SER A 114 23.24 -51.21 -4.24
N HIS A 115 23.11 -52.43 -4.68
CA HIS A 115 22.77 -52.68 -6.11
C HIS A 115 22.16 -54.08 -6.25
N GLU A 116 21.48 -54.33 -7.34
CA GLU A 116 20.86 -55.67 -7.54
C GLU A 116 21.96 -56.73 -7.61
N PHE A 117 21.89 -57.73 -6.77
CA PHE A 117 22.94 -58.79 -6.79
C PHE A 117 22.82 -59.59 -8.10
N ASP A 118 21.64 -59.67 -8.65
CA ASP A 118 21.47 -60.43 -9.92
C ASP A 118 22.31 -59.78 -11.02
N GLY A 119 22.20 -60.28 -12.23
CA GLY A 119 23.00 -59.69 -13.34
C GLY A 119 24.48 -60.05 -13.17
N ARG A 120 24.79 -60.83 -12.18
CA ARG A 120 26.21 -61.23 -11.95
C ARG A 120 27.09 -59.97 -11.96
N THR A 121 27.69 -59.67 -13.09
CA THR A 121 28.56 -58.46 -13.16
C THR A 121 29.69 -58.57 -12.12
N GLY A 122 30.73 -57.80 -12.29
CA GLY A 122 31.85 -57.85 -11.32
C GLY A 122 32.53 -59.22 -11.39
N LEU A 123 33.74 -59.27 -11.86
CA LEU A 123 34.46 -60.58 -11.95
C LEU A 123 34.80 -61.05 -10.53
N ALA A 124 34.59 -62.31 -10.25
CA ALA A 124 34.90 -62.82 -8.89
C ALA A 124 36.42 -63.03 -8.76
N PRO A 125 36.97 -62.92 -7.56
CA PRO A 125 38.42 -63.10 -7.37
C PRO A 125 38.83 -64.51 -7.81
N GLU A 126 37.88 -65.35 -8.09
CA GLU A 126 38.20 -66.74 -8.52
C GLU A 126 39.24 -66.71 -9.64
N PHE A 127 39.85 -67.82 -9.91
CA PHE A 127 40.88 -67.88 -10.99
C PHE A 127 41.29 -69.33 -11.24
N ALA A 128 41.95 -69.58 -12.34
CA ALA A 128 42.38 -70.97 -12.65
C ALA A 128 43.46 -71.41 -11.66
N ALA A 129 43.10 -72.15 -10.65
CA ALA A 129 44.12 -72.60 -9.65
C ALA A 129 44.93 -73.76 -10.25
N LEU A 130 46.17 -73.87 -9.88
CA LEU A 130 47.02 -74.98 -10.42
C LEU A 130 46.47 -76.31 -9.92
N GLY A 131 45.48 -76.28 -9.07
CA GLY A 131 44.90 -77.56 -8.55
C GLY A 131 43.67 -77.24 -7.71
N GLU A 132 42.57 -77.92 -7.95
CA GLU A 132 41.34 -77.67 -7.16
C GLU A 132 41.60 -78.01 -5.69
N SER A 133 40.77 -77.52 -4.81
CA SER A 133 40.96 -77.83 -3.37
C SER A 133 39.75 -77.35 -2.58
N GLY A 134 39.46 -77.96 -1.45
CA GLY A 134 38.29 -77.55 -0.65
C GLY A 134 37.00 -77.86 -1.40
N SER A 135 37.12 -78.35 -2.61
CA SER A 135 35.90 -78.68 -3.39
C SER A 135 35.17 -79.85 -2.73
N SER A 136 33.86 -79.87 -2.83
CA SER A 136 33.10 -80.99 -2.20
C SER A 136 33.43 -82.30 -2.90
N SER A 137 33.97 -83.24 -2.18
CA SER A 137 34.32 -84.55 -2.82
C SER A 137 34.61 -85.58 -1.73
N SER A 138 33.60 -86.05 -1.07
CA SER A 138 33.82 -87.06 0.01
C SER A 138 34.23 -88.40 -0.62
N LYS A 139 35.41 -88.47 -1.17
CA LYS A 139 35.86 -89.74 -1.80
C LYS A 139 36.09 -90.79 -0.71
N THR A 140 35.14 -91.67 -0.50
CA THR A 140 35.31 -92.71 0.54
C THR A 140 36.41 -93.68 0.12
N SER A 141 36.64 -94.70 0.91
CA SER A 141 37.70 -95.68 0.55
C SER A 141 37.56 -96.93 1.43
N THR A 142 36.37 -97.47 1.51
CA THR A 142 36.17 -98.69 2.35
C THR A 142 37.06 -99.82 1.84
N HIS A 143 37.28 -100.83 2.63
CA HIS A 143 38.13 -101.97 2.19
C HIS A 143 37.45 -102.70 1.02
N SER A 144 37.85 -102.41 -0.18
CA SER A 144 37.23 -103.09 -1.35
C SER A 144 37.57 -104.59 -1.30
N LYS A 145 36.57 -105.42 -1.13
CA LYS A 145 36.83 -106.89 -1.08
C LYS A 145 37.33 -107.36 -2.44
N GLN A 146 38.32 -108.21 -2.47
CA GLN A 146 38.84 -108.72 -3.77
C GLN A 146 39.19 -107.53 -4.66
N PHE A 147 40.38 -107.01 -4.53
CA PHE A 147 40.78 -105.86 -5.39
C PHE A 147 40.73 -106.27 -6.86
N VAL A 148 40.75 -105.31 -7.75
CA VAL A 148 40.71 -105.64 -9.22
C VAL A 148 41.50 -104.58 -10.00
N SER A 149 42.56 -104.98 -10.64
CA SER A 149 43.37 -104.01 -11.41
C SER A 149 44.40 -104.75 -12.27
N SER A 150 44.77 -104.20 -13.39
CA SER A 150 45.77 -104.88 -14.26
C SER A 150 47.12 -104.93 -13.54
N SER A 151 47.25 -105.78 -12.56
CA SER A 151 48.54 -105.87 -11.82
C SER A 151 48.55 -107.15 -10.98
N THR A 152 48.51 -108.28 -11.60
CA THR A 152 48.53 -109.56 -10.83
C THR A 152 49.93 -109.83 -10.30
N THR A 153 50.91 -109.13 -10.81
CA THR A 153 52.31 -109.34 -10.34
C THR A 153 52.63 -110.84 -10.36
N VAL A 154 53.05 -111.35 -11.48
CA VAL A 154 53.39 -112.80 -11.57
C VAL A 154 54.60 -113.10 -10.68
N ASN A 155 55.28 -112.07 -10.22
CA ASN A 155 56.46 -112.30 -9.35
C ASN A 155 56.72 -111.03 -8.52
N ARG A 156 56.83 -111.18 -7.23
CA ARG A 156 57.08 -109.98 -6.37
C ARG A 156 58.47 -109.42 -6.70
N GLY A 157 59.50 -110.06 -6.24
CA GLY A 157 60.88 -109.55 -6.53
C GLY A 157 61.90 -110.38 -5.74
N GLY A 158 61.50 -111.52 -5.25
CA GLY A 158 62.45 -112.36 -4.46
C GLY A 158 61.82 -113.73 -4.19
N SER A 159 61.02 -113.83 -3.17
CA SER A 159 60.37 -115.12 -2.84
C SER A 159 61.45 -116.21 -2.75
N ALA A 160 62.44 -115.99 -1.95
CA ALA A 160 63.54 -117.01 -1.81
C ALA A 160 62.94 -118.35 -1.37
N ILE A 161 62.41 -119.11 -2.30
CA ILE A 161 61.81 -120.43 -1.95
C ILE A 161 62.69 -121.17 -0.93
N GLU A 162 62.18 -122.21 -0.35
CA GLU A 162 62.98 -122.99 0.66
C GLU A 162 62.54 -124.46 0.63
N SER A 163 63.46 -125.36 0.46
CA SER A 163 63.11 -126.81 0.43
C SER A 163 62.68 -127.25 1.83
N LYS A 164 61.71 -128.11 1.91
CA LYS A 164 61.25 -128.59 3.24
C LYS A 164 62.34 -129.46 3.88
N HIS A 165 63.00 -130.26 3.09
CA HIS A 165 64.08 -131.13 3.64
C HIS A 165 63.54 -131.91 4.84
N PHE A 166 63.87 -131.49 6.04
CA PHE A 166 63.37 -132.21 7.24
C PHE A 166 61.84 -132.07 7.32
N MET A 1 53.02 8.37 -42.80
CA MET A 1 53.10 6.89 -42.98
C MET A 1 51.79 6.38 -43.58
N GLY A 2 51.06 7.23 -44.26
CA GLY A 2 49.78 6.79 -44.87
C GLY A 2 49.13 7.95 -45.61
N THR A 3 48.21 7.67 -46.50
CA THR A 3 47.56 8.77 -47.25
C THR A 3 46.53 9.47 -46.35
N PHE A 4 46.75 9.45 -45.07
CA PHE A 4 45.80 10.11 -44.13
C PHE A 4 46.00 11.62 -44.20
N ARG A 5 45.10 12.32 -44.85
CA ARG A 5 45.24 13.80 -44.94
C ARG A 5 43.94 14.40 -45.49
N GLU A 6 43.64 15.62 -45.14
CA GLU A 6 42.39 16.27 -45.63
C GLU A 6 42.68 17.00 -46.94
N GLU A 7 42.65 16.29 -48.05
CA GLU A 7 42.92 16.96 -49.35
C GLU A 7 41.80 17.95 -49.67
N GLY A 8 40.67 17.46 -50.09
CA GLY A 8 39.53 18.38 -50.42
C GLY A 8 38.55 17.66 -51.34
N SER A 9 37.38 18.21 -51.52
CA SER A 9 36.37 17.56 -52.40
C SER A 9 35.17 18.51 -52.60
N VAL A 10 35.15 19.60 -51.90
CA VAL A 10 34.03 20.55 -52.04
C VAL A 10 34.10 21.23 -53.41
N SER A 11 34.20 20.46 -54.46
CA SER A 11 34.28 21.06 -55.82
C SER A 11 34.05 19.98 -56.86
N SER A 12 34.51 20.19 -58.08
CA SER A 12 34.31 19.17 -59.14
C SER A 12 35.17 19.52 -60.35
N GLY A 13 34.91 20.63 -60.97
CA GLY A 13 35.73 21.03 -62.16
C GLY A 13 35.36 22.45 -62.57
N THR A 14 36.28 23.17 -63.16
CA THR A 14 35.98 24.56 -63.60
C THR A 14 34.79 24.56 -64.55
N LYS A 15 34.48 23.42 -65.13
CA LYS A 15 33.32 23.35 -66.06
C LYS A 15 32.06 23.86 -65.35
N GLN A 16 31.16 24.47 -66.09
CA GLN A 16 29.92 24.99 -65.46
C GLN A 16 29.11 23.81 -64.90
N GLU A 17 28.32 24.05 -63.88
CA GLU A 17 27.50 22.96 -63.29
C GLU A 17 26.37 22.60 -64.25
N PHE A 18 25.87 23.56 -64.97
CA PHE A 18 24.75 23.28 -65.92
C PHE A 18 24.53 24.49 -66.81
N HIS A 19 24.33 24.27 -68.09
CA HIS A 19 24.11 25.42 -69.02
C HIS A 19 22.86 26.19 -68.59
N THR A 20 22.86 27.48 -68.77
CA THR A 20 21.68 28.30 -68.37
C THR A 20 21.35 28.02 -66.90
N GLY A 21 21.88 28.81 -66.00
CA GLY A 21 21.60 28.58 -64.56
C GLY A 21 22.42 29.57 -63.72
N LYS A 22 21.78 30.32 -62.87
CA LYS A 22 22.52 31.30 -62.03
C LYS A 22 21.74 31.54 -60.72
N LEU A 23 22.43 31.79 -59.65
CA LEU A 23 21.74 32.03 -58.36
C LEU A 23 20.85 30.82 -58.03
N VAL A 24 21.42 29.81 -57.44
CA VAL A 24 20.61 28.59 -57.09
C VAL A 24 21.21 27.93 -55.84
N THR A 25 20.75 28.31 -54.68
CA THR A 25 21.29 27.71 -53.43
C THR A 25 21.13 26.19 -53.49
N THR A 26 21.88 25.47 -52.70
CA THR A 26 21.77 23.98 -52.71
C THR A 26 22.43 23.41 -51.45
N LYS A 27 23.17 24.21 -50.74
CA LYS A 27 23.83 23.72 -49.51
C LYS A 27 22.81 23.02 -48.62
N GLY A 28 23.04 21.78 -48.28
CA GLY A 28 22.07 21.06 -47.40
C GLY A 28 22.10 21.65 -46.00
N ASP A 29 21.62 22.86 -45.85
CA ASP A 29 21.62 23.50 -44.51
C ASP A 29 20.44 22.97 -43.69
N LYS A 30 20.10 23.64 -42.62
CA LYS A 30 18.95 23.17 -41.79
C LYS A 30 18.60 24.25 -40.75
N GLU A 31 17.94 25.30 -41.17
CA GLU A 31 17.57 26.39 -40.22
C GLU A 31 16.14 26.84 -40.51
N LEU A 32 15.78 26.96 -41.76
CA LEU A 32 14.40 27.39 -42.11
C LEU A 32 13.43 26.22 -41.88
N LEU A 33 13.93 25.02 -41.94
CA LEU A 33 13.04 23.83 -41.72
C LEU A 33 12.91 23.56 -40.22
N ILE A 34 12.00 24.22 -39.57
CA ILE A 34 11.83 23.99 -38.10
C ILE A 34 11.12 22.67 -37.87
N ASP A 35 11.31 22.07 -36.72
CA ASP A 35 10.64 20.78 -36.43
C ASP A 35 10.60 20.55 -34.91
N ASN A 36 9.87 21.38 -34.21
CA ASN A 36 9.77 21.21 -32.72
C ASN A 36 8.50 21.90 -32.22
N GLU A 37 8.55 23.18 -31.99
CA GLU A 37 7.34 23.89 -31.50
C GLU A 37 6.91 23.29 -30.16
N LYS A 38 7.81 22.61 -29.49
CA LYS A 38 7.45 22.01 -28.17
C LYS A 38 6.27 21.05 -28.34
N VAL A 39 6.49 19.78 -28.14
CA VAL A 39 5.37 18.80 -28.29
C VAL A 39 4.19 19.23 -27.42
N THR A 40 3.10 18.52 -27.49
CA THR A 40 1.91 18.89 -26.67
C THR A 40 2.22 18.62 -25.19
N SER A 41 1.43 19.16 -24.30
CA SER A 41 1.67 18.94 -22.85
C SER A 41 0.37 19.15 -22.07
N GLY A 42 -0.28 20.26 -22.28
CA GLY A 42 -1.56 20.52 -21.55
C GLY A 42 -2.10 21.89 -21.95
N HIS A 43 -2.53 22.04 -23.18
CA HIS A 43 -3.07 23.36 -23.63
C HIS A 43 -4.47 23.56 -23.04
N THR A 44 -4.55 23.99 -21.82
CA THR A 44 -5.89 24.21 -21.19
C THR A 44 -6.73 22.95 -21.36
N THR A 45 -8.01 23.05 -21.09
CA THR A 45 -8.89 21.86 -21.24
C THR A 45 -9.04 21.51 -22.71
N THR A 46 -8.30 20.55 -23.18
CA THR A 46 -8.40 20.17 -24.63
C THR A 46 -9.79 19.59 -24.90
N THR A 47 -9.86 18.40 -25.44
CA THR A 47 -11.18 17.76 -25.74
C THR A 47 -11.52 16.74 -24.65
N ARG A 48 -11.57 17.17 -23.41
CA ARG A 48 -11.90 16.23 -22.31
C ARG A 48 -12.69 16.96 -21.23
N ARG A 49 -13.66 16.30 -20.64
CA ARG A 49 -14.48 16.97 -19.56
C ARG A 49 -13.88 16.64 -18.19
N SER A 50 -13.93 17.57 -17.28
CA SER A 50 -13.39 17.33 -15.91
C SER A 50 -11.87 17.19 -15.96
N CYS A 51 -11.22 17.18 -14.82
CA CYS A 51 -9.73 17.06 -14.79
C CYS A 51 -9.32 15.77 -15.53
N SER A 52 -9.69 14.64 -15.00
CA SER A 52 -9.32 13.35 -15.66
C SER A 52 -9.89 13.34 -17.08
N LYS A 53 -10.09 12.18 -17.66
CA LYS A 53 -10.67 12.10 -19.04
C LYS A 53 -11.93 11.26 -18.99
N VAL A 54 -13.08 11.90 -18.97
CA VAL A 54 -14.38 11.17 -18.92
C VAL A 54 -15.28 11.65 -20.05
N ILE A 55 -15.68 10.74 -20.92
CA ILE A 55 -16.57 11.11 -22.06
C ILE A 55 -17.79 10.20 -22.05
N THR A 56 -18.96 10.76 -22.21
CA THR A 56 -20.22 9.95 -22.22
C THR A 56 -21.07 10.36 -23.42
N LYS A 57 -21.27 9.46 -24.34
CA LYS A 57 -22.13 9.77 -25.55
C LYS A 57 -23.28 8.74 -25.59
N THR A 58 -24.49 9.21 -25.39
CA THR A 58 -25.67 8.29 -25.42
C THR A 58 -26.65 8.72 -26.51
N VAL A 59 -27.18 7.77 -27.24
CA VAL A 59 -28.17 8.08 -28.32
C VAL A 59 -29.38 7.17 -28.15
N THR A 60 -30.57 7.74 -28.06
CA THR A 60 -31.81 6.92 -27.87
C THR A 60 -32.63 6.89 -29.16
N ASN A 61 -32.70 5.75 -29.81
CA ASN A 61 -33.50 5.64 -31.09
C ASN A 61 -34.87 4.97 -30.75
N ALA A 62 -35.97 5.36 -31.39
CA ALA A 62 -37.30 4.77 -31.05
C ALA A 62 -37.41 3.28 -31.41
N ASP A 63 -36.77 2.83 -32.46
CA ASP A 63 -36.90 1.39 -32.83
C ASP A 63 -36.29 0.51 -31.76
N GLY A 64 -35.84 1.10 -30.68
CA GLY A 64 -35.25 0.29 -29.56
C GLY A 64 -33.72 0.22 -29.68
N ARG A 65 -33.13 0.95 -30.60
CA ARG A 65 -31.64 0.92 -30.72
C ARG A 65 -31.08 2.06 -29.88
N THR A 66 -30.40 1.77 -28.80
CA THR A 66 -29.84 2.84 -27.94
C THR A 66 -28.44 2.48 -27.49
N GLU A 67 -27.45 3.22 -27.92
CA GLU A 67 -26.03 2.91 -27.53
C GLU A 67 -25.60 3.84 -26.39
N THR A 68 -25.04 3.28 -25.34
CA THR A 68 -24.58 4.10 -24.19
C THR A 68 -23.05 4.15 -24.20
N THR A 69 -22.49 5.29 -24.53
CA THR A 69 -21.01 5.42 -24.54
C THR A 69 -20.58 6.03 -23.20
N LYS A 70 -21.36 5.77 -22.19
CA LYS A 70 -21.04 6.31 -20.83
C LYS A 70 -19.73 5.67 -20.36
N GLU A 71 -18.63 5.99 -20.99
CA GLU A 71 -17.31 5.40 -20.60
C GLU A 71 -16.48 6.42 -19.82
N VAL A 72 -15.55 5.96 -19.02
CA VAL A 72 -14.68 6.89 -18.24
C VAL A 72 -13.22 6.50 -18.50
N VAL A 73 -12.42 7.44 -18.93
CA VAL A 73 -10.97 7.11 -19.21
C VAL A 73 -10.10 7.72 -18.12
N LYS A 74 -9.17 6.96 -17.65
CA LYS A 74 -8.24 7.44 -16.58
C LYS A 74 -9.01 7.59 -15.26
N SER A 75 -8.78 8.65 -14.54
CA SER A 75 -9.49 8.84 -13.25
C SER A 75 -9.32 7.60 -12.39
N GLU A 76 -8.13 7.38 -11.87
CA GLU A 76 -7.88 6.18 -11.01
C GLU A 76 -7.39 6.63 -9.64
N ASP A 77 -7.62 7.87 -9.31
CA ASP A 77 -7.16 8.39 -7.98
C ASP A 77 -7.74 9.79 -7.76
N GLY A 78 -8.88 10.06 -8.32
CA GLY A 78 -9.50 11.41 -8.15
C GLY A 78 -11.02 11.30 -8.24
N SER A 79 -11.51 10.53 -9.17
CA SER A 79 -12.98 10.37 -9.31
C SER A 79 -13.62 11.76 -9.39
N ASP A 80 -13.96 12.33 -8.26
CA ASP A 80 -14.57 13.68 -8.27
C ASP A 80 -13.46 14.74 -8.32
N CYS A 81 -12.45 14.51 -9.13
CA CYS A 81 -11.33 15.51 -9.22
C CYS A 81 -10.85 15.83 -7.80
N GLY A 82 -10.38 14.84 -7.10
CA GLY A 82 -9.88 15.06 -5.72
C GLY A 82 -10.91 15.84 -4.91
N ASP A 83 -12.09 16.05 -5.44
CA ASP A 83 -13.15 16.81 -4.69
C ASP A 83 -14.22 15.84 -4.18
N ALA A 84 -15.40 16.33 -3.93
CA ALA A 84 -16.49 15.44 -3.44
C ALA A 84 -17.81 16.21 -3.44
N ASP A 85 -18.75 15.78 -2.63
CA ASP A 85 -20.06 16.49 -2.59
C ASP A 85 -20.87 15.97 -1.39
N PHE A 86 -21.33 16.86 -0.55
CA PHE A 86 -22.12 16.42 0.63
C PHE A 86 -21.35 15.34 1.40
N ASP A 87 -20.59 15.74 2.38
CA ASP A 87 -19.81 14.73 3.16
C ASP A 87 -20.75 13.62 3.63
N TRP A 88 -20.28 12.40 3.66
CA TRP A 88 -21.14 11.27 4.11
C TRP A 88 -21.62 11.53 5.54
N HIS A 89 -20.70 11.73 6.45
CA HIS A 89 -21.10 11.99 7.86
C HIS A 89 -21.98 13.24 7.91
N HIS A 90 -22.45 13.60 9.08
CA HIS A 90 -23.32 14.81 9.19
C HIS A 90 -23.44 15.22 10.66
N THR A 91 -23.50 16.49 10.92
CA THR A 91 -23.63 16.97 12.33
C THR A 91 -24.75 16.18 13.03
N PHE A 92 -25.97 16.62 12.87
CA PHE A 92 -27.09 15.91 13.53
C PHE A 92 -26.80 15.73 15.02
N PRO A 93 -26.78 16.82 15.76
CA PRO A 93 -26.49 16.75 17.21
C PRO A 93 -27.57 15.92 17.92
N SER A 94 -27.21 15.20 18.95
CA SER A 94 -28.22 14.39 19.67
C SER A 94 -27.58 13.80 20.95
N ARG A 95 -27.26 14.64 21.90
CA ARG A 95 -26.64 14.14 23.15
C ARG A 95 -27.61 13.17 23.84
N GLY A 96 -28.87 13.24 23.51
CA GLY A 96 -29.85 12.32 24.15
C GLY A 96 -31.16 12.33 23.35
N ASN A 97 -31.77 13.48 23.21
CA ASN A 97 -33.05 13.55 22.44
C ASN A 97 -34.01 12.48 22.95
N LEU A 98 -34.03 11.34 22.33
CA LEU A 98 -34.95 10.26 22.78
C LEU A 98 -34.57 9.83 24.20
N ASP A 99 -34.96 10.59 25.18
CA ASP A 99 -34.61 10.23 26.59
C ASP A 99 -35.51 9.06 27.04
N ASP A 100 -35.52 8.00 26.30
CA ASP A 100 -36.38 6.83 26.69
C ASP A 100 -35.66 6.04 27.78
N PHE A 101 -34.47 6.43 28.14
CA PHE A 101 -33.73 5.70 29.21
C PHE A 101 -34.44 5.88 30.54
N PHE A 102 -34.67 7.11 30.95
CA PHE A 102 -35.37 7.34 32.25
C PHE A 102 -36.75 6.69 32.21
N HIS A 103 -36.84 5.44 32.60
CA HIS A 103 -38.16 4.76 32.58
C HIS A 103 -39.04 5.33 33.69
N ARG A 104 -38.43 5.84 34.73
CA ARG A 104 -39.24 6.41 35.85
C ARG A 104 -40.29 5.39 36.30
N ASP A 105 -41.09 5.75 37.26
CA ASP A 105 -42.14 4.80 37.75
C ASP A 105 -43.25 5.59 38.45
N LYS A 106 -43.17 6.89 38.43
CA LYS A 106 -44.22 7.71 39.09
C LYS A 106 -45.58 7.40 38.45
N ASP A 107 -45.59 6.88 37.25
CA ASP A 107 -46.88 6.57 36.58
C ASP A 107 -47.58 5.44 37.34
N ASP A 108 -47.00 4.99 38.42
CA ASP A 108 -47.63 3.89 39.20
C ASP A 108 -48.98 4.37 39.75
N PHE A 109 -50.03 3.64 39.49
CA PHE A 109 -51.37 4.05 40.00
C PHE A 109 -51.45 3.76 41.49
N PHE A 110 -50.40 3.24 42.07
CA PHE A 110 -50.42 2.94 43.53
C PHE A 110 -51.66 2.10 43.86
N THR A 111 -51.53 0.80 43.82
CA THR A 111 -52.70 -0.07 44.13
C THR A 111 -52.99 -0.02 45.64
N ARG A 112 -54.13 -0.48 46.04
CA ARG A 112 -54.47 -0.47 47.50
C ARG A 112 -55.74 -1.29 47.74
N SER A 113 -55.76 -2.07 48.79
CA SER A 113 -56.97 -2.90 49.07
C SER A 113 -56.87 -3.48 50.48
N SER A 114 -57.20 -2.70 51.48
CA SER A 114 -57.12 -3.21 52.88
C SER A 114 -58.07 -4.41 53.05
N HIS A 115 -57.87 -5.19 54.07
CA HIS A 115 -58.77 -6.36 54.29
C HIS A 115 -60.21 -5.88 54.46
N GLU A 116 -61.05 -6.13 53.48
CA GLU A 116 -62.46 -5.69 53.59
C GLU A 116 -63.09 -6.27 54.86
N PHE A 117 -63.10 -7.58 54.98
CA PHE A 117 -63.69 -8.20 56.20
C PHE A 117 -62.92 -7.74 57.44
N ASP A 118 -61.74 -8.24 57.63
CA ASP A 118 -60.94 -7.84 58.82
C ASP A 118 -60.42 -6.41 58.63
N GLY A 119 -59.19 -6.16 58.97
CA GLY A 119 -58.63 -4.80 58.81
C GLY A 119 -59.29 -3.85 59.80
N ARG A 120 -58.53 -2.98 60.40
CA ARG A 120 -59.12 -2.02 61.38
C ARG A 120 -59.97 -0.98 60.65
N THR A 121 -60.55 -0.06 61.36
CA THR A 121 -61.39 0.97 60.71
C THR A 121 -60.49 1.97 59.98
N GLY A 122 -59.20 1.76 60.00
CA GLY A 122 -58.28 2.71 59.32
C GLY A 122 -58.41 4.09 59.95
N LEU A 123 -59.36 4.88 59.51
CA LEU A 123 -59.53 6.24 60.10
C LEU A 123 -59.92 6.10 61.56
N ALA A 124 -59.44 6.98 62.40
CA ALA A 124 -59.78 6.90 63.85
C ALA A 124 -61.18 7.54 64.07
N PRO A 125 -61.80 7.26 65.20
CA PRO A 125 -63.13 7.83 65.51
C PRO A 125 -63.06 9.37 65.50
N GLU A 126 -61.92 9.93 65.19
CA GLU A 126 -61.80 11.41 65.15
C GLU A 126 -62.31 11.99 66.47
N PHE A 127 -63.50 12.50 66.49
CA PHE A 127 -64.05 13.07 67.75
C PHE A 127 -65.58 13.08 67.68
N ALA A 128 -66.21 11.95 67.85
CA ALA A 128 -67.69 11.89 67.80
C ALA A 128 -68.18 10.52 68.29
N ALA A 129 -69.35 10.13 67.91
CA ALA A 129 -69.88 8.80 68.36
C ALA A 129 -71.11 8.43 67.54
N LEU A 130 -71.64 9.37 66.79
CA LEU A 130 -72.85 9.08 65.97
C LEU A 130 -73.93 8.49 66.87
N GLY A 131 -74.83 9.31 67.34
CA GLY A 131 -75.92 8.79 68.21
C GLY A 131 -76.88 9.94 68.58
N GLU A 132 -76.34 11.07 68.95
CA GLU A 132 -77.22 12.22 69.31
C GLU A 132 -78.21 11.79 70.39
N SER A 133 -77.74 11.50 71.57
CA SER A 133 -78.67 11.07 72.65
C SER A 133 -79.51 12.26 73.11
N GLY A 134 -80.55 12.02 73.86
CA GLY A 134 -81.41 13.14 74.32
C GLY A 134 -82.07 13.82 73.13
N SER A 135 -83.23 13.36 72.72
CA SER A 135 -83.91 13.98 71.56
C SER A 135 -84.38 15.38 71.93
N SER A 136 -85.45 15.84 71.35
CA SER A 136 -85.96 17.21 71.69
C SER A 136 -87.34 17.39 71.07
N SER A 137 -87.62 16.73 69.98
CA SER A 137 -88.96 16.87 69.34
C SER A 137 -90.03 16.25 70.24
N SER A 138 -90.29 16.84 71.37
CA SER A 138 -91.32 16.27 72.29
C SER A 138 -91.67 17.31 73.35
N LYS A 139 -91.12 17.18 74.53
CA LYS A 139 -91.42 18.16 75.61
C LYS A 139 -90.47 17.94 76.78
N THR A 140 -90.05 18.99 77.42
CA THR A 140 -89.11 18.83 78.58
C THR A 140 -89.07 20.15 79.36
N SER A 141 -90.16 20.56 79.93
CA SER A 141 -90.17 21.83 80.71
C SER A 141 -89.53 21.60 82.08
N THR A 142 -89.60 20.39 82.58
CA THR A 142 -88.97 20.11 83.90
C THR A 142 -88.98 18.59 84.15
N HIS A 143 -88.12 18.11 85.01
CA HIS A 143 -88.09 16.66 85.29
C HIS A 143 -89.38 16.22 85.96
N SER A 144 -89.97 17.09 86.75
CA SER A 144 -91.24 16.72 87.43
C SER A 144 -92.32 16.45 86.38
N LYS A 145 -93.21 15.53 86.65
CA LYS A 145 -94.29 15.21 85.67
C LYS A 145 -95.32 14.29 86.33
N GLN A 146 -95.00 13.73 87.45
CA GLN A 146 -95.96 12.83 88.14
C GLN A 146 -97.16 13.64 88.64
N PHE A 147 -98.07 13.98 87.77
CA PHE A 147 -99.25 14.76 88.20
C PHE A 147 -100.21 13.88 89.00
N VAL A 148 -100.68 14.36 90.11
CA VAL A 148 -101.62 13.54 90.94
C VAL A 148 -103.00 13.53 90.29
N SER A 149 -103.64 12.39 90.29
CA SER A 149 -105.01 12.31 89.67
C SER A 149 -105.62 10.95 89.96
N SER A 150 -105.16 10.28 90.98
CA SER A 150 -105.72 8.94 91.32
C SER A 150 -107.14 9.12 91.86
N SER A 151 -107.30 9.85 92.93
CA SER A 151 -108.66 10.05 93.51
C SER A 151 -109.53 10.80 92.50
N THR A 152 -110.74 10.35 92.31
CA THR A 152 -111.65 11.05 91.34
C THR A 152 -112.05 12.42 91.90
N THR A 153 -113.25 12.85 91.63
CA THR A 153 -113.71 14.17 92.14
C THR A 153 -114.55 13.95 93.40
N VAL A 154 -115.60 14.71 93.56
CA VAL A 154 -116.46 14.54 94.77
C VAL A 154 -117.15 13.18 94.71
N ASN A 155 -117.98 12.96 93.72
CA ASN A 155 -118.68 11.64 93.60
C ASN A 155 -119.45 11.36 94.88
N ARG A 156 -119.08 10.34 95.61
CA ARG A 156 -119.80 10.03 96.87
C ARG A 156 -119.41 11.04 97.95
N GLY A 157 -118.57 10.65 98.87
CA GLY A 157 -118.15 11.58 99.95
C GLY A 157 -117.02 10.95 100.77
N GLY A 158 -117.35 10.29 101.84
CA GLY A 158 -116.30 9.65 102.68
C GLY A 158 -116.95 8.74 103.71
N SER A 159 -117.23 7.52 103.35
CA SER A 159 -117.87 6.58 104.32
C SER A 159 -119.10 7.26 104.95
N ALA A 160 -118.98 7.69 106.17
CA ALA A 160 -120.14 8.35 106.83
C ALA A 160 -121.37 7.43 106.75
N ILE A 161 -121.23 6.22 107.18
CA ILE A 161 -122.38 5.27 107.12
C ILE A 161 -123.42 5.67 108.19
N GLU A 162 -122.96 6.15 109.31
CA GLU A 162 -123.91 6.56 110.38
C GLU A 162 -124.89 5.41 110.66
N SER A 163 -124.45 4.40 111.36
CA SER A 163 -125.36 3.25 111.66
C SER A 163 -124.74 2.40 112.77
N LYS A 164 -125.35 2.37 113.92
CA LYS A 164 -124.80 1.55 115.03
C LYS A 164 -124.95 0.06 114.70
N HIS A 165 -126.10 -0.34 114.24
CA HIS A 165 -126.32 -1.77 113.90
C HIS A 165 -125.37 -2.16 112.76
N PHE A 166 -125.72 -1.83 111.54
CA PHE A 166 -124.84 -2.19 110.40
C PHE A 166 -125.14 -1.26 109.22
N MET A 1 38.53 -5.29 -73.20
CA MET A 1 39.83 -4.77 -72.71
C MET A 1 39.59 -3.50 -71.89
N GLY A 2 38.91 -2.53 -72.45
CA GLY A 2 38.65 -1.27 -71.70
C GLY A 2 37.89 -0.30 -72.60
N THR A 3 38.27 0.95 -72.61
CA THR A 3 37.57 1.95 -73.45
C THR A 3 36.07 1.93 -73.12
N PHE A 4 35.60 2.91 -72.39
CA PHE A 4 34.16 2.96 -72.02
C PHE A 4 33.77 4.39 -71.66
N ARG A 5 34.73 5.28 -71.63
CA ARG A 5 34.41 6.70 -71.28
C ARG A 5 33.53 7.31 -72.37
N GLU A 6 33.52 6.71 -73.53
CA GLU A 6 32.68 7.26 -74.65
C GLU A 6 31.21 6.93 -74.37
N GLU A 7 30.58 7.68 -73.52
CA GLU A 7 29.14 7.41 -73.22
C GLU A 7 28.32 7.54 -74.50
N GLY A 8 28.64 8.48 -75.34
CA GLY A 8 27.87 8.65 -76.61
C GLY A 8 26.43 9.04 -76.28
N SER A 9 26.25 10.08 -75.51
CA SER A 9 24.87 10.51 -75.16
C SER A 9 24.92 11.85 -74.43
N VAL A 10 23.94 12.69 -74.64
CA VAL A 10 23.94 14.02 -73.95
C VAL A 10 22.57 14.68 -74.12
N SER A 11 22.04 15.26 -73.07
CA SER A 11 20.71 15.91 -73.18
C SER A 11 20.86 17.27 -73.86
N SER A 12 20.02 17.56 -74.82
CA SER A 12 20.12 18.86 -75.53
C SER A 12 19.66 19.98 -74.60
N GLY A 13 19.14 19.65 -73.46
CA GLY A 13 18.68 20.70 -72.51
C GLY A 13 17.44 21.40 -73.08
N THR A 14 16.80 20.80 -74.04
CA THR A 14 15.59 21.43 -74.63
C THR A 14 14.47 21.50 -73.59
N LYS A 15 13.32 21.97 -73.97
CA LYS A 15 12.20 22.06 -73.00
C LYS A 15 12.64 22.88 -71.78
N GLN A 16 12.54 22.34 -70.59
CA GLN A 16 12.95 23.10 -69.39
C GLN A 16 12.28 24.47 -69.39
N GLU A 17 10.98 24.50 -69.53
CA GLU A 17 10.27 25.80 -69.54
C GLU A 17 10.25 26.39 -68.13
N PHE A 18 10.30 25.55 -67.13
CA PHE A 18 10.29 26.05 -65.72
C PHE A 18 9.00 26.84 -65.47
N HIS A 19 8.53 26.84 -64.25
CA HIS A 19 7.28 27.59 -63.94
C HIS A 19 7.61 29.08 -63.79
N THR A 20 6.62 29.93 -63.83
CA THR A 20 6.87 31.38 -63.69
C THR A 20 7.21 31.69 -62.23
N GLY A 21 7.01 30.76 -61.35
CA GLY A 21 7.32 31.01 -59.91
C GLY A 21 7.23 29.70 -59.14
N LYS A 22 7.60 29.72 -57.88
CA LYS A 22 7.54 28.46 -57.07
C LYS A 22 6.07 28.10 -56.80
N LEU A 23 5.79 26.84 -56.59
CA LEU A 23 4.38 26.41 -56.32
C LEU A 23 4.38 25.33 -55.24
N VAL A 24 3.26 24.73 -54.98
CA VAL A 24 3.20 23.66 -53.94
C VAL A 24 4.07 22.48 -54.37
N THR A 25 5.24 22.36 -53.82
CA THR A 25 6.14 21.23 -54.20
C THR A 25 7.27 21.11 -53.17
N THR A 26 7.26 20.05 -52.39
CA THR A 26 8.33 19.88 -51.37
C THR A 26 9.58 19.30 -52.05
N LYS A 27 10.66 20.03 -52.05
CA LYS A 27 11.91 19.52 -52.69
C LYS A 27 12.55 18.47 -51.78
N GLY A 28 11.76 17.67 -51.13
CA GLY A 28 12.33 16.62 -50.24
C GLY A 28 12.81 17.27 -48.93
N ASP A 29 12.79 16.54 -47.86
CA ASP A 29 13.24 17.11 -46.55
C ASP A 29 14.77 17.19 -46.53
N LYS A 30 15.38 17.32 -47.68
CA LYS A 30 16.86 17.39 -47.72
C LYS A 30 17.34 18.63 -46.96
N GLU A 31 18.24 18.46 -46.03
CA GLU A 31 18.74 19.62 -45.25
C GLU A 31 19.98 19.21 -44.46
N LEU A 32 20.25 19.86 -43.36
CA LEU A 32 21.45 19.50 -42.55
C LEU A 32 21.09 18.35 -41.59
N LEU A 33 19.92 17.79 -41.74
CA LEU A 33 19.50 16.67 -40.84
C LEU A 33 19.67 17.10 -39.38
N ILE A 34 18.60 17.51 -38.74
CA ILE A 34 18.70 17.93 -37.33
C ILE A 34 19.41 16.85 -36.51
N ASP A 35 19.55 17.05 -35.23
CA ASP A 35 20.24 16.03 -34.38
C ASP A 35 19.80 16.20 -32.93
N ASN A 36 19.11 17.26 -32.62
CA ASN A 36 18.66 17.48 -31.21
C ASN A 36 17.80 16.30 -30.77
N GLU A 37 17.29 15.54 -31.71
CA GLU A 37 16.44 14.36 -31.34
C GLU A 37 15.38 14.79 -30.33
N LYS A 38 14.48 15.65 -30.73
CA LYS A 38 13.42 16.11 -29.78
C LYS A 38 12.38 15.01 -29.60
N VAL A 39 11.58 15.09 -28.57
CA VAL A 39 10.55 14.04 -28.34
C VAL A 39 9.62 13.96 -29.55
N THR A 40 9.25 12.78 -29.95
CA THR A 40 8.34 12.64 -31.12
C THR A 40 6.95 13.15 -30.74
N SER A 41 5.94 12.35 -30.94
CA SER A 41 4.55 12.78 -30.58
C SER A 41 4.48 13.04 -29.08
N GLY A 42 3.38 13.56 -28.61
CA GLY A 42 3.24 13.85 -27.16
C GLY A 42 1.87 14.45 -26.87
N HIS A 43 1.21 14.95 -27.88
CA HIS A 43 -0.13 15.55 -27.67
C HIS A 43 -0.78 15.85 -29.03
N THR A 44 -1.72 15.02 -29.44
CA THR A 44 -2.38 15.26 -30.75
C THR A 44 -3.77 14.60 -30.74
N THR A 45 -4.78 15.33 -31.10
CA THR A 45 -6.15 14.76 -31.10
C THR A 45 -6.45 14.14 -29.73
N THR A 46 -6.95 14.92 -28.82
CA THR A 46 -7.26 14.38 -27.46
C THR A 46 -8.44 15.15 -26.87
N THR A 47 -9.62 14.91 -27.37
CA THR A 47 -10.82 15.63 -26.83
C THR A 47 -11.30 14.93 -25.56
N ARG A 48 -11.14 15.57 -24.43
CA ARG A 48 -11.59 14.94 -23.14
C ARG A 48 -12.17 16.02 -22.22
N ARG A 49 -13.21 15.70 -21.50
CA ARG A 49 -13.84 16.71 -20.59
C ARG A 49 -13.16 16.64 -19.21
N SER A 50 -12.91 17.78 -18.62
CA SER A 50 -12.27 17.80 -17.27
C SER A 50 -10.93 17.08 -17.32
N CYS A 51 -10.19 17.10 -16.24
CA CYS A 51 -8.86 16.41 -16.22
C CYS A 51 -9.06 14.93 -16.50
N SER A 52 -9.54 14.18 -15.54
CA SER A 52 -9.74 12.73 -15.76
C SER A 52 -10.47 12.51 -17.09
N LYS A 53 -10.10 11.50 -17.83
CA LYS A 53 -10.76 11.28 -19.15
C LYS A 53 -12.18 10.73 -18.93
N VAL A 54 -13.17 11.58 -19.08
CA VAL A 54 -14.58 11.15 -18.90
C VAL A 54 -15.39 11.52 -20.14
N ILE A 55 -15.94 10.53 -20.81
CA ILE A 55 -16.74 10.78 -22.05
C ILE A 55 -18.11 10.10 -21.91
N THR A 56 -19.17 10.85 -22.00
CA THR A 56 -20.54 10.27 -21.87
C THR A 56 -21.41 10.70 -23.05
N LYS A 57 -21.77 9.77 -23.90
CA LYS A 57 -22.66 10.10 -25.08
C LYS A 57 -23.86 9.15 -25.06
N THR A 58 -25.03 9.68 -24.83
CA THR A 58 -26.26 8.82 -24.79
C THR A 58 -27.13 9.11 -26.01
N VAL A 59 -27.47 8.11 -26.76
CA VAL A 59 -28.34 8.30 -27.98
C VAL A 59 -29.44 7.25 -27.97
N THR A 60 -30.68 7.68 -27.92
CA THR A 60 -31.84 6.73 -27.90
C THR A 60 -32.59 6.79 -29.24
N ASN A 61 -32.90 5.64 -29.81
CA ASN A 61 -33.66 5.65 -31.13
C ASN A 61 -34.94 4.78 -30.96
N ALA A 62 -35.94 4.96 -31.81
CA ALA A 62 -37.21 4.18 -31.64
C ALA A 62 -37.04 2.70 -32.02
N ASP A 63 -36.22 2.38 -32.98
CA ASP A 63 -36.07 0.95 -33.38
C ASP A 63 -35.34 0.16 -32.29
N GLY A 64 -35.01 0.80 -31.21
CA GLY A 64 -34.30 0.08 -30.10
C GLY A 64 -32.79 0.35 -30.20
N ARG A 65 -32.35 1.14 -31.16
CA ARG A 65 -30.90 1.43 -31.26
C ARG A 65 -30.59 2.47 -30.17
N THR A 66 -30.33 2.00 -28.96
CA THR A 66 -30.04 2.93 -27.83
C THR A 66 -28.66 2.58 -27.25
N GLU A 67 -27.65 3.26 -27.72
CA GLU A 67 -26.26 2.97 -27.20
C GLU A 67 -25.87 4.01 -26.17
N THR A 68 -25.39 3.57 -25.02
CA THR A 68 -24.97 4.51 -23.96
C THR A 68 -23.45 4.56 -23.87
N THR A 69 -22.86 5.66 -24.28
CA THR A 69 -21.38 5.77 -24.20
C THR A 69 -21.03 6.34 -22.83
N LYS A 70 -21.86 6.03 -21.86
CA LYS A 70 -21.61 6.53 -20.47
C LYS A 70 -20.33 5.87 -19.93
N GLU A 71 -19.22 6.05 -20.60
CA GLU A 71 -17.95 5.43 -20.14
C GLU A 71 -17.09 6.48 -19.43
N VAL A 72 -16.41 6.10 -18.37
CA VAL A 72 -15.54 7.04 -17.62
C VAL A 72 -14.17 6.42 -17.47
N VAL A 73 -13.12 7.13 -17.78
CA VAL A 73 -11.74 6.58 -17.64
C VAL A 73 -10.87 7.55 -16.87
N LYS A 74 -10.44 7.13 -15.73
CA LYS A 74 -9.58 8.00 -14.87
C LYS A 74 -8.23 8.23 -15.57
N SER A 75 -7.40 9.06 -15.01
CA SER A 75 -6.07 9.32 -15.64
C SER A 75 -5.24 8.04 -15.63
N GLU A 76 -4.00 8.12 -16.05
CA GLU A 76 -3.14 6.90 -16.07
C GLU A 76 -2.98 6.39 -14.64
N ASP A 77 -2.38 7.17 -13.78
CA ASP A 77 -2.19 6.71 -12.37
C ASP A 77 -1.97 7.93 -11.47
N GLY A 78 -2.41 9.09 -11.90
CA GLY A 78 -2.21 10.32 -11.08
C GLY A 78 -0.82 10.88 -11.33
N SER A 79 -0.29 10.67 -12.51
CA SER A 79 1.07 11.20 -12.82
C SER A 79 0.98 12.70 -13.09
N ASP A 80 -0.16 13.17 -13.51
CA ASP A 80 -0.30 14.63 -13.78
C ASP A 80 -1.78 15.02 -13.71
N CYS A 81 -2.39 14.84 -12.56
CA CYS A 81 -3.83 15.20 -12.42
C CYS A 81 -4.22 15.11 -10.94
N GLY A 82 -3.68 15.97 -10.12
CA GLY A 82 -4.02 15.93 -8.66
C GLY A 82 -3.15 14.88 -7.98
N ASP A 83 -1.88 14.85 -8.29
CA ASP A 83 -0.97 13.86 -7.65
C ASP A 83 -0.85 14.16 -6.16
N ALA A 84 -1.79 13.73 -5.38
CA ALA A 84 -1.73 14.00 -3.91
C ALA A 84 -2.86 13.25 -3.21
N ASP A 85 -3.02 13.46 -1.93
CA ASP A 85 -4.11 12.76 -1.19
C ASP A 85 -5.46 13.12 -1.81
N PHE A 86 -6.35 12.16 -1.89
CA PHE A 86 -7.69 12.46 -2.49
C PHE A 86 -8.62 11.28 -2.23
N ASP A 87 -8.18 10.08 -2.53
CA ASP A 87 -9.04 8.89 -2.29
C ASP A 87 -10.40 9.11 -2.96
N TRP A 88 -11.46 9.10 -2.21
CA TRP A 88 -12.81 9.31 -2.82
C TRP A 88 -13.02 8.31 -3.96
N HIS A 89 -12.87 7.04 -3.69
CA HIS A 89 -13.06 6.03 -4.77
C HIS A 89 -14.55 5.90 -5.09
N HIS A 90 -15.22 7.00 -5.25
CA HIS A 90 -16.68 6.95 -5.56
C HIS A 90 -17.42 6.15 -4.49
N THR A 91 -16.71 5.71 -3.48
CA THR A 91 -17.38 4.92 -2.40
C THR A 91 -18.58 5.71 -1.87
N PHE A 92 -19.46 5.06 -1.15
CA PHE A 92 -20.65 5.76 -0.60
C PHE A 92 -21.09 5.11 0.71
N PRO A 93 -20.30 5.26 1.74
CA PRO A 93 -20.62 4.66 3.06
C PRO A 93 -21.92 5.28 3.61
N SER A 94 -22.91 4.47 3.85
CA SER A 94 -24.19 5.00 4.39
C SER A 94 -25.11 3.84 4.79
N ARG A 95 -24.56 2.66 4.95
CA ARG A 95 -25.41 1.50 5.33
C ARG A 95 -25.86 1.65 6.78
N GLY A 96 -27.10 1.36 7.06
CA GLY A 96 -27.59 1.49 8.46
C GLY A 96 -29.13 1.54 8.45
N ASN A 97 -29.74 0.83 7.54
CA ASN A 97 -31.24 0.83 7.48
C ASN A 97 -31.79 0.08 8.70
N LEU A 98 -30.94 -0.25 9.63
CA LEU A 98 -31.42 -0.98 10.84
C LEU A 98 -32.29 -0.05 11.68
N ASP A 99 -33.56 -0.35 11.80
CA ASP A 99 -34.47 0.52 12.60
C ASP A 99 -33.82 0.81 13.97
N ASP A 100 -33.72 -0.20 14.79
CA ASP A 100 -33.10 0.02 16.14
C ASP A 100 -32.74 -1.33 16.76
N PHE A 101 -31.52 -1.50 17.17
CA PHE A 101 -31.12 -2.79 17.80
C PHE A 101 -31.64 -2.86 19.23
N PHE A 102 -31.43 -1.82 19.99
CA PHE A 102 -31.91 -1.81 21.41
C PHE A 102 -31.48 -3.11 22.10
N HIS A 103 -30.22 -3.23 22.42
CA HIS A 103 -29.75 -4.47 23.10
C HIS A 103 -30.21 -4.47 24.56
N ARG A 104 -30.47 -3.31 25.09
CA ARG A 104 -30.93 -3.23 26.51
C ARG A 104 -32.23 -4.01 26.67
N ASP A 105 -32.52 -4.48 27.86
CA ASP A 105 -33.78 -5.24 28.07
C ASP A 105 -34.04 -5.38 29.57
N LYS A 106 -34.55 -4.35 30.20
CA LYS A 106 -34.83 -4.42 31.66
C LYS A 106 -36.03 -5.33 31.91
N ASP A 107 -35.80 -6.56 32.25
CA ASP A 107 -36.94 -7.49 32.51
C ASP A 107 -37.90 -7.46 31.32
N ASP A 108 -39.16 -7.25 31.57
CA ASP A 108 -40.16 -7.21 30.46
C ASP A 108 -41.38 -6.42 30.90
N PHE A 109 -41.92 -5.59 30.04
CA PHE A 109 -43.12 -4.80 30.41
C PHE A 109 -44.35 -5.71 30.43
N PHE A 110 -44.35 -6.75 29.63
CA PHE A 110 -45.52 -7.67 29.62
C PHE A 110 -45.77 -8.21 31.03
N THR A 111 -46.81 -7.78 31.67
CA THR A 111 -47.10 -8.27 33.04
C THR A 111 -47.52 -9.74 32.99
N ARG A 112 -47.75 -10.25 31.81
CA ARG A 112 -48.16 -11.67 31.68
C ARG A 112 -47.10 -12.57 32.34
N SER A 113 -45.85 -12.22 32.20
CA SER A 113 -44.77 -13.05 32.81
C SER A 113 -44.79 -12.88 34.32
N SER A 114 -44.14 -13.75 35.04
CA SER A 114 -44.13 -13.63 36.52
C SER A 114 -45.56 -13.52 37.04
N HIS A 115 -46.37 -14.51 36.82
CA HIS A 115 -47.78 -14.45 37.30
C HIS A 115 -48.42 -15.84 37.17
N GLU A 116 -48.12 -16.54 36.10
CA GLU A 116 -48.71 -17.90 35.92
C GLU A 116 -48.01 -18.89 36.86
N PHE A 117 -47.51 -18.42 37.97
CA PHE A 117 -46.81 -19.34 38.92
C PHE A 117 -46.81 -18.73 40.31
N ASP A 118 -47.49 -19.33 41.24
CA ASP A 118 -47.53 -18.77 42.63
C ASP A 118 -46.14 -18.91 43.26
N GLY A 119 -45.15 -18.27 42.70
CA GLY A 119 -43.78 -18.37 43.28
C GLY A 119 -43.73 -17.61 44.60
N ARG A 120 -42.55 -17.25 45.05
CA ARG A 120 -42.44 -16.51 46.32
C ARG A 120 -43.18 -17.26 47.42
N THR A 121 -42.54 -18.21 48.05
CA THR A 121 -43.21 -18.98 49.14
C THR A 121 -43.46 -18.08 50.34
N GLY A 122 -44.55 -17.36 50.35
CA GLY A 122 -44.85 -16.45 51.49
C GLY A 122 -45.03 -17.29 52.76
N LEU A 123 -46.23 -17.33 53.29
CA LEU A 123 -46.46 -18.13 54.52
C LEU A 123 -46.29 -19.61 54.21
N ALA A 124 -45.48 -20.29 54.97
CA ALA A 124 -45.27 -21.75 54.70
C ALA A 124 -46.53 -22.52 55.17
N PRO A 125 -46.67 -23.75 54.71
CA PRO A 125 -47.84 -24.58 55.10
C PRO A 125 -47.91 -24.69 56.62
N GLU A 126 -49.10 -24.80 57.17
CA GLU A 126 -49.24 -24.91 58.66
C GLU A 126 -50.33 -25.94 58.99
N PHE A 127 -49.94 -27.07 59.52
CA PHE A 127 -50.95 -28.12 59.87
C PHE A 127 -50.62 -28.69 61.26
N ALA A 128 -51.44 -28.41 62.23
CA ALA A 128 -51.19 -28.93 63.60
C ALA A 128 -51.43 -30.44 63.62
N ALA A 129 -50.40 -31.23 63.46
CA ALA A 129 -50.57 -32.71 63.47
C ALA A 129 -50.97 -33.17 64.88
N LEU A 130 -52.13 -33.74 65.02
CA LEU A 130 -52.57 -34.20 66.37
C LEU A 130 -52.46 -33.06 67.37
N GLY A 131 -52.42 -33.37 68.64
CA GLY A 131 -52.30 -32.30 69.67
C GLY A 131 -52.19 -32.94 71.06
N GLU A 132 -51.78 -32.17 72.04
CA GLU A 132 -51.64 -32.73 73.41
C GLU A 132 -53.01 -33.18 73.91
N SER A 133 -53.97 -32.31 73.92
CA SER A 133 -55.33 -32.69 74.40
C SER A 133 -55.21 -33.33 75.79
N GLY A 134 -54.75 -32.58 76.75
CA GLY A 134 -54.61 -33.15 78.13
C GLY A 134 -54.15 -32.06 79.10
N SER A 135 -54.99 -31.08 79.34
CA SER A 135 -54.60 -29.98 80.27
C SER A 135 -54.44 -30.55 81.68
N SER A 136 -53.23 -30.71 82.13
CA SER A 136 -53.01 -31.26 83.50
C SER A 136 -53.55 -30.27 84.54
N SER A 137 -53.54 -29.00 84.23
CA SER A 137 -54.05 -27.99 85.19
C SER A 137 -55.59 -28.03 85.20
N SER A 138 -56.17 -29.12 84.78
CA SER A 138 -57.65 -29.22 84.75
C SER A 138 -58.07 -30.68 84.57
N LYS A 139 -58.10 -31.42 85.64
CA LYS A 139 -58.50 -32.86 85.53
C LYS A 139 -58.69 -33.44 86.92
N THR A 140 -59.79 -33.14 87.56
CA THR A 140 -60.04 -33.68 88.94
C THR A 140 -60.25 -35.19 88.85
N SER A 141 -59.19 -35.95 88.87
CA SER A 141 -59.33 -37.43 88.80
C SER A 141 -59.98 -37.95 90.10
N THR A 142 -59.27 -37.91 91.19
CA THR A 142 -59.84 -38.38 92.47
C THR A 142 -60.29 -39.84 92.32
N HIS A 143 -60.47 -40.54 93.41
CA HIS A 143 -60.91 -41.96 93.33
C HIS A 143 -61.28 -42.46 94.72
N SER A 144 -61.59 -41.57 95.62
CA SER A 144 -61.97 -41.98 96.99
C SER A 144 -63.38 -42.61 96.97
N LYS A 145 -63.98 -42.67 95.81
CA LYS A 145 -65.34 -43.26 95.74
C LYS A 145 -66.26 -42.60 96.76
N GLN A 146 -66.37 -41.29 96.72
CA GLN A 146 -67.25 -40.59 97.69
C GLN A 146 -68.70 -40.99 97.46
N PHE A 147 -69.05 -41.28 96.23
CA PHE A 147 -70.45 -41.68 95.93
C PHE A 147 -70.76 -43.01 96.62
N VAL A 148 -71.89 -43.11 97.27
CA VAL A 148 -72.24 -44.39 97.96
C VAL A 148 -73.70 -44.31 98.43
N SER A 149 -74.35 -45.44 98.50
CA SER A 149 -75.78 -45.44 98.95
C SER A 149 -76.24 -46.88 99.15
N SER A 150 -77.07 -47.37 98.27
CA SER A 150 -77.57 -48.78 98.40
C SER A 150 -78.10 -48.99 99.81
N SER A 151 -78.70 -47.99 100.39
CA SER A 151 -79.26 -48.13 101.77
C SER A 151 -80.13 -46.92 102.10
N THR A 152 -81.38 -46.96 101.72
CA THR A 152 -82.28 -45.82 102.02
C THR A 152 -82.38 -45.62 103.53
N THR A 153 -82.76 -46.65 104.25
CA THR A 153 -82.88 -46.52 105.73
C THR A 153 -83.16 -47.90 106.34
N VAL A 154 -84.01 -47.95 107.32
CA VAL A 154 -84.34 -49.27 107.97
C VAL A 154 -85.80 -49.27 108.38
N ASN A 155 -86.37 -50.43 108.61
CA ASN A 155 -87.81 -50.53 109.02
C ASN A 155 -88.64 -49.52 108.23
N ARG A 156 -88.70 -49.68 106.94
CA ARG A 156 -89.51 -48.74 106.09
C ARG A 156 -89.29 -47.29 106.55
N GLY A 157 -90.35 -46.59 106.85
CA GLY A 157 -90.20 -45.18 107.32
C GLY A 157 -91.33 -44.84 108.29
N GLY A 158 -91.92 -43.69 108.16
CA GLY A 158 -93.04 -43.31 109.08
C GLY A 158 -92.45 -42.89 110.43
N SER A 159 -93.02 -43.39 111.50
CA SER A 159 -92.49 -43.03 112.85
C SER A 159 -93.06 -44.00 113.90
N ALA A 160 -94.24 -44.51 113.66
CA ALA A 160 -94.85 -45.46 114.64
C ALA A 160 -95.79 -46.41 113.90
N ILE A 161 -96.22 -46.04 112.72
CA ILE A 161 -97.13 -46.94 111.95
C ILE A 161 -96.44 -48.28 111.70
N GLU A 162 -95.17 -48.37 112.01
CA GLU A 162 -94.44 -49.65 111.78
C GLU A 162 -95.25 -50.83 112.32
N SER A 163 -95.37 -50.94 113.61
CA SER A 163 -96.16 -52.06 114.20
C SER A 163 -96.37 -51.81 115.69
N LYS A 164 -95.37 -51.33 116.37
CA LYS A 164 -95.53 -51.06 117.83
C LYS A 164 -96.75 -50.18 118.07
N HIS A 165 -97.80 -50.75 118.61
CA HIS A 165 -99.02 -49.94 118.86
C HIS A 165 -98.73 -48.91 119.95
N PHE A 166 -98.14 -49.32 121.04
CA PHE A 166 -97.83 -48.35 122.13
C PHE A 166 -96.96 -47.22 121.58
N MET A 1 -31.16 67.03 -50.88
CA MET A 1 -30.95 65.55 -50.77
C MET A 1 -30.74 65.17 -49.31
N GLY A 2 -29.58 65.46 -48.77
CA GLY A 2 -29.32 65.11 -47.34
C GLY A 2 -30.22 65.96 -46.44
N THR A 3 -30.70 65.40 -45.36
CA THR A 3 -31.57 66.18 -44.44
C THR A 3 -30.75 67.28 -43.76
N PHE A 4 -31.23 67.82 -42.68
CA PHE A 4 -30.48 68.89 -41.98
C PHE A 4 -29.22 68.30 -41.34
N ARG A 5 -29.20 68.22 -40.04
CA ARG A 5 -27.99 67.65 -39.35
C ARG A 5 -28.30 67.46 -37.86
N GLU A 6 -28.75 68.49 -37.21
CA GLU A 6 -29.07 68.37 -35.76
C GLU A 6 -30.12 67.27 -35.55
N GLU A 7 -31.11 67.22 -36.40
CA GLU A 7 -32.17 66.18 -36.25
C GLU A 7 -31.55 64.80 -36.50
N GLY A 8 -32.19 63.77 -36.02
CA GLY A 8 -31.65 62.40 -36.23
C GLY A 8 -30.38 62.21 -35.38
N SER A 9 -30.37 61.24 -34.51
CA SER A 9 -29.17 61.01 -33.66
C SER A 9 -28.80 62.31 -32.96
N VAL A 10 -29.47 62.63 -31.88
CA VAL A 10 -29.15 63.88 -31.15
C VAL A 10 -27.80 63.73 -30.43
N SER A 11 -27.07 64.79 -30.26
CA SER A 11 -25.76 64.70 -29.57
C SER A 11 -25.24 66.11 -29.29
N SER A 12 -26.06 66.95 -28.71
CA SER A 12 -25.61 68.34 -28.40
C SER A 12 -24.50 68.28 -27.34
N GLY A 13 -24.46 69.25 -26.47
CA GLY A 13 -23.42 69.26 -25.41
C GLY A 13 -23.75 70.32 -24.36
N THR A 14 -22.86 71.26 -24.16
CA THR A 14 -23.14 72.32 -23.16
C THR A 14 -24.39 73.10 -23.55
N LYS A 15 -25.19 73.49 -22.59
CA LYS A 15 -26.44 74.24 -22.92
C LYS A 15 -26.08 75.68 -23.29
N GLN A 16 -26.89 76.62 -22.89
CA GLN A 16 -26.59 78.05 -23.21
C GLN A 16 -25.25 78.45 -22.59
N GLU A 17 -25.07 79.69 -22.26
CA GLU A 17 -23.78 80.13 -21.66
C GLU A 17 -23.52 79.36 -20.37
N PHE A 18 -24.55 79.11 -19.60
CA PHE A 18 -24.37 78.37 -18.32
C PHE A 18 -23.44 79.14 -17.40
N HIS A 19 -22.65 78.47 -16.62
CA HIS A 19 -21.72 79.18 -15.68
C HIS A 19 -20.71 79.98 -16.50
N THR A 20 -20.15 79.40 -17.52
CA THR A 20 -19.15 80.14 -18.35
C THR A 20 -18.92 79.38 -19.67
N GLY A 21 -19.18 78.11 -19.68
CA GLY A 21 -18.98 77.32 -20.94
C GLY A 21 -17.50 77.36 -21.33
N LYS A 22 -16.93 76.23 -21.64
CA LYS A 22 -15.50 76.20 -22.04
C LYS A 22 -15.17 74.84 -22.65
N LEU A 23 -15.80 73.80 -22.19
CA LEU A 23 -15.52 72.45 -22.76
C LEU A 23 -16.38 72.23 -24.01
N VAL A 24 -15.77 72.18 -25.16
CA VAL A 24 -16.56 71.98 -26.41
C VAL A 24 -17.00 70.52 -26.52
N THR A 25 -17.65 70.17 -27.61
CA THR A 25 -18.12 68.77 -27.79
C THR A 25 -17.01 67.79 -27.40
N THR A 26 -17.16 67.15 -26.27
CA THR A 26 -16.12 66.18 -25.82
C THR A 26 -16.28 64.87 -26.59
N LYS A 27 -15.43 64.63 -27.54
CA LYS A 27 -15.53 63.36 -28.33
C LYS A 27 -14.98 62.19 -27.50
N GLY A 28 -14.95 61.02 -28.06
CA GLY A 28 -14.43 59.85 -27.31
C GLY A 28 -14.61 58.58 -28.16
N ASP A 29 -14.20 58.62 -29.39
CA ASP A 29 -14.35 57.43 -30.27
C ASP A 29 -13.24 56.42 -29.96
N LYS A 30 -13.60 55.22 -29.60
CA LYS A 30 -12.57 54.18 -29.29
C LYS A 30 -13.15 52.79 -29.60
N GLU A 31 -12.46 51.76 -29.22
CA GLU A 31 -12.96 50.38 -29.48
C GLU A 31 -12.26 49.41 -28.53
N LEU A 32 -11.18 49.82 -27.92
CA LEU A 32 -10.45 48.92 -26.99
C LEU A 32 -11.39 48.47 -25.88
N LEU A 33 -12.20 49.36 -25.38
CA LEU A 33 -13.15 48.98 -24.29
C LEU A 33 -14.24 48.06 -24.86
N ILE A 34 -14.87 48.46 -25.93
CA ILE A 34 -15.93 47.60 -26.52
C ILE A 34 -15.28 46.39 -27.20
N ASP A 35 -15.95 45.28 -27.25
CA ASP A 35 -15.36 44.08 -27.90
C ASP A 35 -13.99 43.79 -27.29
N ASN A 36 -13.95 42.98 -26.25
CA ASN A 36 -12.65 42.67 -25.61
C ASN A 36 -11.83 41.77 -26.53
N GLU A 37 -12.11 40.49 -26.54
CA GLU A 37 -11.35 39.57 -27.41
C GLU A 37 -12.02 38.18 -27.41
N LYS A 38 -12.91 37.96 -26.50
CA LYS A 38 -13.61 36.64 -26.45
C LYS A 38 -14.20 36.32 -27.83
N VAL A 39 -14.59 35.09 -28.04
CA VAL A 39 -15.18 34.71 -29.36
C VAL A 39 -16.12 33.52 -29.17
N THR A 40 -16.49 32.86 -30.24
CA THR A 40 -17.40 31.69 -30.12
C THR A 40 -16.69 30.57 -29.37
N SER A 41 -17.32 29.44 -29.24
CA SER A 41 -16.69 28.30 -28.53
C SER A 41 -17.50 27.02 -28.74
N GLY A 42 -18.40 27.03 -29.69
CA GLY A 42 -19.22 25.83 -29.96
C GLY A 42 -18.38 24.76 -30.66
N HIS A 43 -17.07 24.86 -30.55
CA HIS A 43 -16.19 23.85 -31.21
C HIS A 43 -16.28 22.53 -30.45
N THR A 44 -16.51 22.59 -29.17
CA THR A 44 -16.60 21.32 -28.37
C THR A 44 -17.91 20.62 -28.70
N THR A 45 -17.84 19.50 -29.36
CA THR A 45 -19.09 18.76 -29.71
C THR A 45 -19.72 18.19 -28.43
N THR A 46 -19.36 16.99 -28.07
CA THR A 46 -19.93 16.38 -26.84
C THR A 46 -19.26 16.99 -25.61
N THR A 47 -19.95 17.06 -24.51
CA THR A 47 -19.35 17.64 -23.28
C THR A 47 -18.40 16.62 -22.63
N ARG A 48 -17.34 17.08 -22.02
CA ARG A 48 -16.37 16.14 -21.37
C ARG A 48 -15.80 16.81 -20.12
N ARG A 49 -15.18 16.05 -19.26
CA ARG A 49 -14.60 16.63 -18.02
C ARG A 49 -13.18 17.12 -18.30
N SER A 50 -12.86 18.32 -17.90
CA SER A 50 -11.49 18.85 -18.14
C SER A 50 -10.44 17.80 -17.77
N CYS A 51 -9.94 17.85 -16.56
CA CYS A 51 -8.91 16.85 -16.14
C CYS A 51 -9.50 15.45 -16.28
N SER A 52 -8.66 14.45 -16.29
CA SER A 52 -9.17 13.05 -16.42
C SER A 52 -9.91 12.90 -17.75
N LYS A 53 -9.94 11.71 -18.29
CA LYS A 53 -10.64 11.48 -19.59
C LYS A 53 -12.06 10.97 -19.31
N VAL A 54 -13.06 11.77 -19.62
CA VAL A 54 -14.47 11.35 -19.37
C VAL A 54 -15.27 11.51 -20.67
N ILE A 55 -15.77 10.42 -21.20
CA ILE A 55 -16.58 10.47 -22.46
C ILE A 55 -17.91 9.74 -22.23
N THR A 56 -19.01 10.43 -22.41
CA THR A 56 -20.35 9.80 -22.20
C THR A 56 -21.24 10.07 -23.40
N LYS A 57 -21.58 9.05 -24.15
CA LYS A 57 -22.49 9.23 -25.34
C LYS A 57 -23.70 8.31 -25.17
N THR A 58 -24.86 8.88 -24.97
CA THR A 58 -26.10 8.07 -24.79
C THR A 58 -27.11 8.46 -25.87
N VAL A 59 -27.60 7.49 -26.62
CA VAL A 59 -28.61 7.79 -27.69
C VAL A 59 -29.79 6.83 -27.57
N THR A 60 -30.96 7.35 -27.33
CA THR A 60 -32.19 6.51 -27.21
C THR A 60 -33.13 6.83 -28.38
N ASN A 61 -33.70 5.84 -29.01
CA ASN A 61 -34.63 6.14 -30.15
C ASN A 61 -35.49 4.89 -30.49
N ALA A 62 -36.56 5.08 -31.25
CA ALA A 62 -37.45 3.92 -31.63
C ALA A 62 -36.79 3.05 -32.69
N ASP A 63 -35.72 3.49 -33.28
CA ASP A 63 -35.04 2.68 -34.33
C ASP A 63 -34.28 1.53 -33.66
N GLY A 64 -34.48 1.33 -32.39
CA GLY A 64 -33.75 0.23 -31.69
C GLY A 64 -32.35 0.71 -31.32
N ARG A 65 -32.08 1.99 -31.46
CA ARG A 65 -30.74 2.51 -31.11
C ARG A 65 -30.75 2.97 -29.65
N THR A 66 -30.30 2.14 -28.75
CA THR A 66 -30.27 2.50 -27.30
C THR A 66 -28.86 2.21 -26.78
N GLU A 67 -27.88 2.93 -27.26
CA GLU A 67 -26.47 2.67 -26.85
C GLU A 67 -26.07 3.57 -25.67
N THR A 68 -25.67 2.98 -24.59
CA THR A 68 -25.22 3.75 -23.40
C THR A 68 -23.70 3.75 -23.38
N THR A 69 -23.09 4.88 -23.61
CA THR A 69 -21.61 4.97 -23.61
C THR A 69 -21.21 5.83 -22.42
N LYS A 70 -22.04 5.87 -21.41
CA LYS A 70 -21.72 6.68 -20.20
C LYS A 70 -20.50 6.04 -19.51
N GLU A 71 -19.35 6.13 -20.12
CA GLU A 71 -18.12 5.52 -19.52
C GLU A 71 -17.23 6.63 -18.96
N VAL A 72 -16.49 6.34 -17.93
CA VAL A 72 -15.57 7.35 -17.32
C VAL A 72 -14.17 6.74 -17.23
N VAL A 73 -13.15 7.53 -17.45
CA VAL A 73 -11.76 6.99 -17.37
C VAL A 73 -10.93 7.90 -16.46
N LYS A 74 -10.42 7.32 -15.41
CA LYS A 74 -9.60 8.11 -14.45
C LYS A 74 -8.41 8.72 -15.18
N SER A 75 -7.44 7.91 -15.52
CA SER A 75 -6.25 8.46 -16.23
C SER A 75 -5.50 7.30 -16.93
N GLU A 76 -6.06 6.77 -17.97
CA GLU A 76 -5.39 5.64 -18.69
C GLU A 76 -4.12 6.18 -19.37
N ASP A 77 -3.36 6.99 -18.70
CA ASP A 77 -2.12 7.54 -19.30
C ASP A 77 -1.33 8.30 -18.23
N GLY A 78 -2.01 8.98 -17.35
CA GLY A 78 -1.31 9.73 -16.27
C GLY A 78 -0.98 11.14 -16.77
N SER A 79 -1.91 11.78 -17.44
CA SER A 79 -1.66 13.15 -17.95
C SER A 79 -1.54 14.12 -16.77
N ASP A 80 -0.74 13.79 -15.80
CA ASP A 80 -0.58 14.69 -14.61
C ASP A 80 -1.96 14.96 -14.00
N CYS A 81 -2.89 14.07 -14.18
CA CYS A 81 -4.27 14.26 -13.61
C CYS A 81 -4.47 13.28 -12.45
N GLY A 82 -4.60 12.02 -12.73
CA GLY A 82 -4.80 11.03 -11.64
C GLY A 82 -3.48 10.82 -10.88
N ASP A 83 -2.37 10.90 -11.57
CA ASP A 83 -1.06 10.72 -10.88
C ASP A 83 -1.10 9.42 -10.07
N ALA A 84 -1.48 9.51 -8.82
CA ALA A 84 -1.53 8.28 -7.98
C ALA A 84 -2.57 7.32 -8.53
N ASP A 85 -2.66 6.14 -7.98
CA ASP A 85 -3.66 5.15 -8.48
C ASP A 85 -3.95 4.12 -7.38
N PHE A 86 -3.54 2.91 -7.56
CA PHE A 86 -3.80 1.87 -6.53
C PHE A 86 -2.94 2.14 -5.30
N ASP A 87 -3.55 2.49 -4.20
CA ASP A 87 -2.76 2.77 -2.96
C ASP A 87 -2.06 1.49 -2.52
N TRP A 88 -1.92 1.30 -1.24
CA TRP A 88 -1.23 0.06 -0.73
C TRP A 88 -1.78 -0.29 0.65
N HIS A 89 -2.03 -1.55 0.89
CA HIS A 89 -2.56 -1.96 2.22
C HIS A 89 -1.49 -1.77 3.29
N HIS A 90 -1.12 -0.54 3.55
CA HIS A 90 -0.08 -0.28 4.59
C HIS A 90 1.17 -1.12 4.27
N THR A 91 1.58 -1.17 3.03
CA THR A 91 2.79 -1.96 2.66
C THR A 91 3.58 -1.21 1.58
N PHE A 92 4.80 -0.86 1.87
CA PHE A 92 5.63 -0.13 0.88
C PHE A 92 5.99 -1.05 -0.31
N PRO A 93 6.44 -2.26 -0.03
CA PRO A 93 6.82 -3.20 -1.10
C PRO A 93 5.58 -3.57 -1.94
N SER A 94 5.74 -3.72 -3.22
CA SER A 94 4.58 -4.07 -4.08
C SER A 94 4.01 -5.42 -3.64
N ARG A 95 4.84 -6.43 -3.56
CA ARG A 95 4.35 -7.77 -3.13
C ARG A 95 5.54 -8.64 -2.74
N GLY A 96 5.39 -9.44 -1.72
CA GLY A 96 6.51 -10.32 -1.29
C GLY A 96 6.28 -10.78 0.15
N ASN A 97 7.25 -11.42 0.75
CA ASN A 97 7.08 -11.89 2.15
C ASN A 97 8.43 -12.33 2.71
N LEU A 98 8.89 -13.49 2.35
CA LEU A 98 10.21 -13.96 2.87
C LEU A 98 11.34 -13.23 2.15
N ASP A 99 11.85 -13.77 1.08
CA ASP A 99 12.95 -13.09 0.35
C ASP A 99 14.05 -12.67 1.33
N ASP A 100 14.27 -13.46 2.35
CA ASP A 100 15.33 -13.10 3.35
C ASP A 100 16.70 -13.17 2.68
N PHE A 101 17.53 -14.06 3.12
CA PHE A 101 18.89 -14.18 2.51
C PHE A 101 18.76 -14.65 1.05
N PHE A 102 17.75 -15.43 0.76
CA PHE A 102 17.57 -15.91 -0.64
C PHE A 102 16.20 -16.59 -0.76
N HIS A 103 15.71 -16.74 -1.97
CA HIS A 103 14.39 -17.40 -2.16
C HIS A 103 14.46 -18.85 -1.66
N ARG A 104 15.47 -19.57 -2.06
CA ARG A 104 15.59 -20.99 -1.62
C ARG A 104 14.29 -21.73 -1.91
N ASP A 105 14.23 -22.45 -2.99
CA ASP A 105 12.98 -23.19 -3.32
C ASP A 105 12.67 -24.20 -2.21
N LYS A 106 11.97 -25.25 -2.53
CA LYS A 106 11.63 -26.26 -1.50
C LYS A 106 11.17 -27.55 -2.17
N ASP A 107 11.20 -28.65 -1.48
CA ASP A 107 10.76 -29.94 -2.08
C ASP A 107 10.70 -31.02 -1.00
N ASP A 108 9.68 -31.00 -0.18
CA ASP A 108 9.57 -32.03 0.88
C ASP A 108 10.88 -32.09 1.68
N PHE A 109 11.10 -31.16 2.56
CA PHE A 109 12.36 -31.16 3.35
C PHE A 109 12.19 -32.09 4.56
N PHE A 110 11.05 -32.70 4.69
CA PHE A 110 10.82 -33.61 5.84
C PHE A 110 11.60 -34.91 5.63
N THR A 111 11.95 -35.20 4.41
CA THR A 111 12.72 -36.45 4.13
C THR A 111 13.07 -36.51 2.64
N ARG A 112 14.20 -37.06 2.32
CA ARG A 112 14.60 -37.15 0.87
C ARG A 112 13.82 -38.30 0.22
N SER A 113 14.49 -39.33 -0.19
CA SER A 113 13.79 -40.47 -0.84
C SER A 113 12.97 -41.23 0.21
N SER A 114 11.68 -41.31 0.02
CA SER A 114 10.83 -42.03 1.01
C SER A 114 11.18 -43.53 0.99
N HIS A 115 12.13 -43.91 0.19
CA HIS A 115 12.51 -45.35 0.13
C HIS A 115 13.42 -45.70 1.31
N GLU A 116 12.90 -45.63 2.50
CA GLU A 116 13.74 -45.94 3.69
C GLU A 116 14.07 -47.44 3.70
N PHE A 117 14.79 -47.90 4.68
CA PHE A 117 15.14 -49.34 4.74
C PHE A 117 13.88 -50.16 4.98
N ASP A 118 13.50 -50.98 4.03
CA ASP A 118 12.27 -51.81 4.21
C ASP A 118 12.48 -52.79 5.35
N GLY A 119 13.66 -53.33 5.48
CA GLY A 119 13.93 -54.30 6.58
C GLY A 119 15.39 -54.74 6.54
N ARG A 120 16.02 -54.86 7.67
CA ARG A 120 17.44 -55.29 7.67
C ARG A 120 17.56 -56.71 7.11
N THR A 121 18.75 -57.14 6.78
CA THR A 121 18.91 -58.51 6.23
C THR A 121 18.92 -59.53 7.38
N GLY A 122 19.41 -59.14 8.52
CA GLY A 122 19.44 -60.09 9.68
C GLY A 122 20.32 -59.50 10.79
N LEU A 123 20.34 -60.14 11.93
CA LEU A 123 21.19 -59.62 13.04
C LEU A 123 22.67 -59.79 12.69
N ALA A 124 23.44 -58.75 12.79
CA ALA A 124 24.88 -58.86 12.45
C ALA A 124 25.59 -59.67 13.56
N PRO A 125 26.70 -60.32 13.23
CA PRO A 125 27.44 -61.11 14.23
C PRO A 125 27.83 -60.22 15.42
N GLU A 126 27.57 -60.65 16.62
CA GLU A 126 27.93 -59.83 17.80
C GLU A 126 29.44 -59.85 18.00
N PHE A 127 30.03 -61.01 17.99
CA PHE A 127 31.51 -61.11 18.17
C PHE A 127 32.01 -62.43 17.60
N ALA A 128 32.37 -62.46 16.34
CA ALA A 128 32.87 -63.72 15.73
C ALA A 128 31.83 -64.83 15.93
N ALA A 129 32.27 -66.01 16.23
CA ALA A 129 31.31 -67.13 16.45
C ALA A 129 32.04 -68.31 17.09
N LEU A 130 32.05 -68.37 18.39
CA LEU A 130 32.74 -69.49 19.09
C LEU A 130 31.95 -70.79 18.87
N GLY A 131 31.99 -71.33 17.69
CA GLY A 131 31.24 -72.59 17.41
C GLY A 131 31.43 -72.99 15.95
N GLU A 132 32.57 -73.51 15.62
CA GLU A 132 32.81 -73.92 14.20
C GLU A 132 31.80 -74.99 13.80
N SER A 133 30.76 -74.61 13.10
CA SER A 133 29.74 -75.60 12.67
C SER A 133 30.36 -76.57 11.68
N GLY A 134 31.22 -77.44 12.13
CA GLY A 134 31.86 -78.42 11.20
C GLY A 134 32.62 -79.47 12.01
N SER A 135 33.52 -79.05 12.86
CA SER A 135 34.29 -80.02 13.67
C SER A 135 33.38 -80.67 14.71
N SER A 136 32.19 -81.05 14.31
CA SER A 136 31.25 -81.68 15.28
C SER A 136 31.85 -82.99 15.78
N SER A 137 31.61 -83.33 17.02
CA SER A 137 32.15 -84.61 17.56
C SER A 137 31.51 -84.90 18.93
N SER A 138 30.83 -86.00 19.05
CA SER A 138 30.18 -86.34 20.34
C SER A 138 29.81 -87.82 20.36
N LYS A 139 30.63 -88.65 20.96
CA LYS A 139 30.32 -90.10 21.01
C LYS A 139 29.02 -90.32 21.78
N THR A 140 28.73 -91.55 22.14
CA THR A 140 27.47 -91.82 22.89
C THR A 140 27.56 -93.21 23.52
N SER A 141 27.97 -94.20 22.76
CA SER A 141 28.08 -95.57 23.32
C SER A 141 26.74 -95.96 23.95
N THR A 142 25.79 -96.35 23.16
CA THR A 142 24.46 -96.75 23.72
C THR A 142 24.62 -98.04 24.52
N HIS A 143 25.52 -98.89 24.14
CA HIS A 143 25.73 -100.16 24.89
C HIS A 143 26.98 -100.88 24.36
N SER A 144 27.25 -100.75 23.09
CA SER A 144 28.45 -101.41 22.52
C SER A 144 28.73 -100.87 21.12
N LYS A 145 29.72 -100.03 20.98
CA LYS A 145 30.03 -99.46 19.64
C LYS A 145 30.40 -100.59 18.68
N GLN A 146 31.49 -101.26 18.92
CA GLN A 146 31.90 -102.37 18.01
C GLN A 146 33.02 -103.17 18.68
N PHE A 147 33.74 -102.58 19.58
CA PHE A 147 34.85 -103.30 20.25
C PHE A 147 34.30 -104.56 20.93
N VAL A 148 35.17 -105.36 21.50
CA VAL A 148 34.70 -106.61 22.17
C VAL A 148 35.65 -106.96 23.31
N SER A 149 35.21 -107.76 24.25
CA SER A 149 36.10 -108.14 25.38
C SER A 149 37.22 -109.04 24.88
N SER A 150 37.33 -109.21 23.59
CA SER A 150 38.41 -110.07 23.03
C SER A 150 38.36 -111.44 23.71
N SER A 151 39.31 -112.29 23.41
CA SER A 151 39.32 -113.65 24.04
C SER A 151 40.64 -114.35 23.71
N THR A 152 41.72 -113.89 24.28
CA THR A 152 43.03 -114.55 23.99
C THR A 152 44.09 -113.99 24.95
N THR A 153 43.90 -112.79 25.43
CA THR A 153 44.90 -112.20 26.36
C THR A 153 44.85 -112.94 27.70
N VAL A 154 43.94 -112.58 28.56
CA VAL A 154 43.83 -113.27 29.88
C VAL A 154 45.21 -113.26 30.56
N ASN A 155 45.53 -112.20 31.25
CA ASN A 155 46.85 -112.13 31.93
C ASN A 155 46.91 -113.20 33.03
N ARG A 156 45.78 -113.67 33.48
CA ARG A 156 45.77 -114.71 34.54
C ARG A 156 46.56 -115.93 34.07
N GLY A 157 46.37 -117.05 34.71
CA GLY A 157 47.11 -118.28 34.29
C GLY A 157 46.68 -118.68 32.88
N GLY A 158 47.31 -119.69 32.32
CA GLY A 158 46.95 -120.13 30.95
C GLY A 158 47.51 -121.51 30.68
N SER A 159 48.00 -122.17 31.71
CA SER A 159 48.57 -123.53 31.51
C SER A 159 49.60 -123.50 30.38
N ALA A 160 49.99 -124.64 29.88
CA ALA A 160 50.99 -124.68 28.78
C ALA A 160 51.12 -126.10 28.25
N ILE A 161 50.40 -127.03 28.82
CA ILE A 161 50.48 -128.44 28.34
C ILE A 161 49.63 -128.60 27.09
N GLU A 162 50.21 -128.37 25.94
CA GLU A 162 49.43 -128.52 24.67
C GLU A 162 48.99 -129.97 24.51
N SER A 163 49.65 -130.71 23.66
CA SER A 163 49.27 -132.13 23.46
C SER A 163 50.33 -132.81 22.58
N LYS A 164 51.35 -132.10 22.19
CA LYS A 164 52.40 -132.73 21.34
C LYS A 164 53.61 -131.77 21.25
N HIS A 165 54.79 -132.31 21.21
CA HIS A 165 56.00 -131.44 21.12
C HIS A 165 56.05 -130.78 19.75
N PHE A 166 56.47 -131.50 18.75
CA PHE A 166 56.55 -130.90 17.38
C PHE A 166 55.13 -130.62 16.88
N MET A 1 -61.83 53.93 -76.90
CA MET A 1 -60.74 52.94 -77.15
C MET A 1 -61.32 51.52 -77.05
N GLY A 2 -62.08 51.26 -76.03
CA GLY A 2 -62.67 49.89 -75.87
C GLY A 2 -63.33 49.78 -74.50
N THR A 3 -64.51 50.31 -74.35
CA THR A 3 -65.20 50.24 -73.04
C THR A 3 -65.54 48.77 -72.72
N PHE A 4 -64.70 48.10 -72.00
CA PHE A 4 -64.97 46.68 -71.66
C PHE A 4 -66.16 46.60 -70.69
N ARG A 5 -66.58 45.41 -70.36
CA ARG A 5 -67.73 45.28 -69.42
C ARG A 5 -67.36 45.86 -68.06
N GLU A 6 -66.40 45.29 -67.39
CA GLU A 6 -65.99 45.82 -66.06
C GLU A 6 -67.23 45.93 -65.16
N GLU A 7 -67.53 44.90 -64.42
CA GLU A 7 -68.72 44.95 -63.52
C GLU A 7 -68.49 46.00 -62.43
N GLY A 8 -68.61 45.63 -61.18
CA GLY A 8 -68.39 46.61 -60.08
C GLY A 8 -68.57 45.91 -58.74
N SER A 9 -68.15 44.68 -58.63
CA SER A 9 -68.28 43.95 -57.34
C SER A 9 -67.42 42.68 -57.38
N VAL A 10 -66.22 42.77 -56.90
CA VAL A 10 -65.33 41.57 -56.90
C VAL A 10 -65.78 40.59 -55.80
N SER A 11 -67.00 40.73 -55.35
CA SER A 11 -67.49 39.81 -54.28
C SER A 11 -66.51 39.79 -53.11
N SER A 12 -65.95 40.93 -52.78
CA SER A 12 -64.98 40.99 -51.65
C SER A 12 -63.95 39.87 -51.80
N GLY A 13 -63.57 39.24 -50.73
CA GLY A 13 -62.57 38.15 -50.82
C GLY A 13 -62.51 37.39 -49.48
N THR A 14 -63.56 36.67 -49.16
CA THR A 14 -63.58 35.91 -47.88
C THR A 14 -62.47 34.86 -47.90
N LYS A 15 -62.35 34.12 -48.97
CA LYS A 15 -61.30 33.07 -49.05
C LYS A 15 -61.38 32.17 -47.82
N GLN A 16 -62.46 31.45 -47.67
CA GLN A 16 -62.60 30.55 -46.50
C GLN A 16 -61.64 29.36 -46.63
N GLU A 17 -60.76 29.43 -47.59
CA GLU A 17 -59.79 28.31 -47.78
C GLU A 17 -58.65 28.43 -46.77
N PHE A 18 -58.16 29.62 -46.55
CA PHE A 18 -57.05 29.80 -45.57
C PHE A 18 -55.92 28.82 -45.91
N HIS A 19 -55.96 28.23 -47.07
CA HIS A 19 -54.90 27.27 -47.45
C HIS A 19 -53.62 28.04 -47.82
N THR A 20 -53.76 29.27 -48.22
CA THR A 20 -52.56 30.07 -48.61
C THR A 20 -51.74 30.37 -47.36
N GLY A 21 -50.77 29.54 -47.05
CA GLY A 21 -49.93 29.78 -45.85
C GLY A 21 -49.04 31.00 -46.08
N LYS A 22 -47.87 31.02 -45.48
CA LYS A 22 -46.95 32.18 -45.67
C LYS A 22 -46.03 31.91 -46.86
N LEU A 23 -45.96 32.82 -47.78
CA LEU A 23 -45.08 32.61 -48.97
C LEU A 23 -45.40 31.25 -49.60
N VAL A 24 -46.35 31.20 -50.48
CA VAL A 24 -46.72 29.91 -51.11
C VAL A 24 -45.50 29.36 -51.87
N THR A 25 -44.78 30.21 -52.55
CA THR A 25 -43.59 29.73 -53.31
C THR A 25 -42.54 29.20 -52.33
N THR A 26 -42.06 28.01 -52.55
CA THR A 26 -41.04 27.43 -51.63
C THR A 26 -40.22 26.36 -52.38
N LYS A 27 -40.69 25.94 -53.52
CA LYS A 27 -39.96 24.90 -54.29
C LYS A 27 -38.51 25.37 -54.52
N GLY A 28 -37.56 24.71 -53.92
CA GLY A 28 -36.14 25.12 -54.11
C GLY A 28 -35.23 24.20 -53.29
N ASP A 29 -34.08 24.66 -52.92
CA ASP A 29 -33.15 23.82 -52.12
C ASP A 29 -33.68 23.68 -50.69
N LYS A 30 -34.84 24.23 -50.44
CA LYS A 30 -35.41 24.13 -49.07
C LYS A 30 -34.38 24.62 -48.04
N GLU A 31 -34.76 24.69 -46.80
CA GLU A 31 -33.81 25.16 -45.75
C GLU A 31 -32.95 23.98 -45.28
N LEU A 32 -31.67 24.03 -45.54
CA LEU A 32 -30.77 22.92 -45.11
C LEU A 32 -30.59 22.97 -43.59
N LEU A 33 -31.10 23.99 -42.96
CA LEU A 33 -30.96 24.10 -41.48
C LEU A 33 -31.87 25.22 -40.97
N ILE A 34 -32.52 25.00 -39.85
CA ILE A 34 -33.41 26.06 -39.30
C ILE A 34 -32.59 27.25 -38.83
N ASP A 35 -33.20 28.38 -38.60
CA ASP A 35 -32.45 29.57 -38.15
C ASP A 35 -31.29 29.84 -39.10
N ASN A 36 -30.54 30.88 -38.87
CA ASN A 36 -29.40 31.19 -39.77
C ASN A 36 -28.46 29.99 -39.85
N GLU A 37 -27.70 29.88 -40.91
CA GLU A 37 -26.77 28.73 -41.04
C GLU A 37 -25.59 28.91 -40.08
N LYS A 38 -24.76 29.88 -40.33
CA LYS A 38 -23.59 30.11 -39.42
C LYS A 38 -24.07 30.70 -38.10
N VAL A 39 -24.32 29.87 -37.12
CA VAL A 39 -24.79 30.38 -35.80
C VAL A 39 -23.63 31.02 -35.05
N THR A 40 -23.73 31.13 -33.75
CA THR A 40 -22.62 31.74 -32.97
C THR A 40 -21.34 30.94 -33.18
N SER A 41 -20.25 31.59 -33.47
CA SER A 41 -18.98 30.86 -33.68
C SER A 41 -18.48 30.28 -32.35
N GLY A 42 -18.93 29.10 -32.01
CA GLY A 42 -18.49 28.48 -30.73
C GLY A 42 -19.35 27.26 -30.43
N HIS A 43 -19.65 26.48 -31.43
CA HIS A 43 -20.48 25.26 -31.20
C HIS A 43 -19.65 24.19 -30.50
N THR A 44 -18.49 24.55 -30.03
CA THR A 44 -17.63 23.55 -29.32
C THR A 44 -18.19 23.30 -27.92
N THR A 45 -19.46 23.51 -27.73
CA THR A 45 -20.07 23.29 -26.38
C THR A 45 -20.23 21.78 -26.15
N THR A 46 -19.44 21.23 -25.27
CA THR A 46 -19.52 19.77 -24.99
C THR A 46 -19.10 19.49 -23.54
N THR A 47 -19.94 18.89 -22.76
CA THR A 47 -19.56 18.60 -21.34
C THR A 47 -18.52 17.49 -21.31
N ARG A 48 -17.28 17.83 -21.08
CA ARG A 48 -16.19 16.80 -21.04
C ARG A 48 -15.14 17.22 -20.00
N ARG A 49 -14.58 16.27 -19.30
CA ARG A 49 -13.55 16.61 -18.27
C ARG A 49 -12.16 16.66 -18.93
N SER A 50 -11.49 17.78 -18.83
CA SER A 50 -10.14 17.91 -19.44
C SER A 50 -9.16 16.98 -18.71
N CYS A 51 -8.85 17.28 -17.47
CA CYS A 51 -7.90 16.42 -16.71
C CYS A 51 -8.31 14.95 -16.87
N SER A 52 -9.09 14.44 -15.97
CA SER A 52 -9.53 13.02 -16.10
C SER A 52 -10.20 12.85 -17.47
N LYS A 53 -10.12 11.68 -18.06
CA LYS A 53 -10.77 11.49 -19.39
C LYS A 53 -12.15 10.87 -19.16
N VAL A 54 -13.18 11.69 -19.23
CA VAL A 54 -14.57 11.19 -19.01
C VAL A 54 -15.46 11.64 -20.17
N ILE A 55 -15.97 10.71 -20.93
CA ILE A 55 -16.87 11.06 -22.09
C ILE A 55 -18.16 10.26 -21.97
N THR A 56 -19.29 10.91 -21.97
CA THR A 56 -20.60 10.20 -21.84
C THR A 56 -21.53 10.65 -22.98
N LYS A 57 -21.82 9.74 -23.88
CA LYS A 57 -22.76 10.07 -25.02
C LYS A 57 -23.90 9.04 -25.02
N THR A 58 -25.10 9.49 -24.76
CA THR A 58 -26.27 8.55 -24.72
C THR A 58 -27.29 8.96 -25.79
N VAL A 59 -27.68 8.04 -26.64
CA VAL A 59 -28.70 8.35 -27.70
C VAL A 59 -29.76 7.25 -27.71
N THR A 60 -31.00 7.61 -27.53
CA THR A 60 -32.11 6.59 -27.51
C THR A 60 -32.94 6.71 -28.79
N ASN A 61 -33.00 5.63 -29.56
CA ASN A 61 -33.79 5.65 -30.84
C ASN A 61 -35.02 4.70 -30.67
N ALA A 62 -36.18 5.00 -31.27
CA ALA A 62 -37.38 4.13 -31.07
C ALA A 62 -37.24 2.76 -31.76
N ASP A 63 -36.53 2.67 -32.85
CA ASP A 63 -36.42 1.35 -33.54
C ASP A 63 -35.64 0.37 -32.67
N GLY A 64 -35.28 0.77 -31.47
CA GLY A 64 -34.54 -0.14 -30.56
C GLY A 64 -33.04 0.11 -30.64
N ARG A 65 -32.59 1.11 -31.37
CA ARG A 65 -31.12 1.38 -31.43
C ARG A 65 -30.77 2.39 -30.34
N THR A 66 -30.15 1.93 -29.27
CA THR A 66 -29.79 2.84 -28.15
C THR A 66 -28.32 2.62 -27.79
N GLU A 67 -27.47 3.53 -28.17
CA GLU A 67 -26.01 3.36 -27.87
C GLU A 67 -25.66 4.10 -26.58
N THR A 68 -25.03 3.42 -25.65
CA THR A 68 -24.65 4.07 -24.35
C THR A 68 -23.13 4.24 -24.32
N THR A 69 -22.68 5.46 -24.44
CA THR A 69 -21.21 5.74 -24.39
C THR A 69 -20.92 6.28 -23.00
N LYS A 70 -21.73 5.90 -22.05
CA LYS A 70 -21.52 6.37 -20.64
C LYS A 70 -20.27 5.70 -20.09
N GLU A 71 -19.12 6.07 -20.60
CA GLU A 71 -17.85 5.46 -20.12
C GLU A 71 -17.09 6.47 -19.26
N VAL A 72 -16.43 6.02 -18.23
CA VAL A 72 -15.66 6.94 -17.34
C VAL A 72 -14.24 6.39 -17.22
N VAL A 73 -13.25 7.22 -17.44
CA VAL A 73 -11.84 6.76 -17.31
C VAL A 73 -11.07 7.74 -16.44
N LYS A 74 -10.61 7.28 -15.34
CA LYS A 74 -9.84 8.16 -14.41
C LYS A 74 -8.41 8.32 -14.91
N SER A 75 -7.52 8.79 -14.08
CA SER A 75 -6.11 8.98 -14.51
C SER A 75 -5.39 7.63 -14.53
N GLU A 76 -5.43 6.94 -15.63
CA GLU A 76 -4.75 5.62 -15.72
C GLU A 76 -3.35 5.70 -15.11
N ASP A 77 -2.85 6.90 -14.91
CA ASP A 77 -1.49 7.05 -14.31
C ASP A 77 -1.36 8.43 -13.68
N GLY A 78 -1.90 9.43 -14.32
CA GLY A 78 -1.82 10.81 -13.76
C GLY A 78 -2.49 11.78 -14.74
N SER A 79 -2.90 11.30 -15.88
CA SER A 79 -3.56 12.20 -16.87
C SER A 79 -2.73 13.47 -17.02
N ASP A 80 -1.44 13.39 -16.78
CA ASP A 80 -0.58 14.59 -16.89
C ASP A 80 -1.16 15.72 -16.04
N CYS A 81 -1.92 15.38 -15.03
CA CYS A 81 -2.53 16.42 -14.15
C CYS A 81 -1.64 16.63 -12.91
N GLY A 82 -0.40 16.21 -12.99
CA GLY A 82 0.50 16.37 -11.81
C GLY A 82 1.95 16.31 -12.28
N ASP A 83 2.17 15.96 -13.53
CA ASP A 83 3.56 15.88 -14.05
C ASP A 83 3.53 15.91 -15.58
N ALA A 84 3.71 17.07 -16.16
CA ALA A 84 3.71 17.17 -17.64
C ALA A 84 4.92 16.44 -18.21
N ASP A 85 5.68 15.79 -17.36
CA ASP A 85 6.88 15.05 -17.86
C ASP A 85 7.42 14.17 -16.74
N PHE A 86 7.87 12.99 -17.08
CA PHE A 86 8.43 12.07 -16.04
C PHE A 86 9.59 12.76 -15.33
N ASP A 87 9.52 12.87 -14.03
CA ASP A 87 10.62 13.53 -13.28
C ASP A 87 11.92 12.74 -13.49
N TRP A 88 11.87 11.44 -13.33
CA TRP A 88 13.09 10.62 -13.53
C TRP A 88 13.54 10.70 -14.99
N HIS A 89 12.60 10.72 -15.91
CA HIS A 89 12.96 10.79 -17.35
C HIS A 89 13.92 9.65 -17.69
N HIS A 90 14.17 9.45 -18.95
CA HIS A 90 15.09 8.35 -19.35
C HIS A 90 16.54 8.81 -19.23
N THR A 91 16.91 9.32 -18.09
CA THR A 91 18.31 9.79 -17.90
C THR A 91 19.28 8.63 -18.14
N PHE A 92 20.35 8.88 -18.83
CA PHE A 92 21.33 7.79 -19.10
C PHE A 92 20.61 6.55 -19.63
N PRO A 93 20.07 6.64 -20.83
CA PRO A 93 19.34 5.51 -21.44
C PRO A 93 20.29 4.31 -21.62
N SER A 94 21.55 4.58 -21.85
CA SER A 94 22.53 3.46 -22.03
C SER A 94 23.00 2.98 -20.66
N ARG A 95 23.48 1.77 -20.57
CA ARG A 95 23.95 1.26 -19.25
C ARG A 95 24.74 -0.04 -19.48
N GLY A 96 24.84 -0.49 -20.70
CA GLY A 96 25.59 -1.74 -20.98
C GLY A 96 27.08 -1.52 -20.72
N ASN A 97 27.43 -1.05 -19.55
CA ASN A 97 28.86 -0.81 -19.24
C ASN A 97 29.49 0.04 -20.35
N LEU A 98 29.53 1.33 -20.17
CA LEU A 98 30.12 2.21 -21.22
C LEU A 98 30.24 3.63 -20.67
N ASP A 99 31.44 4.15 -20.58
CA ASP A 99 31.61 5.53 -20.06
C ASP A 99 33.05 6.00 -20.31
N ASP A 100 33.21 7.19 -20.81
CA ASP A 100 34.58 7.70 -21.08
C ASP A 100 35.36 6.68 -21.92
N PHE A 101 35.23 6.76 -23.22
CA PHE A 101 35.96 5.79 -24.10
C PHE A 101 37.46 5.93 -23.86
N PHE A 102 37.87 6.92 -23.12
CA PHE A 102 39.32 7.11 -22.84
C PHE A 102 40.06 7.31 -24.17
N HIS A 103 40.47 8.51 -24.45
CA HIS A 103 41.21 8.78 -25.72
C HIS A 103 42.65 8.28 -25.60
N ARG A 104 43.20 8.34 -24.42
CA ARG A 104 44.61 7.88 -24.24
C ARG A 104 45.53 8.64 -25.19
N ASP A 105 46.82 8.55 -24.99
CA ASP A 105 47.79 9.26 -25.87
C ASP A 105 48.87 8.29 -26.33
N LYS A 106 49.07 8.16 -27.62
CA LYS A 106 50.12 7.23 -28.13
C LYS A 106 51.50 7.79 -27.83
N ASP A 107 51.59 8.76 -26.95
CA ASP A 107 52.92 9.34 -26.62
C ASP A 107 52.77 10.30 -25.43
N ASP A 108 52.88 9.79 -24.24
CA ASP A 108 52.74 10.68 -23.05
C ASP A 108 53.92 11.67 -23.01
N PHE A 109 53.64 12.92 -22.76
CA PHE A 109 54.73 13.92 -22.71
C PHE A 109 55.69 13.58 -21.57
N PHE A 110 55.18 13.06 -20.49
CA PHE A 110 56.06 12.71 -19.34
C PHE A 110 56.99 11.55 -19.75
N THR A 111 58.05 11.85 -20.45
CA THR A 111 58.99 10.77 -20.87
C THR A 111 59.61 10.12 -19.63
N ARG A 112 59.05 9.04 -19.17
CA ARG A 112 59.61 8.36 -17.97
C ARG A 112 60.98 7.78 -18.31
N SER A 113 62.02 8.55 -18.17
CA SER A 113 63.38 8.03 -18.48
C SER A 113 63.40 7.48 -19.91
N SER A 114 62.34 7.68 -20.64
CA SER A 114 62.30 7.16 -22.03
C SER A 114 62.66 5.67 -22.05
N HIS A 115 63.12 5.17 -23.16
CA HIS A 115 63.50 3.74 -23.24
C HIS A 115 64.75 3.49 -22.38
N GLU A 116 65.39 2.37 -22.56
CA GLU A 116 66.61 2.08 -21.76
C GLU A 116 67.75 2.99 -22.21
N PHE A 117 68.75 3.15 -21.40
CA PHE A 117 69.89 4.03 -21.78
C PHE A 117 70.57 3.48 -23.03
N ASP A 118 70.79 4.31 -24.01
CA ASP A 118 71.46 3.83 -25.25
C ASP A 118 71.85 5.04 -26.12
N GLY A 119 72.85 5.77 -25.72
CA GLY A 119 73.27 6.95 -26.52
C GLY A 119 74.40 7.69 -25.80
N ARG A 120 75.62 7.27 -26.02
CA ARG A 120 76.76 7.94 -25.35
C ARG A 120 76.89 9.37 -25.85
N THR A 121 77.17 10.30 -24.98
CA THR A 121 77.31 11.72 -25.41
C THR A 121 77.86 12.56 -24.26
N GLY A 122 78.61 11.95 -23.38
CA GLY A 122 79.19 12.71 -22.24
C GLY A 122 79.99 11.76 -21.35
N LEU A 123 81.12 12.21 -20.85
CA LEU A 123 81.94 11.33 -19.98
C LEU A 123 81.29 11.24 -18.59
N ALA A 124 81.06 10.05 -18.11
CA ALA A 124 80.42 9.90 -16.77
C ALA A 124 81.49 10.17 -15.68
N PRO A 125 81.05 10.46 -14.47
CA PRO A 125 81.98 10.73 -13.36
C PRO A 125 82.91 9.53 -13.15
N GLU A 126 84.07 9.76 -12.61
CA GLU A 126 85.03 8.63 -12.38
C GLU A 126 84.43 7.66 -11.37
N PHE A 127 85.19 7.23 -10.39
CA PHE A 127 84.65 6.28 -9.39
C PHE A 127 83.76 7.05 -8.40
N ALA A 128 83.94 6.81 -7.12
CA ALA A 128 83.11 7.53 -6.11
C ALA A 128 83.47 9.02 -6.13
N ALA A 129 84.65 9.36 -5.69
CA ALA A 129 85.05 10.79 -5.68
C ALA A 129 86.54 10.90 -5.30
N LEU A 130 87.17 11.99 -5.64
CA LEU A 130 88.61 12.15 -5.29
C LEU A 130 88.76 12.21 -3.77
N GLY A 131 89.06 11.10 -3.16
CA GLY A 131 89.22 11.08 -1.67
C GLY A 131 89.46 9.64 -1.20
N GLU A 132 90.09 8.85 -2.00
CA GLU A 132 90.35 7.43 -1.60
C GLU A 132 91.10 7.41 -0.26
N SER A 133 91.60 6.28 0.13
CA SER A 133 92.34 6.19 1.42
C SER A 133 93.01 4.82 1.54
N GLY A 134 92.31 3.85 2.06
CA GLY A 134 92.90 2.49 2.21
C GLY A 134 91.95 1.60 3.00
N SER A 135 90.84 1.24 2.42
CA SER A 135 89.87 0.36 3.13
C SER A 135 90.47 -1.04 3.30
N SER A 136 89.77 -1.92 3.96
CA SER A 136 90.29 -3.30 4.16
C SER A 136 91.71 -3.23 4.76
N SER A 137 91.82 -3.38 6.05
CA SER A 137 93.16 -3.31 6.69
C SER A 137 94.07 -4.38 6.08
N SER A 138 93.52 -5.23 5.25
CA SER A 138 94.35 -6.31 4.63
C SER A 138 95.27 -5.68 3.58
N LYS A 139 95.39 -4.39 3.57
CA LYS A 139 96.28 -3.73 2.57
C LYS A 139 97.71 -4.25 2.72
N THR A 140 98.01 -5.37 2.11
CA THR A 140 99.38 -5.92 2.22
C THR A 140 99.59 -7.00 1.14
N SER A 141 98.62 -7.85 0.95
CA SER A 141 98.76 -8.92 -0.08
C SER A 141 97.41 -9.61 -0.27
N THR A 142 97.40 -10.73 -0.96
CA THR A 142 96.12 -11.46 -1.18
C THR A 142 96.41 -12.82 -1.82
N HIS A 143 95.45 -13.70 -1.82
CA HIS A 143 95.67 -15.05 -2.42
C HIS A 143 95.94 -14.88 -3.93
N SER A 144 96.44 -15.90 -4.57
CA SER A 144 96.73 -15.81 -6.02
C SER A 144 97.07 -17.19 -6.57
N LYS A 145 98.05 -17.27 -7.43
CA LYS A 145 98.43 -18.59 -7.99
C LYS A 145 99.82 -18.50 -8.63
N GLN A 146 100.60 -19.53 -8.54
CA GLN A 146 101.95 -19.50 -9.15
C GLN A 146 102.56 -20.91 -9.12
N PHE A 147 103.19 -21.28 -8.04
CA PHE A 147 103.79 -22.63 -7.96
C PHE A 147 104.69 -22.87 -9.19
N VAL A 148 105.52 -21.93 -9.51
CA VAL A 148 106.42 -22.09 -10.69
C VAL A 148 107.44 -20.96 -10.72
N SER A 149 108.60 -21.20 -11.28
CA SER A 149 109.64 -20.14 -11.34
C SER A 149 110.79 -20.60 -12.24
N SER A 150 111.70 -19.71 -12.55
CA SER A 150 112.84 -20.11 -13.42
C SER A 150 113.88 -18.98 -13.43
N SER A 151 114.82 -19.03 -12.52
CA SER A 151 115.86 -17.96 -12.47
C SER A 151 115.18 -16.60 -12.44
N THR A 152 114.43 -16.32 -11.41
CA THR A 152 113.74 -15.00 -11.32
C THR A 152 114.76 -13.92 -10.93
N THR A 153 115.76 -14.29 -10.18
CA THR A 153 116.79 -13.29 -9.77
C THR A 153 117.73 -13.01 -10.94
N VAL A 154 118.43 -11.91 -10.90
CA VAL A 154 119.37 -11.59 -12.01
C VAL A 154 120.58 -12.51 -11.95
N ASN A 155 121.48 -12.29 -11.03
CA ASN A 155 122.68 -13.16 -10.91
C ASN A 155 122.25 -14.59 -10.64
N ARG A 156 123.06 -15.35 -9.95
CA ARG A 156 122.70 -16.77 -9.64
C ARG A 156 123.30 -17.16 -8.29
N GLY A 157 122.51 -17.17 -7.25
CA GLY A 157 123.05 -17.54 -5.91
C GLY A 157 124.07 -16.50 -5.45
N GLY A 158 123.61 -15.41 -4.91
CA GLY A 158 124.56 -14.35 -4.45
C GLY A 158 125.38 -14.88 -3.28
N SER A 159 125.01 -14.56 -2.07
CA SER A 159 125.78 -15.04 -0.90
C SER A 159 125.72 -16.57 -0.84
N ALA A 160 126.57 -17.18 -0.06
CA ALA A 160 126.56 -18.67 0.03
C ALA A 160 125.27 -19.12 0.71
N ILE A 161 124.85 -18.42 1.72
CA ILE A 161 123.59 -18.81 2.44
C ILE A 161 122.39 -18.59 1.51
N GLU A 162 122.40 -19.20 0.36
CA GLU A 162 121.26 -19.02 -0.59
C GLU A 162 120.07 -19.81 -0.08
N SER A 163 119.84 -19.81 1.21
CA SER A 163 118.68 -20.57 1.76
C SER A 163 118.69 -22.00 1.21
N LYS A 164 119.53 -22.84 1.75
CA LYS A 164 119.60 -24.25 1.27
C LYS A 164 118.29 -24.97 1.63
N HIS A 165 117.33 -24.93 0.75
CA HIS A 165 116.03 -25.60 1.03
C HIS A 165 116.23 -27.12 0.95
N PHE A 166 117.13 -27.65 1.73
CA PHE A 166 117.36 -29.12 1.70
C PHE A 166 118.26 -29.52 2.87
N MET A 1 -10.94 47.26 -80.33
CA MET A 1 -11.60 48.59 -80.44
C MET A 1 -10.54 49.69 -80.57
N GLY A 2 -9.34 49.41 -80.14
CA GLY A 2 -8.26 50.42 -80.24
C GLY A 2 -7.94 50.68 -81.71
N THR A 3 -6.76 50.31 -82.14
CA THR A 3 -6.38 50.53 -83.57
C THR A 3 -5.35 49.48 -83.98
N PHE A 4 -4.93 49.50 -85.23
CA PHE A 4 -3.92 48.50 -85.68
C PHE A 4 -2.57 48.80 -85.05
N ARG A 5 -2.54 48.99 -83.76
CA ARG A 5 -1.25 49.28 -83.08
C ARG A 5 -0.38 48.02 -83.06
N GLU A 6 -0.95 46.89 -83.38
CA GLU A 6 -0.16 45.63 -83.39
C GLU A 6 1.00 45.77 -84.38
N GLU A 7 0.75 45.51 -85.64
CA GLU A 7 1.83 45.63 -86.65
C GLU A 7 2.15 47.12 -86.88
N GLY A 8 2.92 47.71 -85.99
CA GLY A 8 3.26 49.15 -86.15
C GLY A 8 4.52 49.29 -87.00
N SER A 9 5.65 48.90 -86.48
CA SER A 9 6.91 49.00 -87.26
C SER A 9 8.05 48.32 -86.49
N VAL A 10 8.60 48.98 -85.51
CA VAL A 10 9.70 48.38 -84.72
C VAL A 10 10.02 49.26 -83.52
N SER A 11 10.24 48.68 -82.38
CA SER A 11 10.56 49.49 -81.17
C SER A 11 11.00 48.55 -80.03
N SER A 12 11.85 49.03 -79.16
CA SER A 12 12.32 48.18 -78.03
C SER A 12 11.17 47.98 -77.04
N GLY A 13 10.86 48.98 -76.26
CA GLY A 13 9.76 48.85 -75.27
C GLY A 13 9.46 50.21 -74.65
N THR A 14 8.21 50.51 -74.41
CA THR A 14 7.85 51.82 -73.81
C THR A 14 8.27 51.84 -72.34
N LYS A 15 7.43 51.36 -71.46
CA LYS A 15 7.78 51.35 -70.02
C LYS A 15 6.77 50.51 -69.24
N GLN A 16 6.85 49.21 -69.36
CA GLN A 16 5.89 48.34 -68.63
C GLN A 16 6.22 48.35 -67.13
N GLU A 17 5.70 49.29 -66.41
CA GLU A 17 5.99 49.34 -64.94
C GLU A 17 5.35 48.14 -64.25
N PHE A 18 4.23 47.68 -64.75
CA PHE A 18 3.56 46.51 -64.12
C PHE A 18 4.36 45.24 -64.41
N HIS A 19 4.24 44.25 -63.57
CA HIS A 19 5.00 42.99 -63.80
C HIS A 19 4.61 42.40 -65.16
N THR A 20 5.51 41.72 -65.81
CA THR A 20 5.20 41.13 -67.13
C THR A 20 4.08 40.09 -66.97
N GLY A 21 4.06 39.40 -65.86
CA GLY A 21 2.99 38.37 -65.64
C GLY A 21 3.22 37.21 -66.60
N LYS A 22 4.30 37.22 -67.34
CA LYS A 22 4.56 36.09 -68.28
C LYS A 22 3.36 35.92 -69.21
N LEU A 23 3.48 35.10 -70.21
CA LEU A 23 2.34 34.88 -71.15
C LEU A 23 1.37 33.88 -70.53
N VAL A 24 0.14 33.88 -70.98
CA VAL A 24 -0.87 32.94 -70.42
C VAL A 24 -1.00 33.17 -68.91
N THR A 25 -1.97 33.97 -68.52
CA THR A 25 -2.16 34.24 -67.06
C THR A 25 -2.19 32.92 -66.29
N THR A 26 -2.31 32.99 -64.99
CA THR A 26 -2.36 31.74 -64.18
C THR A 26 -3.66 30.98 -64.46
N LYS A 27 -3.67 29.70 -64.26
CA LYS A 27 -4.91 28.91 -64.51
C LYS A 27 -5.91 29.15 -63.36
N GLY A 28 -5.91 30.33 -62.81
CA GLY A 28 -6.84 30.62 -61.69
C GLY A 28 -6.44 29.81 -60.45
N ASP A 29 -6.47 28.51 -60.55
CA ASP A 29 -6.08 27.67 -59.39
C ASP A 29 -4.68 28.05 -58.91
N LYS A 30 -4.59 28.85 -57.88
CA LYS A 30 -3.25 29.26 -57.37
C LYS A 30 -3.42 30.00 -56.04
N GLU A 31 -2.45 29.92 -55.18
CA GLU A 31 -2.56 30.62 -53.87
C GLU A 31 -2.36 32.12 -54.07
N LEU A 32 -3.42 32.84 -54.32
CA LEU A 32 -3.30 34.30 -54.53
C LEU A 32 -3.15 35.00 -53.17
N LEU A 33 -3.18 34.25 -52.11
CA LEU A 33 -3.04 34.88 -50.75
C LEU A 33 -2.88 33.77 -49.71
N ILE A 34 -2.15 34.04 -48.65
CA ILE A 34 -1.93 33.03 -47.59
C ILE A 34 -2.18 33.68 -46.22
N ASP A 35 -3.31 33.43 -45.63
CA ASP A 35 -3.62 34.03 -44.30
C ASP A 35 -2.68 33.43 -43.25
N ASN A 36 -3.05 33.53 -41.99
CA ASN A 36 -2.18 32.97 -40.92
C ASN A 36 -2.94 32.99 -39.59
N GLU A 37 -3.68 34.03 -39.34
CA GLU A 37 -4.45 34.11 -38.06
C GLU A 37 -5.43 35.29 -38.15
N LYS A 38 -6.57 35.16 -37.53
CA LYS A 38 -7.58 36.27 -37.57
C LYS A 38 -8.47 36.19 -36.33
N VAL A 39 -8.98 35.02 -36.03
CA VAL A 39 -9.85 34.87 -34.84
C VAL A 39 -10.10 33.38 -34.57
N THR A 40 -10.46 33.03 -33.36
CA THR A 40 -10.72 31.61 -33.04
C THR A 40 -11.84 31.08 -33.93
N SER A 41 -12.47 30.00 -33.54
CA SER A 41 -13.58 29.44 -34.38
C SER A 41 -14.39 28.44 -33.54
N GLY A 42 -13.84 28.01 -32.43
CA GLY A 42 -14.58 27.04 -31.57
C GLY A 42 -13.75 26.74 -30.33
N HIS A 43 -14.40 26.44 -29.23
CA HIS A 43 -13.65 26.15 -27.98
C HIS A 43 -14.62 25.70 -26.89
N THR A 44 -14.12 25.25 -25.77
CA THR A 44 -15.02 24.80 -24.67
C THR A 44 -16.06 23.83 -25.23
N THR A 45 -17.31 23.99 -24.87
CA THR A 45 -18.37 23.08 -25.37
C THR A 45 -17.89 21.62 -25.32
N THR A 46 -18.46 20.78 -26.14
CA THR A 46 -18.04 19.35 -26.15
C THR A 46 -18.16 18.76 -24.74
N THR A 47 -19.13 17.91 -24.53
CA THR A 47 -19.30 17.30 -23.18
C THR A 47 -18.10 16.39 -22.88
N ARG A 48 -16.94 16.95 -22.67
CA ARG A 48 -15.73 16.14 -22.37
C ARG A 48 -14.88 16.86 -21.33
N ARG A 49 -14.28 16.12 -20.43
CA ARG A 49 -13.43 16.78 -19.37
C ARG A 49 -11.96 16.81 -19.82
N SER A 50 -11.32 17.94 -19.72
CA SER A 50 -9.90 18.05 -20.15
C SER A 50 -9.00 17.28 -19.16
N CYS A 51 -9.07 17.60 -17.90
CA CYS A 51 -8.21 16.90 -16.90
C CYS A 51 -8.47 15.39 -16.98
N SER A 52 -9.13 14.84 -15.99
CA SER A 52 -9.41 13.37 -16.04
C SER A 52 -10.05 13.04 -17.40
N LYS A 53 -10.12 11.78 -17.75
CA LYS A 53 -10.73 11.42 -19.07
C LYS A 53 -12.10 10.77 -18.84
N VAL A 54 -13.15 11.53 -19.00
CA VAL A 54 -14.53 10.98 -18.81
C VAL A 54 -15.38 11.34 -20.04
N ILE A 55 -15.83 10.34 -20.76
CA ILE A 55 -16.66 10.58 -21.98
C ILE A 55 -17.94 9.75 -21.88
N THR A 56 -19.08 10.39 -21.86
CA THR A 56 -20.37 9.65 -21.77
C THR A 56 -21.32 10.16 -22.86
N LYS A 57 -21.62 9.31 -23.82
CA LYS A 57 -22.57 9.72 -24.94
C LYS A 57 -23.74 8.74 -24.97
N THR A 58 -24.92 9.19 -24.65
CA THR A 58 -26.13 8.29 -24.66
C THR A 58 -27.10 8.76 -25.74
N VAL A 59 -27.51 7.87 -26.62
CA VAL A 59 -28.49 8.24 -27.70
C VAL A 59 -29.60 7.20 -27.73
N THR A 60 -30.83 7.63 -27.61
CA THR A 60 -31.99 6.68 -27.62
C THR A 60 -32.78 6.84 -28.93
N ASN A 61 -32.90 5.78 -29.69
CA ASN A 61 -33.65 5.85 -30.99
C ASN A 61 -34.99 5.05 -30.83
N ALA A 62 -36.10 5.48 -31.44
CA ALA A 62 -37.39 4.76 -31.24
C ALA A 62 -37.37 3.34 -31.85
N ASP A 63 -36.65 3.12 -32.91
CA ASP A 63 -36.65 1.76 -33.53
C ASP A 63 -35.99 0.76 -32.58
N GLY A 64 -35.61 1.21 -31.41
CA GLY A 64 -34.98 0.27 -30.42
C GLY A 64 -33.45 0.33 -30.51
N ARG A 65 -32.90 1.21 -31.32
CA ARG A 65 -31.42 1.30 -31.41
C ARG A 65 -30.95 2.35 -30.40
N THR A 66 -30.29 1.93 -29.35
CA THR A 66 -29.82 2.89 -28.31
C THR A 66 -28.38 2.55 -27.93
N GLU A 67 -27.45 3.42 -28.27
CA GLU A 67 -26.01 3.13 -27.95
C GLU A 67 -25.64 3.80 -26.62
N THR A 68 -25.03 3.06 -25.74
CA THR A 68 -24.62 3.63 -24.41
C THR A 68 -23.09 3.72 -24.33
N THR A 69 -22.58 4.93 -24.35
CA THR A 69 -21.11 5.13 -24.27
C THR A 69 -20.80 5.75 -22.91
N LYS A 70 -21.63 5.44 -21.95
CA LYS A 70 -21.43 5.99 -20.57
C LYS A 70 -20.13 5.40 -20.00
N GLU A 71 -19.01 5.71 -20.62
CA GLU A 71 -17.71 5.17 -20.13
C GLU A 71 -16.96 6.25 -19.36
N VAL A 72 -16.31 5.89 -18.28
CA VAL A 72 -15.55 6.89 -17.47
C VAL A 72 -14.12 6.37 -17.29
N VAL A 73 -13.14 7.21 -17.44
CA VAL A 73 -11.73 6.76 -17.25
C VAL A 73 -11.02 7.72 -16.30
N LYS A 74 -10.61 7.23 -15.19
CA LYS A 74 -9.91 8.09 -14.19
C LYS A 74 -8.72 8.79 -14.87
N SER A 75 -8.04 9.63 -14.15
CA SER A 75 -6.86 10.33 -14.75
C SER A 75 -5.74 9.33 -15.01
N GLU A 76 -5.28 9.24 -16.24
CA GLU A 76 -4.18 8.29 -16.54
C GLU A 76 -2.85 8.83 -15.98
N ASP A 77 -2.93 9.72 -15.03
CA ASP A 77 -1.68 10.28 -14.44
C ASP A 77 -2.03 11.01 -13.14
N GLY A 78 -3.04 11.82 -13.15
CA GLY A 78 -3.43 12.56 -11.92
C GLY A 78 -2.57 13.82 -11.79
N SER A 79 -2.54 14.63 -12.81
CA SER A 79 -1.71 15.88 -12.74
C SER A 79 -2.28 16.80 -11.65
N ASP A 80 -3.57 16.78 -11.46
CA ASP A 80 -4.17 17.67 -10.42
C ASP A 80 -5.64 17.26 -10.19
N CYS A 81 -5.97 16.03 -10.48
CA CYS A 81 -7.38 15.54 -10.30
C CYS A 81 -7.37 14.28 -9.45
N GLY A 82 -6.30 14.04 -8.73
CA GLY A 82 -6.24 12.82 -7.87
C GLY A 82 -5.15 12.99 -6.81
N ASP A 83 -4.71 14.20 -6.59
CA ASP A 83 -3.64 14.42 -5.57
C ASP A 83 -3.69 15.88 -5.10
N ALA A 84 -3.49 16.11 -3.83
CA ALA A 84 -3.52 17.51 -3.31
C ALA A 84 -3.03 17.53 -1.86
N ASP A 85 -1.87 17.00 -1.61
CA ASP A 85 -1.33 16.99 -0.22
C ASP A 85 0.12 16.52 -0.23
N PHE A 86 1.01 17.32 -0.75
CA PHE A 86 2.44 16.92 -0.80
C PHE A 86 2.93 16.61 0.63
N ASP A 87 3.12 15.37 0.95
CA ASP A 87 3.59 15.01 2.31
C ASP A 87 4.03 13.55 2.34
N TRP A 88 4.32 13.03 3.50
CA TRP A 88 4.76 11.60 3.59
C TRP A 88 3.55 10.70 3.37
N HIS A 89 3.51 9.99 2.26
CA HIS A 89 2.36 9.08 2.00
C HIS A 89 2.75 8.07 0.92
N HIS A 90 3.54 7.10 1.26
CA HIS A 90 3.95 6.07 0.26
C HIS A 90 4.68 4.93 0.96
N THR A 91 4.03 4.26 1.87
CA THR A 91 4.68 3.13 2.59
C THR A 91 3.63 2.07 2.94
N PHE A 92 3.84 1.34 4.00
CA PHE A 92 2.85 0.29 4.39
C PHE A 92 2.60 -0.64 3.20
N PRO A 93 3.58 -1.44 2.85
CA PRO A 93 3.45 -2.39 1.73
C PRO A 93 2.41 -3.48 2.06
N SER A 94 1.43 -3.16 2.86
CA SER A 94 0.40 -4.18 3.21
C SER A 94 1.08 -5.43 3.78
N ARG A 95 2.37 -5.38 3.97
CA ARG A 95 3.09 -6.56 4.53
C ARG A 95 3.15 -6.44 6.06
N GLY A 96 2.60 -7.40 6.76
CA GLY A 96 2.62 -7.33 8.25
C GLY A 96 2.11 -8.65 8.82
N ASN A 97 2.99 -9.56 9.13
CA ASN A 97 2.54 -10.87 9.69
C ASN A 97 2.13 -10.68 11.16
N LEU A 98 1.44 -11.63 11.72
CA LEU A 98 1.03 -11.49 13.15
C LEU A 98 2.27 -11.51 14.04
N ASP A 99 2.41 -10.52 14.89
CA ASP A 99 3.59 -10.48 15.79
C ASP A 99 3.27 -9.62 17.02
N ASP A 100 3.75 -10.02 18.17
CA ASP A 100 3.47 -9.23 19.40
C ASP A 100 4.29 -9.79 20.56
N PHE A 101 4.89 -10.93 20.38
CA PHE A 101 5.70 -11.54 21.47
C PHE A 101 6.91 -10.65 21.76
N PHE A 102 7.28 -9.81 20.82
CA PHE A 102 8.46 -8.93 21.04
C PHE A 102 8.16 -7.95 22.18
N HIS A 103 6.91 -7.67 22.42
CA HIS A 103 6.56 -6.72 23.52
C HIS A 103 6.94 -7.34 24.86
N ARG A 104 7.04 -8.64 24.91
CA ARG A 104 7.42 -9.31 26.19
C ARG A 104 6.37 -9.01 27.26
N ASP A 105 5.93 -10.02 27.97
CA ASP A 105 4.89 -9.80 29.03
C ASP A 105 4.96 -10.94 30.05
N LYS A 106 5.29 -12.12 29.61
CA LYS A 106 5.36 -13.28 30.55
C LYS A 106 6.49 -13.04 31.55
N ASP A 107 6.29 -13.41 32.79
CA ASP A 107 7.35 -13.20 33.80
C ASP A 107 6.97 -13.93 35.10
N ASP A 108 6.41 -15.10 34.99
CA ASP A 108 6.01 -15.85 36.20
C ASP A 108 5.13 -14.98 37.09
N PHE A 109 4.24 -14.23 36.51
CA PHE A 109 3.36 -13.35 37.32
C PHE A 109 2.34 -14.21 38.08
N PHE A 110 1.81 -15.22 37.45
CA PHE A 110 0.82 -16.09 38.13
C PHE A 110 0.53 -17.32 37.26
N THR A 111 0.75 -17.18 35.98
CA THR A 111 0.49 -18.33 35.05
C THR A 111 -1.00 -18.69 35.10
N ARG A 112 -1.61 -18.85 33.96
CA ARG A 112 -3.06 -19.20 33.93
C ARG A 112 -3.26 -20.62 34.47
N SER A 113 -3.50 -20.74 35.75
CA SER A 113 -3.70 -22.10 36.34
C SER A 113 -5.07 -22.64 35.93
N SER A 114 -5.68 -23.45 36.75
CA SER A 114 -7.01 -24.00 36.40
C SER A 114 -7.58 -24.75 37.61
N HIS A 115 -6.99 -24.56 38.77
CA HIS A 115 -7.50 -25.27 39.98
C HIS A 115 -8.84 -24.66 40.39
N GLU A 116 -9.65 -25.39 41.11
CA GLU A 116 -10.97 -24.85 41.54
C GLU A 116 -10.76 -23.82 42.63
N PHE A 117 -11.71 -22.94 42.83
CA PHE A 117 -11.57 -21.91 43.89
C PHE A 117 -11.75 -22.54 45.26
N ASP A 118 -12.67 -23.45 45.38
CA ASP A 118 -12.90 -24.12 46.71
C ASP A 118 -11.59 -24.73 47.19
N GLY A 119 -10.79 -23.96 47.88
CA GLY A 119 -9.49 -24.50 48.39
C GLY A 119 -9.74 -25.37 49.63
N ARG A 120 -9.76 -24.76 50.79
CA ARG A 120 -9.99 -25.55 52.04
C ARG A 120 -10.82 -24.70 53.02
N THR A 121 -10.18 -23.96 53.87
CA THR A 121 -10.91 -23.12 54.85
C THR A 121 -9.96 -22.11 55.48
N GLY A 122 -9.15 -22.53 56.40
CA GLY A 122 -8.19 -21.59 57.05
C GLY A 122 -7.64 -22.22 58.33
N LEU A 123 -6.79 -21.52 59.03
CA LEU A 123 -6.22 -22.08 60.28
C LEU A 123 -7.32 -22.22 61.33
N ALA A 124 -7.43 -23.37 61.95
CA ALA A 124 -8.49 -23.57 62.97
C ALA A 124 -8.11 -22.76 64.24
N PRO A 125 -9.08 -22.52 65.11
CA PRO A 125 -8.83 -21.76 66.35
C PRO A 125 -7.71 -22.45 67.15
N GLU A 126 -6.93 -21.69 67.87
CA GLU A 126 -5.83 -22.29 68.68
C GLU A 126 -6.42 -22.93 69.93
N PHE A 127 -7.43 -23.75 69.79
CA PHE A 127 -8.05 -24.41 70.97
C PHE A 127 -8.60 -23.34 71.93
N ALA A 128 -9.86 -23.38 72.21
CA ALA A 128 -10.46 -22.37 73.13
C ALA A 128 -11.82 -22.88 73.64
N ALA A 129 -11.90 -24.13 73.99
CA ALA A 129 -13.19 -24.68 74.49
C ALA A 129 -13.58 -23.99 75.79
N LEU A 130 -14.36 -24.64 76.60
CA LEU A 130 -14.77 -24.01 77.89
C LEU A 130 -13.52 -23.61 78.68
N GLY A 131 -12.38 -24.14 78.31
CA GLY A 131 -11.13 -23.80 79.04
C GLY A 131 -11.01 -24.66 80.29
N GLU A 132 -11.34 -24.12 81.44
CA GLU A 132 -11.25 -24.92 82.69
C GLU A 132 -9.84 -25.52 82.80
N SER A 133 -9.74 -26.82 82.72
CA SER A 133 -8.40 -27.47 82.82
C SER A 133 -7.66 -27.31 81.49
N GLY A 134 -6.77 -28.22 81.19
CA GLY A 134 -6.01 -28.12 79.90
C GLY A 134 -4.99 -29.26 79.83
N SER A 135 -5.24 -30.34 80.51
CA SER A 135 -4.29 -31.49 80.47
C SER A 135 -2.88 -30.98 80.82
N SER A 136 -2.61 -30.76 82.08
CA SER A 136 -1.26 -30.27 82.48
C SER A 136 -1.14 -30.29 84.01
N SER A 137 -2.18 -30.71 84.68
CA SER A 137 -2.13 -30.76 86.17
C SER A 137 -3.34 -31.54 86.70
N SER A 138 -3.14 -32.76 87.10
CA SER A 138 -4.27 -33.57 87.62
C SER A 138 -4.65 -33.06 89.01
N LYS A 139 -4.76 -33.94 89.98
CA LYS A 139 -5.12 -33.50 91.35
C LYS A 139 -4.10 -32.49 91.86
N THR A 140 -4.51 -31.26 92.05
CA THR A 140 -3.56 -30.22 92.53
C THR A 140 -3.37 -30.37 94.04
N SER A 141 -3.34 -31.59 94.53
CA SER A 141 -3.16 -31.81 95.98
C SER A 141 -2.91 -33.29 96.26
N THR A 142 -1.67 -33.67 96.41
CA THR A 142 -1.36 -35.10 96.68
C THR A 142 -1.64 -35.42 98.14
N HIS A 143 -1.28 -36.60 98.57
CA HIS A 143 -1.54 -36.98 100.00
C HIS A 143 -0.59 -38.11 100.39
N SER A 144 -0.65 -39.21 99.70
CA SER A 144 0.25 -40.36 100.03
C SER A 144 0.09 -40.71 101.51
N LYS A 145 -0.66 -41.74 101.81
CA LYS A 145 -0.85 -42.14 103.22
C LYS A 145 0.50 -42.53 103.83
N GLN A 146 0.90 -43.77 103.67
CA GLN A 146 2.21 -44.21 104.23
C GLN A 146 2.22 -43.99 105.74
N PHE A 147 1.13 -43.52 106.30
CA PHE A 147 1.08 -43.30 107.76
C PHE A 147 1.38 -44.61 108.50
N VAL A 148 2.37 -44.60 109.35
CA VAL A 148 2.72 -45.85 110.09
C VAL A 148 1.61 -46.17 111.10
N SER A 149 0.59 -46.87 110.68
CA SER A 149 -0.52 -47.21 111.61
C SER A 149 -0.03 -48.25 112.62
N SER A 150 0.12 -47.86 113.86
CA SER A 150 0.60 -48.83 114.88
C SER A 150 -0.49 -49.88 115.13
N SER A 151 -0.32 -51.06 114.59
CA SER A 151 -1.34 -52.12 114.80
C SER A 151 -0.79 -53.46 114.28
N THR A 152 -0.78 -53.65 113.00
CA THR A 152 -0.26 -54.92 112.43
C THR A 152 1.27 -54.92 112.51
N THR A 153 1.87 -53.78 112.42
CA THR A 153 3.37 -53.71 112.48
C THR A 153 3.96 -54.67 111.44
N VAL A 154 5.26 -54.70 111.33
CA VAL A 154 5.90 -55.61 110.34
C VAL A 154 5.93 -57.04 110.90
N ASN A 155 6.04 -57.17 112.19
CA ASN A 155 6.07 -58.53 112.79
C ASN A 155 5.84 -58.43 114.30
N ARG A 156 5.79 -59.55 114.98
CA ARG A 156 5.57 -59.52 116.45
C ARG A 156 4.25 -58.83 116.77
N GLY A 157 3.65 -59.13 117.90
CA GLY A 157 2.36 -58.49 118.25
C GLY A 157 2.62 -57.11 118.85
N GLY A 158 1.68 -56.56 119.56
CA GLY A 158 1.87 -55.21 120.16
C GLY A 158 0.55 -54.72 120.76
N SER A 159 0.58 -53.60 121.44
CA SER A 159 -0.67 -53.07 122.05
C SER A 159 -1.35 -54.17 122.87
N ALA A 160 -2.59 -54.45 122.59
CA ALA A 160 -3.31 -55.52 123.36
C ALA A 160 -4.37 -56.16 122.47
N ILE A 161 -4.45 -57.46 122.47
CA ILE A 161 -5.47 -58.16 121.62
C ILE A 161 -5.54 -59.63 122.02
N GLU A 162 -6.59 -60.30 121.64
CA GLU A 162 -6.72 -61.74 121.98
C GLU A 162 -5.53 -62.52 121.40
N SER A 163 -5.69 -63.80 121.23
CA SER A 163 -4.57 -64.61 120.66
C SER A 163 -5.14 -65.87 120.02
N LYS A 164 -4.51 -66.35 118.97
CA LYS A 164 -5.01 -67.59 118.29
C LYS A 164 -4.37 -68.82 118.94
N HIS A 165 -5.00 -69.38 119.93
CA HIS A 165 -4.42 -70.58 120.60
C HIS A 165 -4.41 -71.75 119.60
N PHE A 166 -3.31 -72.45 119.52
CA PHE A 166 -3.22 -73.61 118.57
C PHE A 166 -3.65 -73.14 117.18
N MET A 1 -7.94 41.59 -68.00
CA MET A 1 -7.25 41.24 -66.72
C MET A 1 -6.32 42.39 -66.30
N GLY A 2 -5.21 42.52 -66.97
CA GLY A 2 -4.26 43.61 -66.62
C GLY A 2 -4.84 44.96 -67.07
N THR A 3 -4.86 45.93 -66.19
CA THR A 3 -5.41 47.26 -66.58
C THR A 3 -5.10 48.28 -65.48
N PHE A 4 -5.09 47.86 -64.24
CA PHE A 4 -4.79 48.80 -63.12
C PHE A 4 -5.67 50.04 -63.26
N ARG A 5 -5.12 51.12 -63.76
CA ARG A 5 -5.93 52.36 -63.91
C ARG A 5 -5.15 53.37 -64.76
N GLU A 6 -4.59 52.93 -65.86
CA GLU A 6 -3.82 53.86 -66.74
C GLU A 6 -2.78 54.60 -65.90
N GLU A 7 -2.18 55.62 -66.45
CA GLU A 7 -1.14 56.38 -65.69
C GLU A 7 -1.81 57.10 -64.51
N GLY A 8 -2.73 57.99 -64.80
CA GLY A 8 -3.40 58.74 -63.70
C GLY A 8 -2.42 59.70 -63.04
N SER A 9 -1.95 60.67 -63.77
CA SER A 9 -0.99 61.64 -63.19
C SER A 9 -1.69 62.48 -62.12
N VAL A 10 -2.80 63.07 -62.45
CA VAL A 10 -3.55 63.92 -61.47
C VAL A 10 -5.05 63.82 -61.74
N SER A 11 -5.86 64.08 -60.76
CA SER A 11 -7.34 64.01 -60.97
C SER A 11 -8.05 64.72 -59.82
N SER A 12 -8.45 63.98 -58.82
CA SER A 12 -9.15 64.61 -57.66
C SER A 12 -8.16 65.49 -56.89
N GLY A 13 -6.90 65.22 -57.01
CA GLY A 13 -5.89 66.04 -56.28
C GLY A 13 -6.10 65.89 -54.78
N THR A 14 -5.84 64.72 -54.24
CA THR A 14 -6.02 64.50 -52.78
C THR A 14 -5.03 63.45 -52.29
N LYS A 15 -4.47 62.69 -53.20
CA LYS A 15 -3.50 61.64 -52.80
C LYS A 15 -4.11 60.79 -51.69
N GLN A 16 -5.13 60.03 -52.00
CA GLN A 16 -5.76 59.18 -50.95
C GLN A 16 -4.82 58.04 -50.58
N GLU A 17 -5.22 57.19 -49.68
CA GLU A 17 -4.35 56.05 -49.27
C GLU A 17 -4.41 54.96 -50.33
N PHE A 18 -5.49 54.86 -51.05
CA PHE A 18 -5.61 53.82 -52.10
C PHE A 18 -5.20 52.47 -51.52
N HIS A 19 -6.05 51.87 -50.73
CA HIS A 19 -5.71 50.55 -50.14
C HIS A 19 -6.95 49.96 -49.44
N THR A 20 -7.31 50.51 -48.31
CA THR A 20 -8.50 49.99 -47.58
C THR A 20 -9.76 50.31 -48.39
N GLY A 21 -10.52 49.30 -48.76
CA GLY A 21 -11.76 49.56 -49.54
C GLY A 21 -12.46 48.23 -49.84
N LYS A 22 -13.25 48.18 -50.88
CA LYS A 22 -13.96 46.92 -51.22
C LYS A 22 -12.94 45.82 -51.49
N LEU A 23 -11.67 46.15 -51.50
CA LEU A 23 -10.63 45.12 -51.75
C LEU A 23 -10.55 44.15 -50.56
N VAL A 24 -11.57 43.34 -50.38
CA VAL A 24 -11.57 42.38 -49.24
C VAL A 24 -12.38 41.14 -49.63
N THR A 25 -13.54 41.33 -50.20
CA THR A 25 -14.38 40.18 -50.60
C THR A 25 -14.45 39.16 -49.45
N THR A 26 -15.47 39.25 -48.64
CA THR A 26 -15.59 38.31 -47.50
C THR A 26 -16.98 38.43 -46.86
N LYS A 27 -17.56 37.33 -46.47
CA LYS A 27 -18.91 37.39 -45.84
C LYS A 27 -18.86 38.34 -44.64
N GLY A 28 -19.98 38.68 -44.08
CA GLY A 28 -19.99 39.60 -42.91
C GLY A 28 -19.33 38.91 -41.72
N ASP A 29 -19.22 37.60 -41.76
CA ASP A 29 -18.58 36.87 -40.64
C ASP A 29 -17.11 37.27 -40.54
N LYS A 30 -16.79 38.15 -39.63
CA LYS A 30 -15.38 38.59 -39.47
C LYS A 30 -14.53 37.42 -38.98
N GLU A 31 -14.78 36.95 -37.78
CA GLU A 31 -13.99 35.81 -37.24
C GLU A 31 -14.15 34.60 -38.16
N LEU A 32 -13.09 34.16 -38.79
CA LEU A 32 -13.19 32.99 -39.70
C LEU A 32 -13.47 31.73 -38.87
N LEU A 33 -12.82 31.60 -37.74
CA LEU A 33 -13.05 30.40 -36.89
C LEU A 33 -14.39 30.54 -36.16
N ILE A 34 -15.06 29.45 -35.92
CA ILE A 34 -16.37 29.53 -35.21
C ILE A 34 -16.14 29.93 -33.74
N ASP A 35 -16.00 28.97 -32.87
CA ASP A 35 -15.77 29.29 -31.44
C ASP A 35 -16.95 30.11 -30.89
N ASN A 36 -17.27 29.95 -29.64
CA ASN A 36 -18.40 30.72 -29.05
C ASN A 36 -18.26 30.76 -27.52
N GLU A 37 -17.57 31.73 -27.02
CA GLU A 37 -17.39 31.82 -25.54
C GLU A 37 -18.74 32.06 -24.87
N LYS A 38 -19.73 32.44 -25.64
CA LYS A 38 -21.08 32.68 -25.06
C LYS A 38 -21.67 31.37 -24.54
N VAL A 39 -22.80 30.97 -25.04
CA VAL A 39 -23.42 29.70 -24.57
C VAL A 39 -23.52 29.71 -23.04
N THR A 40 -24.60 30.23 -22.52
CA THR A 40 -24.75 30.27 -21.04
C THR A 40 -25.05 28.87 -20.52
N SER A 41 -25.41 27.96 -21.39
CA SER A 41 -25.71 26.58 -20.94
C SER A 41 -26.74 26.62 -19.80
N GLY A 42 -26.33 26.27 -18.60
CA GLY A 42 -27.28 26.29 -17.46
C GLY A 42 -26.57 25.83 -16.19
N HIS A 43 -25.26 25.83 -16.21
CA HIS A 43 -24.50 25.39 -15.00
C HIS A 43 -25.01 24.01 -14.55
N THR A 44 -25.58 23.27 -15.46
CA THR A 44 -26.09 21.91 -15.08
C THR A 44 -24.91 20.97 -14.81
N THR A 45 -24.09 21.30 -13.86
CA THR A 45 -22.92 20.42 -13.55
C THR A 45 -22.07 20.23 -14.82
N THR A 46 -20.87 19.73 -14.67
CA THR A 46 -20.01 19.53 -15.87
C THR A 46 -20.22 18.11 -16.43
N THR A 47 -20.70 18.01 -17.64
CA THR A 47 -20.92 16.66 -18.23
C THR A 47 -19.57 15.95 -18.42
N ARG A 48 -18.62 16.63 -19.02
CA ARG A 48 -17.28 16.02 -19.26
C ARG A 48 -16.25 16.76 -18.39
N ARG A 49 -15.28 16.05 -17.87
CA ARG A 49 -14.23 16.69 -17.02
C ARG A 49 -12.88 16.68 -17.73
N SER A 50 -12.24 17.81 -17.85
CA SER A 50 -10.93 17.86 -18.54
C SER A 50 -9.90 17.02 -17.77
N CYS A 51 -9.74 17.27 -16.51
CA CYS A 51 -8.75 16.47 -15.70
C CYS A 51 -8.95 14.98 -16.00
N SER A 52 -9.73 14.30 -15.20
CA SER A 52 -9.95 12.86 -15.46
C SER A 52 -10.66 12.71 -16.81
N LYS A 53 -10.26 11.76 -17.61
CA LYS A 53 -10.91 11.60 -18.93
C LYS A 53 -12.32 11.03 -18.76
N VAL A 54 -13.32 11.86 -18.90
CA VAL A 54 -14.73 11.40 -18.74
C VAL A 54 -15.52 11.77 -20.00
N ILE A 55 -16.00 10.77 -20.71
CA ILE A 55 -16.79 11.02 -21.97
C ILE A 55 -18.12 10.28 -21.86
N THR A 56 -19.21 10.98 -21.96
CA THR A 56 -20.56 10.32 -21.87
C THR A 56 -21.40 10.74 -23.08
N LYS A 57 -21.66 9.82 -23.96
CA LYS A 57 -22.51 10.13 -25.16
C LYS A 57 -23.67 9.12 -25.22
N THR A 58 -24.88 9.59 -25.03
CA THR A 58 -26.07 8.68 -25.05
C THR A 58 -26.96 9.00 -26.26
N VAL A 59 -27.36 8.00 -26.99
CA VAL A 59 -28.26 8.22 -28.18
C VAL A 59 -29.42 7.24 -28.11
N THR A 60 -30.63 7.74 -28.10
CA THR A 60 -31.84 6.86 -28.02
C THR A 60 -32.55 6.83 -29.38
N ASN A 61 -32.72 5.66 -29.94
CA ASN A 61 -33.43 5.52 -31.26
C ASN A 61 -34.77 4.77 -31.05
N ALA A 62 -35.84 5.09 -31.78
CA ALA A 62 -37.15 4.40 -31.54
C ALA A 62 -37.14 2.94 -32.00
N ASP A 63 -36.35 2.59 -32.97
CA ASP A 63 -36.33 1.18 -33.44
C ASP A 63 -35.77 0.26 -32.34
N GLY A 64 -35.44 0.82 -31.21
CA GLY A 64 -34.89 -0.01 -30.09
C GLY A 64 -33.36 0.02 -30.08
N ARG A 65 -32.74 0.84 -30.91
CA ARG A 65 -31.26 0.91 -30.91
C ARG A 65 -30.83 2.08 -30.02
N THR A 66 -30.25 1.79 -28.88
CA THR A 66 -29.82 2.88 -27.95
C THR A 66 -28.41 2.57 -27.44
N GLU A 67 -27.43 3.33 -27.87
CA GLU A 67 -26.03 3.07 -27.42
C GLU A 67 -25.67 4.00 -26.25
N THR A 68 -25.09 3.44 -25.21
CA THR A 68 -24.70 4.27 -24.03
C THR A 68 -23.18 4.39 -23.97
N THR A 69 -22.66 5.54 -24.29
CA THR A 69 -21.19 5.74 -24.22
C THR A 69 -20.88 6.34 -22.86
N LYS A 70 -21.68 5.96 -21.89
CA LYS A 70 -21.46 6.48 -20.49
C LYS A 70 -20.22 5.79 -19.91
N GLU A 71 -19.05 6.10 -20.42
CA GLU A 71 -17.80 5.47 -19.91
C GLU A 71 -17.00 6.50 -19.11
N VAL A 72 -16.30 6.06 -18.10
CA VAL A 72 -15.47 6.99 -17.27
C VAL A 72 -14.06 6.44 -17.19
N VAL A 73 -13.07 7.21 -17.54
CA VAL A 73 -11.65 6.72 -17.48
C VAL A 73 -10.81 7.72 -16.70
N LYS A 74 -10.30 7.27 -15.60
CA LYS A 74 -9.46 8.14 -14.73
C LYS A 74 -8.06 8.28 -15.34
N SER A 75 -7.98 8.44 -16.64
CA SER A 75 -6.65 8.57 -17.29
C SER A 75 -5.77 7.36 -16.93
N GLU A 76 -4.50 7.57 -16.79
CA GLU A 76 -3.60 6.43 -16.44
C GLU A 76 -3.86 6.01 -15.00
N ASP A 77 -4.17 6.95 -14.14
CA ASP A 77 -4.44 6.61 -12.72
C ASP A 77 -4.97 7.84 -12.00
N GLY A 78 -5.73 8.66 -12.69
CA GLY A 78 -6.28 9.88 -12.04
C GLY A 78 -5.13 10.71 -11.46
N SER A 79 -4.29 11.26 -12.29
CA SER A 79 -3.15 12.07 -11.78
C SER A 79 -3.65 13.06 -10.74
N ASP A 80 -4.03 14.23 -11.15
CA ASP A 80 -4.53 15.25 -10.18
C ASP A 80 -6.02 15.00 -9.91
N CYS A 81 -6.47 13.78 -10.05
CA CYS A 81 -7.91 13.48 -9.80
C CYS A 81 -8.07 12.05 -9.31
N GLY A 82 -7.10 11.53 -8.60
CA GLY A 82 -7.21 10.13 -8.10
C GLY A 82 -6.11 9.86 -7.08
N ASP A 83 -4.87 9.99 -7.48
CA ASP A 83 -3.75 9.74 -6.54
C ASP A 83 -3.70 8.25 -6.16
N ALA A 84 -4.84 7.65 -5.93
CA ALA A 84 -4.86 6.21 -5.57
C ALA A 84 -6.25 5.64 -5.85
N ASP A 85 -6.42 4.35 -5.70
CA ASP A 85 -7.76 3.73 -5.96
C ASP A 85 -7.77 2.31 -5.41
N PHE A 86 -6.74 1.90 -4.73
CA PHE A 86 -6.69 0.52 -4.16
C PHE A 86 -6.67 -0.50 -5.31
N ASP A 87 -7.75 -0.59 -6.05
CA ASP A 87 -7.83 -1.57 -7.18
C ASP A 87 -7.20 -2.91 -6.77
N TRP A 88 -7.13 -3.18 -5.50
CA TRP A 88 -6.53 -4.48 -5.04
C TRP A 88 -7.64 -5.52 -4.91
N HIS A 89 -8.68 -5.20 -4.18
CA HIS A 89 -9.80 -6.18 -4.01
C HIS A 89 -10.72 -6.11 -5.23
N HIS A 90 -11.17 -7.24 -5.71
CA HIS A 90 -12.08 -7.23 -6.89
C HIS A 90 -12.58 -8.66 -7.16
N THR A 91 -11.69 -9.60 -7.27
CA THR A 91 -12.11 -11.00 -7.54
C THR A 91 -12.57 -11.65 -6.22
N PHE A 92 -12.08 -12.82 -5.92
CA PHE A 92 -12.50 -13.52 -4.66
C PHE A 92 -11.40 -14.49 -4.22
N PRO A 93 -10.35 -13.97 -3.63
CA PRO A 93 -9.23 -14.82 -3.17
C PRO A 93 -9.71 -15.75 -2.04
N SER A 94 -10.36 -15.21 -1.06
CA SER A 94 -10.86 -16.06 0.07
C SER A 94 -9.70 -16.86 0.64
N ARG A 95 -9.99 -17.99 1.22
CA ARG A 95 -8.90 -18.84 1.80
C ARG A 95 -9.32 -20.31 1.77
N GLY A 96 -10.53 -20.60 2.16
CA GLY A 96 -11.00 -22.02 2.14
C GLY A 96 -12.44 -22.09 2.65
N ASN A 97 -13.34 -22.58 1.84
CA ASN A 97 -14.76 -22.67 2.26
C ASN A 97 -15.55 -23.48 1.25
N LEU A 98 -15.08 -24.65 0.91
CA LEU A 98 -15.81 -25.49 -0.08
C LEU A 98 -17.10 -26.03 0.56
N ASP A 99 -17.16 -27.31 0.80
CA ASP A 99 -18.39 -27.88 1.42
C ASP A 99 -18.35 -27.65 2.94
N ASP A 100 -18.13 -28.67 3.70
CA ASP A 100 -18.08 -28.50 5.19
C ASP A 100 -19.40 -27.91 5.68
N PHE A 101 -20.18 -28.68 6.39
CA PHE A 101 -21.48 -28.15 6.90
C PHE A 101 -21.21 -26.93 7.80
N PHE A 102 -20.02 -26.80 8.30
CA PHE A 102 -19.68 -25.63 9.17
C PHE A 102 -18.25 -25.19 8.91
N HIS A 103 -18.06 -23.93 8.59
CA HIS A 103 -16.69 -23.43 8.31
C HIS A 103 -15.81 -23.66 9.54
N ARG A 104 -16.28 -23.33 10.70
CA ARG A 104 -15.48 -23.53 11.94
C ARG A 104 -15.24 -25.04 12.15
N ASP A 105 -14.48 -25.39 13.15
CA ASP A 105 -14.21 -26.83 13.40
C ASP A 105 -13.52 -26.97 14.77
N LYS A 106 -14.11 -27.73 15.65
CA LYS A 106 -13.49 -27.91 17.00
C LYS A 106 -12.16 -28.67 16.85
N ASP A 107 -11.12 -28.21 17.49
CA ASP A 107 -9.82 -28.91 17.38
C ASP A 107 -9.81 -30.13 18.30
N ASP A 108 -10.29 -31.24 17.82
CA ASP A 108 -10.32 -32.47 18.66
C ASP A 108 -10.63 -33.69 17.80
N PHE A 109 -9.75 -34.03 16.89
CA PHE A 109 -9.99 -35.20 16.02
C PHE A 109 -10.00 -36.48 16.87
N PHE A 110 -9.01 -36.65 17.70
CA PHE A 110 -8.94 -37.87 18.58
C PHE A 110 -8.75 -37.44 20.04
N THR A 111 -8.50 -38.37 20.91
CA THR A 111 -8.30 -38.02 22.35
C THR A 111 -7.33 -36.84 22.45
N ARG A 112 -7.80 -35.71 22.91
CA ARG A 112 -6.90 -34.53 23.04
C ARG A 112 -5.90 -34.77 24.17
N SER A 113 -5.23 -33.74 24.62
CA SER A 113 -4.24 -33.91 25.71
C SER A 113 -4.97 -34.35 26.99
N SER A 114 -5.51 -33.41 27.73
CA SER A 114 -6.23 -33.77 28.97
C SER A 114 -5.33 -34.65 29.85
N HIS A 115 -4.13 -34.21 30.10
CA HIS A 115 -3.21 -35.01 30.96
C HIS A 115 -3.78 -35.11 32.37
N GLU A 116 -3.53 -36.20 33.04
CA GLU A 116 -4.06 -36.35 34.43
C GLU A 116 -3.36 -37.55 35.10
N PHE A 117 -4.12 -38.48 35.62
CA PHE A 117 -3.50 -39.66 36.28
C PHE A 117 -4.59 -40.67 36.65
N ASP A 118 -4.24 -41.92 36.74
CA ASP A 118 -5.25 -42.96 37.11
C ASP A 118 -4.55 -44.19 37.69
N GLY A 119 -4.15 -45.10 36.84
CA GLY A 119 -3.45 -46.32 37.35
C GLY A 119 -2.37 -45.93 38.35
N ARG A 120 -2.11 -46.77 39.32
CA ARG A 120 -1.07 -46.44 40.34
C ARG A 120 -0.62 -47.72 41.05
N THR A 121 -1.53 -48.62 41.31
CA THR A 121 -1.15 -49.89 41.99
C THR A 121 -0.42 -49.56 43.30
N GLY A 122 0.17 -50.55 43.91
CA GLY A 122 0.91 -50.30 45.19
C GLY A 122 1.87 -51.45 45.47
N LEU A 123 1.47 -52.66 45.17
CA LEU A 123 2.37 -53.82 45.41
C LEU A 123 3.38 -53.92 44.26
N ALA A 124 4.56 -54.38 44.55
CA ALA A 124 5.59 -54.50 43.47
C ALA A 124 5.16 -55.61 42.49
N PRO A 125 5.73 -55.62 41.30
CA PRO A 125 5.40 -56.65 40.30
C PRO A 125 5.66 -58.05 40.88
N GLU A 126 6.88 -58.33 41.24
CA GLU A 126 7.20 -59.67 41.81
C GLU A 126 6.25 -59.98 42.97
N PHE A 127 5.61 -61.12 42.93
CA PHE A 127 4.67 -61.48 44.03
C PHE A 127 5.47 -61.98 45.23
N ALA A 128 5.12 -61.55 46.41
CA ALA A 128 5.85 -62.00 47.63
C ALA A 128 5.66 -63.50 47.81
N ALA A 129 6.27 -64.30 46.97
CA ALA A 129 6.11 -65.78 47.10
C ALA A 129 7.03 -66.29 48.20
N LEU A 130 7.75 -65.41 48.84
CA LEU A 130 8.67 -65.84 49.93
C LEU A 130 7.87 -66.62 50.99
N GLY A 131 6.76 -66.07 51.42
CA GLY A 131 5.94 -66.76 52.45
C GLY A 131 4.66 -65.96 52.70
N GLU A 132 3.79 -66.46 53.55
CA GLU A 132 2.53 -65.73 53.85
C GLU A 132 1.88 -66.33 55.09
N SER A 133 1.24 -67.45 54.95
CA SER A 133 0.58 -68.09 56.13
C SER A 133 1.62 -68.32 57.23
N GLY A 134 1.36 -67.83 58.41
CA GLY A 134 2.33 -68.02 59.52
C GLY A 134 2.38 -69.51 59.91
N SER A 135 2.63 -69.80 61.16
CA SER A 135 2.70 -71.22 61.59
C SER A 135 1.32 -71.86 61.43
N SER A 136 0.27 -71.09 61.57
CA SER A 136 -1.10 -71.67 61.42
C SER A 136 -1.25 -72.88 62.34
N SER A 137 -1.30 -72.66 63.62
CA SER A 137 -1.44 -73.80 64.57
C SER A 137 -2.89 -74.33 64.53
N SER A 138 -3.51 -74.28 63.38
CA SER A 138 -4.91 -74.76 63.29
C SER A 138 -5.33 -74.80 61.81
N LYS A 139 -6.10 -75.78 61.43
CA LYS A 139 -6.55 -75.87 60.02
C LYS A 139 -7.66 -76.93 59.90
N THR A 140 -7.49 -78.05 60.52
CA THR A 140 -8.52 -79.11 60.45
C THR A 140 -9.83 -78.60 61.07
N SER A 141 -9.73 -77.70 62.02
CA SER A 141 -10.96 -77.16 62.66
C SER A 141 -11.73 -78.30 63.32
N THR A 142 -12.47 -78.01 64.36
CA THR A 142 -13.27 -79.07 65.03
C THR A 142 -14.27 -78.43 65.98
N HIS A 143 -15.01 -77.45 65.52
CA HIS A 143 -16.00 -76.78 66.40
C HIS A 143 -17.27 -77.62 66.46
N SER A 144 -17.32 -78.58 67.33
CA SER A 144 -18.53 -79.43 67.45
C SER A 144 -19.72 -78.58 67.86
N LYS A 145 -19.65 -77.95 69.00
CA LYS A 145 -20.79 -77.09 69.45
C LYS A 145 -20.37 -76.30 70.68
N GLN A 146 -19.88 -76.96 71.70
CA GLN A 146 -19.45 -76.23 72.92
C GLN A 146 -18.71 -77.20 73.85
N PHE A 147 -19.44 -78.04 74.55
CA PHE A 147 -18.79 -79.01 75.47
C PHE A 147 -18.30 -80.21 74.68
N VAL A 148 -17.00 -80.33 74.49
CA VAL A 148 -16.47 -81.49 73.72
C VAL A 148 -16.50 -82.74 74.60
N SER A 149 -16.60 -82.56 75.89
CA SER A 149 -16.63 -83.75 76.80
C SER A 149 -17.76 -84.68 76.37
N SER A 150 -18.95 -84.17 76.24
CA SER A 150 -20.10 -85.03 75.83
C SER A 150 -21.31 -84.15 75.48
N SER A 151 -22.44 -84.75 75.27
CA SER A 151 -23.65 -83.95 74.92
C SER A 151 -24.90 -84.82 75.08
N THR A 152 -25.13 -85.32 76.26
CA THR A 152 -26.33 -86.19 76.47
C THR A 152 -27.59 -85.39 76.12
N THR A 153 -28.74 -85.95 76.36
CA THR A 153 -30.01 -85.23 76.04
C THR A 153 -30.08 -83.94 76.86
N VAL A 154 -30.72 -82.93 76.35
CA VAL A 154 -30.83 -81.65 77.11
C VAL A 154 -31.62 -81.89 78.40
N ASN A 155 -32.23 -83.04 78.53
CA ASN A 155 -33.01 -83.33 79.76
C ASN A 155 -32.10 -83.19 80.99
N ARG A 156 -32.39 -82.25 81.85
CA ARG A 156 -31.54 -82.07 83.05
C ARG A 156 -31.68 -83.29 83.96
N GLY A 157 -32.88 -83.61 84.34
CA GLY A 157 -33.10 -84.79 85.23
C GLY A 157 -34.59 -85.02 85.44
N GLY A 158 -35.20 -85.80 84.59
CA GLY A 158 -36.66 -86.07 84.74
C GLY A 158 -37.06 -87.28 83.89
N SER A 159 -37.85 -88.17 84.43
CA SER A 159 -38.26 -89.37 83.68
C SER A 159 -37.02 -90.14 83.21
N ALA A 160 -35.86 -89.69 83.61
CA ALA A 160 -34.60 -90.39 83.19
C ALA A 160 -34.31 -91.53 84.16
N ILE A 161 -35.03 -91.61 85.24
CA ILE A 161 -34.78 -92.69 86.23
C ILE A 161 -36.03 -92.89 87.11
N GLU A 162 -36.76 -91.83 87.36
CA GLU A 162 -37.98 -91.96 88.20
C GLU A 162 -39.01 -92.83 87.48
N SER A 163 -39.07 -92.76 86.19
CA SER A 163 -40.04 -93.58 85.43
C SER A 163 -39.72 -95.06 85.60
N LYS A 164 -40.60 -95.93 85.18
CA LYS A 164 -40.33 -97.39 85.33
C LYS A 164 -39.11 -97.77 84.50
N HIS A 165 -38.29 -98.65 85.00
CA HIS A 165 -37.08 -99.06 84.23
C HIS A 165 -37.51 -99.81 82.97
N PHE A 166 -37.44 -99.16 81.84
CA PHE A 166 -37.85 -99.83 80.57
C PHE A 166 -36.93 -101.02 80.30
N MET A 1 -37.10 -5.86 -73.86
CA MET A 1 -37.63 -7.25 -73.76
C MET A 1 -36.50 -8.25 -73.97
N GLY A 2 -35.62 -7.97 -74.89
CA GLY A 2 -34.48 -8.91 -75.15
C GLY A 2 -35.03 -10.23 -75.69
N THR A 3 -35.96 -10.17 -76.61
CA THR A 3 -36.52 -11.42 -77.18
C THR A 3 -35.48 -12.09 -78.08
N PHE A 4 -34.52 -11.34 -78.55
CA PHE A 4 -33.48 -11.94 -79.43
C PHE A 4 -32.72 -13.01 -78.66
N ARG A 5 -31.54 -13.36 -79.11
CA ARG A 5 -30.75 -14.41 -78.40
C ARG A 5 -29.33 -14.43 -78.94
N GLU A 6 -28.81 -13.29 -79.33
CA GLU A 6 -27.42 -13.26 -79.88
C GLU A 6 -26.83 -11.87 -79.65
N GLU A 7 -27.61 -10.84 -79.79
CA GLU A 7 -27.09 -9.47 -79.57
C GLU A 7 -26.77 -9.26 -78.09
N GLY A 8 -26.95 -8.07 -77.60
CA GLY A 8 -26.66 -7.81 -76.16
C GLY A 8 -27.08 -6.39 -75.80
N SER A 9 -26.98 -6.02 -74.54
CA SER A 9 -27.37 -4.65 -74.14
C SER A 9 -26.51 -3.63 -74.87
N VAL A 10 -27.10 -2.84 -75.74
CA VAL A 10 -26.31 -1.83 -76.49
C VAL A 10 -25.78 -0.77 -75.53
N SER A 11 -26.51 -0.49 -74.48
CA SER A 11 -26.03 0.53 -73.49
C SER A 11 -26.95 0.52 -72.28
N SER A 12 -26.45 0.90 -71.13
CA SER A 12 -27.30 0.92 -69.91
C SER A 12 -28.37 1.99 -70.05
N GLY A 13 -29.02 2.34 -68.98
CA GLY A 13 -30.10 3.38 -69.06
C GLY A 13 -31.26 2.85 -69.90
N THR A 14 -31.72 1.67 -69.60
CA THR A 14 -32.86 1.10 -70.38
C THR A 14 -34.07 2.02 -70.27
N LYS A 15 -35.00 1.91 -71.19
CA LYS A 15 -36.21 2.78 -71.15
C LYS A 15 -35.79 4.25 -71.26
N GLN A 16 -35.27 4.82 -70.21
CA GLN A 16 -34.84 6.25 -70.26
C GLN A 16 -36.03 7.12 -70.65
N GLU A 17 -37.12 7.01 -69.94
CA GLU A 17 -38.31 7.83 -70.27
C GLU A 17 -38.07 9.28 -69.82
N PHE A 18 -37.28 9.47 -68.80
CA PHE A 18 -37.01 10.85 -68.31
C PHE A 18 -35.80 10.83 -67.37
N HIS A 19 -35.31 11.98 -66.99
CA HIS A 19 -34.14 12.03 -66.08
C HIS A 19 -33.96 13.44 -65.55
N THR A 20 -33.93 13.60 -64.25
CA THR A 20 -33.76 14.97 -63.67
C THR A 20 -32.32 15.43 -63.88
N GLY A 21 -32.10 16.72 -63.95
CA GLY A 21 -30.72 17.24 -64.15
C GLY A 21 -30.70 18.75 -63.96
N LYS A 22 -29.86 19.23 -63.09
CA LYS A 22 -29.80 20.71 -62.85
C LYS A 22 -28.62 21.04 -61.93
N LEU A 23 -27.93 20.03 -61.48
CA LEU A 23 -26.76 20.28 -60.57
C LEU A 23 -25.60 20.87 -61.38
N VAL A 24 -25.89 21.75 -62.30
CA VAL A 24 -24.82 22.35 -63.12
C VAL A 24 -24.01 23.33 -62.26
N THR A 25 -23.74 22.97 -61.03
CA THR A 25 -22.96 23.86 -60.14
C THR A 25 -21.51 23.93 -60.63
N THR A 26 -21.30 24.42 -61.82
CA THR A 26 -19.90 24.51 -62.35
C THR A 26 -19.05 25.36 -61.41
N LYS A 27 -19.52 26.51 -61.04
CA LYS A 27 -18.74 27.39 -60.11
C LYS A 27 -18.78 26.79 -58.70
N GLY A 28 -17.97 25.81 -58.44
CA GLY A 28 -17.97 25.19 -57.08
C GLY A 28 -16.92 24.09 -57.01
N ASP A 29 -15.66 24.45 -56.91
CA ASP A 29 -14.59 23.43 -56.84
C ASP A 29 -14.66 22.72 -55.49
N LYS A 30 -15.34 23.29 -54.54
CA LYS A 30 -15.45 22.66 -53.19
C LYS A 30 -16.74 23.11 -52.52
N GLU A 31 -17.84 22.47 -52.83
CA GLU A 31 -19.15 22.86 -52.23
C GLU A 31 -20.06 21.63 -52.15
N LEU A 32 -19.51 20.49 -51.82
CA LEU A 32 -20.35 19.26 -51.72
C LEU A 32 -21.02 19.22 -50.33
N LEU A 33 -20.72 20.17 -49.49
CA LEU A 33 -21.33 20.18 -48.14
C LEU A 33 -21.06 18.85 -47.43
N ILE A 34 -19.87 18.67 -46.93
CA ILE A 34 -19.55 17.39 -46.23
C ILE A 34 -20.38 17.30 -44.95
N ASP A 35 -19.93 16.56 -43.97
CA ASP A 35 -20.71 16.44 -42.70
C ASP A 35 -20.85 17.83 -42.06
N ASN A 36 -21.71 17.95 -41.09
CA ASN A 36 -21.89 19.28 -40.42
C ASN A 36 -20.62 19.64 -39.66
N GLU A 37 -20.26 20.90 -39.66
CA GLU A 37 -19.03 21.32 -38.93
C GLU A 37 -19.27 21.23 -37.42
N LYS A 38 -18.23 21.02 -36.65
CA LYS A 38 -18.40 20.93 -35.17
C LYS A 38 -18.67 22.32 -34.61
N VAL A 39 -19.11 22.39 -33.38
CA VAL A 39 -19.40 23.72 -32.77
C VAL A 39 -18.08 24.47 -32.54
N THR A 40 -18.08 25.76 -32.71
CA THR A 40 -16.82 26.54 -32.50
C THR A 40 -15.70 25.92 -33.33
N SER A 41 -15.45 26.45 -34.50
CA SER A 41 -14.36 25.89 -35.36
C SER A 41 -13.03 26.03 -34.64
N GLY A 42 -11.94 25.77 -35.31
CA GLY A 42 -10.60 25.89 -34.66
C GLY A 42 -10.44 24.77 -33.64
N HIS A 43 -9.23 24.29 -33.45
CA HIS A 43 -9.01 23.21 -32.47
C HIS A 43 -9.45 23.67 -31.08
N THR A 44 -10.57 23.18 -30.61
CA THR A 44 -11.05 23.61 -29.26
C THR A 44 -10.06 23.14 -28.19
N THR A 45 -10.54 22.51 -27.15
CA THR A 45 -9.61 22.04 -26.08
C THR A 45 -10.41 21.21 -25.06
N THR A 46 -11.68 21.46 -24.94
CA THR A 46 -12.51 20.70 -23.97
C THR A 46 -12.72 19.27 -24.51
N THR A 47 -11.73 18.69 -25.11
CA THR A 47 -11.88 17.32 -25.66
C THR A 47 -12.18 16.34 -24.52
N ARG A 48 -12.19 16.82 -23.30
CA ARG A 48 -12.48 15.93 -22.14
C ARG A 48 -13.24 16.71 -21.06
N ARG A 49 -14.17 16.08 -20.40
CA ARG A 49 -14.94 16.78 -19.34
C ARG A 49 -14.29 16.55 -17.98
N SER A 50 -14.33 17.53 -17.11
CA SER A 50 -13.72 17.38 -15.76
C SER A 50 -12.26 16.94 -15.89
N CYS A 51 -11.56 16.85 -14.78
CA CYS A 51 -10.13 16.42 -14.83
C CYS A 51 -10.04 15.01 -15.39
N SER A 52 -10.42 14.02 -14.61
CA SER A 52 -10.36 12.61 -15.11
C SER A 52 -10.98 12.56 -16.50
N LYS A 53 -10.47 11.73 -17.38
CA LYS A 53 -11.04 11.67 -18.74
C LYS A 53 -12.37 10.91 -18.72
N VAL A 54 -13.46 11.63 -18.78
CA VAL A 54 -14.81 10.99 -18.76
C VAL A 54 -15.60 11.46 -19.99
N ILE A 55 -16.01 10.52 -20.82
CA ILE A 55 -16.78 10.88 -22.05
C ILE A 55 -18.08 10.06 -22.07
N THR A 56 -19.19 10.72 -22.29
CA THR A 56 -20.50 10.00 -22.32
C THR A 56 -21.26 10.36 -23.59
N LYS A 57 -21.52 9.39 -24.43
CA LYS A 57 -22.30 9.64 -25.70
C LYS A 57 -23.48 8.68 -25.74
N THR A 58 -24.68 9.18 -25.67
CA THR A 58 -25.90 8.31 -25.69
C THR A 58 -26.77 8.66 -26.91
N VAL A 59 -27.28 7.65 -27.58
CA VAL A 59 -28.16 7.90 -28.76
C VAL A 59 -29.41 7.02 -28.64
N THR A 60 -30.57 7.64 -28.60
CA THR A 60 -31.86 6.87 -28.47
C THR A 60 -32.62 6.93 -29.79
N ASN A 61 -33.12 5.82 -30.28
CA ASN A 61 -33.90 5.84 -31.57
C ASN A 61 -35.20 4.99 -31.40
N ALA A 62 -36.10 5.05 -32.34
CA ALA A 62 -37.39 4.29 -32.20
C ALA A 62 -37.18 2.78 -32.09
N ASP A 63 -36.32 2.20 -32.88
CA ASP A 63 -36.14 0.73 -32.81
C ASP A 63 -35.49 0.32 -31.49
N GLY A 64 -35.24 1.26 -30.62
CA GLY A 64 -34.62 0.92 -29.31
C GLY A 64 -33.10 1.09 -29.38
N ARG A 65 -32.58 1.70 -30.43
CA ARG A 65 -31.12 1.89 -30.50
C ARG A 65 -30.71 2.82 -29.35
N THR A 66 -30.62 2.29 -28.16
CA THR A 66 -30.25 3.12 -26.97
C THR A 66 -28.85 2.72 -26.52
N GLU A 67 -27.84 3.15 -27.24
CA GLU A 67 -26.45 2.79 -26.88
C GLU A 67 -25.85 3.89 -25.99
N THR A 68 -25.54 3.57 -24.74
CA THR A 68 -24.96 4.60 -23.84
C THR A 68 -23.44 4.48 -23.81
N THR A 69 -22.76 5.44 -24.37
CA THR A 69 -21.28 5.41 -24.36
C THR A 69 -20.82 6.04 -23.05
N LYS A 70 -21.57 5.80 -22.01
CA LYS A 70 -21.21 6.36 -20.67
C LYS A 70 -19.88 5.74 -20.20
N GLU A 71 -18.82 5.95 -20.93
CA GLU A 71 -17.50 5.36 -20.54
C GLU A 71 -16.77 6.33 -19.59
N VAL A 72 -15.96 5.81 -18.70
CA VAL A 72 -15.21 6.69 -17.76
C VAL A 72 -13.74 6.29 -17.81
N VAL A 73 -12.88 7.19 -18.24
CA VAL A 73 -11.42 6.86 -18.31
C VAL A 73 -10.68 7.65 -17.24
N LYS A 74 -9.89 6.98 -16.48
CA LYS A 74 -9.11 7.64 -15.40
C LYS A 74 -7.80 8.18 -15.97
N SER A 75 -7.15 9.07 -15.26
CA SER A 75 -5.87 9.63 -15.77
C SER A 75 -4.82 8.51 -15.88
N GLU A 76 -4.43 8.17 -17.07
CA GLU A 76 -3.42 7.09 -17.24
C GLU A 76 -2.01 7.68 -17.12
N ASP A 77 -1.90 8.98 -17.12
CA ASP A 77 -0.55 9.61 -17.01
C ASP A 77 -0.70 11.04 -16.49
N GLY A 78 -1.61 11.28 -15.60
CA GLY A 78 -1.79 12.65 -15.06
C GLY A 78 -0.79 12.88 -13.92
N SER A 79 -0.41 11.83 -13.23
CA SER A 79 0.56 11.99 -12.11
C SER A 79 0.04 13.05 -11.13
N ASP A 80 -1.20 13.43 -11.25
CA ASP A 80 -1.76 14.45 -10.33
C ASP A 80 -3.27 14.57 -10.52
N CYS A 81 -3.89 13.52 -10.99
CA CYS A 81 -5.37 13.56 -11.21
C CYS A 81 -5.92 12.14 -11.25
N GLY A 82 -5.88 11.45 -10.15
CA GLY A 82 -6.41 10.05 -10.12
C GLY A 82 -5.99 9.37 -8.82
N ASP A 83 -4.72 9.17 -8.62
CA ASP A 83 -4.25 8.52 -7.37
C ASP A 83 -4.26 9.53 -6.23
N ALA A 84 -5.09 9.31 -5.24
CA ALA A 84 -5.14 10.26 -4.09
C ALA A 84 -3.80 10.26 -3.36
N ASP A 85 -3.06 9.19 -3.45
CA ASP A 85 -1.73 9.13 -2.77
C ASP A 85 -1.92 9.41 -1.27
N PHE A 86 -0.92 9.14 -0.49
CA PHE A 86 -1.04 9.39 0.98
C PHE A 86 -0.79 10.87 1.27
N ASP A 87 -1.41 11.39 2.28
CA ASP A 87 -1.20 12.83 2.62
C ASP A 87 0.22 13.03 3.15
N TRP A 88 1.09 13.59 2.35
CA TRP A 88 2.48 13.80 2.81
C TRP A 88 2.49 14.74 4.01
N HIS A 89 2.81 16.00 3.80
CA HIS A 89 2.81 16.96 4.94
C HIS A 89 3.69 16.39 6.06
N HIS A 90 4.42 15.35 5.80
CA HIS A 90 5.28 14.76 6.86
C HIS A 90 6.35 15.77 7.26
N THR A 91 6.58 15.94 8.53
CA THR A 91 7.62 16.90 8.99
C THR A 91 8.09 16.52 10.40
N PHE A 92 9.26 16.93 10.78
CA PHE A 92 9.77 16.58 12.14
C PHE A 92 8.77 17.09 13.20
N PRO A 93 8.66 16.41 14.32
CA PRO A 93 7.73 16.84 15.39
C PRO A 93 8.06 18.27 15.81
N SER A 94 9.25 18.50 16.26
CA SER A 94 9.64 19.87 16.70
C SER A 94 9.43 20.86 15.54
N ARG A 95 9.70 22.11 15.77
CA ARG A 95 9.50 23.12 14.70
C ARG A 95 10.20 24.42 15.09
N GLY A 96 10.53 24.57 16.34
CA GLY A 96 11.20 25.83 16.79
C GLY A 96 11.84 25.59 18.17
N ASN A 97 12.53 24.50 18.33
CA ASN A 97 13.18 24.21 19.64
C ASN A 97 14.14 25.36 19.98
N LEU A 98 14.07 25.84 21.20
CA LEU A 98 14.98 26.95 21.60
C LEU A 98 16.42 26.44 21.68
N ASP A 99 17.32 27.21 22.23
CA ASP A 99 18.73 26.76 22.33
C ASP A 99 19.43 27.54 23.44
N ASP A 100 20.27 26.89 24.20
CA ASP A 100 20.98 27.60 25.30
C ASP A 100 21.86 28.70 24.71
N PHE A 101 21.63 29.93 25.08
CA PHE A 101 22.46 31.04 24.54
C PHE A 101 23.90 30.89 25.03
N PHE A 102 24.11 30.13 26.08
CA PHE A 102 25.49 29.93 26.60
C PHE A 102 26.24 31.27 26.64
N HIS A 103 26.04 32.05 27.65
CA HIS A 103 26.75 33.36 27.73
C HIS A 103 28.23 33.12 28.03
N ARG A 104 28.53 32.30 28.99
CA ARG A 104 29.96 32.03 29.33
C ARG A 104 30.03 30.88 30.34
N ASP A 105 29.44 31.05 31.49
CA ASP A 105 29.47 29.98 32.52
C ASP A 105 28.31 30.17 33.50
N LYS A 106 27.70 29.10 33.93
CA LYS A 106 26.56 29.23 34.88
C LYS A 106 27.06 29.79 36.21
N ASP A 107 27.06 31.09 36.35
CA ASP A 107 27.54 31.71 37.62
C ASP A 107 28.91 31.12 37.98
N ASP A 108 28.95 30.11 38.78
CA ASP A 108 30.25 29.50 39.17
C ASP A 108 30.01 28.18 39.90
N PHE A 109 30.72 27.15 39.53
CA PHE A 109 30.53 25.84 40.22
C PHE A 109 31.02 25.94 41.67
N PHE A 110 32.18 26.49 41.87
CA PHE A 110 32.71 26.62 43.26
C PHE A 110 32.65 25.26 43.96
N THR A 111 31.67 25.05 44.80
CA THR A 111 31.56 23.74 45.51
C THR A 111 31.05 22.68 44.53
N ARG A 112 31.33 21.43 44.80
CA ARG A 112 30.87 20.35 43.90
C ARG A 112 31.07 18.99 44.58
N SER A 113 32.12 18.84 45.33
CA SER A 113 32.37 17.54 46.01
C SER A 113 33.44 17.72 47.08
N SER A 114 33.32 18.73 47.90
CA SER A 114 34.34 18.97 48.96
C SER A 114 34.20 17.90 50.05
N HIS A 115 34.88 16.80 49.89
CA HIS A 115 34.79 15.71 50.91
C HIS A 115 35.50 16.16 52.19
N GLU A 116 35.31 15.44 53.26
CA GLU A 116 35.98 15.83 54.54
C GLU A 116 35.68 17.30 54.86
N PHE A 117 34.47 17.59 55.26
CA PHE A 117 34.12 19.00 55.58
C PHE A 117 34.79 19.40 56.90
N ASP A 118 35.16 20.65 57.04
CA ASP A 118 35.82 21.10 58.30
C ASP A 118 35.94 22.62 58.29
N GLY A 119 36.73 23.16 59.18
CA GLY A 119 36.90 24.65 59.23
C GLY A 119 37.88 25.00 60.35
N ARG A 120 38.93 24.24 60.50
CA ARG A 120 39.92 24.54 61.57
C ARG A 120 40.69 25.81 61.21
N THR A 121 40.03 26.93 61.19
CA THR A 121 40.73 28.21 60.85
C THR A 121 41.91 28.42 61.79
N GLY A 122 42.65 29.48 61.62
CA GLY A 122 43.82 29.72 62.51
C GLY A 122 43.33 30.07 63.92
N LEU A 123 44.10 29.74 64.92
CA LEU A 123 43.68 30.04 66.31
C LEU A 123 43.67 31.55 66.55
N ALA A 124 42.79 32.02 67.39
CA ALA A 124 42.74 33.49 67.65
C ALA A 124 44.04 33.92 68.38
N PRO A 125 44.32 35.21 68.38
CA PRO A 125 45.54 35.72 69.05
C PRO A 125 45.54 35.31 70.52
N GLU A 126 44.43 35.45 71.19
CA GLU A 126 44.37 35.07 72.63
C GLU A 126 45.41 35.87 73.41
N PHE A 127 45.37 35.82 74.71
CA PHE A 127 46.36 36.58 75.52
C PHE A 127 47.70 35.86 75.47
N ALA A 128 48.77 36.59 75.24
CA ALA A 128 50.11 35.94 75.19
C ALA A 128 51.19 37.02 75.17
N ALA A 129 51.56 37.49 74.01
CA ALA A 129 52.61 38.55 73.93
C ALA A 129 52.55 39.22 72.55
N LEU A 130 53.55 40.01 72.23
CA LEU A 130 53.55 40.69 70.90
C LEU A 130 54.95 41.27 70.64
N GLY A 131 55.88 40.45 70.29
CA GLY A 131 57.26 40.95 70.02
C GLY A 131 57.87 41.53 71.29
N GLU A 132 58.33 42.74 71.24
CA GLU A 132 58.95 43.37 72.45
C GLU A 132 57.88 43.57 73.53
N SER A 133 57.62 42.58 74.34
CA SER A 133 56.59 42.73 75.40
C SER A 133 57.22 43.40 76.63
N GLY A 134 56.42 44.00 77.46
CA GLY A 134 56.97 44.66 78.68
C GLY A 134 55.84 45.35 79.44
N SER A 135 56.17 46.20 80.38
CA SER A 135 55.11 46.89 81.16
C SER A 135 55.74 48.05 81.94
N SER A 136 57.05 48.11 81.99
CA SER A 136 57.71 49.22 82.73
C SER A 136 57.17 49.28 84.16
N SER A 137 56.58 50.38 84.53
CA SER A 137 56.03 50.50 85.91
C SER A 137 55.13 51.73 86.01
N SER A 138 54.02 51.62 86.68
CA SER A 138 53.11 52.79 86.81
C SER A 138 51.99 52.46 87.81
N LYS A 139 50.98 53.28 87.87
CA LYS A 139 49.87 53.02 88.82
C LYS A 139 50.43 52.77 90.22
N THR A 140 49.59 52.52 91.18
CA THR A 140 50.08 52.27 92.56
C THR A 140 50.74 50.90 92.63
N SER A 141 51.86 50.80 93.28
CA SER A 141 52.57 49.49 93.39
C SER A 141 53.75 49.62 94.35
N THR A 142 54.72 50.43 94.02
CA THR A 142 55.89 50.60 94.91
C THR A 142 55.44 51.23 96.24
N HIS A 143 55.55 50.51 97.32
CA HIS A 143 55.13 51.07 98.63
C HIS A 143 56.11 52.16 99.06
N SER A 144 56.39 52.26 100.33
CA SER A 144 57.34 53.31 100.81
C SER A 144 58.72 53.06 100.19
N LYS A 145 59.66 53.93 100.45
CA LYS A 145 61.02 53.75 99.88
C LYS A 145 60.93 53.60 98.36
N GLN A 146 60.79 54.69 97.65
CA GLN A 146 60.69 54.60 96.17
C GLN A 146 62.06 54.25 95.59
N PHE A 147 62.94 55.22 95.46
CA PHE A 147 64.29 54.93 94.90
C PHE A 147 65.17 56.18 95.05
N VAL A 148 64.58 57.34 95.05
CA VAL A 148 65.39 58.58 95.20
C VAL A 148 66.16 58.53 96.52
N SER A 149 65.48 58.75 97.62
CA SER A 149 66.18 58.72 98.94
C SER A 149 66.58 57.28 99.26
N SER A 150 67.85 57.02 99.38
CA SER A 150 68.30 55.64 99.70
C SER A 150 69.80 55.65 100.00
N SER A 151 70.29 56.74 100.53
CA SER A 151 71.75 56.81 100.87
C SER A 151 72.00 56.10 102.19
N THR A 152 71.46 56.60 103.26
CA THR A 152 71.67 55.94 104.58
C THR A 152 70.92 54.61 104.63
N THR A 153 69.82 54.52 103.92
CA THR A 153 69.05 53.24 103.93
C THR A 153 69.84 52.16 103.18
N VAL A 154 70.47 51.27 103.91
CA VAL A 154 71.26 50.20 103.24
C VAL A 154 71.70 49.17 104.30
N ASN A 155 71.98 49.62 105.49
CA ASN A 155 72.41 48.67 106.56
C ASN A 155 73.57 47.81 106.05
N ARG A 156 73.30 46.57 105.74
CA ARG A 156 74.39 45.67 105.24
C ARG A 156 75.49 45.55 106.30
N GLY A 157 75.34 46.22 107.40
CA GLY A 157 76.38 46.14 108.47
C GLY A 157 75.96 47.00 109.67
N GLY A 158 76.86 47.26 110.57
CA GLY A 158 76.52 48.10 111.75
C GLY A 158 75.19 47.62 112.36
N SER A 159 74.36 48.52 112.77
CA SER A 159 73.06 48.11 113.38
C SER A 159 73.30 47.07 114.47
N ALA A 160 72.49 46.05 114.53
CA ALA A 160 72.67 45.01 115.58
C ALA A 160 72.64 45.66 116.96
N ILE A 161 71.68 46.52 117.19
CA ILE A 161 71.59 47.19 118.52
C ILE A 161 71.21 46.16 119.59
N GLU A 162 72.16 45.69 120.34
CA GLU A 162 71.85 44.69 121.40
C GLU A 162 71.11 45.36 122.55
N SER A 163 70.38 44.60 123.33
CA SER A 163 69.63 45.21 124.46
C SER A 163 69.23 44.10 125.45
N LYS A 164 69.60 42.88 125.17
CA LYS A 164 69.25 41.77 126.09
C LYS A 164 67.74 41.79 126.36
N HIS A 165 67.33 41.32 127.51
CA HIS A 165 65.87 41.32 127.83
C HIS A 165 65.34 42.75 127.79
N PHE A 166 64.29 42.98 127.06
CA PHE A 166 63.72 44.36 126.98
C PHE A 166 62.36 44.31 126.26
N MET A 1 -12.45 12.18 -67.52
CA MET A 1 -11.38 13.13 -67.10
C MET A 1 -12.02 14.36 -66.43
N GLY A 2 -11.23 15.18 -65.79
CA GLY A 2 -11.80 16.38 -65.12
C GLY A 2 -12.33 17.36 -66.16
N THR A 3 -13.49 17.91 -65.94
CA THR A 3 -14.05 18.88 -66.93
C THR A 3 -13.22 20.16 -66.92
N PHE A 4 -12.20 20.21 -67.73
CA PHE A 4 -11.35 21.44 -67.78
C PHE A 4 -12.23 22.68 -67.91
N ARG A 5 -13.09 22.71 -68.90
CA ARG A 5 -13.97 23.89 -69.08
C ARG A 5 -15.04 23.58 -70.15
N GLU A 6 -14.73 22.71 -71.07
CA GLU A 6 -15.71 22.36 -72.13
C GLU A 6 -16.91 21.63 -71.50
N GLU A 7 -18.03 21.66 -72.15
CA GLU A 7 -19.23 20.97 -71.60
C GLU A 7 -19.53 21.51 -70.19
N GLY A 8 -19.40 22.79 -70.01
CA GLY A 8 -19.67 23.38 -68.67
C GLY A 8 -18.68 22.82 -67.65
N SER A 9 -18.22 23.64 -66.74
CA SER A 9 -17.25 23.15 -65.73
C SER A 9 -17.97 22.21 -64.74
N VAL A 10 -19.15 22.58 -64.33
CA VAL A 10 -19.91 21.72 -63.37
C VAL A 10 -19.03 21.44 -62.15
N SER A 11 -19.25 22.15 -61.08
CA SER A 11 -18.42 21.93 -59.85
C SER A 11 -19.10 22.59 -58.66
N SER A 12 -19.34 21.83 -57.61
CA SER A 12 -20.02 22.42 -56.41
C SER A 12 -19.93 21.42 -55.25
N GLY A 13 -20.34 20.20 -55.47
CA GLY A 13 -20.28 19.19 -54.38
C GLY A 13 -18.82 18.83 -54.09
N THR A 14 -18.09 19.74 -53.51
CA THR A 14 -16.66 19.46 -53.20
C THR A 14 -16.58 18.36 -52.14
N LYS A 15 -16.25 18.72 -50.92
CA LYS A 15 -16.15 17.69 -49.85
C LYS A 15 -15.93 18.39 -48.50
N GLN A 16 -15.40 19.58 -48.52
CA GLN A 16 -15.16 20.31 -47.23
C GLN A 16 -16.50 20.56 -46.53
N GLU A 17 -16.84 19.74 -45.58
CA GLU A 17 -18.13 19.94 -44.86
C GLU A 17 -18.01 21.15 -43.93
N PHE A 18 -16.83 21.46 -43.47
CA PHE A 18 -16.66 22.62 -42.56
C PHE A 18 -15.17 22.89 -42.36
N HIS A 19 -14.61 22.42 -41.29
CA HIS A 19 -13.15 22.66 -41.04
C HIS A 19 -12.85 24.15 -41.18
N THR A 20 -13.48 24.97 -40.38
CA THR A 20 -13.24 26.44 -40.45
C THR A 20 -13.74 26.98 -41.80
N GLY A 21 -13.41 26.32 -42.87
CA GLY A 21 -13.88 26.80 -44.21
C GLY A 21 -13.10 28.06 -44.60
N LYS A 22 -11.80 28.05 -44.43
CA LYS A 22 -10.98 29.24 -44.79
C LYS A 22 -11.57 30.47 -44.09
N LEU A 23 -11.05 31.64 -44.39
CA LEU A 23 -11.57 32.88 -43.75
C LEU A 23 -12.96 33.18 -44.31
N VAL A 24 -13.02 33.75 -45.49
CA VAL A 24 -14.33 34.07 -46.09
C VAL A 24 -15.08 32.78 -46.43
N THR A 25 -16.37 32.75 -46.19
CA THR A 25 -17.15 31.51 -46.50
C THR A 25 -17.40 31.43 -48.00
N THR A 26 -18.27 30.56 -48.42
CA THR A 26 -18.55 30.42 -49.87
C THR A 26 -19.83 29.59 -50.07
N LYS A 27 -20.90 30.22 -50.49
CA LYS A 27 -22.16 29.47 -50.71
C LYS A 27 -23.17 30.36 -51.43
N GLY A 28 -22.73 31.47 -51.95
CA GLY A 28 -23.67 32.38 -52.66
C GLY A 28 -22.94 33.65 -53.09
N ASP A 29 -23.67 34.71 -53.34
CA ASP A 29 -23.02 36.00 -53.77
C ASP A 29 -23.03 36.98 -52.58
N LYS A 30 -24.19 37.39 -52.16
CA LYS A 30 -24.26 38.35 -51.02
C LYS A 30 -23.87 37.63 -49.72
N GLU A 31 -22.78 38.01 -49.12
CA GLU A 31 -22.34 37.35 -47.87
C GLU A 31 -23.37 37.63 -46.76
N LEU A 32 -23.88 36.61 -46.13
CA LEU A 32 -24.88 36.83 -45.05
C LEU A 32 -24.21 37.58 -43.89
N LEU A 33 -22.95 37.88 -44.01
CA LEU A 33 -22.24 38.61 -42.93
C LEU A 33 -22.42 37.84 -41.62
N ILE A 34 -21.43 37.08 -41.21
CA ILE A 34 -21.54 36.32 -39.94
C ILE A 34 -21.82 37.28 -38.78
N ASP A 35 -22.33 36.79 -37.69
CA ASP A 35 -22.61 37.67 -36.52
C ASP A 35 -22.73 36.82 -35.26
N ASN A 36 -23.43 35.71 -35.34
CA ASN A 36 -23.59 34.85 -34.15
C ASN A 36 -23.92 33.42 -34.60
N GLU A 37 -22.93 32.64 -34.92
CA GLU A 37 -23.19 31.25 -35.38
C GLU A 37 -23.59 30.38 -34.17
N LYS A 38 -22.68 30.13 -33.27
CA LYS A 38 -23.00 29.30 -32.08
C LYS A 38 -23.38 30.21 -30.91
N VAL A 39 -23.53 29.66 -29.73
CA VAL A 39 -23.89 30.49 -28.55
C VAL A 39 -22.64 31.23 -28.06
N THR A 40 -21.48 30.82 -28.51
CA THR A 40 -20.23 31.50 -28.07
C THR A 40 -20.22 31.58 -26.54
N SER A 41 -20.64 30.55 -25.88
CA SER A 41 -20.65 30.58 -24.38
C SER A 41 -19.22 30.40 -23.87
N GLY A 42 -18.30 30.07 -24.73
CA GLY A 42 -16.89 29.89 -24.29
C GLY A 42 -16.78 28.63 -23.42
N HIS A 43 -16.10 28.71 -22.31
CA HIS A 43 -15.97 27.52 -21.44
C HIS A 43 -15.45 26.34 -22.26
N THR A 44 -15.42 25.17 -21.68
CA THR A 44 -14.92 23.97 -22.41
C THR A 44 -16.07 23.37 -23.21
N THR A 45 -15.78 22.80 -24.36
CA THR A 45 -16.86 22.19 -25.19
C THR A 45 -17.44 20.98 -24.45
N THR A 46 -18.74 20.85 -24.44
CA THR A 46 -19.37 19.70 -23.73
C THR A 46 -18.88 18.38 -24.35
N THR A 47 -19.72 17.39 -24.38
CA THR A 47 -19.32 16.06 -24.97
C THR A 47 -18.21 15.44 -24.11
N ARG A 48 -17.60 16.20 -23.25
CA ARG A 48 -16.52 15.64 -22.38
C ARG A 48 -16.55 16.34 -21.02
N ARG A 49 -16.27 15.63 -19.96
CA ARG A 49 -16.30 16.25 -18.60
C ARG A 49 -14.92 16.86 -18.31
N SER A 50 -14.89 17.98 -17.65
CA SER A 50 -13.59 18.62 -17.33
C SER A 50 -12.83 17.74 -16.32
N CYS A 51 -11.55 17.95 -16.19
CA CYS A 51 -10.77 17.13 -15.23
C CYS A 51 -10.81 15.66 -15.66
N SER A 52 -9.71 14.97 -15.56
CA SER A 52 -9.68 13.53 -15.96
C SER A 52 -10.27 13.39 -17.37
N LYS A 53 -10.29 12.19 -17.89
CA LYS A 53 -10.84 11.97 -19.27
C LYS A 53 -12.11 11.13 -19.19
N VAL A 54 -13.25 11.71 -19.49
CA VAL A 54 -14.54 10.95 -19.43
C VAL A 54 -15.28 11.08 -20.77
N ILE A 55 -15.48 9.98 -21.45
CA ILE A 55 -16.19 10.00 -22.77
C ILE A 55 -17.54 9.31 -22.59
N THR A 56 -18.62 10.04 -22.76
CA THR A 56 -19.98 9.43 -22.59
C THR A 56 -20.83 9.76 -23.82
N LYS A 57 -21.19 8.77 -24.59
CA LYS A 57 -22.07 8.99 -25.80
C LYS A 57 -23.31 8.12 -25.66
N THR A 58 -24.45 8.72 -25.46
CA THR A 58 -25.72 7.94 -25.31
C THR A 58 -26.70 8.33 -26.41
N VAL A 59 -27.34 7.36 -27.03
CA VAL A 59 -28.33 7.68 -28.12
C VAL A 59 -29.63 6.89 -27.87
N THR A 60 -30.70 7.60 -27.68
CA THR A 60 -32.03 6.95 -27.44
C THR A 60 -32.95 7.23 -28.64
N ASN A 61 -33.67 6.26 -29.12
CA ASN A 61 -34.58 6.53 -30.28
C ASN A 61 -35.62 5.39 -30.44
N ALA A 62 -36.68 5.63 -31.19
CA ALA A 62 -37.74 4.58 -31.37
C ALA A 62 -37.26 3.47 -32.32
N ASP A 63 -36.16 3.67 -32.97
CA ASP A 63 -35.63 2.63 -33.90
C ASP A 63 -35.03 1.48 -33.11
N GLY A 64 -35.14 1.50 -31.80
CA GLY A 64 -34.57 0.40 -30.98
C GLY A 64 -33.09 0.71 -30.73
N ARG A 65 -32.64 1.90 -31.04
CA ARG A 65 -31.20 2.25 -30.81
C ARG A 65 -31.08 2.89 -29.43
N THR A 66 -30.70 2.13 -28.44
CA THR A 66 -30.54 2.66 -27.05
C THR A 66 -29.15 2.28 -26.56
N GLU A 67 -28.13 2.87 -27.14
CA GLU A 67 -26.73 2.52 -26.75
C GLU A 67 -26.20 3.49 -25.69
N THR A 68 -25.66 2.95 -24.61
CA THR A 68 -25.08 3.80 -23.53
C THR A 68 -23.58 3.61 -23.53
N THR A 69 -22.85 4.63 -23.90
CA THR A 69 -21.36 4.54 -23.91
C THR A 69 -20.84 5.42 -22.78
N LYS A 70 -21.55 5.43 -21.67
CA LYS A 70 -21.10 6.25 -20.51
C LYS A 70 -19.77 5.70 -19.97
N GLU A 71 -18.74 5.69 -20.78
CA GLU A 71 -17.43 5.16 -20.30
C GLU A 71 -16.66 6.26 -19.56
N VAL A 72 -15.90 5.89 -18.57
CA VAL A 72 -15.10 6.89 -17.79
C VAL A 72 -13.65 6.44 -17.76
N VAL A 73 -12.72 7.36 -17.83
CA VAL A 73 -11.26 6.98 -17.79
C VAL A 73 -10.56 7.82 -16.72
N LYS A 74 -10.02 7.15 -15.75
CA LYS A 74 -9.31 7.86 -14.65
C LYS A 74 -8.01 8.46 -15.18
N SER A 75 -7.45 9.41 -14.47
CA SER A 75 -6.18 10.03 -14.94
C SER A 75 -5.01 9.07 -14.70
N GLU A 76 -4.06 9.06 -15.60
CA GLU A 76 -2.89 8.15 -15.43
C GLU A 76 -1.84 8.83 -14.53
N ASP A 77 -1.98 10.11 -14.30
CA ASP A 77 -0.99 10.82 -13.44
C ASP A 77 -1.49 12.25 -13.20
N GLY A 78 -2.74 12.40 -12.85
CA GLY A 78 -3.28 13.77 -12.59
C GLY A 78 -2.91 14.21 -11.18
N SER A 79 -2.75 13.28 -10.28
CA SER A 79 -2.39 13.65 -8.88
C SER A 79 -3.46 14.59 -8.31
N ASP A 80 -4.48 14.86 -9.07
CA ASP A 80 -5.57 15.76 -8.57
C ASP A 80 -6.82 15.52 -9.40
N CYS A 81 -6.98 14.33 -9.92
CA CYS A 81 -8.19 14.02 -10.74
C CYS A 81 -8.30 12.50 -10.92
N GLY A 82 -7.98 11.75 -9.91
CA GLY A 82 -8.08 10.27 -10.04
C GLY A 82 -7.54 9.61 -8.77
N ASP A 83 -6.25 9.59 -8.59
CA ASP A 83 -5.68 8.96 -7.37
C ASP A 83 -5.92 9.87 -6.16
N ALA A 84 -6.03 11.16 -6.38
CA ALA A 84 -6.26 12.10 -5.24
C ALA A 84 -5.06 12.06 -4.29
N ASP A 85 -4.96 13.02 -3.41
CA ASP A 85 -3.80 13.03 -2.46
C ASP A 85 -2.50 12.96 -3.25
N PHE A 86 -1.44 12.54 -2.60
CA PHE A 86 -0.13 12.46 -3.33
C PHE A 86 0.84 11.63 -2.49
N ASP A 87 0.35 10.75 -1.67
CA ASP A 87 1.25 9.92 -0.83
C ASP A 87 0.43 8.82 -0.14
N TRP A 88 1.09 7.89 0.51
CA TRP A 88 0.36 6.80 1.20
C TRP A 88 0.04 7.23 2.64
N HIS A 89 -1.16 7.68 2.89
CA HIS A 89 -1.53 8.11 4.26
C HIS A 89 -1.25 6.98 5.25
N HIS A 90 -1.70 7.11 6.47
CA HIS A 90 -1.45 6.05 7.48
C HIS A 90 -2.50 6.14 8.58
N THR A 91 -3.38 5.19 8.67
CA THR A 91 -4.42 5.23 9.74
C THR A 91 -3.75 5.44 11.10
N PHE A 92 -4.00 6.57 11.72
CA PHE A 92 -3.37 6.83 13.05
C PHE A 92 -3.84 5.76 14.05
N PRO A 93 -3.00 5.40 15.01
CA PRO A 93 -3.38 4.38 16.01
C PRO A 93 -4.68 4.80 16.71
N SER A 94 -5.02 4.15 17.80
CA SER A 94 -6.28 4.51 18.52
C SER A 94 -6.28 3.83 19.90
N ARG A 95 -7.41 3.79 20.54
CA ARG A 95 -7.48 3.14 21.87
C ARG A 95 -8.94 2.97 22.29
N GLY A 96 -9.40 1.76 22.42
CA GLY A 96 -10.82 1.54 22.82
C GLY A 96 -11.14 0.04 22.78
N ASN A 97 -10.87 -0.59 21.67
CA ASN A 97 -11.16 -2.06 21.56
C ASN A 97 -10.62 -2.59 20.24
N LEU A 98 -10.26 -1.72 19.34
CA LEU A 98 -9.73 -2.18 18.03
C LEU A 98 -8.32 -2.74 18.22
N ASP A 99 -7.36 -1.89 18.46
CA ASP A 99 -5.96 -2.36 18.66
C ASP A 99 -5.82 -2.97 20.05
N ASP A 100 -6.27 -4.18 20.24
CA ASP A 100 -6.16 -4.81 21.59
C ASP A 100 -4.69 -5.15 21.86
N PHE A 101 -3.92 -4.20 22.32
CA PHE A 101 -2.49 -4.47 22.59
C PHE A 101 -2.36 -5.35 23.83
N PHE A 102 -2.90 -4.92 24.94
CA PHE A 102 -2.81 -5.73 26.19
C PHE A 102 -3.99 -6.71 26.23
N HIS A 103 -3.72 -7.99 26.23
CA HIS A 103 -4.83 -8.99 26.26
C HIS A 103 -5.67 -8.78 27.53
N ARG A 104 -5.04 -8.47 28.62
CA ARG A 104 -5.81 -8.26 29.89
C ARG A 104 -6.64 -9.50 30.19
N ASP A 105 -6.00 -10.63 30.38
CA ASP A 105 -6.77 -11.87 30.68
C ASP A 105 -5.82 -12.91 31.30
N LYS A 106 -4.58 -12.93 30.89
CA LYS A 106 -3.63 -13.92 31.46
C LYS A 106 -3.53 -13.71 32.97
N ASP A 107 -3.54 -14.78 33.72
CA ASP A 107 -3.44 -14.65 35.20
C ASP A 107 -3.27 -16.04 35.82
N ASP A 108 -2.70 -16.09 36.99
CA ASP A 108 -2.50 -17.42 37.65
C ASP A 108 -3.85 -18.00 38.06
N PHE A 109 -3.87 -19.04 38.84
CA PHE A 109 -5.15 -19.64 39.27
C PHE A 109 -5.98 -18.60 40.01
N PHE A 110 -5.33 -17.68 40.66
CA PHE A 110 -6.08 -16.62 41.42
C PHE A 110 -5.21 -15.38 41.54
N THR A 111 -4.14 -15.30 40.79
CA THR A 111 -3.25 -14.11 40.87
C THR A 111 -2.76 -13.93 42.31
N ARG A 112 -1.53 -14.30 42.58
CA ARG A 112 -0.99 -14.15 43.95
C ARG A 112 -1.12 -12.69 44.40
N SER A 113 -0.97 -12.43 45.67
CA SER A 113 -1.10 -11.03 46.16
C SER A 113 -0.69 -10.97 47.63
N SER A 114 -1.65 -10.90 48.52
CA SER A 114 -1.32 -10.84 49.97
C SER A 114 -0.89 -12.23 50.46
N HIS A 115 0.31 -12.36 50.94
CA HIS A 115 0.79 -13.68 51.43
C HIS A 115 0.11 -14.01 52.77
N GLU A 116 0.86 -14.50 53.72
CA GLU A 116 0.26 -14.83 55.04
C GLU A 116 1.38 -15.04 56.07
N PHE A 117 2.38 -14.19 56.05
CA PHE A 117 3.49 -14.33 57.02
C PHE A 117 3.01 -13.93 58.41
N ASP A 118 3.49 -14.58 59.43
CA ASP A 118 3.06 -14.24 60.82
C ASP A 118 3.69 -12.91 61.24
N GLY A 119 4.68 -12.95 62.08
CA GLY A 119 5.33 -11.68 62.52
C GLY A 119 6.07 -11.04 61.35
N ARG A 120 7.34 -11.35 61.19
CA ARG A 120 8.10 -10.75 60.07
C ARG A 120 9.43 -11.51 59.90
N THR A 121 9.69 -12.01 58.72
CA THR A 121 10.97 -12.75 58.51
C THR A 121 12.13 -11.77 58.46
N GLY A 122 13.09 -11.94 59.33
CA GLY A 122 14.26 -11.01 59.33
C GLY A 122 14.93 -11.04 60.70
N LEU A 123 16.08 -11.65 60.79
CA LEU A 123 16.80 -11.72 62.10
C LEU A 123 17.67 -10.48 62.27
N ALA A 124 17.85 -10.03 63.48
CA ALA A 124 18.70 -8.82 63.70
C ALA A 124 20.17 -9.19 63.44
N PRO A 125 21.01 -8.20 63.24
CA PRO A 125 22.45 -8.43 62.99
C PRO A 125 23.05 -9.24 64.14
N GLU A 126 24.32 -9.53 64.09
CA GLU A 126 24.96 -10.31 65.18
C GLU A 126 24.12 -11.54 65.48
N PHE A 127 23.60 -12.19 64.47
CA PHE A 127 22.79 -13.40 64.68
C PHE A 127 21.72 -13.12 65.75
N ALA A 128 20.96 -14.11 66.12
CA ALA A 128 19.91 -13.89 67.15
C ALA A 128 20.56 -13.89 68.54
N ALA A 129 21.33 -14.89 68.84
CA ALA A 129 22.00 -14.95 70.17
C ALA A 129 22.99 -13.79 70.30
N LEU A 130 22.70 -12.84 71.14
CA LEU A 130 23.63 -11.68 71.30
C LEU A 130 24.91 -12.15 72.00
N GLY A 131 24.78 -13.02 72.96
CA GLY A 131 25.99 -13.52 73.68
C GLY A 131 26.59 -12.38 74.51
N GLU A 132 27.06 -11.34 73.86
CA GLU A 132 27.66 -10.21 74.59
C GLU A 132 28.86 -10.70 75.41
N SER A 133 29.78 -9.83 75.71
CA SER A 133 30.97 -10.26 76.51
C SER A 133 30.50 -10.92 77.81
N GLY A 134 31.05 -12.05 78.12
CA GLY A 134 30.64 -12.75 79.38
C GLY A 134 29.21 -13.27 79.23
N SER A 135 28.83 -14.23 80.02
CA SER A 135 27.44 -14.78 79.92
C SER A 135 27.17 -15.70 81.11
N SER A 136 27.82 -15.46 82.22
CA SER A 136 27.60 -16.33 83.41
C SER A 136 28.29 -15.71 84.63
N SER A 137 29.52 -15.29 84.48
CA SER A 137 30.24 -14.68 85.63
C SER A 137 29.60 -13.33 85.97
N SER A 138 28.69 -12.87 85.16
CA SER A 138 28.03 -11.57 85.44
C SER A 138 27.33 -11.64 86.80
N LYS A 139 26.15 -12.20 86.84
CA LYS A 139 25.42 -12.30 88.13
C LYS A 139 26.23 -13.14 89.12
N THR A 140 26.03 -12.94 90.39
CA THR A 140 26.79 -13.72 91.41
C THR A 140 26.15 -13.53 92.79
N SER A 141 26.83 -13.94 93.83
CA SER A 141 26.27 -13.77 95.20
C SER A 141 27.37 -14.02 96.23
N THR A 142 28.61 -13.96 95.82
CA THR A 142 29.72 -14.20 96.78
C THR A 142 29.56 -15.58 97.42
N HIS A 143 28.82 -16.45 96.79
CA HIS A 143 28.62 -17.82 97.36
C HIS A 143 28.09 -17.69 98.78
N SER A 144 27.74 -18.80 99.39
CA SER A 144 27.22 -18.75 100.78
C SER A 144 26.10 -17.71 100.88
N LYS A 145 24.92 -18.06 100.45
CA LYS A 145 23.79 -17.09 100.50
C LYS A 145 23.46 -16.79 101.97
N GLN A 146 22.65 -15.78 102.20
CA GLN A 146 22.29 -15.44 103.61
C GLN A 146 21.28 -16.45 104.14
N PHE A 147 21.22 -17.61 103.55
CA PHE A 147 20.27 -18.64 104.03
C PHE A 147 20.76 -19.24 105.34
N VAL A 148 21.69 -18.58 105.99
CA VAL A 148 22.22 -19.13 107.27
C VAL A 148 22.69 -20.56 107.07
N SER A 149 23.93 -20.75 106.71
CA SER A 149 24.44 -22.14 106.50
C SER A 149 23.52 -22.88 105.54
N SER A 150 23.74 -24.15 105.35
CA SER A 150 22.87 -24.94 104.44
C SER A 150 23.18 -26.43 104.60
N SER A 151 24.36 -26.85 104.26
CA SER A 151 24.72 -28.29 104.39
C SER A 151 24.80 -28.65 105.89
N THR A 152 24.06 -29.64 106.31
CA THR A 152 24.10 -30.03 107.74
C THR A 152 25.46 -30.66 108.06
N THR A 153 26.31 -29.93 108.74
CA THR A 153 27.65 -30.49 109.08
C THR A 153 27.49 -31.59 110.13
N VAL A 154 26.50 -31.49 110.97
CA VAL A 154 26.29 -32.52 112.02
C VAL A 154 27.58 -32.71 112.81
N ASN A 155 27.84 -31.86 113.76
CA ASN A 155 29.08 -31.99 114.57
C ASN A 155 28.92 -33.16 115.54
N ARG A 156 27.72 -33.46 115.92
CA ARG A 156 27.49 -34.59 116.87
C ARG A 156 28.26 -35.82 116.38
N GLY A 157 28.35 -36.84 117.19
CA GLY A 157 29.08 -38.06 116.78
C GLY A 157 28.55 -39.27 117.56
N GLY A 158 28.27 -40.35 116.89
CA GLY A 158 27.76 -41.56 117.60
C GLY A 158 28.72 -41.96 118.71
N SER A 159 29.99 -41.76 118.49
CA SER A 159 30.99 -42.14 119.53
C SER A 159 32.32 -41.43 119.25
N ALA A 160 32.47 -40.22 119.71
CA ALA A 160 33.74 -39.48 119.47
C ALA A 160 33.75 -38.20 120.30
N ILE A 161 33.37 -38.29 121.55
CA ILE A 161 33.37 -37.08 122.42
C ILE A 161 33.59 -37.50 123.88
N GLU A 162 34.49 -38.41 124.11
CA GLU A 162 34.75 -38.86 125.50
C GLU A 162 36.02 -39.72 125.54
N SER A 163 36.83 -39.63 124.51
CA SER A 163 38.08 -40.44 124.47
C SER A 163 39.00 -39.90 123.38
N LYS A 164 39.95 -39.07 123.74
CA LYS A 164 40.89 -38.51 122.73
C LYS A 164 40.11 -37.70 121.69
N HIS A 165 40.63 -36.58 121.29
CA HIS A 165 39.91 -35.74 120.28
C HIS A 165 40.09 -36.35 118.89
N PHE A 166 39.04 -36.39 118.11
CA PHE A 166 39.14 -36.98 116.75
C PHE A 166 37.88 -36.65 115.95
N MET A 1 -1.87 39.27 -70.39
CA MET A 1 -0.76 38.51 -71.03
C MET A 1 0.33 39.47 -71.48
N GLY A 2 1.45 39.49 -70.80
CA GLY A 2 2.54 40.42 -71.19
C GLY A 2 3.68 40.31 -70.18
N THR A 3 4.01 39.13 -69.74
CA THR A 3 5.10 38.96 -68.76
C THR A 3 5.44 37.48 -68.60
N PHE A 4 4.56 36.62 -69.04
CA PHE A 4 4.83 35.15 -68.92
C PHE A 4 5.16 34.82 -67.46
N ARG A 5 6.04 33.89 -67.25
CA ARG A 5 6.41 33.50 -65.86
C ARG A 5 5.14 33.20 -65.05
N GLU A 6 4.59 34.19 -64.40
CA GLU A 6 3.36 33.95 -63.59
C GLU A 6 2.14 34.04 -64.51
N GLU A 7 1.36 32.99 -64.59
CA GLU A 7 0.16 33.03 -65.47
C GLU A 7 -0.75 34.19 -65.07
N GLY A 8 -0.46 34.80 -63.94
CA GLY A 8 -1.30 35.95 -63.49
C GLY A 8 -1.45 36.95 -64.62
N SER A 9 -2.58 37.60 -64.70
CA SER A 9 -2.79 38.60 -65.79
C SER A 9 -1.94 39.84 -65.51
N VAL A 10 -2.50 41.01 -65.71
CA VAL A 10 -1.73 42.25 -65.46
C VAL A 10 -2.70 43.44 -65.35
N SER A 11 -3.74 43.43 -66.12
CA SER A 11 -4.72 44.56 -66.06
C SER A 11 -5.50 44.48 -64.74
N SER A 12 -6.70 45.01 -64.72
CA SER A 12 -7.51 44.96 -63.48
C SER A 12 -8.95 45.39 -63.78
N GLY A 13 -9.55 44.80 -64.79
CA GLY A 13 -10.94 45.17 -65.14
C GLY A 13 -10.98 46.62 -65.63
N THR A 14 -11.31 46.82 -66.88
CA THR A 14 -11.36 48.22 -67.41
C THR A 14 -12.26 49.07 -66.51
N LYS A 15 -13.55 48.89 -66.61
CA LYS A 15 -14.48 49.69 -65.76
C LYS A 15 -15.90 49.13 -65.88
N GLN A 16 -16.04 47.83 -65.82
CA GLN A 16 -17.39 47.22 -65.94
C GLN A 16 -18.09 47.29 -64.58
N GLU A 17 -19.28 47.82 -64.54
CA GLU A 17 -20.02 47.92 -63.25
C GLU A 17 -20.42 46.52 -62.78
N PHE A 18 -21.01 45.75 -63.66
CA PHE A 18 -21.45 44.37 -63.28
C PHE A 18 -20.34 43.67 -62.47
N HIS A 19 -20.39 43.76 -61.17
CA HIS A 19 -19.34 43.11 -60.33
C HIS A 19 -19.70 41.64 -60.15
N THR A 20 -19.71 41.17 -58.92
CA THR A 20 -20.05 39.74 -58.67
C THR A 20 -20.12 39.49 -57.16
N GLY A 21 -20.81 38.46 -56.76
CA GLY A 21 -20.92 38.16 -55.30
C GLY A 21 -21.69 39.29 -54.60
N LYS A 22 -22.02 39.10 -53.35
CA LYS A 22 -22.77 40.16 -52.61
C LYS A 22 -21.86 41.37 -52.39
N LEU A 23 -21.48 42.03 -53.45
CA LEU A 23 -20.59 43.22 -53.31
C LEU A 23 -19.40 42.85 -52.41
N VAL A 24 -19.25 43.52 -51.29
CA VAL A 24 -18.11 43.22 -50.38
C VAL A 24 -18.57 43.38 -48.93
N THR A 25 -18.57 42.32 -48.18
CA THR A 25 -19.01 42.41 -46.76
C THR A 25 -18.10 43.39 -46.01
N THR A 26 -16.84 43.09 -45.93
CA THR A 26 -15.89 43.99 -45.21
C THR A 26 -14.45 43.60 -45.55
N LYS A 27 -13.51 44.37 -45.11
CA LYS A 27 -12.08 44.05 -45.40
C LYS A 27 -11.17 44.98 -44.62
N GLY A 28 -11.57 45.36 -43.43
CA GLY A 28 -10.73 46.27 -42.61
C GLY A 28 -9.45 45.55 -42.20
N ASP A 29 -8.45 46.28 -41.77
CA ASP A 29 -7.17 45.64 -41.36
C ASP A 29 -7.38 44.88 -40.05
N LYS A 30 -7.03 43.62 -40.02
CA LYS A 30 -7.23 42.82 -38.77
C LYS A 30 -6.18 43.26 -37.73
N GLU A 31 -6.05 44.54 -37.50
CA GLU A 31 -5.06 45.02 -36.52
C GLU A 31 -5.24 46.53 -36.31
N LEU A 32 -6.10 46.91 -35.40
CA LEU A 32 -6.34 48.36 -35.16
C LEU A 32 -5.00 49.03 -34.81
N LEU A 33 -4.10 48.31 -34.20
CA LEU A 33 -2.79 48.93 -33.84
C LEU A 33 -1.79 47.82 -33.48
N ILE A 34 -1.09 47.97 -32.39
CA ILE A 34 -0.10 46.93 -31.97
C ILE A 34 -0.19 46.72 -30.45
N ASP A 35 -0.04 47.77 -29.69
CA ASP A 35 -0.12 47.63 -28.22
C ASP A 35 -1.59 47.49 -27.79
N ASN A 36 -2.24 46.45 -28.22
CA ASN A 36 -3.67 46.26 -27.84
C ASN A 36 -4.12 44.84 -28.22
N GLU A 37 -4.51 44.65 -29.45
CA GLU A 37 -4.95 43.29 -29.87
C GLU A 37 -3.73 42.36 -29.97
N LYS A 38 -3.53 41.54 -28.97
CA LYS A 38 -2.37 40.61 -28.99
C LYS A 38 -2.51 39.57 -27.88
N VAL A 39 -3.31 39.87 -26.89
CA VAL A 39 -3.50 38.89 -25.78
C VAL A 39 -4.01 37.56 -26.35
N THR A 40 -3.63 36.47 -25.75
CA THR A 40 -4.08 35.14 -26.25
C THR A 40 -5.60 35.03 -26.07
N SER A 41 -6.18 33.96 -26.55
CA SER A 41 -7.66 33.79 -26.42
C SER A 41 -8.05 32.38 -26.84
N GLY A 42 -9.30 32.04 -26.72
CA GLY A 42 -9.74 30.67 -27.13
C GLY A 42 -11.24 30.54 -26.87
N HIS A 43 -11.85 29.52 -27.43
CA HIS A 43 -13.32 29.32 -27.21
C HIS A 43 -13.72 27.94 -27.71
N THR A 44 -12.78 27.04 -27.84
CA THR A 44 -13.10 25.67 -28.32
C THR A 44 -13.70 24.86 -27.16
N THR A 45 -14.93 25.12 -26.81
CA THR A 45 -15.55 24.36 -25.69
C THR A 45 -15.97 22.98 -26.19
N THR A 46 -15.24 21.96 -25.84
CA THR A 46 -15.60 20.59 -26.30
C THR A 46 -16.82 20.10 -25.53
N THR A 47 -16.79 18.89 -25.05
CA THR A 47 -17.95 18.35 -24.28
C THR A 47 -17.46 17.25 -23.34
N ARG A 48 -16.34 17.46 -22.70
CA ARG A 48 -15.79 16.43 -21.77
C ARG A 48 -15.08 17.11 -20.60
N ARG A 49 -14.76 16.38 -19.58
CA ARG A 49 -14.06 17.00 -18.41
C ARG A 49 -12.55 16.96 -18.63
N SER A 50 -11.89 18.09 -18.54
CA SER A 50 -10.42 18.12 -18.74
C SER A 50 -9.73 17.19 -17.73
N CYS A 51 -8.49 17.42 -17.44
CA CYS A 51 -7.78 16.55 -16.46
C CYS A 51 -7.99 15.08 -16.87
N SER A 52 -8.62 14.28 -16.05
CA SER A 52 -8.84 12.86 -16.43
C SER A 52 -9.62 12.82 -17.75
N LYS A 53 -10.13 11.67 -18.11
CA LYS A 53 -10.90 11.56 -19.40
C LYS A 53 -12.27 10.94 -19.11
N VAL A 54 -13.30 11.76 -19.10
CA VAL A 54 -14.68 11.24 -18.83
C VAL A 54 -15.61 11.71 -19.95
N ILE A 55 -16.16 10.79 -20.70
CA ILE A 55 -17.09 11.15 -21.82
C ILE A 55 -18.37 10.34 -21.70
N THR A 56 -19.51 11.00 -21.66
CA THR A 56 -20.82 10.28 -21.54
C THR A 56 -21.75 10.75 -22.65
N LYS A 57 -22.08 9.88 -23.57
CA LYS A 57 -23.05 10.26 -24.68
C LYS A 57 -24.18 9.23 -24.74
N THR A 58 -25.39 9.63 -24.42
CA THR A 58 -26.54 8.69 -24.45
C THR A 58 -27.45 9.02 -25.63
N VAL A 59 -27.73 8.06 -26.48
CA VAL A 59 -28.63 8.32 -27.66
C VAL A 59 -29.66 7.18 -27.74
N THR A 60 -30.92 7.53 -27.65
CA THR A 60 -32.01 6.50 -27.72
C THR A 60 -32.78 6.65 -29.03
N ASN A 61 -33.05 5.55 -29.71
CA ASN A 61 -33.82 5.63 -31.02
C ASN A 61 -35.02 4.66 -30.96
N ALA A 62 -36.01 4.83 -31.83
CA ALA A 62 -37.22 3.95 -31.77
C ALA A 62 -36.93 2.51 -32.24
N ASP A 63 -36.04 2.31 -33.18
CA ASP A 63 -35.79 0.93 -33.67
C ASP A 63 -35.07 0.12 -32.58
N GLY A 64 -34.95 0.69 -31.41
CA GLY A 64 -34.28 -0.04 -30.30
C GLY A 64 -32.77 0.22 -30.34
N ARG A 65 -32.29 1.06 -31.22
CA ARG A 65 -30.84 1.35 -31.27
C ARG A 65 -30.53 2.36 -30.17
N THR A 66 -30.09 1.90 -29.03
CA THR A 66 -29.78 2.81 -27.89
C THR A 66 -28.33 2.63 -27.48
N GLU A 67 -27.44 3.44 -27.99
CA GLU A 67 -25.99 3.29 -27.64
C GLU A 67 -25.64 4.23 -26.49
N THR A 68 -25.19 3.68 -25.39
CA THR A 68 -24.82 4.52 -24.21
C THR A 68 -23.31 4.66 -24.15
N THR A 69 -22.80 5.82 -24.43
CA THR A 69 -21.33 6.03 -24.36
C THR A 69 -21.01 6.46 -22.93
N LYS A 70 -21.78 5.98 -22.00
CA LYS A 70 -21.54 6.33 -20.55
C LYS A 70 -20.19 5.77 -20.11
N GLU A 71 -19.13 6.12 -20.79
CA GLU A 71 -17.79 5.60 -20.42
C GLU A 71 -17.08 6.58 -19.47
N VAL A 72 -16.47 6.08 -18.44
CA VAL A 72 -15.75 6.96 -17.47
C VAL A 72 -14.34 6.41 -17.30
N VAL A 73 -13.34 7.24 -17.43
CA VAL A 73 -11.93 6.76 -17.27
C VAL A 73 -11.19 7.66 -16.29
N LYS A 74 -10.80 7.10 -15.19
CA LYS A 74 -10.08 7.89 -14.16
C LYS A 74 -8.59 7.94 -14.51
N SER A 75 -8.27 8.33 -15.71
CA SER A 75 -6.84 8.41 -16.12
C SER A 75 -6.17 7.06 -15.89
N GLU A 76 -4.88 7.05 -15.67
CA GLU A 76 -4.18 5.76 -15.43
C GLU A 76 -4.27 5.39 -13.95
N ASP A 77 -3.67 6.17 -13.10
CA ASP A 77 -3.73 5.87 -11.64
C ASP A 77 -3.36 7.13 -10.85
N GLY A 78 -4.29 8.03 -10.66
CA GLY A 78 -3.97 9.27 -9.90
C GLY A 78 -2.72 9.92 -10.49
N SER A 79 -2.65 10.02 -11.79
CA SER A 79 -1.46 10.64 -12.43
C SER A 79 -1.43 12.14 -12.11
N ASP A 80 -1.57 12.48 -10.86
CA ASP A 80 -1.55 13.93 -10.47
C ASP A 80 -2.59 14.69 -11.30
N CYS A 81 -3.77 14.14 -11.43
CA CYS A 81 -4.84 14.83 -12.21
C CYS A 81 -5.74 15.63 -11.25
N GLY A 82 -5.15 16.47 -10.44
CA GLY A 82 -5.94 17.27 -9.48
C GLY A 82 -6.93 16.37 -8.73
N ASP A 83 -6.64 15.09 -8.66
CA ASP A 83 -7.54 14.16 -7.95
C ASP A 83 -6.88 12.79 -7.82
N ALA A 84 -6.27 12.52 -6.70
CA ALA A 84 -5.60 11.20 -6.51
C ALA A 84 -6.65 10.15 -6.17
N ASP A 85 -6.34 9.25 -5.28
CA ASP A 85 -7.32 8.20 -4.90
C ASP A 85 -8.47 8.83 -4.10
N PHE A 86 -8.53 8.60 -2.83
CA PHE A 86 -9.62 9.19 -2.00
C PHE A 86 -10.97 8.91 -2.68
N ASP A 87 -11.98 9.64 -2.32
CA ASP A 87 -13.33 9.43 -2.92
C ASP A 87 -13.81 8.01 -2.63
N TRP A 88 -13.27 7.02 -3.30
CA TRP A 88 -13.70 5.62 -3.05
C TRP A 88 -15.21 5.52 -3.19
N HIS A 89 -15.78 4.38 -2.87
CA HIS A 89 -17.25 4.23 -2.97
C HIS A 89 -17.69 3.01 -2.16
N HIS A 90 -16.77 2.39 -1.47
CA HIS A 90 -17.13 1.19 -0.66
C HIS A 90 -15.96 0.84 0.26
N THR A 91 -16.01 1.25 1.51
CA THR A 91 -14.91 0.93 2.45
C THR A 91 -15.10 -0.48 3.01
N PHE A 92 -14.49 -0.77 4.13
CA PHE A 92 -14.64 -2.13 4.72
C PHE A 92 -14.32 -3.20 3.66
N PRO A 93 -13.07 -3.27 3.26
CA PRO A 93 -12.65 -4.25 2.24
C PRO A 93 -12.91 -5.68 2.76
N SER A 94 -13.36 -5.80 3.98
CA SER A 94 -13.63 -7.15 4.55
C SER A 94 -14.49 -7.01 5.81
N ARG A 95 -15.64 -7.60 5.81
CA ARG A 95 -16.51 -7.50 7.02
C ARG A 95 -15.91 -8.33 8.16
N GLY A 96 -15.47 -9.53 7.88
CA GLY A 96 -14.87 -10.37 8.95
C GLY A 96 -15.97 -10.87 9.89
N ASN A 97 -16.62 -11.95 9.54
CA ASN A 97 -17.70 -12.48 10.41
C ASN A 97 -17.16 -12.71 11.82
N LEU A 98 -16.32 -13.70 11.99
CA LEU A 98 -15.75 -13.98 13.34
C LEU A 98 -14.66 -12.94 13.65
N ASP A 99 -14.89 -11.71 13.30
CA ASP A 99 -13.86 -10.67 13.58
C ASP A 99 -12.50 -11.14 13.05
N ASP A 100 -11.45 -10.51 13.49
CA ASP A 100 -10.09 -10.92 13.03
C ASP A 100 -9.04 -10.47 14.04
N PHE A 101 -9.39 -9.54 14.90
CA PHE A 101 -8.41 -9.05 15.91
C PHE A 101 -8.02 -10.21 16.83
N PHE A 102 -8.96 -10.88 17.40
CA PHE A 102 -8.64 -12.02 18.31
C PHE A 102 -8.14 -13.20 17.47
N HIS A 103 -7.00 -13.07 16.86
CA HIS A 103 -6.46 -14.19 16.03
C HIS A 103 -6.13 -15.37 16.94
N ARG A 104 -5.44 -15.12 18.02
CA ARG A 104 -5.09 -16.24 18.95
C ARG A 104 -6.29 -16.58 19.82
N ASP A 105 -6.04 -17.12 20.99
CA ASP A 105 -7.18 -17.47 21.90
C ASP A 105 -6.67 -17.55 23.34
N LYS A 106 -6.90 -16.52 24.12
CA LYS A 106 -6.43 -16.54 25.53
C LYS A 106 -4.95 -16.91 25.57
N ASP A 107 -4.08 -15.93 25.44
CA ASP A 107 -2.62 -16.23 25.47
C ASP A 107 -2.25 -16.83 26.81
N ASP A 108 -1.01 -17.20 26.99
CA ASP A 108 -0.58 -17.81 28.29
C ASP A 108 0.95 -17.84 28.35
N PHE A 109 1.53 -17.02 29.17
CA PHE A 109 3.02 -17.01 29.27
C PHE A 109 3.50 -18.30 29.93
N PHE A 110 2.60 -19.18 30.29
CA PHE A 110 2.99 -20.45 30.94
C PHE A 110 3.77 -20.15 32.21
N THR A 111 3.13 -19.60 33.20
CA THR A 111 3.83 -19.30 34.47
C THR A 111 4.45 -20.57 35.04
N ARG A 112 5.72 -20.55 35.33
CA ARG A 112 6.38 -21.78 35.88
C ARG A 112 5.94 -21.97 37.34
N SER A 113 5.20 -21.05 37.88
CA SER A 113 4.75 -21.19 39.29
C SER A 113 3.74 -20.09 39.62
N SER A 114 2.97 -20.26 40.66
CA SER A 114 1.97 -19.22 41.03
C SER A 114 1.09 -18.90 39.81
N HIS A 115 0.67 -17.68 39.69
CA HIS A 115 -0.20 -17.31 38.53
C HIS A 115 -0.27 -15.78 38.41
N GLU A 116 -0.36 -15.10 39.53
CA GLU A 116 -0.44 -13.61 39.48
C GLU A 116 -0.30 -13.05 40.90
N PHE A 117 -1.15 -13.49 41.80
CA PHE A 117 -1.07 -12.98 43.19
C PHE A 117 0.30 -13.34 43.79
N ASP A 118 0.59 -14.60 43.89
CA ASP A 118 1.90 -15.02 44.46
C ASP A 118 2.08 -14.38 45.85
N GLY A 119 1.64 -15.05 46.87
CA GLY A 119 1.78 -14.48 48.25
C GLY A 119 0.93 -15.29 49.22
N ARG A 120 0.86 -16.58 49.04
CA ARG A 120 0.06 -17.44 49.96
C ARG A 120 0.79 -17.57 51.30
N THR A 121 2.10 -17.64 51.26
CA THR A 121 2.87 -17.78 52.53
C THR A 121 2.62 -16.56 53.42
N GLY A 122 2.96 -16.65 54.67
CA GLY A 122 2.73 -15.50 55.60
C GLY A 122 3.24 -15.86 56.99
N LEU A 123 2.39 -16.37 57.84
CA LEU A 123 2.83 -16.74 59.21
C LEU A 123 3.75 -17.96 59.13
N ALA A 124 4.92 -17.88 59.71
CA ALA A 124 5.86 -19.03 59.66
C ALA A 124 5.33 -20.15 60.59
N PRO A 125 5.80 -21.36 60.41
CA PRO A 125 5.37 -22.50 61.24
C PRO A 125 5.63 -22.18 62.73
N GLU A 126 5.72 -23.19 63.54
CA GLU A 126 5.98 -22.94 64.99
C GLU A 126 7.46 -22.60 65.19
N PHE A 127 7.74 -21.44 65.72
CA PHE A 127 9.16 -21.04 65.95
C PHE A 127 9.89 -22.14 66.71
N ALA A 128 11.14 -21.92 67.05
CA ALA A 128 11.90 -22.96 67.80
C ALA A 128 11.46 -22.95 69.26
N ALA A 129 11.28 -24.11 69.84
CA ALA A 129 10.84 -24.17 71.26
C ALA A 129 10.99 -25.60 71.77
N LEU A 130 10.76 -25.81 73.04
CA LEU A 130 10.89 -27.19 73.60
C LEU A 130 10.04 -28.16 72.77
N GLY A 131 10.56 -29.31 72.45
CA GLY A 131 9.78 -30.29 71.65
C GLY A 131 9.46 -29.69 70.28
N GLU A 132 8.99 -30.49 69.37
CA GLU A 132 8.64 -29.96 68.01
C GLU A 132 7.52 -28.94 68.13
N SER A 133 6.70 -29.06 69.14
CA SER A 133 5.58 -28.09 69.31
C SER A 133 4.91 -28.32 70.67
N GLY A 134 5.52 -29.09 71.52
CA GLY A 134 4.92 -29.36 72.86
C GLY A 134 4.81 -28.04 73.62
N SER A 135 4.29 -28.08 74.83
CA SER A 135 4.17 -26.84 75.63
C SER A 135 3.86 -27.20 77.09
N SER A 136 3.07 -28.21 77.30
CA SER A 136 2.74 -28.61 78.70
C SER A 136 1.98 -29.94 78.68
N SER A 137 2.68 -31.02 78.42
CA SER A 137 2.00 -32.35 78.38
C SER A 137 1.52 -32.71 79.79
N SER A 138 2.07 -32.09 80.80
CA SER A 138 1.64 -32.40 82.19
C SER A 138 0.18 -31.98 82.38
N LYS A 139 -0.73 -32.92 82.31
CA LYS A 139 -2.16 -32.57 82.48
C LYS A 139 -2.40 -32.05 83.90
N THR A 140 -2.95 -30.88 84.03
CA THR A 140 -3.20 -30.31 85.38
C THR A 140 -1.95 -30.45 86.23
N SER A 141 -1.85 -31.50 87.00
CA SER A 141 -0.65 -31.70 87.86
C SER A 141 -0.62 -33.14 88.38
N THR A 142 -0.64 -34.10 87.50
CA THR A 142 -0.61 -35.52 87.94
C THR A 142 0.69 -35.78 88.71
N HIS A 143 0.64 -36.64 89.69
CA HIS A 143 1.86 -36.94 90.49
C HIS A 143 2.86 -37.71 89.62
N SER A 144 4.13 -37.47 89.81
CA SER A 144 5.15 -38.18 88.99
C SER A 144 5.04 -39.69 89.23
N LYS A 145 5.16 -40.48 88.20
CA LYS A 145 5.06 -41.95 88.37
C LYS A 145 6.24 -42.45 89.21
N GLN A 146 6.04 -42.66 90.48
CA GLN A 146 7.15 -43.14 91.35
C GLN A 146 6.58 -43.60 92.69
N PHE A 147 6.93 -44.78 93.12
CA PHE A 147 6.41 -45.29 94.43
C PHE A 147 4.88 -45.13 94.46
N VAL A 148 4.17 -46.11 93.98
CA VAL A 148 2.68 -46.01 93.98
C VAL A 148 2.19 -45.85 95.41
N SER A 149 1.21 -45.01 95.63
CA SER A 149 0.68 -44.81 96.99
C SER A 149 -0.25 -45.97 97.37
N SER A 150 -0.47 -46.19 98.64
CA SER A 150 -1.37 -47.31 99.04
C SER A 150 -2.81 -46.95 98.70
N SER A 151 -3.32 -47.46 97.60
CA SER A 151 -4.72 -47.15 97.21
C SER A 151 -5.67 -47.71 98.27
N THR A 152 -5.42 -48.89 98.76
CA THR A 152 -6.32 -49.48 99.79
C THR A 152 -6.41 -48.54 100.98
N THR A 153 -6.93 -49.00 102.08
CA THR A 153 -7.05 -48.12 103.28
C THR A 153 -5.67 -47.94 103.91
N VAL A 154 -5.44 -46.82 104.55
CA VAL A 154 -4.12 -46.58 105.19
C VAL A 154 -4.21 -45.37 106.11
N ASN A 155 -3.50 -45.39 107.20
CA ASN A 155 -3.54 -44.23 108.14
C ASN A 155 -2.47 -44.41 109.22
N ARG A 156 -1.77 -43.36 109.57
CA ARG A 156 -0.72 -43.47 110.61
C ARG A 156 -1.35 -43.96 111.91
N GLY A 157 -2.64 -43.82 112.05
CA GLY A 157 -3.30 -44.27 113.31
C GLY A 157 -3.20 -45.80 113.41
N GLY A 158 -3.94 -46.40 114.31
CA GLY A 158 -3.88 -47.87 114.47
C GLY A 158 -4.78 -48.30 115.62
N SER A 159 -5.08 -47.40 116.52
CA SER A 159 -5.97 -47.76 117.67
C SER A 159 -7.36 -48.12 117.15
N ALA A 160 -7.64 -49.39 117.00
CA ALA A 160 -8.97 -49.81 116.50
C ALA A 160 -10.05 -49.39 117.51
N ILE A 161 -11.29 -49.71 117.24
CA ILE A 161 -12.38 -49.34 118.19
C ILE A 161 -12.13 -50.00 119.54
N GLU A 162 -13.01 -49.81 120.48
CA GLU A 162 -12.83 -50.43 121.81
C GLU A 162 -12.91 -51.95 121.69
N SER A 163 -12.05 -52.67 122.37
CA SER A 163 -12.09 -54.16 122.29
C SER A 163 -13.24 -54.69 123.16
N LYS A 164 -13.60 -55.92 122.98
CA LYS A 164 -14.71 -56.50 123.80
C LYS A 164 -14.25 -56.64 125.24
N HIS A 165 -15.14 -56.46 126.19
CA HIS A 165 -14.74 -56.59 127.62
C HIS A 165 -14.38 -58.05 127.92
N PHE A 166 -15.35 -58.92 127.93
CA PHE A 166 -15.07 -60.35 128.22
C PHE A 166 -16.30 -61.20 127.91
N MET A 1 -24.03 8.42 -101.86
CA MET A 1 -25.08 8.43 -102.92
C MET A 1 -26.37 7.79 -102.37
N GLY A 2 -26.66 8.01 -101.12
CA GLY A 2 -27.89 7.42 -100.54
C GLY A 2 -28.02 7.86 -99.07
N THR A 3 -29.14 8.44 -98.72
CA THR A 3 -29.32 8.89 -97.31
C THR A 3 -29.41 7.66 -96.39
N PHE A 4 -29.12 7.83 -95.14
CA PHE A 4 -29.19 6.68 -94.20
C PHE A 4 -30.65 6.23 -94.06
N ARG A 5 -30.89 4.95 -93.96
CA ARG A 5 -32.28 4.46 -93.82
C ARG A 5 -32.82 4.82 -92.43
N GLU A 6 -34.04 5.27 -92.35
CA GLU A 6 -34.62 5.65 -91.03
C GLU A 6 -36.12 5.38 -91.05
N GLU A 7 -36.89 6.21 -90.39
CA GLU A 7 -38.37 6.00 -90.36
C GLU A 7 -39.05 7.25 -89.82
N GLY A 8 -40.28 7.48 -90.20
CA GLY A 8 -41.00 8.68 -89.70
C GLY A 8 -41.09 8.64 -88.18
N SER A 9 -40.81 9.72 -87.52
CA SER A 9 -40.90 9.73 -86.02
C SER A 9 -42.35 9.60 -85.58
N VAL A 10 -43.04 10.70 -85.43
CA VAL A 10 -44.46 10.65 -85.01
C VAL A 10 -44.57 9.94 -83.66
N SER A 11 -45.60 10.23 -82.91
CA SER A 11 -45.76 9.57 -81.58
C SER A 11 -44.45 9.65 -80.80
N SER A 12 -43.64 10.64 -81.08
CA SER A 12 -42.35 10.78 -80.35
C SER A 12 -42.62 11.16 -78.89
N GLY A 13 -41.90 12.11 -78.38
CA GLY A 13 -42.11 12.52 -76.97
C GLY A 13 -41.36 13.83 -76.69
N THR A 14 -41.31 14.71 -77.65
CA THR A 14 -40.60 16.00 -77.46
C THR A 14 -41.51 16.98 -76.71
N LYS A 15 -42.80 16.78 -76.79
CA LYS A 15 -43.74 17.70 -76.09
C LYS A 15 -43.73 17.39 -74.59
N GLN A 16 -42.60 16.97 -74.07
CA GLN A 16 -42.53 16.65 -72.62
C GLN A 16 -41.08 16.41 -72.22
N GLU A 17 -40.17 16.59 -73.13
CA GLU A 17 -38.73 16.36 -72.80
C GLU A 17 -38.24 17.47 -71.87
N PHE A 18 -38.83 18.63 -71.94
CA PHE A 18 -38.39 19.74 -71.05
C PHE A 18 -39.47 20.83 -71.03
N HIS A 19 -39.20 21.94 -70.41
CA HIS A 19 -40.20 23.03 -70.36
C HIS A 19 -39.53 24.33 -69.92
N THR A 20 -38.31 24.25 -69.46
CA THR A 20 -37.59 25.47 -69.01
C THR A 20 -38.45 26.23 -67.99
N GLY A 21 -38.20 26.04 -66.72
CA GLY A 21 -39.00 26.74 -65.68
C GLY A 21 -38.32 26.58 -64.33
N LYS A 22 -38.85 25.74 -63.48
CA LYS A 22 -38.23 25.55 -62.14
C LYS A 22 -36.88 24.86 -62.30
N LEU A 23 -35.81 25.61 -62.21
CA LEU A 23 -34.45 25.00 -62.36
C LEU A 23 -34.12 24.19 -61.10
N VAL A 24 -34.72 23.03 -60.95
CA VAL A 24 -34.43 22.20 -59.75
C VAL A 24 -33.06 21.54 -59.89
N THR A 25 -32.36 21.82 -60.96
CA THR A 25 -31.02 21.20 -61.15
C THR A 25 -30.07 21.69 -60.05
N THR A 26 -30.27 22.89 -59.59
CA THR A 26 -29.38 23.43 -58.51
C THR A 26 -30.02 24.68 -57.90
N LYS A 27 -29.82 24.89 -56.63
CA LYS A 27 -30.42 26.10 -55.98
C LYS A 27 -29.84 26.26 -54.58
N GLY A 28 -29.24 27.38 -54.29
CA GLY A 28 -28.66 27.60 -52.94
C GLY A 28 -27.67 26.47 -52.62
N ASP A 29 -26.99 26.56 -51.51
CA ASP A 29 -26.02 25.49 -51.14
C ASP A 29 -25.85 25.45 -49.62
N LYS A 30 -25.96 24.30 -49.03
CA LYS A 30 -25.81 24.19 -47.55
C LYS A 30 -24.38 24.55 -47.16
N GLU A 31 -23.77 23.81 -46.27
CA GLU A 31 -22.38 24.12 -45.85
C GLU A 31 -22.30 25.59 -45.43
N LEU A 32 -22.39 25.86 -44.15
CA LEU A 32 -22.31 27.27 -43.68
C LEU A 32 -20.93 27.84 -44.00
N LEU A 33 -19.90 27.05 -43.80
CA LEU A 33 -18.52 27.55 -44.10
C LEU A 33 -18.27 27.49 -45.61
N ILE A 34 -18.58 28.54 -46.32
CA ILE A 34 -18.36 28.53 -47.80
C ILE A 34 -16.86 28.57 -48.08
N ASP A 35 -16.46 28.17 -49.25
CA ASP A 35 -15.01 28.19 -49.60
C ASP A 35 -14.22 27.43 -48.51
N ASN A 36 -14.16 26.13 -48.62
CA ASN A 36 -13.41 25.34 -47.60
C ASN A 36 -11.91 25.56 -47.79
N GLU A 37 -11.30 26.34 -46.94
CA GLU A 37 -9.84 26.59 -47.08
C GLU A 37 -9.07 25.33 -46.71
N LYS A 38 -8.44 24.71 -47.68
CA LYS A 38 -7.67 23.47 -47.38
C LYS A 38 -8.55 22.49 -46.59
N VAL A 39 -8.36 22.42 -45.30
CA VAL A 39 -9.19 21.49 -44.48
C VAL A 39 -8.96 21.78 -42.99
N THR A 40 -7.78 22.18 -42.64
CA THR A 40 -7.50 22.49 -41.21
C THR A 40 -8.39 23.65 -40.74
N SER A 41 -9.62 23.36 -40.42
CA SER A 41 -10.53 24.45 -39.95
C SER A 41 -10.15 24.88 -38.54
N GLY A 42 -9.06 24.37 -38.03
CA GLY A 42 -8.63 24.75 -36.65
C GLY A 42 -9.62 24.16 -35.64
N HIS A 43 -9.71 22.86 -35.57
CA HIS A 43 -10.65 22.23 -34.60
C HIS A 43 -10.14 22.45 -33.18
N THR A 44 -9.57 21.44 -32.58
CA THR A 44 -9.05 21.59 -31.19
C THR A 44 -10.18 22.06 -30.26
N THR A 45 -11.33 21.44 -30.38
CA THR A 45 -12.48 21.85 -29.50
C THR A 45 -12.45 21.04 -28.21
N THR A 46 -12.16 21.67 -27.10
CA THR A 46 -12.11 20.94 -25.81
C THR A 46 -13.47 20.31 -25.52
N THR A 47 -13.48 19.14 -24.93
CA THR A 47 -14.78 18.48 -24.63
C THR A 47 -14.54 17.30 -23.68
N ARG A 48 -14.14 17.58 -22.46
CA ARG A 48 -13.89 16.49 -21.48
C ARG A 48 -14.27 16.96 -20.08
N ARG A 49 -14.84 16.09 -19.28
CA ARG A 49 -15.25 16.49 -17.90
C ARG A 49 -14.08 16.28 -16.92
N SER A 50 -13.86 17.22 -16.03
CA SER A 50 -12.75 17.08 -15.05
C SER A 50 -11.42 16.93 -15.77
N CYS A 51 -10.33 17.00 -15.05
CA CYS A 51 -8.99 16.86 -15.69
C CYS A 51 -8.82 15.44 -16.22
N SER A 52 -9.31 14.46 -15.50
CA SER A 52 -9.19 13.06 -15.95
C SER A 52 -9.85 12.92 -17.33
N LYS A 53 -10.18 11.71 -17.74
CA LYS A 53 -10.84 11.52 -19.07
C LYS A 53 -12.19 10.81 -18.86
N VAL A 54 -13.26 11.56 -18.92
CA VAL A 54 -14.63 10.97 -18.74
C VAL A 54 -15.52 11.43 -19.89
N ILE A 55 -15.99 10.50 -20.69
CA ILE A 55 -16.87 10.86 -21.85
C ILE A 55 -18.16 10.04 -21.78
N THR A 56 -19.30 10.68 -21.92
CA THR A 56 -20.60 9.96 -21.86
C THR A 56 -21.44 10.33 -23.08
N LYS A 57 -21.71 9.38 -23.94
CA LYS A 57 -22.55 9.66 -25.17
C LYS A 57 -23.70 8.65 -25.23
N THR A 58 -24.91 9.12 -25.08
CA THR A 58 -26.10 8.21 -25.13
C THR A 58 -27.02 8.63 -26.27
N VAL A 59 -27.46 7.70 -27.09
CA VAL A 59 -28.38 8.03 -28.22
C VAL A 59 -29.55 7.05 -28.24
N THR A 60 -30.75 7.55 -28.11
CA THR A 60 -31.97 6.68 -28.11
C THR A 60 -32.75 6.91 -29.40
N ASN A 61 -33.17 5.85 -30.07
CA ASN A 61 -33.95 6.02 -31.35
C ASN A 61 -35.15 5.02 -31.36
N ALA A 62 -36.06 5.16 -32.30
CA ALA A 62 -37.26 4.27 -32.32
C ALA A 62 -36.91 2.79 -32.53
N ASP A 63 -35.98 2.48 -33.39
CA ASP A 63 -35.64 1.04 -33.63
C ASP A 63 -34.99 0.44 -32.39
N GLY A 64 -34.90 1.19 -31.33
CA GLY A 64 -34.29 0.66 -30.08
C GLY A 64 -32.78 0.96 -30.07
N ARG A 65 -32.29 1.75 -30.99
CA ARG A 65 -30.84 2.06 -30.99
C ARG A 65 -30.54 2.85 -29.71
N THR A 66 -30.44 2.17 -28.59
CA THR A 66 -30.16 2.85 -27.30
C THR A 66 -28.76 2.49 -26.85
N GLU A 67 -27.76 3.11 -27.44
CA GLU A 67 -26.36 2.79 -27.06
C GLU A 67 -25.91 3.76 -25.96
N THR A 68 -25.54 3.24 -24.82
CA THR A 68 -25.09 4.12 -23.70
C THR A 68 -23.57 4.14 -23.64
N THR A 69 -22.98 5.25 -23.99
CA THR A 69 -21.50 5.37 -23.93
C THR A 69 -21.15 6.03 -22.60
N LYS A 70 -22.02 5.90 -21.65
CA LYS A 70 -21.77 6.51 -20.30
C LYS A 70 -20.56 5.79 -19.68
N GLU A 71 -19.39 6.03 -20.21
CA GLU A 71 -18.16 5.35 -19.67
C GLU A 71 -17.27 6.37 -18.97
N VAL A 72 -16.46 5.92 -18.04
CA VAL A 72 -15.54 6.85 -17.31
C VAL A 72 -14.12 6.26 -17.40
N VAL A 73 -13.15 7.08 -17.69
CA VAL A 73 -11.74 6.56 -17.79
C VAL A 73 -10.82 7.42 -16.93
N LYS A 74 -10.26 6.83 -15.94
CA LYS A 74 -9.33 7.58 -15.03
C LYS A 74 -8.26 8.29 -15.87
N SER A 75 -7.39 9.02 -15.24
CA SER A 75 -6.32 9.73 -16.01
C SER A 75 -5.39 8.69 -16.64
N GLU A 76 -4.16 8.64 -16.19
CA GLU A 76 -3.21 7.65 -16.77
C GLU A 76 -1.95 7.59 -15.88
N ASP A 77 -1.31 8.72 -15.67
CA ASP A 77 -0.09 8.76 -14.82
C ASP A 77 -0.27 9.78 -13.70
N GLY A 78 -1.34 10.52 -13.73
CA GLY A 78 -1.58 11.55 -12.68
C GLY A 78 -0.80 12.82 -13.02
N SER A 79 -0.83 13.22 -14.26
CA SER A 79 -0.10 14.45 -14.67
C SER A 79 -0.75 15.68 -14.04
N ASP A 80 -2.00 15.57 -13.64
CA ASP A 80 -2.68 16.74 -13.02
C ASP A 80 -3.95 16.27 -12.31
N CYS A 81 -3.97 15.04 -11.87
CA CYS A 81 -5.19 14.52 -11.16
C CYS A 81 -4.76 13.53 -10.07
N GLY A 82 -4.38 12.34 -10.46
CA GLY A 82 -3.96 11.34 -9.44
C GLY A 82 -2.64 11.78 -8.79
N ASP A 83 -2.20 12.98 -9.07
CA ASP A 83 -0.93 13.47 -8.47
C ASP A 83 0.16 12.41 -8.66
N ALA A 84 1.24 12.53 -7.94
CA ALA A 84 2.34 11.54 -8.08
C ALA A 84 3.38 11.76 -6.99
N ASP A 85 2.95 12.12 -5.81
CA ASP A 85 3.92 12.36 -4.70
C ASP A 85 4.61 11.04 -4.34
N PHE A 86 4.05 9.94 -4.74
CA PHE A 86 4.68 8.63 -4.42
C PHE A 86 5.97 8.46 -5.22
N ASP A 87 6.59 7.31 -5.14
CA ASP A 87 7.86 7.10 -5.90
C ASP A 87 8.84 8.21 -5.58
N TRP A 88 8.95 8.59 -4.33
CA TRP A 88 9.90 9.68 -3.95
C TRP A 88 11.33 9.21 -4.20
N HIS A 89 11.85 8.38 -3.33
CA HIS A 89 13.24 7.88 -3.51
C HIS A 89 13.29 6.93 -4.70
N HIS A 90 14.40 6.26 -4.90
CA HIS A 90 14.51 5.31 -6.04
C HIS A 90 15.62 4.29 -5.76
N THR A 91 15.54 3.63 -4.63
CA THR A 91 16.59 2.63 -4.29
C THR A 91 16.10 1.74 -3.15
N PHE A 92 15.09 0.95 -3.39
CA PHE A 92 14.56 0.07 -2.32
C PHE A 92 14.03 0.94 -1.15
N PRO A 93 13.01 0.48 -0.44
CA PRO A 93 12.47 1.26 0.69
C PRO A 93 13.60 1.59 1.69
N SER A 94 13.46 2.64 2.43
CA SER A 94 14.52 3.00 3.42
C SER A 94 14.43 2.04 4.61
N ARG A 95 15.51 1.39 4.95
CA ARG A 95 15.49 0.46 6.10
C ARG A 95 15.23 1.24 7.39
N GLY A 96 15.44 0.62 8.52
CA GLY A 96 15.21 1.34 9.82
C GLY A 96 16.03 0.67 10.92
N ASN A 97 15.84 -0.61 11.13
CA ASN A 97 16.61 -1.30 12.19
C ASN A 97 18.09 -1.40 11.77
N LEU A 98 18.88 -0.44 12.15
CA LEU A 98 20.32 -0.48 11.77
C LEU A 98 21.02 -1.63 12.50
N ASP A 99 22.27 -1.46 12.83
CA ASP A 99 23.00 -2.55 13.54
C ASP A 99 22.25 -2.92 14.83
N ASP A 100 21.25 -2.16 15.18
CA ASP A 100 20.49 -2.47 16.42
C ASP A 100 19.69 -3.76 16.21
N PHE A 101 20.32 -4.78 15.67
CA PHE A 101 19.61 -6.07 15.44
C PHE A 101 19.50 -6.82 16.77
N PHE A 102 20.35 -6.52 17.71
CA PHE A 102 20.30 -7.23 19.03
C PHE A 102 19.33 -6.49 19.95
N HIS A 103 18.58 -7.21 20.75
CA HIS A 103 17.62 -6.55 21.67
C HIS A 103 18.39 -5.89 22.82
N ARG A 104 19.58 -6.33 23.09
CA ARG A 104 20.38 -5.73 24.19
C ARG A 104 19.54 -5.68 25.46
N ASP A 105 18.98 -4.54 25.77
CA ASP A 105 18.14 -4.43 27.01
C ASP A 105 18.94 -4.94 28.21
N LYS A 106 18.32 -4.97 29.36
CA LYS A 106 19.05 -5.46 30.57
C LYS A 106 19.32 -6.95 30.44
N ASP A 107 20.16 -7.35 29.53
CA ASP A 107 20.46 -8.80 29.36
C ASP A 107 21.36 -9.28 30.49
N ASP A 108 21.81 -8.38 31.32
CA ASP A 108 22.69 -8.78 32.45
C ASP A 108 21.93 -9.72 33.39
N PHE A 109 20.69 -10.02 33.08
CA PHE A 109 19.90 -10.92 33.95
C PHE A 109 20.47 -12.34 33.86
N PHE A 110 21.33 -12.58 32.91
CA PHE A 110 21.92 -13.95 32.78
C PHE A 110 22.89 -14.20 33.94
N THR A 111 23.36 -13.16 34.57
CA THR A 111 24.31 -13.34 35.71
C THR A 111 23.60 -14.07 36.84
N ARG A 112 22.75 -13.40 37.57
CA ARG A 112 22.03 -14.05 38.69
C ARG A 112 23.04 -14.74 39.61
N SER A 113 23.72 -13.98 40.43
CA SER A 113 24.71 -14.59 41.36
C SER A 113 25.19 -13.53 42.35
N SER A 114 26.44 -13.58 42.73
CA SER A 114 26.96 -12.57 43.71
C SER A 114 26.95 -11.18 43.07
N HIS A 115 25.78 -10.67 42.76
CA HIS A 115 25.70 -9.32 42.14
C HIS A 115 24.25 -8.83 42.19
N GLU A 116 23.73 -8.63 43.37
CA GLU A 116 22.31 -8.15 43.51
C GLU A 116 22.17 -7.36 44.81
N PHE A 117 22.49 -7.97 45.91
CA PHE A 117 22.38 -7.25 47.21
C PHE A 117 23.37 -6.09 47.25
N ASP A 118 24.28 -6.05 46.31
CA ASP A 118 25.27 -4.94 46.30
C ASP A 118 25.93 -4.81 47.67
N GLY A 119 25.38 -4.00 48.53
CA GLY A 119 25.96 -3.84 49.89
C GLY A 119 24.93 -3.23 50.83
N ARG A 120 25.29 -3.02 52.06
CA ARG A 120 24.33 -2.42 53.03
C ARG A 120 23.83 -1.08 52.49
N THR A 121 22.73 -0.59 52.99
CA THR A 121 22.19 0.71 52.51
C THR A 121 23.07 1.84 53.05
N GLY A 122 24.23 1.53 53.55
CA GLY A 122 25.13 2.58 54.08
C GLY A 122 26.54 2.00 54.28
N LEU A 123 27.46 2.35 53.42
CA LEU A 123 28.84 1.82 53.56
C LEU A 123 29.48 2.40 54.83
N ALA A 124 30.00 1.56 55.67
CA ALA A 124 30.64 2.07 56.93
C ALA A 124 31.98 2.73 56.56
N PRO A 125 32.51 3.54 57.46
CA PRO A 125 33.79 4.22 57.22
C PRO A 125 34.88 3.17 56.92
N GLU A 126 36.08 3.61 56.63
CA GLU A 126 37.17 2.63 56.34
C GLU A 126 37.69 2.04 57.64
N PHE A 127 36.86 1.94 58.64
CA PHE A 127 37.32 1.37 59.94
C PHE A 127 37.42 -0.14 59.82
N ALA A 128 37.88 -0.80 60.84
CA ALA A 128 38.00 -2.30 60.78
C ALA A 128 38.09 -2.86 62.20
N ALA A 129 38.98 -3.79 62.42
CA ALA A 129 39.12 -4.38 63.78
C ALA A 129 40.39 -5.23 63.83
N LEU A 130 40.39 -6.35 63.16
CA LEU A 130 41.59 -7.23 63.17
C LEU A 130 42.77 -6.46 62.57
N GLY A 131 42.78 -6.29 61.28
CA GLY A 131 43.90 -5.55 60.63
C GLY A 131 45.21 -6.29 60.88
N GLU A 132 46.12 -6.24 59.94
CA GLU A 132 47.42 -6.95 60.13
C GLU A 132 48.08 -6.47 61.44
N SER A 133 47.76 -5.28 61.86
CA SER A 133 48.36 -4.76 63.13
C SER A 133 47.56 -5.27 64.32
N GLY A 134 48.00 -6.34 64.93
CA GLY A 134 47.26 -6.89 66.10
C GLY A 134 47.36 -5.91 67.26
N SER A 135 48.24 -4.96 67.19
CA SER A 135 48.39 -3.98 68.30
C SER A 135 49.35 -2.87 67.88
N SER A 136 50.32 -2.56 68.70
CA SER A 136 51.29 -1.50 68.34
C SER A 136 50.54 -0.20 68.02
N SER A 137 49.28 -0.15 68.34
CA SER A 137 48.49 1.08 68.04
C SER A 137 48.91 2.20 68.99
N SER A 138 48.79 3.43 68.56
CA SER A 138 49.19 4.57 69.44
C SER A 138 50.62 4.36 69.93
N LYS A 139 50.82 4.31 71.22
CA LYS A 139 52.20 4.11 71.75
C LYS A 139 52.74 2.76 71.27
N THR A 140 53.64 2.17 72.01
CA THR A 140 54.19 0.86 71.60
C THR A 140 54.92 0.22 72.78
N SER A 141 55.34 1.02 73.74
CA SER A 141 56.04 0.46 74.92
C SER A 141 57.34 -0.23 74.46
N THR A 142 58.35 -0.22 75.28
CA THR A 142 59.63 -0.87 74.89
C THR A 142 59.51 -2.38 75.07
N HIS A 143 58.49 -2.98 74.50
CA HIS A 143 58.33 -4.46 74.65
C HIS A 143 58.39 -4.84 76.12
N SER A 144 58.68 -6.08 76.42
CA SER A 144 58.75 -6.51 77.84
C SER A 144 59.43 -7.88 77.92
N LYS A 145 60.55 -8.04 77.28
CA LYS A 145 61.25 -9.35 77.32
C LYS A 145 61.82 -9.58 78.72
N GLN A 146 60.97 -9.71 79.70
CA GLN A 146 61.46 -9.93 81.09
C GLN A 146 62.00 -11.36 81.22
N PHE A 147 63.17 -11.62 80.69
CA PHE A 147 63.74 -12.98 80.79
C PHE A 147 64.16 -13.26 82.23
N VAL A 148 64.20 -14.51 82.61
CA VAL A 148 64.61 -14.84 84.01
C VAL A 148 64.80 -16.36 84.13
N SER A 149 65.50 -16.80 85.15
CA SER A 149 65.73 -18.26 85.32
C SER A 149 66.06 -18.55 86.78
N SER A 150 67.31 -18.64 87.12
CA SER A 150 67.69 -18.91 88.53
C SER A 150 69.21 -18.77 88.68
N SER A 151 69.91 -18.49 87.61
CA SER A 151 71.39 -18.33 87.71
C SER A 151 71.72 -17.16 88.62
N THR A 152 72.27 -17.42 89.77
CA THR A 152 72.62 -16.31 90.70
C THR A 152 71.39 -15.45 90.95
N THR A 153 70.66 -15.72 92.00
CA THR A 153 69.44 -14.90 92.29
C THR A 153 69.86 -13.48 92.67
N VAL A 154 70.16 -12.67 91.70
CA VAL A 154 70.57 -11.26 92.01
C VAL A 154 69.43 -10.54 92.72
N ASN A 155 68.24 -11.07 92.62
CA ASN A 155 67.08 -10.41 93.30
C ASN A 155 67.32 -10.37 94.80
N ARG A 156 66.41 -9.79 95.55
CA ARG A 156 66.59 -9.72 97.03
C ARG A 156 65.28 -9.26 97.67
N GLY A 157 64.20 -9.92 97.37
CA GLY A 157 62.89 -9.54 97.97
C GLY A 157 62.89 -9.89 99.45
N GLY A 158 62.92 -11.16 99.77
CA GLY A 158 62.92 -11.58 101.19
C GLY A 158 62.74 -13.10 101.29
N SER A 159 63.27 -13.71 102.31
CA SER A 159 63.12 -15.19 102.45
C SER A 159 63.50 -15.61 103.87
N ALA A 160 62.98 -16.70 104.34
CA ALA A 160 63.29 -17.17 105.71
C ALA A 160 64.63 -17.91 105.71
N ILE A 161 65.55 -17.50 104.87
CA ILE A 161 66.87 -18.18 104.82
C ILE A 161 67.62 -17.93 106.13
N GLU A 162 68.09 -16.73 106.32
CA GLU A 162 68.84 -16.41 107.58
C GLU A 162 67.84 -16.21 108.72
N SER A 163 67.79 -17.12 109.66
CA SER A 163 66.84 -16.97 110.79
C SER A 163 67.25 -17.93 111.92
N LYS A 164 67.43 -17.42 113.11
CA LYS A 164 67.83 -18.29 114.24
C LYS A 164 69.13 -19.03 113.88
N HIS A 165 69.99 -18.39 113.15
CA HIS A 165 71.27 -19.05 112.77
C HIS A 165 70.99 -20.45 112.23
N PHE A 166 72.01 -21.26 112.07
CA PHE A 166 71.80 -22.63 111.53
C PHE A 166 70.96 -23.43 112.53
N MET A 1 -71.70 30.09 -60.93
CA MET A 1 -72.86 29.78 -61.81
C MET A 1 -74.10 29.48 -60.95
N GLY A 2 -74.14 28.34 -60.33
CA GLY A 2 -75.31 27.99 -59.47
C GLY A 2 -75.40 29.00 -58.32
N THR A 3 -74.40 29.06 -57.50
CA THR A 3 -74.43 30.01 -56.35
C THR A 3 -75.72 29.80 -55.55
N PHE A 4 -75.65 29.05 -54.49
CA PHE A 4 -76.86 28.80 -53.67
C PHE A 4 -76.47 28.13 -52.36
N ARG A 5 -75.34 28.48 -51.81
CA ARG A 5 -74.90 27.86 -50.53
C ARG A 5 -74.91 26.34 -50.67
N GLU A 6 -74.01 25.80 -51.44
CA GLU A 6 -73.96 24.33 -51.63
C GLU A 6 -72.68 23.94 -52.37
N GLU A 7 -72.01 22.92 -51.92
CA GLU A 7 -70.76 22.49 -52.59
C GLU A 7 -70.30 21.14 -52.02
N GLY A 8 -69.06 20.78 -52.25
CA GLY A 8 -68.57 19.49 -51.72
C GLY A 8 -67.04 19.45 -51.81
N SER A 9 -66.36 19.90 -50.79
CA SER A 9 -64.87 19.89 -50.82
C SER A 9 -64.34 20.24 -49.43
N VAL A 10 -63.57 19.37 -48.84
CA VAL A 10 -63.02 19.65 -47.48
C VAL A 10 -62.08 20.85 -47.56
N SER A 11 -61.72 21.41 -46.43
CA SER A 11 -60.81 22.59 -46.44
C SER A 11 -60.30 22.84 -45.02
N SER A 12 -59.23 22.20 -44.64
CA SER A 12 -58.69 22.40 -43.27
C SER A 12 -58.03 23.79 -43.19
N GLY A 13 -56.86 23.86 -42.62
CA GLY A 13 -56.17 25.18 -42.51
C GLY A 13 -56.10 25.84 -43.89
N THR A 14 -56.71 26.99 -44.04
CA THR A 14 -56.68 27.67 -45.36
C THR A 14 -55.24 28.07 -45.70
N LYS A 15 -54.61 27.34 -46.59
CA LYS A 15 -53.21 27.68 -46.96
C LYS A 15 -52.36 27.77 -45.69
N GLN A 16 -51.56 28.80 -45.58
CA GLN A 16 -50.70 28.95 -44.37
C GLN A 16 -49.90 27.68 -44.14
N GLU A 17 -50.45 26.73 -43.43
CA GLU A 17 -49.71 25.46 -43.18
C GLU A 17 -49.51 24.72 -44.49
N PHE A 18 -50.55 24.57 -45.27
CA PHE A 18 -50.42 23.85 -46.57
C PHE A 18 -49.88 24.82 -47.64
N HIS A 19 -48.81 25.50 -47.34
CA HIS A 19 -48.25 26.46 -48.35
C HIS A 19 -46.89 26.97 -47.86
N THR A 20 -46.89 27.78 -46.82
CA THR A 20 -45.60 28.32 -46.30
C THR A 20 -44.72 27.16 -45.81
N GLY A 21 -43.52 27.46 -45.38
CA GLY A 21 -42.61 26.39 -44.89
C GLY A 21 -41.54 27.03 -43.99
N LYS A 22 -40.37 26.47 -43.95
CA LYS A 22 -39.30 27.04 -43.08
C LYS A 22 -39.76 27.07 -41.62
N LEU A 23 -39.25 27.98 -40.85
CA LEU A 23 -39.68 28.05 -39.42
C LEU A 23 -39.13 26.82 -38.68
N VAL A 24 -39.27 26.78 -37.37
CA VAL A 24 -38.77 25.61 -36.60
C VAL A 24 -39.63 24.40 -36.91
N THR A 25 -40.69 24.57 -37.64
CA THR A 25 -41.58 23.43 -37.98
C THR A 25 -41.91 22.64 -36.70
N THR A 26 -41.14 21.64 -36.39
CA THR A 26 -41.40 20.84 -35.16
C THR A 26 -40.14 20.04 -34.79
N LYS A 27 -39.10 20.16 -35.57
CA LYS A 27 -37.85 19.41 -35.25
C LYS A 27 -37.07 20.15 -34.17
N GLY A 28 -37.73 20.57 -33.13
CA GLY A 28 -37.02 21.30 -32.05
C GLY A 28 -37.86 21.25 -30.76
N ASP A 29 -37.72 22.24 -29.91
CA ASP A 29 -38.51 22.24 -28.65
C ASP A 29 -38.47 23.64 -28.04
N LYS A 30 -37.80 24.56 -28.67
CA LYS A 30 -37.72 25.94 -28.12
C LYS A 30 -39.14 26.52 -28.04
N GLU A 31 -39.73 26.50 -26.87
CA GLU A 31 -41.11 27.06 -26.73
C GLU A 31 -41.06 28.58 -26.90
N LEU A 32 -42.05 29.14 -27.52
CA LEU A 32 -42.07 30.63 -27.71
C LEU A 32 -42.20 31.31 -26.34
N LEU A 33 -42.71 30.62 -25.37
CA LEU A 33 -42.86 31.24 -24.02
C LEU A 33 -41.51 31.25 -23.31
N ILE A 34 -41.02 32.41 -22.95
CA ILE A 34 -39.71 32.50 -22.26
C ILE A 34 -38.66 31.74 -23.08
N ASP A 35 -37.86 32.45 -23.83
CA ASP A 35 -36.81 31.78 -24.64
C ASP A 35 -35.66 31.34 -23.73
N ASN A 36 -35.34 30.07 -23.73
CA ASN A 36 -34.23 29.59 -22.86
C ASN A 36 -32.90 30.15 -23.38
N GLU A 37 -32.45 31.24 -22.83
CA GLU A 37 -31.17 31.83 -23.30
C GLU A 37 -31.17 31.94 -24.82
N LYS A 38 -30.03 31.82 -25.43
CA LYS A 38 -29.96 31.91 -26.92
C LYS A 38 -28.62 31.35 -27.42
N VAL A 39 -28.33 30.12 -27.08
CA VAL A 39 -27.04 29.53 -27.54
C VAL A 39 -25.88 30.43 -27.12
N THR A 40 -25.56 30.46 -25.86
CA THR A 40 -24.45 31.33 -25.39
C THR A 40 -23.11 30.66 -25.71
N SER A 41 -22.06 31.42 -25.83
CA SER A 41 -20.73 30.82 -26.14
C SER A 41 -20.33 29.85 -25.02
N GLY A 42 -20.43 28.57 -25.27
CA GLY A 42 -20.05 27.58 -24.22
C GLY A 42 -20.41 26.17 -24.70
N HIS A 43 -19.61 25.20 -24.36
CA HIS A 43 -19.91 23.81 -24.79
C HIS A 43 -18.98 22.84 -24.06
N THR A 44 -17.92 23.33 -23.48
CA THR A 44 -16.98 22.44 -22.75
C THR A 44 -17.70 21.78 -21.58
N THR A 45 -17.98 22.54 -20.55
CA THR A 45 -18.70 21.96 -19.37
C THR A 45 -20.14 21.61 -19.76
N THR A 46 -20.40 20.36 -20.02
CA THR A 46 -21.79 19.96 -20.41
C THR A 46 -22.03 18.50 -20.01
N THR A 47 -21.05 17.66 -20.18
CA THR A 47 -21.21 16.23 -19.81
C THR A 47 -19.84 15.54 -19.77
N ARG A 48 -18.81 16.28 -19.42
CA ARG A 48 -17.44 15.68 -19.36
C ARG A 48 -16.66 16.35 -18.22
N ARG A 49 -15.84 15.60 -17.53
CA ARG A 49 -15.04 16.20 -16.42
C ARG A 49 -13.73 16.75 -16.96
N SER A 50 -13.43 17.98 -16.68
CA SER A 50 -12.16 18.58 -17.19
C SER A 50 -10.97 17.75 -16.69
N CYS A 51 -10.77 17.69 -15.40
CA CYS A 51 -9.62 16.91 -14.86
C CYS A 51 -9.63 15.50 -15.47
N SER A 52 -10.18 14.55 -14.76
CA SER A 52 -10.20 13.15 -15.30
C SER A 52 -10.77 13.16 -16.72
N LYS A 53 -10.35 12.23 -17.53
CA LYS A 53 -10.87 12.17 -18.93
C LYS A 53 -12.18 11.38 -18.95
N VAL A 54 -13.30 12.07 -19.09
CA VAL A 54 -14.62 11.38 -19.10
C VAL A 54 -15.42 11.79 -20.35
N ILE A 55 -15.74 10.83 -21.17
CA ILE A 55 -16.53 11.12 -22.42
C ILE A 55 -17.75 10.20 -22.44
N THR A 56 -18.93 10.74 -22.63
CA THR A 56 -20.17 9.90 -22.64
C THR A 56 -21.01 10.23 -23.88
N LYS A 57 -21.26 9.24 -24.70
CA LYS A 57 -22.13 9.45 -25.92
C LYS A 57 -23.32 8.50 -25.83
N THR A 58 -24.51 9.03 -25.63
CA THR A 58 -25.73 8.17 -25.51
C THR A 58 -26.71 8.52 -26.62
N VAL A 59 -27.34 7.54 -27.21
CA VAL A 59 -28.34 7.81 -28.29
C VAL A 59 -29.61 7.00 -28.02
N THR A 60 -30.71 7.67 -27.88
CA THR A 60 -32.02 6.99 -27.62
C THR A 60 -32.90 7.10 -28.87
N ASN A 61 -33.54 6.03 -29.28
CA ASN A 61 -34.39 6.12 -30.51
C ASN A 61 -35.53 5.05 -30.42
N ALA A 62 -36.67 5.28 -31.08
CA ALA A 62 -37.81 4.30 -31.01
C ALA A 62 -37.54 3.05 -31.85
N ASP A 63 -36.54 3.06 -32.67
CA ASP A 63 -36.23 1.87 -33.51
C ASP A 63 -35.60 0.78 -32.65
N GLY A 64 -35.47 1.01 -31.36
CA GLY A 64 -34.86 -0.02 -30.48
C GLY A 64 -33.34 0.22 -30.39
N ARG A 65 -32.87 1.33 -30.88
CA ARG A 65 -31.40 1.62 -30.82
C ARG A 65 -31.11 2.48 -29.59
N THR A 66 -30.65 1.87 -28.53
CA THR A 66 -30.33 2.62 -27.28
C THR A 66 -28.89 2.31 -26.87
N GLU A 67 -27.94 3.00 -27.46
CA GLU A 67 -26.50 2.72 -27.14
C GLU A 67 -25.98 3.67 -26.05
N THR A 68 -25.37 3.12 -25.04
CA THR A 68 -24.80 3.93 -23.92
C THR A 68 -23.28 3.91 -24.03
N THR A 69 -22.69 5.03 -24.35
CA THR A 69 -21.21 5.10 -24.45
C THR A 69 -20.70 5.85 -23.22
N LYS A 70 -21.39 5.73 -22.12
CA LYS A 70 -20.94 6.43 -20.89
C LYS A 70 -19.59 5.87 -20.44
N GLU A 71 -18.55 6.15 -21.18
CA GLU A 71 -17.20 5.64 -20.79
C GLU A 71 -16.52 6.64 -19.87
N VAL A 72 -15.83 6.17 -18.85
CA VAL A 72 -15.13 7.08 -17.90
C VAL A 72 -13.68 6.64 -17.80
N VAL A 73 -12.76 7.57 -17.81
CA VAL A 73 -11.31 7.20 -17.71
C VAL A 73 -10.66 8.03 -16.60
N LYS A 74 -10.20 7.35 -15.61
CA LYS A 74 -9.55 8.04 -14.45
C LYS A 74 -8.03 8.08 -14.67
N SER A 75 -7.56 7.50 -15.74
CA SER A 75 -6.09 7.52 -16.01
C SER A 75 -5.35 7.02 -14.76
N GLU A 76 -4.05 6.99 -14.81
CA GLU A 76 -3.28 6.51 -13.62
C GLU A 76 -1.85 7.05 -13.69
N ASP A 77 -1.69 8.31 -14.00
CA ASP A 77 -0.32 8.90 -14.08
C ASP A 77 -0.40 10.41 -13.80
N GLY A 78 -1.46 10.87 -13.21
CA GLY A 78 -1.58 12.32 -12.91
C GLY A 78 -1.77 13.10 -14.21
N SER A 79 -2.86 12.87 -14.89
CA SER A 79 -3.10 13.60 -16.17
C SER A 79 -2.97 15.10 -15.93
N ASP A 80 -3.70 15.62 -14.97
CA ASP A 80 -3.61 17.08 -14.68
C ASP A 80 -4.03 17.33 -13.23
N CYS A 81 -4.18 16.26 -12.48
CA CYS A 81 -4.59 16.38 -11.05
C CYS A 81 -3.66 15.53 -10.18
N GLY A 82 -4.01 14.29 -9.97
CA GLY A 82 -3.14 13.41 -9.14
C GLY A 82 -3.76 12.01 -9.06
N ASP A 83 -4.44 11.60 -10.09
CA ASP A 83 -5.08 10.25 -10.07
C ASP A 83 -3.98 9.18 -10.00
N ALA A 84 -2.74 9.59 -9.94
CA ALA A 84 -1.63 8.60 -9.88
C ALA A 84 -1.72 7.82 -8.56
N ASP A 85 -0.60 7.49 -7.98
CA ASP A 85 -0.63 6.72 -6.70
C ASP A 85 0.78 6.69 -6.09
N PHE A 86 1.37 5.54 -5.99
CA PHE A 86 2.74 5.45 -5.40
C PHE A 86 3.40 4.14 -5.86
N ASP A 87 3.87 4.09 -7.07
CA ASP A 87 4.54 2.84 -7.56
C ASP A 87 5.46 3.19 -8.72
N TRP A 88 6.27 4.20 -8.56
CA TRP A 88 7.20 4.60 -9.65
C TRP A 88 8.10 3.40 -10.00
N HIS A 89 8.53 3.31 -11.24
CA HIS A 89 9.41 2.18 -11.63
C HIS A 89 10.04 2.47 -13.00
N HIS A 90 11.22 3.04 -13.00
CA HIS A 90 11.88 3.36 -14.29
C HIS A 90 13.39 3.46 -14.06
N THR A 91 14.15 3.67 -15.11
CA THR A 91 15.63 3.78 -14.95
C THR A 91 15.97 5.08 -14.21
N PHE A 92 17.06 5.70 -14.54
CA PHE A 92 17.44 6.97 -13.85
C PHE A 92 17.26 6.82 -12.33
N PRO A 93 18.07 5.98 -11.72
CA PRO A 93 17.99 5.76 -10.26
C PRO A 93 18.27 7.07 -9.53
N SER A 94 18.55 6.98 -8.25
CA SER A 94 18.84 8.22 -7.47
C SER A 94 19.53 7.85 -6.16
N ARG A 95 20.80 8.15 -6.04
CA ARG A 95 21.53 7.81 -4.79
C ARG A 95 20.94 8.61 -3.62
N GLY A 96 20.70 7.95 -2.52
CA GLY A 96 20.13 8.67 -1.34
C GLY A 96 21.21 9.55 -0.70
N ASN A 97 21.11 10.84 -0.86
CA ASN A 97 22.14 11.74 -0.27
C ASN A 97 21.85 11.92 1.24
N LEU A 98 21.63 10.84 1.93
CA LEU A 98 21.35 10.95 3.39
C LEU A 98 22.63 11.38 4.12
N ASP A 99 22.52 11.66 5.39
CA ASP A 99 23.72 12.09 6.16
C ASP A 99 23.41 12.08 7.66
N ASP A 100 22.66 13.05 8.12
CA ASP A 100 22.32 13.09 9.57
C ASP A 100 21.44 11.89 9.92
N PHE A 101 21.99 10.70 9.89
CA PHE A 101 21.18 9.50 10.22
C PHE A 101 21.02 9.39 11.74
N PHE A 102 21.97 9.90 12.47
CA PHE A 102 21.88 9.83 13.96
C PHE A 102 22.96 10.72 14.58
N HIS A 103 23.66 11.48 13.78
CA HIS A 103 24.73 12.36 14.33
C HIS A 103 24.10 13.40 15.26
N ARG A 104 22.99 13.96 14.88
CA ARG A 104 22.34 14.98 15.75
C ARG A 104 21.85 14.32 17.04
N ASP A 105 21.45 15.09 18.00
CA ASP A 105 20.97 14.51 19.28
C ASP A 105 22.02 13.53 19.83
N LYS A 106 23.09 14.04 20.37
CA LYS A 106 24.15 13.14 20.92
C LYS A 106 23.57 12.34 22.08
N ASP A 107 23.65 11.03 22.01
CA ASP A 107 23.11 10.19 23.12
C ASP A 107 23.60 8.75 22.95
N ASP A 108 24.58 8.37 23.72
CA ASP A 108 25.11 6.97 23.60
C ASP A 108 26.06 6.69 24.76
N PHE A 109 26.33 7.68 25.57
CA PHE A 109 27.26 7.46 26.72
C PHE A 109 26.64 6.47 27.71
N PHE A 110 25.49 5.94 27.38
CA PHE A 110 24.82 4.97 28.30
C PHE A 110 23.76 4.18 27.53
N THR A 111 23.97 2.91 27.37
CA THR A 111 22.96 2.09 26.62
C THR A 111 21.66 2.02 27.42
N ARG A 112 20.75 1.19 27.00
CA ARG A 112 19.45 1.08 27.74
C ARG A 112 19.69 0.36 29.07
N SER A 113 20.57 -0.59 29.09
CA SER A 113 20.85 -1.32 30.36
C SER A 113 22.03 -2.27 30.16
N SER A 114 22.37 -2.55 28.93
CA SER A 114 23.52 -3.47 28.67
C SER A 114 24.80 -2.84 29.22
N HIS A 115 25.18 -3.19 30.42
CA HIS A 115 26.42 -2.61 31.00
C HIS A 115 27.65 -3.23 30.31
N GLU A 116 28.45 -3.94 31.06
CA GLU A 116 29.67 -4.57 30.45
C GLU A 116 30.03 -5.83 31.24
N PHE A 117 30.18 -6.94 30.58
CA PHE A 117 30.53 -8.20 31.29
C PHE A 117 32.00 -8.16 31.70
N ASP A 118 32.84 -8.88 31.01
CA ASP A 118 34.29 -8.88 31.35
C ASP A 118 34.90 -7.52 31.01
N GLY A 119 35.84 -7.49 30.09
CA GLY A 119 36.47 -6.20 29.71
C GLY A 119 37.38 -5.72 30.84
N ARG A 120 37.68 -4.45 30.89
CA ARG A 120 38.56 -3.93 31.97
C ARG A 120 37.96 -4.28 33.33
N THR A 121 38.43 -3.68 34.39
CA THR A 121 37.89 -3.98 35.74
C THR A 121 38.00 -2.74 36.62
N GLY A 122 39.17 -2.42 37.10
CA GLY A 122 39.33 -1.21 37.95
C GLY A 122 40.82 -0.95 38.19
N LEU A 123 41.16 -0.40 39.33
CA LEU A 123 42.59 -0.12 39.62
C LEU A 123 43.35 -1.44 39.74
N ALA A 124 44.52 -1.52 39.15
CA ALA A 124 45.30 -2.78 39.22
C ALA A 124 45.85 -2.94 40.65
N PRO A 125 46.26 -4.15 41.00
CA PRO A 125 46.81 -4.41 42.34
C PRO A 125 48.01 -3.47 42.60
N GLU A 126 48.16 -3.02 43.82
CA GLU A 126 49.30 -2.11 44.13
C GLU A 126 50.60 -2.90 44.12
N PHE A 127 50.52 -4.19 44.28
CA PHE A 127 51.75 -5.04 44.29
C PHE A 127 51.47 -6.35 43.55
N ALA A 128 52.14 -6.58 42.46
CA ALA A 128 51.90 -7.83 41.69
C ALA A 128 52.52 -9.01 42.44
N ALA A 129 53.82 -9.01 42.61
CA ALA A 129 54.48 -10.13 43.33
C ALA A 129 55.93 -9.77 43.63
N LEU A 130 56.43 -10.16 44.77
CA LEU A 130 57.84 -9.83 45.12
C LEU A 130 58.78 -10.66 44.26
N GLY A 131 58.59 -10.65 42.96
CA GLY A 131 59.49 -11.45 42.07
C GLY A 131 60.85 -10.76 41.96
N GLU A 132 61.31 -10.17 43.02
CA GLU A 132 62.64 -9.49 42.98
C GLU A 132 63.75 -10.53 42.92
N SER A 133 64.55 -10.49 41.90
CA SER A 133 65.66 -11.49 41.79
C SER A 133 66.73 -11.18 42.84
N GLY A 134 67.96 -11.52 42.57
CA GLY A 134 69.05 -11.26 43.55
C GLY A 134 69.17 -9.75 43.79
N SER A 135 70.35 -9.27 44.03
CA SER A 135 70.54 -7.81 44.27
C SER A 135 69.76 -7.38 45.52
N SER A 136 68.46 -7.32 45.43
CA SER A 136 67.65 -6.91 46.62
C SER A 136 68.10 -7.72 47.84
N SER A 137 67.57 -8.89 48.02
CA SER A 137 67.96 -9.72 49.20
C SER A 137 67.50 -11.16 48.99
N SER A 138 68.14 -11.88 48.10
CA SER A 138 67.73 -13.29 47.86
C SER A 138 68.76 -13.98 46.97
N LYS A 139 70.02 -13.68 47.17
CA LYS A 139 71.08 -14.31 46.34
C LYS A 139 71.21 -15.79 46.71
N THR A 140 70.89 -16.13 47.93
CA THR A 140 70.99 -17.56 48.35
C THR A 140 72.35 -18.12 47.95
N SER A 141 73.42 -17.51 48.40
CA SER A 141 74.77 -18.01 48.03
C SER A 141 75.01 -19.34 48.73
N THR A 142 76.10 -19.46 49.46
CA THR A 142 76.39 -20.74 50.15
C THR A 142 75.36 -20.96 51.26
N HIS A 143 75.53 -21.99 52.05
CA HIS A 143 74.55 -22.26 53.14
C HIS A 143 74.67 -21.17 54.21
N SER A 144 75.84 -21.00 54.77
CA SER A 144 76.03 -19.96 55.81
C SER A 144 77.51 -19.79 56.12
N LYS A 145 78.10 -18.71 55.68
CA LYS A 145 79.55 -18.49 55.94
C LYS A 145 79.76 -18.21 57.42
N GLN A 146 79.91 -16.97 57.79
CA GLN A 146 80.13 -16.62 59.23
C GLN A 146 80.03 -15.11 59.42
N PHE A 147 78.84 -14.61 59.67
CA PHE A 147 78.68 -13.15 59.86
C PHE A 147 79.31 -12.74 61.20
N VAL A 148 79.75 -11.52 61.32
CA VAL A 148 80.37 -11.06 62.59
C VAL A 148 79.28 -10.96 63.67
N SER A 149 78.09 -11.42 63.38
CA SER A 149 77.00 -11.35 64.39
C SER A 149 77.29 -12.33 65.52
N SER A 150 78.47 -12.32 66.05
CA SER A 150 78.81 -13.26 67.16
C SER A 150 80.12 -12.82 67.82
N SER A 151 80.41 -11.54 67.79
CA SER A 151 81.67 -11.05 68.41
C SER A 151 82.86 -11.86 67.86
N THR A 152 82.99 -11.91 66.57
CA THR A 152 84.13 -12.67 65.97
C THR A 152 85.44 -11.93 66.24
N THR A 153 85.67 -11.52 67.46
CA THR A 153 86.93 -10.79 67.78
C THR A 153 88.13 -11.63 67.37
N VAL A 154 89.28 -11.05 67.31
CA VAL A 154 90.51 -11.82 66.90
C VAL A 154 90.56 -13.13 67.69
N ASN A 155 90.08 -13.13 68.90
CA ASN A 155 90.11 -14.38 69.71
C ASN A 155 91.52 -14.95 69.73
N ARG A 156 92.28 -14.64 70.75
CA ARG A 156 93.67 -15.17 70.82
C ARG A 156 93.64 -16.70 70.89
N GLY A 157 94.10 -17.36 69.86
CA GLY A 157 94.09 -18.85 69.87
C GLY A 157 92.65 -19.35 69.69
N GLY A 158 92.33 -20.47 70.28
CA GLY A 158 90.95 -21.02 70.13
C GLY A 158 90.87 -22.39 70.79
N SER A 159 90.06 -23.27 70.26
CA SER A 159 89.95 -24.63 70.86
C SER A 159 91.31 -25.31 70.83
N ALA A 160 92.21 -24.85 70.01
CA ALA A 160 93.56 -25.48 69.95
C ALA A 160 94.24 -25.37 71.31
N ILE A 161 95.33 -26.07 71.50
CA ILE A 161 96.03 -26.00 72.81
C ILE A 161 96.66 -24.62 72.98
N GLU A 162 97.10 -24.30 74.16
CA GLU A 162 97.73 -22.97 74.39
C GLU A 162 99.05 -22.89 73.63
N SER A 163 99.67 -24.02 73.38
CA SER A 163 100.96 -24.01 72.64
C SER A 163 101.94 -23.04 73.33
N LYS A 164 103.15 -22.95 72.84
CA LYS A 164 104.14 -22.04 73.47
C LYS A 164 103.79 -20.59 73.11
N HIS A 165 104.08 -20.17 71.91
CA HIS A 165 103.75 -18.78 71.51
C HIS A 165 103.95 -18.61 70.01
N PHE A 166 104.08 -19.70 69.30
CA PHE A 166 104.27 -19.61 67.82
C PHE A 166 103.08 -18.88 67.19
N MET A 1 6.67 37.80 -88.14
CA MET A 1 7.14 38.10 -86.75
C MET A 1 7.28 39.60 -86.56
N GLY A 2 7.20 40.07 -85.35
CA GLY A 2 7.33 41.54 -85.10
C GLY A 2 7.15 41.83 -83.61
N THR A 3 7.57 40.92 -82.76
CA THR A 3 7.42 41.15 -81.30
C THR A 3 8.36 40.19 -80.54
N PHE A 4 9.63 40.45 -80.57
CA PHE A 4 10.59 39.55 -79.86
C PHE A 4 10.35 39.66 -78.35
N ARG A 5 9.74 40.73 -77.91
CA ARG A 5 9.47 40.89 -76.45
C ARG A 5 8.53 39.78 -75.98
N GLU A 6 7.33 40.12 -75.60
CA GLU A 6 6.37 39.08 -75.12
C GLU A 6 7.05 38.21 -74.06
N GLU A 7 7.88 38.81 -73.23
CA GLU A 7 8.57 38.01 -72.18
C GLU A 7 7.61 37.81 -71.00
N GLY A 8 7.31 38.86 -70.28
CA GLY A 8 6.40 38.72 -69.11
C GLY A 8 6.22 40.08 -68.43
N SER A 9 7.27 40.58 -67.83
CA SER A 9 7.17 41.90 -67.15
C SER A 9 5.99 41.88 -66.18
N VAL A 10 5.76 40.78 -65.52
CA VAL A 10 4.63 40.70 -64.55
C VAL A 10 4.83 41.73 -63.44
N SER A 11 4.40 41.42 -62.25
CA SER A 11 4.57 42.38 -61.12
C SER A 11 6.06 42.71 -60.95
N SER A 12 6.91 42.05 -61.69
CA SER A 12 8.37 42.32 -61.57
C SER A 12 8.63 43.82 -61.73
N GLY A 13 8.78 44.28 -62.94
CA GLY A 13 9.04 45.73 -63.16
C GLY A 13 10.41 46.10 -62.59
N THR A 14 11.11 47.00 -63.23
CA THR A 14 12.45 47.40 -62.72
C THR A 14 12.30 48.04 -61.33
N LYS A 15 13.22 47.76 -60.44
CA LYS A 15 13.15 48.34 -59.08
C LYS A 15 11.80 48.03 -58.44
N GLN A 16 11.68 48.17 -57.15
CA GLN A 16 10.40 47.89 -56.46
C GLN A 16 9.54 49.16 -56.43
N GLU A 17 8.99 49.55 -57.53
CA GLU A 17 8.16 50.78 -57.57
C GLU A 17 6.91 50.59 -56.71
N PHE A 18 6.23 49.48 -56.86
CA PHE A 18 5.01 49.24 -56.04
C PHE A 18 4.07 50.44 -56.17
N HIS A 19 4.11 51.11 -57.29
CA HIS A 19 3.21 52.28 -57.49
C HIS A 19 3.26 52.74 -58.95
N THR A 20 3.76 51.90 -59.82
CA THR A 20 3.85 52.28 -61.26
C THR A 20 2.43 52.37 -61.84
N GLY A 21 1.62 51.37 -61.62
CA GLY A 21 0.23 51.40 -62.16
C GLY A 21 0.28 51.20 -63.68
N LYS A 22 1.11 50.31 -64.14
CA LYS A 22 1.19 50.06 -65.62
C LYS A 22 -0.07 49.34 -66.08
N LEU A 23 -0.99 49.09 -65.18
CA LEU A 23 -2.24 48.40 -65.58
C LEU A 23 -3.01 49.25 -66.58
N VAL A 24 -3.26 48.73 -67.74
CA VAL A 24 -4.01 49.52 -68.77
C VAL A 24 -5.49 49.55 -68.41
N THR A 25 -5.97 48.54 -67.73
CA THR A 25 -7.41 48.53 -67.34
C THR A 25 -7.62 47.49 -66.23
N THR A 26 -8.52 47.76 -65.32
CA THR A 26 -8.78 46.80 -64.21
C THR A 26 -10.08 47.18 -63.50
N LYS A 27 -10.63 46.30 -62.73
CA LYS A 27 -11.89 46.62 -62.01
C LYS A 27 -12.04 45.69 -60.80
N GLY A 28 -11.26 45.90 -59.77
CA GLY A 28 -11.35 45.02 -58.57
C GLY A 28 -10.84 45.78 -57.34
N ASP A 29 -10.71 45.12 -56.23
CA ASP A 29 -10.21 45.81 -55.00
C ASP A 29 -9.78 44.77 -53.97
N LYS A 30 -10.71 44.12 -53.33
CA LYS A 30 -10.36 43.09 -52.31
C LYS A 30 -9.36 43.70 -51.33
N GLU A 31 -8.09 43.50 -51.55
CA GLU A 31 -7.07 44.06 -50.63
C GLU A 31 -7.36 43.59 -49.19
N LEU A 32 -7.39 42.31 -48.97
CA LEU A 32 -7.67 41.79 -47.60
C LEU A 32 -6.42 41.94 -46.74
N LEU A 33 -5.38 42.51 -47.28
CA LEU A 33 -4.13 42.70 -46.48
C LEU A 33 -4.30 43.90 -45.56
N ILE A 34 -4.37 43.67 -44.27
CA ILE A 34 -4.53 44.81 -43.32
C ILE A 34 -4.15 44.36 -41.91
N ASP A 35 -3.70 45.26 -41.10
CA ASP A 35 -3.29 44.88 -39.71
C ASP A 35 -4.53 44.39 -38.94
N ASN A 36 -4.60 43.12 -38.67
CA ASN A 36 -5.77 42.57 -37.93
C ASN A 36 -5.50 41.12 -37.53
N GLU A 37 -5.34 40.86 -36.27
CA GLU A 37 -5.07 39.46 -35.82
C GLU A 37 -6.27 38.57 -36.19
N LYS A 38 -6.01 37.37 -36.64
CA LYS A 38 -7.12 36.45 -37.01
C LYS A 38 -7.45 35.55 -35.82
N VAL A 39 -8.21 36.05 -34.88
CA VAL A 39 -8.58 35.23 -33.70
C VAL A 39 -9.65 35.96 -32.88
N THR A 40 -10.59 35.24 -32.33
CA THR A 40 -11.66 35.89 -31.52
C THR A 40 -12.54 34.81 -30.89
N SER A 41 -12.65 33.67 -31.51
CA SER A 41 -13.50 32.59 -30.94
C SER A 41 -13.28 31.30 -31.75
N GLY A 42 -13.64 30.18 -31.19
CA GLY A 42 -13.46 28.89 -31.93
C GLY A 42 -13.93 27.74 -31.05
N HIS A 43 -13.11 27.31 -30.12
CA HIS A 43 -13.51 26.18 -29.23
C HIS A 43 -14.88 26.49 -28.61
N THR A 44 -15.43 25.54 -27.89
CA THR A 44 -16.77 25.77 -27.24
C THR A 44 -16.86 24.96 -25.95
N THR A 45 -17.94 24.29 -25.73
CA THR A 45 -18.09 23.48 -24.49
C THR A 45 -17.35 22.16 -24.65
N THR A 46 -17.26 21.66 -25.86
CA THR A 46 -16.55 20.37 -26.09
C THR A 46 -17.18 19.27 -25.23
N THR A 47 -17.87 18.34 -25.84
CA THR A 47 -18.52 17.25 -25.06
C THR A 47 -17.44 16.36 -24.42
N ARG A 48 -16.48 16.95 -23.76
CA ARG A 48 -15.41 16.14 -23.10
C ARG A 48 -14.98 16.85 -21.81
N ARG A 49 -14.68 16.10 -20.78
CA ARG A 49 -14.26 16.73 -19.49
C ARG A 49 -12.74 16.74 -19.40
N SER A 50 -12.14 17.89 -19.26
CA SER A 50 -10.65 17.96 -19.17
C SER A 50 -10.19 17.16 -17.95
N CYS A 51 -8.96 17.32 -17.55
CA CYS A 51 -8.46 16.56 -16.37
C CYS A 51 -8.82 15.08 -16.54
N SER A 52 -9.48 14.48 -15.59
CA SER A 52 -9.86 13.05 -15.72
C SER A 52 -10.53 12.83 -17.07
N LYS A 53 -10.13 11.83 -17.81
CA LYS A 53 -10.76 11.60 -19.14
C LYS A 53 -12.13 10.95 -18.96
N VAL A 54 -13.19 11.71 -19.14
CA VAL A 54 -14.57 11.15 -18.99
C VAL A 54 -15.36 11.38 -20.27
N ILE A 55 -15.74 10.32 -20.93
CA ILE A 55 -16.53 10.43 -22.20
C ILE A 55 -17.84 9.66 -22.03
N THR A 56 -18.96 10.35 -22.08
CA THR A 56 -20.29 9.67 -21.92
C THR A 56 -21.20 10.08 -23.08
N LYS A 57 -21.51 9.16 -23.95
CA LYS A 57 -22.43 9.48 -25.11
C LYS A 57 -23.61 8.50 -25.11
N THR A 58 -24.80 8.99 -24.86
CA THR A 58 -26.01 8.12 -24.83
C THR A 58 -27.00 8.60 -25.90
N VAL A 59 -27.51 7.70 -26.71
CA VAL A 59 -28.49 8.09 -27.77
C VAL A 59 -29.68 7.12 -27.75
N THR A 60 -30.88 7.65 -27.67
CA THR A 60 -32.11 6.79 -27.65
C THR A 60 -32.84 6.92 -28.98
N ASN A 61 -33.26 5.82 -29.57
CA ASN A 61 -34.00 5.90 -30.89
C ASN A 61 -35.36 5.14 -30.76
N ALA A 62 -36.30 5.38 -31.64
CA ALA A 62 -37.63 4.71 -31.53
C ALA A 62 -37.56 3.22 -31.91
N ASP A 63 -36.75 2.87 -32.89
CA ASP A 63 -36.68 1.43 -33.29
C ASP A 63 -35.92 0.64 -32.23
N GLY A 64 -35.61 1.25 -31.12
CA GLY A 64 -34.87 0.54 -30.05
C GLY A 64 -33.36 0.59 -30.33
N ARG A 65 -32.95 1.35 -31.33
CA ARG A 65 -31.49 1.45 -31.63
C ARG A 65 -30.90 2.48 -30.68
N THR A 66 -30.11 2.05 -29.73
CA THR A 66 -29.52 3.01 -28.75
C THR A 66 -28.08 2.58 -28.47
N GLU A 67 -27.22 3.52 -28.13
CA GLU A 67 -25.80 3.18 -27.84
C GLU A 67 -25.41 3.85 -26.51
N THR A 68 -25.07 3.07 -25.52
CA THR A 68 -24.70 3.66 -24.20
C THR A 68 -23.18 3.68 -24.06
N THR A 69 -22.58 4.84 -24.17
CA THR A 69 -21.10 4.96 -24.01
C THR A 69 -20.87 5.71 -22.70
N LYS A 70 -21.76 5.53 -21.77
CA LYS A 70 -21.62 6.20 -20.44
C LYS A 70 -20.40 5.62 -19.73
N GLU A 71 -19.22 5.84 -20.27
CA GLU A 71 -17.98 5.29 -19.65
C GLU A 71 -17.17 6.43 -19.00
N VAL A 72 -16.41 6.11 -17.98
CA VAL A 72 -15.58 7.13 -17.28
C VAL A 72 -14.14 6.61 -17.21
N VAL A 73 -13.17 7.43 -17.50
CA VAL A 73 -11.74 6.96 -17.43
C VAL A 73 -10.91 7.95 -16.62
N LYS A 74 -10.42 7.50 -15.51
CA LYS A 74 -9.60 8.37 -14.64
C LYS A 74 -8.21 8.57 -15.27
N SER A 75 -7.60 9.69 -15.02
CA SER A 75 -6.26 9.94 -15.61
C SER A 75 -5.21 9.12 -14.86
N GLU A 76 -4.64 8.14 -15.49
CA GLU A 76 -3.61 7.31 -14.82
C GLU A 76 -2.33 8.13 -14.64
N ASP A 77 -2.26 9.29 -15.27
CA ASP A 77 -1.05 10.15 -15.15
C ASP A 77 -1.37 11.35 -14.25
N GLY A 78 -2.62 11.64 -14.05
CA GLY A 78 -2.99 12.80 -13.19
C GLY A 78 -2.58 12.50 -11.74
N SER A 79 -2.75 11.27 -11.31
CA SER A 79 -2.38 10.90 -9.92
C SER A 79 -3.12 11.81 -8.94
N ASP A 80 -4.09 12.56 -9.41
CA ASP A 80 -4.83 13.46 -8.49
C ASP A 80 -6.13 13.91 -9.16
N CYS A 81 -6.58 13.17 -10.15
CA CYS A 81 -7.84 13.54 -10.86
C CYS A 81 -8.68 12.28 -11.09
N GLY A 82 -9.83 12.21 -10.47
CA GLY A 82 -10.70 11.01 -10.65
C GLY A 82 -10.23 9.90 -9.70
N ASP A 83 -8.95 9.66 -9.65
CA ASP A 83 -8.44 8.60 -8.74
C ASP A 83 -8.32 9.15 -7.32
N ALA A 84 -8.98 8.52 -6.37
CA ALA A 84 -8.90 9.01 -4.97
C ALA A 84 -9.51 7.97 -4.04
N ASP A 85 -9.37 6.72 -4.37
CA ASP A 85 -9.94 5.65 -3.50
C ASP A 85 -9.05 5.47 -2.27
N PHE A 86 -8.58 6.55 -1.71
CA PHE A 86 -7.70 6.45 -0.51
C PHE A 86 -8.50 5.86 0.66
N ASP A 87 -7.89 5.70 1.79
CA ASP A 87 -8.61 5.12 2.96
C ASP A 87 -7.92 5.55 4.25
N TRP A 88 -6.72 5.09 4.48
CA TRP A 88 -5.99 5.46 5.72
C TRP A 88 -6.89 5.21 6.94
N HIS A 89 -7.58 6.23 7.39
CA HIS A 89 -8.48 6.06 8.58
C HIS A 89 -7.64 5.65 9.80
N HIS A 90 -6.37 5.43 9.63
CA HIS A 90 -5.50 5.03 10.79
C HIS A 90 -6.21 3.94 11.61
N THR A 91 -6.52 2.83 10.99
CA THR A 91 -7.20 1.74 11.74
C THR A 91 -8.50 2.27 12.36
N PHE A 92 -9.36 1.41 12.79
CA PHE A 92 -10.65 1.86 13.39
C PHE A 92 -10.34 2.75 14.61
N PRO A 93 -11.20 3.72 14.92
CA PRO A 93 -10.96 4.59 16.08
C PRO A 93 -10.84 3.74 17.36
N SER A 94 -11.68 2.76 17.51
CA SER A 94 -11.61 1.90 18.72
C SER A 94 -11.73 2.78 19.97
N ARG A 95 -12.83 3.43 20.15
CA ARG A 95 -13.00 4.30 21.35
C ARG A 95 -13.22 3.43 22.59
N GLY A 96 -14.04 3.87 23.50
CA GLY A 96 -14.29 3.06 24.73
C GLY A 96 -15.37 3.74 25.58
N ASN A 97 -16.01 4.75 25.04
CA ASN A 97 -17.08 5.45 25.80
C ASN A 97 -18.29 4.53 25.97
N LEU A 98 -18.41 3.56 25.11
CA LEU A 98 -19.57 2.62 25.20
C LEU A 98 -19.56 1.94 26.58
N ASP A 99 -20.67 1.92 27.25
CA ASP A 99 -20.71 1.27 28.58
C ASP A 99 -22.17 1.11 29.04
N ASP A 100 -22.92 0.26 28.38
CA ASP A 100 -24.34 0.07 28.76
C ASP A 100 -25.03 1.43 28.86
N PHE A 101 -26.29 1.44 29.24
CA PHE A 101 -27.02 2.73 29.35
C PHE A 101 -26.59 3.45 30.64
N PHE A 102 -26.70 2.78 31.76
CA PHE A 102 -26.30 3.41 33.04
C PHE A 102 -27.01 4.76 33.17
N HIS A 103 -28.17 4.78 33.78
CA HIS A 103 -28.91 6.06 33.94
C HIS A 103 -28.27 6.89 35.06
N ARG A 104 -27.56 6.24 35.95
CA ARG A 104 -26.91 6.99 37.07
C ARG A 104 -25.91 6.06 37.77
N ASP A 105 -24.75 6.56 38.09
CA ASP A 105 -23.74 5.72 38.78
C ASP A 105 -24.16 5.51 40.23
N LYS A 106 -24.32 4.27 40.65
CA LYS A 106 -24.72 4.00 42.05
C LYS A 106 -23.64 4.53 43.00
N ASP A 107 -23.61 5.81 43.21
CA ASP A 107 -22.57 6.39 44.13
C ASP A 107 -22.69 5.75 45.51
N ASP A 108 -21.73 5.95 46.36
CA ASP A 108 -21.79 5.36 47.73
C ASP A 108 -20.71 6.01 48.60
N PHE A 109 -20.83 7.28 48.87
CA PHE A 109 -19.81 7.97 49.71
C PHE A 109 -19.75 7.31 51.09
N PHE A 110 -20.87 7.05 51.70
CA PHE A 110 -20.86 6.41 53.05
C PHE A 110 -19.99 5.15 53.03
N THR A 111 -19.40 4.81 54.14
CA THR A 111 -18.53 3.60 54.20
C THR A 111 -18.86 2.81 55.48
N ARG A 112 -18.64 3.40 56.62
CA ARG A 112 -18.93 2.69 57.89
C ARG A 112 -20.46 2.67 58.12
N SER A 113 -21.01 1.50 58.26
CA SER A 113 -22.49 1.40 58.47
C SER A 113 -22.84 0.00 58.95
N SER A 114 -23.31 -0.84 58.07
CA SER A 114 -23.68 -2.22 58.48
C SER A 114 -23.97 -3.06 57.24
N HIS A 115 -23.81 -2.49 56.08
CA HIS A 115 -24.07 -3.25 54.82
C HIS A 115 -23.15 -4.48 54.76
N GLU A 116 -22.05 -4.44 55.48
CA GLU A 116 -21.13 -5.60 55.47
C GLU A 116 -21.75 -6.77 56.22
N PHE A 117 -21.67 -7.96 55.67
CA PHE A 117 -22.27 -9.14 56.35
C PHE A 117 -21.44 -9.48 57.60
N ASP A 118 -21.92 -9.13 58.76
CA ASP A 118 -21.16 -9.43 60.00
C ASP A 118 -22.04 -9.16 61.22
N GLY A 119 -23.17 -9.83 61.32
CA GLY A 119 -24.07 -9.61 62.48
C GLY A 119 -25.47 -10.12 62.14
N ARG A 120 -25.65 -10.66 60.97
CA ARG A 120 -26.98 -11.19 60.57
C ARG A 120 -27.22 -12.52 61.28
N THR A 121 -27.11 -13.61 60.57
CA THR A 121 -27.33 -14.94 61.21
C THR A 121 -28.74 -15.00 61.80
N GLY A 122 -28.86 -15.34 63.06
CA GLY A 122 -30.20 -15.40 63.70
C GLY A 122 -30.09 -16.08 65.07
N LEU A 123 -31.06 -15.87 65.92
CA LEU A 123 -31.01 -16.51 67.26
C LEU A 123 -31.29 -18.01 67.13
N ALA A 124 -30.68 -18.81 67.97
CA ALA A 124 -30.91 -20.28 67.89
C ALA A 124 -32.36 -20.58 68.29
N PRO A 125 -32.92 -21.67 67.79
CA PRO A 125 -34.31 -22.04 68.13
C PRO A 125 -34.45 -22.17 69.66
N GLU A 126 -33.37 -22.44 70.35
CA GLU A 126 -33.44 -22.57 71.83
C GLU A 126 -32.05 -22.36 72.43
N PHE A 127 -31.58 -23.31 73.20
CA PHE A 127 -30.22 -23.19 73.82
C PHE A 127 -29.22 -24.05 73.05
N ALA A 128 -28.05 -24.25 73.58
CA ALA A 128 -27.04 -25.08 72.86
C ALA A 128 -27.39 -26.56 73.02
N ALA A 129 -26.99 -27.16 74.10
CA ALA A 129 -27.30 -28.60 74.32
C ALA A 129 -28.78 -28.74 74.74
N LEU A 130 -29.05 -29.54 75.73
CA LEU A 130 -30.46 -29.71 76.17
C LEU A 130 -30.47 -30.48 77.51
N GLY A 131 -30.66 -29.78 78.60
CA GLY A 131 -30.69 -30.46 79.92
C GLY A 131 -30.64 -29.41 81.04
N GLU A 132 -30.65 -28.16 80.69
CA GLU A 132 -30.61 -27.09 81.72
C GLU A 132 -31.96 -27.06 82.46
N SER A 133 -32.35 -28.15 83.07
CA SER A 133 -33.64 -28.18 83.79
C SER A 133 -33.58 -27.21 84.98
N GLY A 134 -34.71 -26.76 85.45
CA GLY A 134 -34.71 -25.82 86.60
C GLY A 134 -34.11 -26.50 87.82
N SER A 135 -34.88 -27.29 88.52
CA SER A 135 -34.36 -27.99 89.73
C SER A 135 -33.26 -28.97 89.31
N SER A 136 -33.06 -30.00 90.07
CA SER A 136 -32.02 -31.01 89.73
C SER A 136 -32.16 -32.24 90.62
N SER A 137 -33.08 -32.21 91.53
CA SER A 137 -33.28 -33.38 92.43
C SER A 137 -34.56 -33.19 93.25
N SER A 138 -35.35 -34.23 93.38
CA SER A 138 -36.62 -34.10 94.15
C SER A 138 -37.23 -35.49 94.36
N LYS A 139 -36.79 -36.20 95.35
CA LYS A 139 -37.36 -37.57 95.60
C LYS A 139 -38.83 -37.43 96.00
N THR A 140 -39.65 -38.36 95.57
CA THR A 140 -41.10 -38.29 95.92
C THR A 140 -41.33 -38.97 97.26
N SER A 141 -42.30 -39.84 97.35
CA SER A 141 -42.57 -40.54 98.63
C SER A 141 -41.36 -41.38 99.02
N THR A 142 -40.71 -41.05 100.11
CA THR A 142 -39.52 -41.83 100.55
C THR A 142 -39.97 -43.22 101.00
N HIS A 143 -39.19 -44.23 100.69
CA HIS A 143 -39.57 -45.61 101.11
C HIS A 143 -39.44 -45.73 102.63
N SER A 144 -38.25 -45.83 103.14
CA SER A 144 -38.06 -45.95 104.61
C SER A 144 -38.94 -47.09 105.14
N LYS A 145 -38.68 -48.29 104.71
CA LYS A 145 -39.50 -49.44 105.19
C LYS A 145 -39.19 -49.71 106.67
N GLN A 146 -38.39 -48.87 107.28
CA GLN A 146 -38.05 -49.08 108.71
C GLN A 146 -39.32 -48.95 109.56
N PHE A 147 -39.94 -47.79 109.55
CA PHE A 147 -41.18 -47.61 110.35
C PHE A 147 -42.27 -48.53 109.82
N VAL A 148 -42.34 -49.73 110.32
CA VAL A 148 -43.39 -50.68 109.85
C VAL A 148 -44.77 -50.19 110.32
N SER A 149 -45.77 -50.38 109.50
CA SER A 149 -47.14 -49.93 109.90
C SER A 149 -47.66 -50.82 111.02
N SER A 150 -47.40 -52.10 110.95
CA SER A 150 -47.88 -53.02 112.01
C SER A 150 -47.18 -52.69 113.34
N SER A 151 -47.12 -53.64 114.23
CA SER A 151 -46.45 -53.39 115.54
C SER A 151 -44.97 -53.05 115.30
N THR A 152 -44.42 -52.16 116.07
CA THR A 152 -42.98 -51.79 115.88
C THR A 152 -42.10 -52.97 116.35
N THR A 153 -42.08 -54.03 115.59
CA THR A 153 -41.23 -55.19 115.99
C THR A 153 -41.55 -55.59 117.43
N VAL A 154 -40.87 -55.02 118.38
CA VAL A 154 -41.13 -55.37 119.81
C VAL A 154 -42.55 -54.93 120.18
N ASN A 155 -43.09 -55.47 121.23
CA ASN A 155 -44.47 -55.09 121.65
C ASN A 155 -44.76 -55.66 123.03
N ARG A 156 -45.67 -56.59 123.13
CA ARG A 156 -45.99 -57.18 124.46
C ARG A 156 -44.80 -57.98 124.97
N GLY A 157 -44.35 -58.94 124.20
CA GLY A 157 -43.19 -59.76 124.64
C GLY A 157 -42.73 -60.66 123.48
N GLY A 158 -43.66 -61.27 122.79
CA GLY A 158 -43.28 -62.15 121.66
C GLY A 158 -44.54 -62.58 120.90
N SER A 159 -44.81 -63.85 120.85
CA SER A 159 -46.02 -64.32 120.12
C SER A 159 -46.22 -65.82 120.36
N ALA A 160 -47.40 -66.32 120.16
CA ALA A 160 -47.64 -67.77 120.37
C ALA A 160 -46.89 -68.58 119.32
N ILE A 161 -45.71 -69.03 119.63
CA ILE A 161 -44.92 -69.81 118.63
C ILE A 161 -45.57 -71.19 118.44
N GLU A 162 -46.03 -71.48 117.26
CA GLU A 162 -46.67 -72.80 117.00
C GLU A 162 -46.85 -73.00 115.50
N SER A 163 -47.56 -72.12 114.86
CA SER A 163 -47.77 -72.25 113.38
C SER A 163 -48.32 -70.94 112.83
N LYS A 164 -47.86 -70.54 111.67
CA LYS A 164 -48.37 -69.27 111.08
C LYS A 164 -47.92 -69.19 109.60
N HIS A 165 -46.99 -70.01 109.22
CA HIS A 165 -46.52 -69.98 107.80
C HIS A 165 -45.76 -71.26 107.48
N PHE A 166 -45.53 -71.54 106.23
CA PHE A 166 -44.80 -72.78 105.86
C PHE A 166 -43.39 -72.73 106.45
N MET A 1 -69.33 78.50 -41.24
CA MET A 1 -69.26 79.66 -40.29
C MET A 1 -67.81 79.98 -40.00
N GLY A 2 -66.94 79.02 -40.14
CA GLY A 2 -65.49 79.28 -39.86
C GLY A 2 -64.68 78.02 -40.17
N THR A 3 -63.62 78.15 -40.92
CA THR A 3 -62.79 76.96 -41.24
C THR A 3 -62.19 76.39 -39.96
N PHE A 4 -61.65 77.23 -39.12
CA PHE A 4 -61.04 76.74 -37.85
C PHE A 4 -62.14 76.16 -36.96
N ARG A 5 -61.93 74.99 -36.43
CA ARG A 5 -62.96 74.38 -35.54
C ARG A 5 -62.38 73.12 -34.89
N GLU A 6 -62.37 72.03 -35.58
CA GLU A 6 -61.82 70.77 -34.99
C GLU A 6 -60.33 70.96 -34.71
N GLU A 7 -59.51 69.99 -35.07
CA GLU A 7 -58.05 70.12 -34.82
C GLU A 7 -57.82 70.32 -33.32
N GLY A 8 -57.44 69.27 -32.62
CA GLY A 8 -57.19 69.39 -31.16
C GLY A 8 -56.59 68.10 -30.63
N SER A 9 -55.55 68.19 -29.85
CA SER A 9 -54.92 66.95 -29.30
C SER A 9 -55.82 66.36 -28.22
N VAL A 10 -57.03 66.82 -28.12
CA VAL A 10 -57.96 66.28 -27.08
C VAL A 10 -58.18 64.79 -27.33
N SER A 11 -58.01 63.97 -26.32
CA SER A 11 -58.20 62.51 -26.49
C SER A 11 -59.66 62.24 -26.88
N SER A 12 -59.98 61.01 -27.19
CA SER A 12 -61.38 60.67 -27.57
C SER A 12 -61.52 59.16 -27.73
N GLY A 13 -61.43 58.44 -26.65
CA GLY A 13 -61.57 56.95 -26.73
C GLY A 13 -61.43 56.34 -25.33
N THR A 14 -62.17 56.85 -24.38
CA THR A 14 -62.09 56.31 -23.00
C THR A 14 -62.58 54.87 -22.99
N LYS A 15 -63.19 54.43 -24.07
CA LYS A 15 -63.70 53.03 -24.11
C LYS A 15 -62.51 52.07 -24.20
N GLN A 16 -61.58 52.17 -23.29
CA GLN A 16 -60.40 51.26 -23.32
C GLN A 16 -60.81 49.87 -22.82
N GLU A 17 -62.02 49.47 -23.11
CA GLU A 17 -62.48 48.12 -22.66
C GLU A 17 -61.81 47.04 -23.50
N PHE A 18 -61.75 47.23 -24.80
CA PHE A 18 -61.10 46.22 -25.67
C PHE A 18 -59.58 46.28 -25.49
N HIS A 19 -58.97 47.33 -25.95
CA HIS A 19 -57.49 47.45 -25.80
C HIS A 19 -57.15 47.82 -24.36
N THR A 20 -56.37 47.01 -23.70
CA THR A 20 -56.00 47.31 -22.29
C THR A 20 -54.98 46.28 -21.79
N GLY A 21 -55.05 45.08 -22.29
CA GLY A 21 -54.08 44.03 -21.86
C GLY A 21 -52.72 44.28 -22.51
N LYS A 22 -52.27 43.36 -23.31
CA LYS A 22 -50.94 43.55 -23.98
C LYS A 22 -50.77 42.50 -25.08
N LEU A 23 -51.62 42.53 -26.08
CA LEU A 23 -51.51 41.53 -27.18
C LEU A 23 -50.19 41.75 -27.94
N VAL A 24 -49.94 42.97 -28.36
CA VAL A 24 -48.69 43.24 -29.11
C VAL A 24 -48.62 42.31 -30.33
N THR A 25 -47.68 41.40 -30.36
CA THR A 25 -47.58 40.48 -31.53
C THR A 25 -46.68 39.29 -31.16
N THR A 26 -46.26 38.53 -32.13
CA THR A 26 -45.39 37.36 -31.84
C THR A 26 -44.28 37.76 -30.86
N LYS A 27 -43.75 38.94 -31.00
CA LYS A 27 -42.67 39.40 -30.07
C LYS A 27 -42.75 40.92 -29.90
N GLY A 28 -41.64 41.60 -29.99
CA GLY A 28 -41.65 43.08 -29.82
C GLY A 28 -41.80 43.42 -28.33
N ASP A 29 -42.06 42.44 -27.51
CA ASP A 29 -42.21 42.71 -26.06
C ASP A 29 -42.24 41.37 -25.30
N LYS A 30 -43.15 41.24 -24.36
CA LYS A 30 -43.22 39.98 -23.58
C LYS A 30 -41.82 39.61 -23.06
N GLU A 31 -41.45 40.15 -21.93
CA GLU A 31 -40.10 39.83 -21.36
C GLU A 31 -39.99 40.44 -19.96
N LEU A 32 -41.09 40.61 -19.29
CA LEU A 32 -41.03 41.19 -17.92
C LEU A 32 -40.34 40.21 -16.97
N LEU A 33 -40.30 38.95 -17.34
CA LEU A 33 -39.64 37.93 -16.47
C LEU A 33 -38.17 37.83 -16.84
N ILE A 34 -37.59 38.89 -17.34
CA ILE A 34 -36.15 38.84 -17.73
C ILE A 34 -35.30 38.63 -16.48
N ASP A 35 -35.58 39.35 -15.42
CA ASP A 35 -34.78 39.17 -14.16
C ASP A 35 -33.29 39.16 -14.50
N ASN A 36 -32.87 39.96 -15.44
CA ASN A 36 -31.43 40.00 -15.81
C ASN A 36 -30.95 38.58 -16.09
N GLU A 37 -31.27 38.05 -17.24
CA GLU A 37 -30.84 36.66 -17.58
C GLU A 37 -29.31 36.61 -17.63
N LYS A 38 -28.70 35.82 -16.79
CA LYS A 38 -27.21 35.72 -16.80
C LYS A 38 -26.75 35.05 -18.09
N VAL A 39 -27.17 35.55 -19.21
CA VAL A 39 -26.76 34.95 -20.51
C VAL A 39 -25.26 34.66 -20.50
N THR A 40 -24.83 33.62 -21.15
CA THR A 40 -23.38 33.30 -21.18
C THR A 40 -23.12 32.17 -22.19
N SER A 41 -21.89 31.83 -22.42
CA SER A 41 -21.57 30.74 -23.38
C SER A 41 -22.10 29.41 -22.83
N GLY A 42 -21.63 29.02 -21.68
CA GLY A 42 -22.10 27.73 -21.09
C GLY A 42 -21.55 27.59 -19.66
N HIS A 43 -22.40 27.62 -18.68
CA HIS A 43 -21.92 27.51 -17.27
C HIS A 43 -21.69 26.03 -16.94
N THR A 44 -22.76 25.26 -16.87
CA THR A 44 -22.60 23.81 -16.55
C THR A 44 -22.08 23.07 -17.79
N THR A 45 -20.83 23.26 -18.11
CA THR A 45 -20.27 22.56 -19.31
C THR A 45 -20.03 21.09 -18.98
N THR A 46 -20.31 20.21 -19.91
CA THR A 46 -20.11 18.75 -19.65
C THR A 46 -19.71 18.06 -20.95
N THR A 47 -19.01 18.74 -21.81
CA THR A 47 -18.59 18.12 -23.10
C THR A 47 -17.51 17.08 -22.83
N ARG A 48 -16.32 17.50 -22.48
CA ARG A 48 -15.21 16.55 -22.19
C ARG A 48 -14.32 17.11 -21.09
N ARG A 49 -13.84 16.27 -20.22
CA ARG A 49 -12.95 16.76 -19.09
C ARG A 49 -11.49 16.49 -19.44
N SER A 50 -10.63 17.45 -19.23
CA SER A 50 -9.18 17.26 -19.55
C SER A 50 -8.54 16.30 -18.54
N CYS A 51 -8.52 16.64 -17.29
CA CYS A 51 -7.90 15.75 -16.27
C CYS A 51 -8.54 14.36 -16.35
N SER A 52 -9.31 13.99 -15.36
CA SER A 52 -9.97 12.66 -15.41
C SER A 52 -10.70 12.53 -16.74
N LYS A 53 -10.27 11.63 -17.60
CA LYS A 53 -10.95 11.51 -18.92
C LYS A 53 -12.30 10.82 -18.73
N VAL A 54 -13.36 11.60 -18.73
CA VAL A 54 -14.73 11.05 -18.57
C VAL A 54 -15.62 11.59 -19.69
N ILE A 55 -16.11 10.72 -20.54
CA ILE A 55 -16.98 11.16 -21.67
C ILE A 55 -18.27 10.31 -21.65
N THR A 56 -19.41 10.95 -21.72
CA THR A 56 -20.71 10.21 -21.71
C THR A 56 -21.55 10.67 -22.89
N LYS A 57 -21.76 9.80 -23.85
CA LYS A 57 -22.61 10.14 -25.05
C LYS A 57 -23.73 9.11 -25.16
N THR A 58 -24.97 9.53 -24.97
CA THR A 58 -26.12 8.59 -25.05
C THR A 58 -26.99 8.95 -26.27
N VAL A 59 -27.38 7.96 -27.02
CA VAL A 59 -28.26 8.21 -28.21
C VAL A 59 -29.43 7.22 -28.17
N THR A 60 -30.64 7.72 -28.20
CA THR A 60 -31.85 6.83 -28.13
C THR A 60 -32.54 6.78 -29.49
N ASN A 61 -32.64 5.60 -30.07
CA ASN A 61 -33.32 5.44 -31.41
C ASN A 61 -34.69 4.75 -31.19
N ALA A 62 -35.74 5.09 -31.93
CA ALA A 62 -37.08 4.46 -31.68
C ALA A 62 -37.10 2.98 -32.09
N ASP A 63 -36.33 2.57 -33.04
CA ASP A 63 -36.36 1.14 -33.46
C ASP A 63 -35.82 0.26 -32.33
N GLY A 64 -35.51 0.85 -31.21
CA GLY A 64 -35.00 0.05 -30.06
C GLY A 64 -33.46 0.09 -30.02
N ARG A 65 -32.84 0.87 -30.87
CA ARG A 65 -31.34 0.94 -30.84
C ARG A 65 -30.94 2.11 -29.93
N THR A 66 -30.37 1.80 -28.79
CA THR A 66 -29.96 2.88 -27.83
C THR A 66 -28.56 2.59 -27.30
N GLU A 67 -27.57 3.28 -27.81
CA GLU A 67 -26.17 3.02 -27.35
C GLU A 67 -25.78 4.04 -26.26
N THR A 68 -25.28 3.55 -25.15
CA THR A 68 -24.87 4.46 -24.05
C THR A 68 -23.35 4.53 -23.98
N THR A 69 -22.78 5.65 -24.36
CA THR A 69 -21.31 5.79 -24.31
C THR A 69 -20.95 6.31 -22.91
N LYS A 70 -21.73 5.90 -21.94
CA LYS A 70 -21.46 6.34 -20.54
C LYS A 70 -20.12 5.73 -20.07
N GLU A 71 -19.04 6.06 -20.74
CA GLU A 71 -17.72 5.51 -20.35
C GLU A 71 -16.98 6.49 -19.44
N VAL A 72 -16.28 5.99 -18.45
CA VAL A 72 -15.51 6.86 -17.52
C VAL A 72 -14.08 6.33 -17.44
N VAL A 73 -13.10 7.13 -17.76
CA VAL A 73 -11.68 6.65 -17.70
C VAL A 73 -10.85 7.63 -16.89
N LYS A 74 -10.36 7.18 -15.79
CA LYS A 74 -9.53 8.06 -14.92
C LYS A 74 -8.24 8.44 -15.65
N SER A 75 -7.65 9.55 -15.31
CA SER A 75 -6.40 9.98 -15.98
C SER A 75 -5.32 8.92 -15.76
N GLU A 76 -4.91 8.23 -16.80
CA GLU A 76 -3.87 7.19 -16.65
C GLU A 76 -2.48 7.83 -16.83
N ASP A 77 -2.31 9.04 -16.36
CA ASP A 77 -1.00 9.72 -16.50
C ASP A 77 -0.87 10.82 -15.44
N GLY A 78 -1.94 11.52 -15.15
CA GLY A 78 -1.87 12.60 -14.13
C GLY A 78 -2.06 11.99 -12.73
N SER A 79 -2.17 10.69 -12.66
CA SER A 79 -2.36 10.04 -11.33
C SER A 79 -3.56 10.68 -10.61
N ASP A 80 -3.38 11.13 -9.40
CA ASP A 80 -4.51 11.75 -8.67
C ASP A 80 -4.76 13.16 -9.22
N CYS A 81 -4.40 13.39 -10.45
CA CYS A 81 -4.63 14.75 -11.06
C CYS A 81 -3.78 15.79 -10.33
N GLY A 82 -4.04 16.01 -9.07
CA GLY A 82 -3.25 17.00 -8.30
C GLY A 82 -1.83 16.46 -8.06
N ASP A 83 -1.28 15.76 -9.00
CA ASP A 83 0.10 15.22 -8.83
C ASP A 83 1.08 16.36 -8.63
N ALA A 84 2.21 16.10 -8.04
CA ALA A 84 3.22 17.18 -7.83
C ALA A 84 3.62 17.78 -9.18
N ASP A 85 3.80 16.95 -10.17
CA ASP A 85 4.21 17.48 -11.51
C ASP A 85 5.45 18.36 -11.36
N PHE A 86 6.61 17.78 -11.47
CA PHE A 86 7.86 18.59 -11.34
C PHE A 86 9.06 17.74 -11.75
N ASP A 87 9.79 17.23 -10.80
CA ASP A 87 10.97 16.40 -11.14
C ASP A 87 11.53 15.76 -9.86
N TRP A 88 10.76 15.75 -8.80
CA TRP A 88 11.25 15.14 -7.53
C TRP A 88 11.05 13.63 -7.58
N HIS A 89 9.92 13.19 -8.07
CA HIS A 89 9.66 11.73 -8.15
C HIS A 89 10.63 11.09 -9.16
N HIS A 90 10.71 9.79 -9.18
CA HIS A 90 11.63 9.11 -10.14
C HIS A 90 13.04 9.71 -9.99
N THR A 91 13.82 9.20 -9.07
CA THR A 91 15.19 9.72 -8.87
C THR A 91 16.14 8.56 -8.52
N PHE A 92 16.27 7.61 -9.41
CA PHE A 92 17.17 6.46 -9.14
C PHE A 92 16.87 5.88 -7.75
N PRO A 93 15.70 5.30 -7.59
CA PRO A 93 15.31 4.70 -6.30
C PRO A 93 16.28 3.58 -5.93
N SER A 94 16.63 2.75 -6.88
CA SER A 94 17.58 1.63 -6.60
C SER A 94 18.26 1.20 -7.90
N ARG A 95 18.42 2.11 -8.82
CA ARG A 95 19.09 1.75 -10.11
C ARG A 95 18.40 0.52 -10.71
N GLY A 96 17.48 0.72 -11.61
CA GLY A 96 16.78 -0.43 -12.23
C GLY A 96 16.04 -1.22 -11.16
N ASN A 97 15.87 -2.50 -11.35
CA ASN A 97 15.16 -3.32 -10.33
C ASN A 97 15.33 -4.81 -10.66
N LEU A 98 15.32 -5.64 -9.65
CA LEU A 98 15.49 -7.11 -9.91
C LEU A 98 16.77 -7.34 -10.72
N ASP A 99 16.67 -8.00 -11.84
CA ASP A 99 17.88 -8.25 -12.66
C ASP A 99 18.47 -6.92 -13.13
N ASP A 100 19.75 -6.89 -13.40
CA ASP A 100 20.38 -5.62 -13.86
C ASP A 100 19.87 -5.27 -15.26
N PHE A 101 20.08 -4.07 -15.70
CA PHE A 101 19.61 -3.67 -17.06
C PHE A 101 20.45 -4.39 -18.12
N PHE A 102 21.73 -4.24 -18.07
CA PHE A 102 22.60 -4.91 -19.08
C PHE A 102 22.58 -6.42 -18.85
N HIS A 103 22.22 -7.18 -19.85
CA HIS A 103 22.17 -8.66 -19.68
C HIS A 103 23.59 -9.20 -19.45
N ARG A 104 24.58 -8.55 -20.01
CA ARG A 104 25.97 -9.01 -19.83
C ARG A 104 26.08 -10.50 -20.20
N ASP A 105 26.03 -10.80 -21.47
CA ASP A 105 26.12 -12.23 -21.89
C ASP A 105 27.55 -12.73 -21.70
N LYS A 106 27.76 -14.01 -21.77
CA LYS A 106 29.13 -14.56 -21.59
C LYS A 106 29.15 -16.03 -22.01
N ASP A 107 29.97 -16.37 -22.98
CA ASP A 107 30.04 -17.78 -23.43
C ASP A 107 30.67 -18.64 -22.33
N ASP A 108 30.25 -19.87 -22.21
CA ASP A 108 30.84 -20.75 -21.16
C ASP A 108 30.41 -22.20 -21.41
N PHE A 109 31.31 -23.02 -21.89
CA PHE A 109 30.95 -24.44 -22.16
C PHE A 109 30.70 -25.16 -20.84
N PHE A 110 31.58 -25.02 -19.89
CA PHE A 110 31.40 -25.69 -18.58
C PHE A 110 30.36 -24.92 -17.76
N THR A 111 29.30 -25.56 -17.36
CA THR A 111 28.26 -24.86 -16.55
C THR A 111 27.35 -25.90 -15.90
N ARG A 112 27.89 -26.72 -15.03
CA ARG A 112 27.05 -27.75 -14.34
C ARG A 112 27.63 -28.04 -12.96
N SER A 113 27.49 -27.12 -12.04
CA SER A 113 28.02 -27.34 -10.68
C SER A 113 29.49 -27.75 -10.75
N SER A 114 29.75 -29.03 -10.86
CA SER A 114 31.17 -29.50 -10.95
C SER A 114 31.20 -30.88 -11.60
N HIS A 115 32.30 -31.56 -11.51
CA HIS A 115 32.41 -32.91 -12.13
C HIS A 115 33.66 -33.62 -11.62
N GLU A 116 33.83 -33.67 -10.33
CA GLU A 116 35.04 -34.34 -9.75
C GLU A 116 36.30 -33.80 -10.45
N PHE A 117 36.58 -32.54 -10.27
CA PHE A 117 37.79 -31.95 -10.92
C PHE A 117 39.04 -32.36 -10.13
N ASP A 118 38.96 -32.37 -8.83
CA ASP A 118 40.14 -32.75 -8.00
C ASP A 118 40.37 -34.26 -8.12
N GLY A 119 40.56 -34.75 -9.32
CA GLY A 119 40.80 -36.21 -9.51
C GLY A 119 41.81 -36.43 -10.64
N ARG A 120 42.99 -36.89 -10.31
CA ARG A 120 44.01 -37.12 -11.35
C ARG A 120 45.22 -37.85 -10.74
N THR A 121 45.56 -37.53 -9.52
CA THR A 121 46.71 -38.19 -8.87
C THR A 121 46.31 -39.62 -8.45
N GLY A 122 45.76 -39.76 -7.29
CA GLY A 122 45.34 -41.13 -6.83
C GLY A 122 46.57 -42.04 -6.81
N LEU A 123 46.44 -43.24 -7.33
CA LEU A 123 47.60 -44.17 -7.33
C LEU A 123 48.80 -43.50 -8.01
N ALA A 124 49.98 -43.74 -7.51
CA ALA A 124 51.20 -43.12 -8.12
C ALA A 124 51.60 -43.94 -9.36
N PRO A 125 52.41 -43.35 -10.22
CA PRO A 125 52.87 -44.06 -11.44
C PRO A 125 53.56 -45.37 -11.05
N GLU A 126 54.12 -46.05 -12.01
CA GLU A 126 54.81 -47.34 -11.70
C GLU A 126 55.56 -47.82 -12.94
N PHE A 127 55.04 -47.55 -14.10
CA PHE A 127 55.73 -47.99 -15.35
C PHE A 127 57.10 -47.34 -15.43
N ALA A 128 57.26 -46.37 -16.29
CA ALA A 128 58.58 -45.69 -16.42
C ALA A 128 59.67 -46.74 -16.67
N ALA A 129 59.72 -47.28 -17.87
CA ALA A 129 60.75 -48.31 -18.17
C ALA A 129 60.71 -49.42 -17.11
N LEU A 130 59.96 -50.46 -17.36
CA LEU A 130 59.87 -51.56 -16.36
C LEU A 130 61.25 -52.20 -16.17
N GLY A 131 62.26 -51.68 -16.82
CA GLY A 131 63.62 -52.25 -16.66
C GLY A 131 64.65 -51.33 -17.33
N GLU A 132 65.91 -51.59 -17.13
CA GLU A 132 66.95 -50.73 -17.75
C GLU A 132 68.32 -51.38 -17.57
N SER A 133 68.65 -52.34 -18.40
CA SER A 133 69.97 -53.01 -18.28
C SER A 133 70.18 -53.46 -16.84
N GLY A 134 69.79 -54.67 -16.52
CA GLY A 134 69.96 -55.17 -15.12
C GLY A 134 71.45 -55.39 -14.85
N SER A 135 72.19 -54.34 -14.67
CA SER A 135 73.65 -54.50 -14.40
C SER A 135 73.84 -55.26 -13.08
N SER A 136 73.95 -56.55 -13.14
CA SER A 136 74.13 -57.34 -11.90
C SER A 136 75.50 -57.02 -11.29
N SER A 137 76.55 -57.18 -12.05
CA SER A 137 77.91 -56.90 -11.51
C SER A 137 78.11 -57.64 -10.19
N SER A 138 79.10 -57.25 -9.43
CA SER A 138 79.34 -57.93 -8.13
C SER A 138 78.16 -57.69 -7.19
N LYS A 139 77.91 -56.46 -6.85
CA LYS A 139 76.77 -56.16 -5.93
C LYS A 139 75.46 -56.63 -6.58
N THR A 140 74.59 -57.20 -5.80
CA THR A 140 73.29 -57.69 -6.36
C THR A 140 72.36 -58.12 -5.22
N SER A 141 71.14 -58.44 -5.53
CA SER A 141 70.19 -58.87 -4.47
C SER A 141 70.68 -60.18 -3.85
N THR A 142 69.89 -60.77 -2.99
CA THR A 142 70.30 -62.06 -2.36
C THR A 142 70.44 -63.14 -3.44
N HIS A 143 70.59 -64.37 -3.03
CA HIS A 143 70.72 -65.47 -4.03
C HIS A 143 71.82 -65.12 -5.03
N SER A 144 73.01 -65.62 -4.82
CA SER A 144 74.13 -65.32 -5.75
C SER A 144 75.32 -66.22 -5.43
N LYS A 145 75.07 -67.40 -4.92
CA LYS A 145 76.19 -68.33 -4.59
C LYS A 145 77.20 -67.60 -3.69
N GLN A 146 76.78 -66.55 -3.05
CA GLN A 146 77.71 -65.80 -2.16
C GLN A 146 78.99 -65.46 -2.92
N PHE A 147 80.00 -64.99 -2.24
CA PHE A 147 81.27 -64.64 -2.93
C PHE A 147 81.96 -65.92 -3.41
N VAL A 148 83.15 -65.81 -3.92
CA VAL A 148 83.87 -67.01 -4.41
C VAL A 148 84.31 -67.87 -3.22
N SER A 149 83.86 -67.52 -2.04
CA SER A 149 84.26 -68.31 -0.84
C SER A 149 85.78 -68.47 -0.81
N SER A 150 86.28 -69.54 -1.37
CA SER A 150 87.76 -69.76 -1.37
C SER A 150 88.12 -70.82 -2.41
N SER A 151 88.67 -70.41 -3.53
CA SER A 151 89.04 -71.40 -4.58
C SER A 151 89.87 -70.69 -5.66
N THR A 152 89.39 -69.59 -6.15
CA THR A 152 90.14 -68.84 -7.21
C THR A 152 90.56 -69.81 -8.31
N THR A 153 91.73 -70.38 -8.20
CA THR A 153 92.21 -71.33 -9.25
C THR A 153 91.11 -72.33 -9.59
N VAL A 154 90.29 -72.04 -10.56
CA VAL A 154 89.19 -72.96 -10.94
C VAL A 154 88.30 -73.25 -9.74
N ASN A 155 87.07 -72.81 -9.78
CA ASN A 155 86.15 -73.05 -8.64
C ASN A 155 85.80 -74.54 -8.59
N ARG A 156 86.65 -75.34 -8.01
CA ARG A 156 86.36 -76.80 -7.94
C ARG A 156 85.07 -77.03 -7.12
N GLY A 157 85.09 -76.70 -5.86
CA GLY A 157 83.88 -76.89 -5.03
C GLY A 157 83.72 -78.37 -4.68
N GLY A 158 83.16 -78.68 -3.55
CA GLY A 158 82.98 -80.11 -3.16
C GLY A 158 82.69 -80.19 -1.66
N SER A 159 81.73 -80.99 -1.28
CA SER A 159 81.39 -81.13 0.16
C SER A 159 82.46 -81.96 0.86
N ALA A 160 82.95 -81.50 1.99
CA ALA A 160 83.99 -82.27 2.72
C ALA A 160 83.88 -81.98 4.21
N ILE A 161 84.22 -82.93 5.05
CA ILE A 161 84.14 -82.71 6.51
C ILE A 161 84.90 -83.82 7.24
N GLU A 162 85.16 -84.91 6.57
CA GLU A 162 85.91 -86.03 7.22
C GLU A 162 85.24 -86.38 8.55
N SER A 163 84.20 -87.17 8.52
CA SER A 163 83.51 -87.56 9.78
C SER A 163 84.43 -88.44 10.62
N LYS A 164 83.91 -89.06 11.65
CA LYS A 164 84.76 -89.93 12.51
C LYS A 164 85.08 -91.22 11.75
N HIS A 165 85.34 -91.13 10.48
CA HIS A 165 85.66 -92.36 9.70
C HIS A 165 86.14 -91.96 8.30
N PHE A 166 87.43 -91.87 8.12
CA PHE A 166 87.96 -91.49 6.77
C PHE A 166 89.48 -91.69 6.75
N MET A 1 -46.68 40.09 -92.17
CA MET A 1 -45.59 41.10 -92.33
C MET A 1 -44.64 40.65 -93.45
N GLY A 2 -44.74 39.42 -93.87
CA GLY A 2 -43.84 38.92 -94.95
C GLY A 2 -42.39 39.02 -94.50
N THR A 3 -42.09 38.48 -93.35
CA THR A 3 -40.68 38.54 -92.85
C THR A 3 -40.50 37.54 -91.70
N PHE A 4 -39.76 36.49 -91.93
CA PHE A 4 -39.55 35.49 -90.85
C PHE A 4 -38.59 36.05 -89.80
N ARG A 5 -38.00 35.20 -89.00
CA ARG A 5 -37.06 35.70 -87.96
C ARG A 5 -36.15 34.56 -87.50
N GLU A 6 -35.01 34.41 -88.11
CA GLU A 6 -34.08 33.31 -87.71
C GLU A 6 -33.73 33.46 -86.23
N GLU A 7 -33.69 34.67 -85.74
CA GLU A 7 -33.35 34.88 -84.31
C GLU A 7 -33.66 36.32 -83.92
N GLY A 8 -34.20 36.53 -82.75
CA GLY A 8 -34.51 37.92 -82.32
C GLY A 8 -35.17 37.88 -80.93
N SER A 9 -36.27 37.20 -80.79
CA SER A 9 -36.94 37.12 -79.47
C SER A 9 -37.18 38.53 -78.94
N VAL A 10 -37.48 38.66 -77.68
CA VAL A 10 -37.72 40.02 -77.10
C VAL A 10 -36.45 40.85 -77.22
N SER A 11 -35.31 40.23 -77.14
CA SER A 11 -34.02 41.00 -77.25
C SER A 11 -33.87 41.52 -78.68
N SER A 12 -34.92 42.05 -79.24
CA SER A 12 -34.82 42.59 -80.63
C SER A 12 -33.83 43.75 -80.66
N GLY A 13 -32.73 43.58 -81.34
CA GLY A 13 -31.72 44.67 -81.42
C GLY A 13 -30.47 44.17 -82.14
N THR A 14 -29.50 45.02 -82.32
CA THR A 14 -28.25 44.59 -83.03
C THR A 14 -27.07 45.42 -82.50
N LYS A 15 -26.76 45.30 -81.23
CA LYS A 15 -25.62 46.06 -80.66
C LYS A 15 -25.02 45.28 -79.50
N GLN A 16 -25.36 44.03 -79.37
CA GLN A 16 -24.80 43.21 -78.26
C GLN A 16 -23.31 42.99 -78.47
N GLU A 17 -22.57 44.04 -78.72
CA GLU A 17 -21.11 43.90 -78.93
C GLU A 17 -20.46 43.33 -77.67
N PHE A 18 -21.00 43.64 -76.53
CA PHE A 18 -20.41 43.11 -75.27
C PHE A 18 -20.59 41.60 -75.21
N HIS A 19 -20.17 40.98 -74.14
CA HIS A 19 -20.32 39.50 -74.03
C HIS A 19 -19.99 39.05 -72.61
N THR A 20 -18.73 38.82 -72.33
CA THR A 20 -18.35 38.38 -70.95
C THR A 20 -18.50 39.56 -69.99
N GLY A 21 -17.51 40.41 -69.93
CA GLY A 21 -17.58 41.57 -69.01
C GLY A 21 -17.65 41.08 -67.56
N LYS A 22 -16.76 41.54 -66.73
CA LYS A 22 -16.77 41.09 -65.30
C LYS A 22 -18.10 41.50 -64.65
N LEU A 23 -18.89 42.30 -65.33
CA LEU A 23 -20.19 42.73 -64.75
C LEU A 23 -20.96 41.50 -64.26
N VAL A 24 -21.97 41.70 -63.45
CA VAL A 24 -22.77 40.55 -62.94
C VAL A 24 -24.21 41.01 -62.68
N THR A 25 -24.86 40.45 -61.69
CA THR A 25 -26.26 40.87 -61.39
C THR A 25 -26.57 40.59 -59.93
N THR A 26 -27.42 41.37 -59.33
CA THR A 26 -27.77 41.14 -57.90
C THR A 26 -26.49 41.12 -57.06
N LYS A 27 -26.02 42.25 -56.62
CA LYS A 27 -24.78 42.28 -55.81
C LYS A 27 -25.03 41.57 -54.47
N GLY A 28 -24.83 40.29 -54.43
CA GLY A 28 -25.06 39.54 -53.15
C GLY A 28 -24.16 40.11 -52.05
N ASP A 29 -23.15 39.38 -51.65
CA ASP A 29 -22.25 39.88 -50.58
C ASP A 29 -21.03 38.96 -50.47
N LYS A 30 -19.98 39.42 -49.85
CA LYS A 30 -18.77 38.56 -49.71
C LYS A 30 -19.12 37.33 -48.87
N GLU A 31 -18.60 36.19 -49.24
CA GLU A 31 -18.89 34.95 -48.47
C GLU A 31 -17.72 33.96 -48.62
N LEU A 32 -17.07 33.97 -49.76
CA LEU A 32 -15.94 33.05 -49.96
C LEU A 32 -14.75 33.51 -49.12
N LEU A 33 -14.53 34.79 -49.04
CA LEU A 33 -13.39 35.30 -48.21
C LEU A 33 -13.72 35.11 -46.74
N ILE A 34 -13.56 33.92 -46.23
CA ILE A 34 -13.86 33.66 -44.79
C ILE A 34 -12.58 33.86 -43.97
N ASP A 35 -11.79 34.84 -44.31
CA ASP A 35 -10.52 35.08 -43.55
C ASP A 35 -10.86 35.63 -42.16
N ASN A 36 -11.82 35.03 -41.50
CA ASN A 36 -12.19 35.53 -40.14
C ASN A 36 -11.11 35.11 -39.15
N GLU A 37 -10.71 36.02 -38.29
CA GLU A 37 -9.65 35.68 -37.29
C GLU A 37 -10.24 34.75 -36.23
N LYS A 38 -10.11 35.10 -34.98
CA LYS A 38 -10.66 34.22 -33.90
C LYS A 38 -12.19 34.39 -33.86
N VAL A 39 -12.91 33.51 -34.50
CA VAL A 39 -14.39 33.61 -34.49
C VAL A 39 -14.92 33.25 -33.10
N THR A 40 -16.08 33.73 -32.76
CA THR A 40 -16.65 33.42 -31.41
C THR A 40 -16.97 31.94 -31.32
N SER A 41 -16.51 31.27 -30.30
CA SER A 41 -16.79 29.81 -30.16
C SER A 41 -18.30 29.60 -30.01
N GLY A 42 -18.82 29.73 -28.83
CA GLY A 42 -20.28 29.53 -28.63
C GLY A 42 -20.65 28.07 -28.92
N HIS A 43 -19.68 27.21 -28.94
CA HIS A 43 -19.97 25.77 -29.21
C HIS A 43 -18.72 24.93 -28.92
N THR A 44 -18.16 25.08 -27.75
CA THR A 44 -16.95 24.29 -27.40
C THR A 44 -17.29 22.79 -27.36
N THR A 45 -16.94 22.06 -28.38
CA THR A 45 -17.26 20.61 -28.39
C THR A 45 -16.33 19.88 -27.43
N THR A 46 -16.66 19.85 -26.16
CA THR A 46 -15.80 19.16 -25.18
C THR A 46 -15.89 17.64 -25.39
N THR A 47 -15.52 17.19 -26.56
CA THR A 47 -15.58 15.71 -26.84
C THR A 47 -14.68 14.97 -25.85
N ARG A 48 -13.80 15.68 -25.20
CA ARG A 48 -12.88 15.01 -24.22
C ARG A 48 -12.61 15.97 -23.05
N ARG A 49 -12.52 15.45 -21.86
CA ARG A 49 -12.24 16.33 -20.67
C ARG A 49 -10.79 16.18 -20.24
N SER A 50 -10.18 17.24 -19.77
CA SER A 50 -8.76 17.16 -19.34
C SER A 50 -8.66 16.26 -18.11
N CYS A 51 -8.57 16.83 -16.93
CA CYS A 51 -8.49 16.00 -15.69
C CYS A 51 -9.60 14.94 -15.74
N SER A 52 -9.28 13.72 -15.42
CA SER A 52 -10.33 12.66 -15.46
C SER A 52 -11.03 12.71 -16.82
N LYS A 53 -10.51 12.04 -17.79
CA LYS A 53 -11.13 12.08 -19.14
C LYS A 53 -12.40 11.23 -19.16
N VAL A 54 -13.55 11.84 -19.11
CA VAL A 54 -14.83 11.08 -19.13
C VAL A 54 -15.56 11.33 -20.46
N ILE A 55 -15.69 10.29 -21.25
CA ILE A 55 -16.40 10.41 -22.57
C ILE A 55 -17.74 9.69 -22.44
N THR A 56 -18.83 10.40 -22.63
CA THR A 56 -20.18 9.76 -22.51
C THR A 56 -21.01 10.11 -23.75
N LYS A 57 -21.33 9.11 -24.54
CA LYS A 57 -22.18 9.34 -25.76
C LYS A 57 -23.42 8.45 -25.65
N THR A 58 -24.58 9.05 -25.48
CA THR A 58 -25.83 8.25 -25.34
C THR A 58 -26.80 8.60 -26.48
N VAL A 59 -27.38 7.61 -27.09
CA VAL A 59 -28.37 7.85 -28.20
C VAL A 59 -29.62 7.02 -27.95
N THR A 60 -30.74 7.67 -27.80
CA THR A 60 -32.04 6.95 -27.55
C THR A 60 -32.93 7.09 -28.78
N ASN A 61 -33.58 6.04 -29.20
CA ASN A 61 -34.48 6.16 -30.39
C ASN A 61 -35.47 4.97 -30.43
N ALA A 62 -36.64 5.14 -31.04
CA ALA A 62 -37.64 4.03 -31.11
C ALA A 62 -37.22 2.98 -32.12
N ASP A 63 -36.19 3.24 -32.88
CA ASP A 63 -35.72 2.26 -33.89
C ASP A 63 -35.02 1.09 -33.19
N GLY A 64 -34.90 1.14 -31.88
CA GLY A 64 -34.23 0.02 -31.16
C GLY A 64 -32.77 0.39 -30.93
N ARG A 65 -32.40 1.63 -31.20
CA ARG A 65 -30.99 2.07 -30.99
C ARG A 65 -30.92 2.83 -29.66
N THR A 66 -30.68 2.12 -28.58
CA THR A 66 -30.59 2.78 -27.24
C THR A 66 -29.26 2.40 -26.60
N GLU A 67 -28.18 2.95 -27.10
CA GLU A 67 -26.82 2.60 -26.58
C GLU A 67 -26.29 3.66 -25.60
N THR A 68 -25.80 3.24 -24.46
CA THR A 68 -25.22 4.18 -23.45
C THR A 68 -23.71 4.00 -23.45
N THR A 69 -22.98 4.99 -23.90
CA THR A 69 -21.50 4.89 -23.90
C THR A 69 -20.97 5.74 -22.76
N LYS A 70 -21.65 5.73 -21.65
CA LYS A 70 -21.19 6.52 -20.47
C LYS A 70 -19.87 5.95 -19.95
N GLU A 71 -18.84 5.97 -20.76
CA GLU A 71 -17.53 5.43 -20.32
C GLU A 71 -16.78 6.47 -19.49
N VAL A 72 -16.00 6.04 -18.52
CA VAL A 72 -15.23 6.99 -17.67
C VAL A 72 -13.77 6.55 -17.67
N VAL A 73 -12.85 7.48 -17.83
CA VAL A 73 -11.40 7.11 -17.83
C VAL A 73 -10.66 8.01 -16.84
N LYS A 74 -10.10 7.41 -15.86
CA LYS A 74 -9.34 8.18 -14.83
C LYS A 74 -7.97 8.55 -15.38
N SER A 75 -7.32 9.53 -14.79
CA SER A 75 -5.98 9.94 -15.29
C SER A 75 -4.98 8.81 -15.07
N GLU A 76 -4.11 8.58 -16.02
CA GLU A 76 -3.11 7.49 -15.86
C GLU A 76 -2.02 7.93 -14.88
N ASP A 77 -2.38 8.67 -13.87
CA ASP A 77 -1.36 9.13 -12.88
C ASP A 77 -2.05 9.50 -11.58
N GLY A 78 -2.79 10.58 -11.58
CA GLY A 78 -3.50 11.02 -10.33
C GLY A 78 -2.79 12.24 -9.74
N SER A 79 -2.17 13.02 -10.56
CA SER A 79 -1.44 14.22 -10.05
C SER A 79 -2.47 15.31 -9.69
N ASP A 80 -3.67 15.19 -10.18
CA ASP A 80 -4.72 16.19 -9.87
C ASP A 80 -6.08 15.65 -10.28
N CYS A 81 -6.31 14.38 -10.06
CA CYS A 81 -7.62 13.77 -10.43
C CYS A 81 -7.88 12.55 -9.55
N GLY A 82 -9.12 12.15 -9.43
CA GLY A 82 -9.45 10.96 -8.59
C GLY A 82 -8.72 11.06 -7.25
N ASP A 83 -8.23 12.23 -6.90
CA ASP A 83 -7.51 12.37 -5.60
C ASP A 83 -7.52 13.84 -5.18
N ALA A 84 -6.80 14.17 -4.14
CA ALA A 84 -6.78 15.59 -3.68
C ALA A 84 -5.66 15.76 -2.66
N ASP A 85 -4.85 14.76 -2.48
CA ASP A 85 -3.74 14.87 -1.49
C ASP A 85 -2.77 13.71 -1.68
N PHE A 86 -1.56 13.99 -2.10
CA PHE A 86 -0.57 12.89 -2.31
C PHE A 86 -0.05 12.42 -0.96
N ASP A 87 -0.12 13.24 0.04
CA ASP A 87 0.37 12.84 1.39
C ASP A 87 -0.42 11.62 1.87
N TRP A 88 -0.09 11.10 3.02
CA TRP A 88 -0.82 9.91 3.55
C TRP A 88 -0.42 9.68 5.01
N HIS A 89 -0.79 8.55 5.55
CA HIS A 89 -0.43 8.26 6.97
C HIS A 89 -0.41 6.74 7.20
N HIS A 90 0.74 6.19 7.48
CA HIS A 90 0.83 4.72 7.71
C HIS A 90 0.02 4.34 8.96
N THR A 91 0.57 4.57 10.12
CA THR A 91 -0.16 4.23 11.37
C THR A 91 0.27 5.20 12.48
N PHE A 92 -0.63 5.52 13.37
CA PHE A 92 -0.28 6.47 14.47
C PHE A 92 0.66 5.75 15.46
N PRO A 93 1.53 6.49 16.13
CA PRO A 93 2.46 5.88 17.10
C PRO A 93 1.65 5.10 18.16
N SER A 94 0.98 5.80 19.03
CA SER A 94 0.18 5.11 20.09
C SER A 94 -1.01 4.40 19.45
N ARG A 95 -1.18 3.14 19.72
CA ARG A 95 -2.33 2.39 19.12
C ARG A 95 -3.63 2.94 19.68
N GLY A 96 -3.95 2.64 20.91
CA GLY A 96 -5.21 3.15 21.50
C GLY A 96 -5.31 2.70 22.96
N ASN A 97 -4.24 2.21 23.52
CA ASN A 97 -4.26 1.76 24.93
C ASN A 97 -4.58 2.95 25.84
N LEU A 98 -5.37 2.74 26.85
CA LEU A 98 -5.73 3.86 27.77
C LEU A 98 -4.48 4.24 28.59
N ASP A 99 -3.77 5.25 28.19
CA ASP A 99 -2.56 5.66 28.95
C ASP A 99 -2.97 6.10 30.36
N ASP A 100 -2.12 5.91 31.32
CA ASP A 100 -2.45 6.32 32.72
C ASP A 100 -2.68 7.82 32.77
N PHE A 101 -3.33 8.30 33.79
CA PHE A 101 -3.59 9.77 33.89
C PHE A 101 -2.26 10.50 34.11
N PHE A 102 -1.45 10.03 35.01
CA PHE A 102 -0.15 10.70 35.27
C PHE A 102 0.78 10.50 34.07
N HIS A 103 0.58 11.26 33.03
CA HIS A 103 1.45 11.11 31.82
C HIS A 103 2.90 11.44 32.20
N ARG A 104 3.10 12.20 33.24
CA ARG A 104 4.48 12.55 33.65
C ARG A 104 5.30 11.27 33.86
N ASP A 105 6.60 11.37 33.79
CA ASP A 105 7.45 10.16 33.99
C ASP A 105 7.08 9.49 35.31
N LYS A 106 7.22 10.19 36.40
CA LYS A 106 6.89 9.59 37.72
C LYS A 106 6.88 10.69 38.79
N ASP A 107 7.21 10.35 40.01
CA ASP A 107 7.22 11.38 41.09
C ASP A 107 5.85 12.06 41.16
N ASP A 108 5.61 12.84 42.17
CA ASP A 108 4.30 13.54 42.30
C ASP A 108 4.40 14.63 43.36
N PHE A 109 3.36 15.41 43.52
CA PHE A 109 3.40 16.49 44.54
C PHE A 109 3.17 15.88 45.93
N PHE A 110 2.17 15.05 46.06
CA PHE A 110 1.89 14.43 47.39
C PHE A 110 2.95 13.35 47.68
N THR A 111 4.02 13.72 48.33
CA THR A 111 5.07 12.72 48.63
C THR A 111 4.65 11.89 49.85
N ARG A 112 3.84 10.89 49.65
CA ARG A 112 3.38 10.05 50.80
C ARG A 112 2.67 8.81 50.26
N SER A 113 1.46 8.97 49.81
CA SER A 113 0.70 7.79 49.27
C SER A 113 0.76 6.65 50.28
N SER A 114 0.98 6.96 51.53
CA SER A 114 1.05 5.89 52.57
C SER A 114 2.22 4.95 52.25
N HIS A 115 2.93 4.52 53.26
CA HIS A 115 4.08 3.60 53.02
C HIS A 115 3.56 2.19 52.72
N GLU A 116 2.29 2.07 52.43
CA GLU A 116 1.72 0.73 52.13
C GLU A 116 2.08 -0.24 53.26
N PHE A 117 1.78 0.14 54.48
CA PHE A 117 2.10 -0.77 55.63
C PHE A 117 3.56 -1.20 55.54
N ASP A 118 3.81 -2.39 55.07
CA ASP A 118 5.22 -2.87 54.97
C ASP A 118 5.91 -2.71 56.33
N GLY A 119 7.20 -2.45 56.32
CA GLY A 119 7.92 -2.29 57.61
C GLY A 119 7.30 -1.15 58.42
N ARG A 120 6.29 -1.44 59.18
CA ARG A 120 5.64 -0.36 59.99
C ARG A 120 4.69 -0.99 61.01
N THR A 121 4.84 -0.66 62.26
CA THR A 121 3.95 -1.25 63.30
C THR A 121 2.53 -0.70 63.13
N GLY A 122 1.54 -1.53 63.29
CA GLY A 122 0.14 -1.05 63.13
C GLY A 122 -0.25 -0.19 64.34
N LEU A 123 -0.88 -0.78 65.31
CA LEU A 123 -1.28 0.01 66.51
C LEU A 123 -0.03 0.49 67.25
N ALA A 124 0.08 1.76 67.52
CA ALA A 124 1.28 2.28 68.23
C ALA A 124 1.12 1.98 69.73
N PRO A 125 2.21 2.04 70.47
CA PRO A 125 2.18 1.78 71.93
C PRO A 125 1.17 2.72 72.59
N GLU A 126 0.62 2.32 73.71
CA GLU A 126 -0.38 3.19 74.40
C GLU A 126 0.35 4.27 75.21
N PHE A 127 1.60 4.52 74.90
CA PHE A 127 2.37 5.57 75.64
C PHE A 127 3.35 6.24 74.69
N ALA A 128 3.01 7.40 74.20
CA ALA A 128 3.92 8.11 73.27
C ALA A 128 5.05 8.79 74.07
N ALA A 129 6.25 8.30 73.93
CA ALA A 129 7.39 8.90 74.68
C ALA A 129 7.85 10.18 73.97
N LEU A 130 8.43 10.04 72.81
CA LEU A 130 8.90 11.24 72.06
C LEU A 130 9.84 12.06 72.97
N GLY A 131 9.32 13.07 73.60
CA GLY A 131 10.18 13.91 74.49
C GLY A 131 9.37 15.08 75.04
N GLU A 132 8.09 15.07 74.85
CA GLU A 132 7.25 16.18 75.36
C GLU A 132 7.40 16.27 76.88
N SER A 133 7.99 15.28 77.48
CA SER A 133 8.18 15.31 78.97
C SER A 133 9.08 14.15 79.39
N GLY A 134 10.00 14.40 80.29
CA GLY A 134 10.91 13.31 80.74
C GLY A 134 11.91 13.88 81.75
N SER A 135 11.54 13.96 82.99
CA SER A 135 12.47 14.51 84.01
C SER A 135 13.67 13.58 84.17
N SER A 136 13.51 12.32 83.84
CA SER A 136 14.63 11.35 83.96
C SER A 136 14.27 10.07 83.21
N SER A 137 15.19 9.14 83.15
CA SER A 137 14.91 7.87 82.43
C SER A 137 16.02 6.86 82.75
N SER A 138 16.56 6.91 83.93
CA SER A 138 17.64 5.96 84.30
C SER A 138 17.12 4.53 84.20
N LYS A 139 16.12 4.20 84.97
CA LYS A 139 15.57 2.80 84.91
C LYS A 139 16.71 1.80 85.06
N THR A 140 17.07 1.47 86.26
CA THR A 140 18.18 0.49 86.47
C THR A 140 17.64 -0.93 86.31
N SER A 141 18.48 -1.86 85.95
CA SER A 141 18.01 -3.27 85.79
C SER A 141 19.23 -4.19 85.68
N THR A 142 20.39 -3.71 86.01
CA THR A 142 21.61 -4.57 85.92
C THR A 142 21.47 -5.74 86.90
N HIS A 143 22.56 -6.22 87.42
CA HIS A 143 22.49 -7.37 88.37
C HIS A 143 21.66 -6.96 89.60
N SER A 144 20.40 -7.29 89.61
CA SER A 144 19.55 -6.92 90.78
C SER A 144 20.08 -7.61 92.04
N LYS A 145 21.07 -8.44 91.90
CA LYS A 145 21.63 -9.14 93.08
C LYS A 145 22.16 -8.10 94.08
N GLN A 146 21.77 -8.22 95.33
CA GLN A 146 22.25 -7.24 96.35
C GLN A 146 22.28 -7.91 97.72
N PHE A 147 21.19 -7.89 98.43
CA PHE A 147 21.15 -8.54 99.78
C PHE A 147 22.29 -8.00 100.62
N VAL A 148 22.79 -8.79 101.54
CA VAL A 148 23.91 -8.31 102.41
C VAL A 148 25.11 -7.95 101.53
N SER A 149 25.20 -8.53 100.37
CA SER A 149 26.35 -8.22 99.47
C SER A 149 27.66 -8.42 100.23
N SER A 150 28.75 -7.98 99.67
CA SER A 150 30.07 -8.14 100.37
C SER A 150 30.09 -7.28 101.63
N SER A 151 30.06 -7.90 102.78
CA SER A 151 30.08 -7.11 104.05
C SER A 151 30.24 -8.06 105.24
N THR A 152 31.01 -7.67 106.22
CA THR A 152 31.19 -8.55 107.41
C THR A 152 29.86 -8.71 108.14
N THR A 153 29.46 -9.93 108.38
CA THR A 153 28.16 -10.16 109.09
C THR A 153 28.08 -11.62 109.54
N VAL A 154 28.01 -12.53 108.62
CA VAL A 154 27.94 -13.97 109.00
C VAL A 154 29.17 -14.36 109.81
N ASN A 155 29.20 -14.04 111.08
CA ASN A 155 30.38 -14.40 111.91
C ASN A 155 30.43 -15.93 112.08
N ARG A 156 30.42 -16.64 110.99
CA ARG A 156 30.48 -18.14 111.07
C ARG A 156 31.94 -18.59 111.04
N GLY A 157 32.26 -19.64 111.75
CA GLY A 157 33.66 -20.14 111.77
C GLY A 157 33.74 -21.45 112.56
N GLY A 158 34.86 -21.71 113.17
CA GLY A 158 34.99 -22.96 113.96
C GLY A 158 34.35 -22.78 115.34
N SER A 159 33.21 -23.38 115.55
CA SER A 159 32.54 -23.23 116.88
C SER A 159 31.38 -24.24 116.97
N ALA A 160 31.08 -24.90 115.90
CA ALA A 160 29.97 -25.90 115.92
C ALA A 160 29.91 -26.65 114.59
N ILE A 161 29.20 -27.74 114.54
CA ILE A 161 29.11 -28.51 113.27
C ILE A 161 30.52 -28.88 112.80
N GLU A 162 30.94 -28.38 111.66
CA GLU A 162 32.31 -28.71 111.16
C GLU A 162 33.33 -27.81 111.85
N SER A 163 34.53 -27.78 111.35
CA SER A 163 35.57 -26.91 111.98
C SER A 163 36.83 -26.92 111.12
N LYS A 164 36.97 -25.97 110.23
CA LYS A 164 38.17 -25.92 109.36
C LYS A 164 39.41 -25.60 110.21
N HIS A 165 40.23 -26.58 110.47
CA HIS A 165 41.45 -26.33 111.29
C HIS A 165 42.40 -25.41 110.52
N PHE A 166 42.48 -24.17 110.93
CA PHE A 166 43.39 -23.21 110.24
C PHE A 166 44.84 -23.67 110.42
N MET A 1 -54.04 34.97 -69.43
CA MET A 1 -54.36 36.43 -69.41
C MET A 1 -53.95 37.02 -68.06
N GLY A 2 -54.72 36.78 -67.03
CA GLY A 2 -54.37 37.34 -65.70
C GLY A 2 -53.22 36.54 -65.09
N THR A 3 -52.01 37.02 -65.23
CA THR A 3 -50.85 36.28 -64.66
C THR A 3 -50.98 36.20 -63.15
N PHE A 4 -51.51 37.22 -62.53
CA PHE A 4 -51.67 37.21 -61.05
C PHE A 4 -52.81 36.25 -60.67
N ARG A 5 -53.87 36.24 -61.44
CA ARG A 5 -55.01 35.33 -61.12
C ARG A 5 -55.71 34.93 -62.42
N GLU A 6 -56.13 33.70 -62.52
CA GLU A 6 -56.82 33.24 -63.76
C GLU A 6 -57.91 34.24 -64.14
N GLU A 7 -58.46 34.93 -63.17
CA GLU A 7 -59.52 35.92 -63.47
C GLU A 7 -59.78 36.80 -62.24
N GLY A 8 -60.28 36.21 -61.19
CA GLY A 8 -60.55 37.01 -59.95
C GLY A 8 -61.69 38.00 -60.23
N SER A 9 -62.65 38.07 -59.36
CA SER A 9 -63.78 39.02 -59.56
C SER A 9 -64.62 39.10 -58.27
N VAL A 10 -65.25 40.21 -58.04
CA VAL A 10 -66.07 40.36 -56.81
C VAL A 10 -67.28 39.43 -56.91
N SER A 11 -68.26 39.62 -56.06
CA SER A 11 -69.48 38.76 -56.10
C SER A 11 -70.57 39.37 -55.24
N SER A 12 -70.74 38.88 -54.04
CA SER A 12 -71.80 39.43 -53.14
C SER A 12 -71.68 38.79 -51.75
N GLY A 13 -72.50 39.20 -50.83
CA GLY A 13 -72.43 38.62 -49.46
C GLY A 13 -73.46 39.31 -48.56
N THR A 14 -74.72 39.07 -48.79
CA THR A 14 -75.77 39.70 -47.95
C THR A 14 -75.80 39.03 -46.57
N LYS A 15 -74.66 38.67 -46.05
CA LYS A 15 -74.62 38.01 -44.72
C LYS A 15 -73.17 37.84 -44.27
N GLN A 16 -72.46 38.93 -44.11
CA GLN A 16 -71.05 38.84 -43.68
C GLN A 16 -70.58 40.22 -43.18
N GLU A 17 -71.32 40.82 -42.29
CA GLU A 17 -70.92 42.15 -41.77
C GLU A 17 -69.79 41.99 -40.74
N PHE A 18 -69.82 40.93 -39.98
CA PHE A 18 -68.77 40.71 -38.96
C PHE A 18 -68.62 41.97 -38.09
N HIS A 19 -69.20 41.96 -36.92
CA HIS A 19 -69.09 43.16 -36.03
C HIS A 19 -69.14 42.70 -34.57
N THR A 20 -68.35 41.71 -34.22
CA THR A 20 -68.34 41.22 -32.82
C THR A 20 -67.11 40.34 -32.60
N GLY A 21 -66.02 40.92 -32.19
CA GLY A 21 -64.79 40.11 -31.95
C GLY A 21 -63.69 41.00 -31.38
N LYS A 22 -63.08 40.60 -30.30
CA LYS A 22 -61.99 41.42 -29.69
C LYS A 22 -60.63 40.87 -30.12
N LEU A 23 -60.18 41.24 -31.29
CA LEU A 23 -58.86 40.72 -31.77
C LEU A 23 -57.74 41.37 -30.97
N VAL A 24 -56.68 40.64 -30.72
CA VAL A 24 -55.54 41.22 -29.95
C VAL A 24 -54.94 42.38 -30.73
N THR A 25 -53.95 43.03 -30.18
CA THR A 25 -53.30 44.18 -30.89
C THR A 25 -51.79 44.10 -30.70
N THR A 26 -51.19 43.01 -31.10
CA THR A 26 -49.71 42.86 -30.95
C THR A 26 -49.01 43.94 -31.78
N LYS A 27 -47.99 44.55 -31.24
CA LYS A 27 -47.26 45.60 -32.01
C LYS A 27 -46.31 44.94 -33.00
N GLY A 28 -45.59 43.94 -32.57
CA GLY A 28 -44.64 43.24 -33.49
C GLY A 28 -43.34 42.94 -32.74
N ASP A 29 -42.24 43.49 -33.18
CA ASP A 29 -40.95 43.24 -32.48
C ASP A 29 -39.87 44.14 -33.07
N LYS A 30 -38.85 44.44 -32.31
CA LYS A 30 -37.77 45.32 -32.83
C LYS A 30 -37.08 44.64 -34.01
N GLU A 31 -36.28 43.63 -33.75
CA GLU A 31 -35.59 42.94 -34.87
C GLU A 31 -34.93 41.66 -34.34
N LEU A 32 -35.38 40.52 -34.78
CA LEU A 32 -34.78 39.24 -34.30
C LEU A 32 -33.45 39.00 -35.01
N LEU A 33 -33.29 39.55 -36.18
CA LEU A 33 -32.00 39.35 -36.92
C LEU A 33 -30.88 40.04 -36.16
N ILE A 34 -29.88 39.31 -35.75
CA ILE A 34 -28.75 39.92 -35.01
C ILE A 34 -29.29 40.72 -33.82
N ASP A 35 -29.63 40.06 -32.75
CA ASP A 35 -30.17 40.78 -31.56
C ASP A 35 -29.04 41.56 -30.90
N ASN A 36 -29.37 42.39 -29.95
CA ASN A 36 -28.32 43.19 -29.24
C ASN A 36 -27.44 42.26 -28.41
N GLU A 37 -26.56 41.52 -29.04
CA GLU A 37 -25.67 40.59 -28.30
C GLU A 37 -24.25 40.66 -28.88
N LYS A 38 -23.48 39.64 -28.70
CA LYS A 38 -22.07 39.64 -29.24
C LYS A 38 -21.69 38.22 -29.69
N VAL A 39 -20.44 37.86 -29.55
CA VAL A 39 -20.01 36.50 -29.96
C VAL A 39 -20.12 35.54 -28.77
N THR A 40 -20.24 34.26 -29.04
CA THR A 40 -20.35 33.28 -27.92
C THR A 40 -20.15 31.86 -28.47
N SER A 41 -18.98 31.60 -29.02
CA SER A 41 -18.73 30.24 -29.58
C SER A 41 -18.51 29.25 -28.43
N GLY A 42 -17.92 28.12 -28.71
CA GLY A 42 -17.68 27.11 -27.65
C GLY A 42 -16.91 25.92 -28.22
N HIS A 43 -16.14 25.25 -27.40
CA HIS A 43 -15.37 24.09 -27.90
C HIS A 43 -16.29 22.88 -28.04
N THR A 44 -17.32 22.99 -28.83
CA THR A 44 -18.26 21.85 -29.00
C THR A 44 -17.55 20.71 -29.74
N THR A 45 -16.37 20.96 -30.25
CA THR A 45 -15.63 19.89 -30.97
C THR A 45 -15.32 18.74 -30.02
N THR A 46 -16.18 17.77 -29.94
CA THR A 46 -15.94 16.62 -29.02
C THR A 46 -15.62 17.15 -27.62
N THR A 47 -16.62 17.53 -26.88
CA THR A 47 -16.37 18.06 -25.51
C THR A 47 -15.78 16.95 -24.64
N ARG A 48 -14.70 17.24 -23.96
CA ARG A 48 -14.06 16.20 -23.09
C ARG A 48 -13.45 16.88 -21.86
N ARG A 49 -13.40 16.20 -20.75
CA ARG A 49 -12.83 16.80 -19.51
C ARG A 49 -11.35 16.44 -19.39
N SER A 50 -10.52 17.38 -19.07
CA SER A 50 -9.06 17.09 -18.92
C SER A 50 -8.84 16.12 -17.77
N CYS A 51 -7.61 15.70 -17.55
CA CYS A 51 -7.34 14.75 -16.43
C CYS A 51 -8.37 13.62 -16.48
N SER A 52 -9.11 13.41 -15.42
CA SER A 52 -10.14 12.33 -15.44
C SER A 52 -11.01 12.55 -16.68
N LYS A 53 -10.76 11.81 -17.74
CA LYS A 53 -11.56 12.00 -18.97
C LYS A 53 -12.93 11.34 -18.82
N VAL A 54 -13.94 12.12 -18.55
CA VAL A 54 -15.32 11.58 -18.41
C VAL A 54 -16.13 11.98 -19.65
N ILE A 55 -16.53 11.02 -20.44
CA ILE A 55 -17.33 11.32 -21.67
C ILE A 55 -18.59 10.44 -21.68
N THR A 56 -19.75 11.05 -21.82
CA THR A 56 -21.03 10.26 -21.83
C THR A 56 -21.84 10.66 -23.07
N LYS A 57 -22.09 9.70 -23.94
CA LYS A 57 -22.93 10.01 -25.18
C LYS A 57 -24.06 8.99 -25.27
N THR A 58 -25.29 9.44 -25.13
CA THR A 58 -26.47 8.51 -25.19
C THR A 58 -27.33 8.85 -26.41
N VAL A 59 -27.69 7.85 -27.18
CA VAL A 59 -28.55 8.09 -28.38
C VAL A 59 -29.70 7.07 -28.38
N THR A 60 -30.92 7.54 -28.33
CA THR A 60 -32.10 6.63 -28.32
C THR A 60 -32.86 6.74 -29.65
N ASN A 61 -33.23 5.63 -30.24
CA ASN A 61 -33.98 5.68 -31.54
C ASN A 61 -35.14 4.66 -31.52
N ALA A 62 -35.99 4.67 -32.53
CA ALA A 62 -37.16 3.73 -32.54
C ALA A 62 -36.73 2.25 -32.59
N ASP A 63 -35.74 1.91 -33.37
CA ASP A 63 -35.36 0.48 -33.46
C ASP A 63 -34.73 0.01 -32.14
N GLY A 64 -34.72 0.86 -31.15
CA GLY A 64 -34.14 0.46 -29.84
C GLY A 64 -32.66 0.84 -29.78
N ARG A 65 -32.16 1.58 -30.74
CA ARG A 65 -30.73 1.96 -30.69
C ARG A 65 -30.51 2.84 -29.46
N THR A 66 -30.41 2.24 -28.30
CA THR A 66 -30.21 3.00 -27.04
C THR A 66 -28.81 2.72 -26.52
N GLU A 67 -27.81 3.25 -27.18
CA GLU A 67 -26.40 3.00 -26.73
C GLU A 67 -25.93 4.11 -25.80
N THR A 68 -25.37 3.76 -24.67
CA THR A 68 -24.88 4.80 -23.70
C THR A 68 -23.36 4.81 -23.70
N THR A 69 -22.77 5.84 -24.23
CA THR A 69 -21.29 5.93 -24.24
C THR A 69 -20.84 6.46 -22.88
N LYS A 70 -21.49 6.00 -21.84
CA LYS A 70 -21.11 6.44 -20.45
C LYS A 70 -19.71 5.91 -20.13
N GLU A 71 -18.74 6.22 -20.96
CA GLU A 71 -17.35 5.74 -20.70
C GLU A 71 -16.59 6.74 -19.82
N VAL A 72 -15.95 6.27 -18.79
CA VAL A 72 -15.17 7.16 -17.88
C VAL A 72 -13.75 6.60 -17.75
N VAL A 73 -12.74 7.43 -17.80
CA VAL A 73 -11.33 6.93 -17.66
C VAL A 73 -10.63 7.73 -16.59
N LYS A 74 -10.23 7.07 -15.56
CA LYS A 74 -9.52 7.76 -14.43
C LYS A 74 -8.04 7.90 -14.78
N SER A 75 -7.49 6.97 -15.52
CA SER A 75 -6.04 7.08 -15.90
C SER A 75 -5.90 8.02 -17.08
N GLU A 76 -4.92 7.78 -17.93
CA GLU A 76 -4.73 8.67 -19.11
C GLU A 76 -4.51 10.11 -18.64
N ASP A 77 -3.34 10.42 -18.14
CA ASP A 77 -3.06 11.82 -17.65
C ASP A 77 -3.97 12.13 -16.46
N GLY A 78 -4.88 11.25 -16.14
CA GLY A 78 -5.79 11.50 -14.98
C GLY A 78 -5.12 11.01 -13.71
N SER A 79 -4.60 9.80 -13.71
CA SER A 79 -3.93 9.27 -12.49
C SER A 79 -2.92 10.31 -11.99
N ASP A 80 -2.29 11.01 -12.90
CA ASP A 80 -1.28 12.04 -12.49
C ASP A 80 -1.97 13.41 -12.40
N CYS A 81 -3.24 13.43 -12.14
CA CYS A 81 -3.96 14.74 -12.04
C CYS A 81 -5.23 14.55 -11.21
N GLY A 82 -6.09 13.66 -11.63
CA GLY A 82 -7.35 13.43 -10.86
C GLY A 82 -7.02 12.80 -9.52
N ASP A 83 -6.01 11.97 -9.47
CA ASP A 83 -5.65 11.31 -8.19
C ASP A 83 -5.17 12.38 -7.19
N ALA A 84 -4.16 12.07 -6.42
CA ALA A 84 -3.65 13.08 -5.44
C ALA A 84 -2.37 12.55 -4.78
N ASP A 85 -1.25 12.71 -5.45
CA ASP A 85 0.05 12.24 -4.89
C ASP A 85 -0.13 10.86 -4.24
N PHE A 86 -0.08 9.82 -5.02
CA PHE A 86 -0.24 8.45 -4.44
C PHE A 86 0.22 7.41 -5.46
N ASP A 87 1.44 6.96 -5.35
CA ASP A 87 1.95 5.95 -6.31
C ASP A 87 3.28 5.39 -5.81
N TRP A 88 3.26 4.28 -5.13
CA TRP A 88 4.53 3.69 -4.62
C TRP A 88 4.26 2.28 -4.10
N HIS A 89 4.40 1.29 -4.93
CA HIS A 89 4.15 -0.11 -4.49
C HIS A 89 5.10 -0.45 -3.34
N HIS A 90 5.15 -1.70 -2.96
CA HIS A 90 6.06 -2.10 -1.85
C HIS A 90 7.51 -2.07 -2.34
N THR A 91 8.43 -1.78 -1.46
CA THR A 91 9.86 -1.74 -1.88
C THR A 91 10.30 -3.13 -2.32
N PHE A 92 11.58 -3.32 -2.53
CA PHE A 92 12.07 -4.66 -2.95
C PHE A 92 13.57 -4.78 -2.64
N PRO A 93 13.90 -4.84 -1.36
CA PRO A 93 15.31 -4.94 -0.93
C PRO A 93 15.91 -6.26 -1.45
N SER A 94 17.17 -6.26 -1.77
CA SER A 94 17.81 -7.50 -2.28
C SER A 94 18.12 -8.44 -1.10
N ARG A 95 18.37 -9.69 -1.38
CA ARG A 95 18.68 -10.64 -0.27
C ARG A 95 20.03 -10.28 0.36
N GLY A 96 20.61 -9.17 -0.05
CA GLY A 96 21.92 -8.78 0.52
C GLY A 96 22.99 -9.78 0.12
N ASN A 97 22.73 -10.58 -0.88
CA ASN A 97 23.73 -11.58 -1.33
C ASN A 97 24.97 -10.86 -1.85
N LEU A 98 26.14 -11.39 -1.60
CA LEU A 98 27.38 -10.73 -2.09
C LEU A 98 27.46 -9.32 -1.51
N ASP A 99 28.25 -9.12 -0.49
CA ASP A 99 28.38 -7.76 0.12
C ASP A 99 28.78 -6.76 -0.96
N ASP A 100 28.23 -5.58 -0.91
CA ASP A 100 28.58 -4.55 -1.94
C ASP A 100 28.19 -3.16 -1.41
N PHE A 101 26.92 -2.86 -1.39
CA PHE A 101 26.48 -1.52 -0.89
C PHE A 101 26.74 -1.43 0.61
N PHE A 102 26.20 -2.34 1.38
CA PHE A 102 26.41 -2.32 2.85
C PHE A 102 27.55 -3.28 3.22
N HIS A 103 28.74 -2.78 3.39
CA HIS A 103 29.88 -3.66 3.74
C HIS A 103 29.54 -4.48 4.99
N ARG A 104 28.62 -4.01 5.78
CA ARG A 104 28.24 -4.77 7.01
C ARG A 104 29.48 -4.98 7.87
N ASP A 105 30.09 -3.93 8.33
CA ASP A 105 31.31 -4.09 9.17
C ASP A 105 31.59 -2.77 9.90
N LYS A 106 30.71 -1.81 9.77
CA LYS A 106 30.92 -0.50 10.46
C LYS A 106 32.26 0.09 10.01
N ASP A 107 33.12 0.44 10.93
CA ASP A 107 34.43 1.03 10.54
C ASP A 107 35.36 -0.08 10.05
N ASP A 108 36.60 0.24 9.81
CA ASP A 108 37.56 -0.80 9.33
C ASP A 108 38.99 -0.36 9.63
N PHE A 109 39.19 0.93 9.77
CA PHE A 109 40.56 1.44 10.07
C PHE A 109 40.85 1.27 11.56
N PHE A 110 39.87 0.84 12.32
CA PHE A 110 40.06 0.65 13.79
C PHE A 110 40.86 1.82 14.38
N THR A 111 41.32 1.68 15.59
CA THR A 111 42.11 2.77 16.24
C THR A 111 43.04 2.17 17.29
N ARG A 112 42.49 1.54 18.28
CA ARG A 112 43.34 0.92 19.34
C ARG A 112 44.13 -0.24 18.75
N SER A 113 45.10 -0.74 19.46
CA SER A 113 45.91 -1.87 18.93
C SER A 113 46.52 -2.66 20.09
N SER A 114 47.46 -2.08 20.79
CA SER A 114 48.08 -2.80 21.94
C SER A 114 47.04 -2.99 23.05
N HIS A 115 46.42 -4.15 23.09
CA HIS A 115 45.40 -4.40 24.14
C HIS A 115 46.08 -4.46 25.51
N GLU A 116 47.33 -4.84 25.54
CA GLU A 116 48.05 -4.92 26.84
C GLU A 116 48.24 -3.51 27.40
N PHE A 117 47.26 -3.01 28.11
CA PHE A 117 47.38 -1.64 28.68
C PHE A 117 48.46 -1.64 29.76
N ASP A 118 48.21 -2.27 30.88
CA ASP A 118 49.22 -2.31 31.97
C ASP A 118 50.48 -3.02 31.47
N GLY A 119 51.58 -2.32 31.38
CA GLY A 119 52.84 -2.97 30.90
C GLY A 119 54.01 -2.01 31.10
N ARG A 120 54.01 -0.90 30.41
CA ARG A 120 55.12 0.10 30.53
C ARG A 120 56.43 -0.51 30.04
N THR A 121 56.70 -1.75 30.39
CA THR A 121 57.97 -2.38 29.94
C THR A 121 57.93 -2.57 28.43
N GLY A 122 58.69 -3.50 27.91
CA GLY A 122 58.70 -3.73 26.44
C GLY A 122 59.50 -5.00 26.13
N LEU A 123 59.85 -5.19 24.89
CA LEU A 123 60.63 -6.41 24.52
C LEU A 123 62.04 -6.31 25.11
N ALA A 124 62.52 -7.37 25.69
CA ALA A 124 63.88 -7.34 26.29
C ALA A 124 64.92 -7.36 25.16
N PRO A 125 66.16 -6.98 25.47
CA PRO A 125 67.22 -6.97 24.45
C PRO A 125 67.37 -8.37 23.83
N GLU A 126 67.40 -8.46 22.54
CA GLU A 126 67.54 -9.79 21.88
C GLU A 126 68.98 -10.27 22.01
N PHE A 127 69.78 -9.57 22.78
CA PHE A 127 71.21 -9.99 22.96
C PHE A 127 71.70 -9.53 24.34
N ALA A 128 71.22 -10.14 25.39
CA ALA A 128 71.65 -9.74 26.75
C ALA A 128 73.03 -10.34 27.04
N ALA A 129 73.49 -11.24 26.21
CA ALA A 129 74.82 -11.86 26.45
C ALA A 129 74.87 -12.45 27.86
N LEU A 130 74.25 -13.59 28.05
CA LEU A 130 74.26 -14.21 29.41
C LEU A 130 75.64 -14.83 29.67
N GLY A 131 76.38 -14.27 30.58
CA GLY A 131 77.73 -14.82 30.89
C GLY A 131 78.03 -14.62 32.39
N GLU A 132 77.85 -13.43 32.88
CA GLU A 132 78.11 -13.18 34.33
C GLU A 132 77.09 -13.93 35.18
N SER A 133 75.89 -13.44 35.26
CA SER A 133 74.85 -14.12 36.06
C SER A 133 74.26 -15.28 35.27
N GLY A 134 74.58 -16.49 35.65
CA GLY A 134 74.03 -17.67 34.92
C GLY A 134 74.40 -18.96 35.66
N SER A 135 74.34 -20.07 34.99
CA SER A 135 74.69 -21.36 35.66
C SER A 135 76.18 -21.39 36.00
N SER A 136 76.51 -21.48 37.26
CA SER A 136 77.94 -21.50 37.65
C SER A 136 78.57 -22.83 37.22
N SER A 137 77.76 -23.78 36.85
CA SER A 137 78.32 -25.08 36.40
C SER A 137 79.29 -25.61 37.46
N SER A 138 80.56 -25.45 37.24
CA SER A 138 81.56 -25.94 38.23
C SER A 138 81.25 -27.40 38.60
N LYS A 139 80.60 -27.62 39.71
CA LYS A 139 80.27 -29.01 40.11
C LYS A 139 79.30 -28.98 41.29
N THR A 140 78.58 -30.05 41.51
CA THR A 140 77.61 -30.08 42.63
C THR A 140 77.22 -31.53 42.93
N SER A 141 77.52 -32.00 44.11
CA SER A 141 77.16 -33.41 44.45
C SER A 141 77.46 -33.66 45.93
N THR A 142 78.55 -33.14 46.42
CA THR A 142 78.89 -33.35 47.86
C THR A 142 78.85 -34.84 48.18
N HIS A 143 79.46 -35.65 47.35
CA HIS A 143 79.47 -37.12 47.61
C HIS A 143 80.51 -37.44 48.68
N SER A 144 80.68 -38.70 48.99
CA SER A 144 81.69 -39.09 50.03
C SER A 144 81.87 -40.61 50.02
N LYS A 145 81.20 -41.30 50.90
CA LYS A 145 81.34 -42.78 50.96
C LYS A 145 82.81 -43.15 51.11
N GLN A 146 83.53 -42.42 51.93
CA GLN A 146 84.97 -42.73 52.13
C GLN A 146 85.12 -44.17 52.64
N PHE A 147 86.12 -44.87 52.16
CA PHE A 147 86.31 -46.28 52.62
C PHE A 147 86.97 -46.28 54.00
N VAL A 148 87.61 -45.19 54.35
CA VAL A 148 88.27 -45.13 55.70
C VAL A 148 87.20 -45.13 56.79
N SER A 149 86.13 -44.41 56.59
CA SER A 149 85.06 -44.36 57.62
C SER A 149 85.67 -44.00 58.98
N SER A 150 86.38 -42.90 59.05
CA SER A 150 87.00 -42.49 60.33
C SER A 150 88.00 -43.55 60.79
N SER A 151 89.08 -43.15 61.39
CA SER A 151 90.09 -44.15 61.86
C SER A 151 91.20 -43.43 62.63
N THR A 152 91.95 -42.59 61.95
CA THR A 152 93.06 -41.87 62.64
C THR A 152 93.93 -42.86 63.41
N THR A 153 94.97 -42.39 64.04
CA THR A 153 95.86 -43.31 64.80
C THR A 153 95.16 -43.77 66.07
N VAL A 154 95.72 -44.72 66.76
CA VAL A 154 95.09 -45.21 68.02
C VAL A 154 96.19 -45.72 68.96
N ASN A 155 97.05 -44.86 69.41
CA ASN A 155 98.14 -45.29 70.33
C ASN A 155 98.64 -44.09 71.13
N ARG A 156 98.60 -44.17 72.44
CA ARG A 156 99.07 -43.04 73.28
C ARG A 156 100.49 -43.32 73.79
N GLY A 157 101.01 -42.48 74.62
CA GLY A 157 102.39 -42.72 75.14
C GLY A 157 102.52 -44.15 75.64
N GLY A 158 101.96 -44.45 76.78
CA GLY A 158 102.04 -45.84 77.32
C GLY A 158 101.08 -46.74 76.56
N SER A 159 101.45 -47.97 76.33
CA SER A 159 100.54 -48.89 75.59
C SER A 159 101.02 -50.34 75.79
N ALA A 160 101.87 -50.57 76.76
CA ALA A 160 102.37 -51.95 76.99
C ALA A 160 103.18 -51.98 78.29
N ILE A 161 103.90 -53.04 78.53
CA ILE A 161 104.70 -53.13 79.78
C ILE A 161 105.68 -54.30 79.67
N GLU A 162 106.88 -54.05 79.23
CA GLU A 162 107.88 -55.14 79.10
C GLU A 162 107.25 -56.32 78.36
N SER A 163 107.64 -57.51 78.70
CA SER A 163 107.06 -58.71 78.02
C SER A 163 107.38 -59.97 78.83
N LYS A 164 107.25 -59.89 80.13
CA LYS A 164 107.55 -61.08 80.97
C LYS A 164 107.07 -60.83 82.40
N HIS A 165 105.78 -60.74 82.59
CA HIS A 165 105.25 -60.48 83.96
C HIS A 165 105.62 -61.66 84.88
N PHE A 166 105.42 -62.86 84.43
CA PHE A 166 105.76 -64.04 85.27
C PHE A 166 107.25 -64.02 85.60
#